data_6CRX
#
_entry.id   6CRX
#
_cell.length_a   1
_cell.length_b   1
_cell.length_c   1
_cell.angle_alpha   90.000
_cell.angle_beta   90.000
_cell.angle_gamma   90.000
#
_symmetry.space_group_name_H-M   'P 1'
#
loop_
_entity.id
_entity.type
_entity.pdbx_description
1 polymer 'Spike glycoprotein,Fibritin'
2 branched 2-acetamido-2-deoxy-beta-D-glucopyranose-(1-4)-2-acetamido-2-deoxy-beta-D-glucopyranose
3 branched beta-D-mannopyranose-(1-4)-2-acetamido-2-deoxy-beta-D-glucopyranose-(1-4)-2-acetamido-2-deoxy-beta-D-glucopyranose
4 branched alpha-D-mannopyranose-(1-3)-beta-D-mannopyranose-(1-4)-2-acetamido-2-deoxy-beta-D-glucopyranose-(1-4)-2-acetamido-2-deoxy-beta-D-glucopyranose
5 non-polymer 2-acetamido-2-deoxy-beta-D-glucopyranose
#
_entity_poly.entity_id   1
_entity_poly.type   'polypeptide(L)'
_entity_poly.pdbx_seq_one_letter_code
;SDLDRCTTFDDVQAPNYTQHTSSMRGVYYPDEIFRSDTLYLTQDLFLPFYSNVTGFHTINHTFGNPVIPFKDGIYFAATE
KSNVVRGWVFGSTMNNKSQSVIIINNSTNVVIRACNFELCDNPFFAVSKPMGTQTHTMIFDNAFNCTFEYISDAFSLDVS
EKSGNFKHLREFVFKNKDGFLYVYKGYQPIDVVRDLPSGFNTLKPIFKLPLGINITNFRAILTAFSPAQDIWGTSAAAYF
VGYLKPTTFMLKYDENGTITDAVDCSQNPLAELKCSVKSFEIDKGIYQTSNFRVVPSGDVVRFPNITNLCPFGEVFNATK
FPSVYAWERKKISNCVADYSVLYNSTFFSTFKCYGVSATKLNDLCFSNVYADSFVVKGDDVRQIAPGQTGVIADYNYKLP
DDFMGCVLAWNTRNIDATSTGNYNYKYRYLRHGKLRPFERDISNVPFSPDGKPCTPPALNCYWPLNDYGFYTTTGIGYQP
YRVVVLSFELLNAPATVCGPKLSTDLIKNQCVNFNFNGLTGTGVLTPSSKRFQPFQQFGRDVSDFTDSVRDPKTSEILDI
SPCAFGGVSVITPGTNASSEVAVLYQDVNCTDVSTAIHADQLTPAWRIYSTGNNVFQTQAGCLIGAEHVDTSYECDIPIG
AGICASYHTVSLLRSTSQKSIVAYTMSLGADSSIAYSNNTIAIPTNFSISITTEVMPVSMAKTSVDCNMYICGDSTECAN
LLLQYGSFCTQLNRALSGIAAEQDRNTREVFAQVKQMYKTPTLKYFGGFNFSQILPDPLKPTKRSFIEDLLFNKVTLADA
GFMKQYGECLGDINARDLICAQKFNGLTVLPPLLTDDMIAAYTAALVSGTATAGWTFGAGAALQIPFAMQMAYRFNGIGV
TQNVLYENQKQIANQFNKAISQIQESLTTTSTALGKLQDVVNQNAQALNTLVKQLSSNFGAISSVLNDILSRLDPPEAEV
QIDRLITGRLQSLQTYVTQQLIRAAEIRASANLAATKMSECVLGQSKRVDFCGKGYHLMSFPQAAPHGVVFLHVTYVPSQ
ERNFTTAPAICHEGKAYFPREGVFVFNGTSWFITQRNFFSPQIITTDNTFVSGNCDVVIGIINNTVYDPLQPELDSFKEE
LDKYFKNHTSPDVDLGDISGINASVVNIQKEIDRLNEVAKNLNESLIDLQELGKYEQGSGYIPEAPRDGQAYVRKDGEWV
LLSTFLGRSLEVLFQ
;
_entity_poly.pdbx_strand_id   B,C,A
#
# COMPACT_ATOMS: atom_id res chain seq x y z
N ARG A 5 -48.22 53.97 3.69
CA ARG A 5 -47.53 55.25 3.57
C ARG A 5 -46.12 55.14 4.10
N CYS A 6 -45.15 55.44 3.24
CA CYS A 6 -43.75 55.49 3.67
C CYS A 6 -43.43 56.84 4.28
N THR A 7 -43.27 56.86 5.60
CA THR A 7 -42.67 57.96 6.31
C THR A 7 -41.43 57.44 7.04
N THR A 8 -40.70 58.36 7.65
CA THR A 8 -39.42 58.05 8.29
C THR A 8 -39.54 58.35 9.78
N PHE A 9 -38.53 57.94 10.54
CA PHE A 9 -38.39 58.50 11.88
C PHE A 9 -37.93 59.95 11.78
N ASP A 10 -38.38 60.76 12.73
CA ASP A 10 -38.02 62.18 12.74
C ASP A 10 -36.92 62.52 13.73
N ASP A 11 -37.00 61.99 14.95
CA ASP A 11 -36.04 62.35 16.01
C ASP A 11 -34.90 61.32 16.02
N VAL A 12 -34.26 61.18 14.86
CA VAL A 12 -33.23 60.17 14.66
C VAL A 12 -31.95 60.67 15.33
N GLN A 13 -31.45 59.92 16.31
CA GLN A 13 -30.22 60.30 16.98
C GLN A 13 -29.07 59.37 16.59
N ALA A 14 -27.90 59.67 17.15
CA ALA A 14 -26.64 59.11 16.70
C ALA A 14 -26.50 57.64 17.14
N PRO A 15 -25.82 56.81 16.33
CA PRO A 15 -25.71 55.39 16.65
C PRO A 15 -24.79 55.10 17.82
N ASN A 16 -24.84 53.85 18.30
CA ASN A 16 -24.09 53.39 19.46
C ASN A 16 -22.75 52.74 19.09
N TYR A 17 -22.80 51.62 18.35
CA TYR A 17 -21.63 50.77 18.03
C TYR A 17 -20.90 50.27 19.28
N THR A 18 -21.65 49.79 20.27
CA THR A 18 -21.04 49.31 21.50
C THR A 18 -20.54 47.88 21.31
N GLN A 19 -19.32 47.62 21.76
CA GLN A 19 -18.70 46.31 21.63
C GLN A 19 -19.11 45.39 22.76
N HIS A 20 -19.30 44.12 22.44
CA HIS A 20 -19.78 43.13 23.38
C HIS A 20 -18.94 41.87 23.29
N THR A 21 -19.09 41.03 24.30
CA THR A 21 -18.40 39.75 24.38
C THR A 21 -19.37 38.64 24.06
N SER A 22 -19.05 37.85 23.03
CA SER A 22 -20.01 36.91 22.45
C SER A 22 -19.97 35.54 23.11
N SER A 23 -19.69 35.51 24.42
CA SER A 23 -18.99 34.45 25.15
C SER A 23 -19.27 33.01 24.74
N MET A 24 -20.52 32.55 24.88
CA MET A 24 -20.82 31.15 24.69
C MET A 24 -22.08 30.96 23.85
N ARG A 25 -22.36 31.88 22.94
CA ARG A 25 -23.63 31.87 22.23
C ARG A 25 -23.43 31.58 20.76
N GLY A 26 -24.53 31.26 20.09
CA GLY A 26 -24.50 31.07 18.66
C GLY A 26 -24.36 29.64 18.19
N VAL A 27 -24.63 28.68 19.03
CA VAL A 27 -24.47 27.28 18.69
C VAL A 27 -25.82 26.73 18.25
N TYR A 28 -25.84 25.91 17.21
CA TYR A 28 -27.11 25.45 16.68
C TYR A 28 -26.96 24.08 16.05
N TYR A 29 -28.10 23.50 15.71
CA TYR A 29 -28.32 22.20 15.11
C TYR A 29 -28.24 22.33 13.61
N PRO A 30 -27.12 22.01 13.01
CA PRO A 30 -26.92 22.39 11.60
C PRO A 30 -27.68 21.51 10.62
N ASP A 31 -27.81 20.23 10.90
CA ASP A 31 -28.46 19.32 9.98
C ASP A 31 -29.82 18.91 10.54
N GLU A 32 -30.48 17.99 9.86
CA GLU A 32 -31.70 17.38 10.37
C GLU A 32 -31.47 15.93 10.72
N ILE A 33 -30.33 15.63 11.33
CA ILE A 33 -29.92 14.26 11.61
C ILE A 33 -29.79 14.10 13.10
N PHE A 34 -30.28 12.98 13.62
CA PHE A 34 -30.17 12.67 15.03
C PHE A 34 -28.93 11.84 15.29
N ARG A 35 -28.09 12.31 16.19
CA ARG A 35 -26.98 11.51 16.68
C ARG A 35 -26.95 11.65 18.19
N SER A 36 -26.52 10.61 18.88
CA SER A 36 -26.49 10.67 20.33
C SER A 36 -25.35 9.81 20.83
N ASP A 37 -24.95 10.08 22.08
CA ASP A 37 -23.86 9.39 22.79
C ASP A 37 -22.59 9.48 21.97
N THR A 38 -22.26 10.69 21.53
CA THR A 38 -21.21 10.82 20.54
C THR A 38 -20.54 12.19 20.68
N LEU A 39 -19.68 12.49 19.72
CA LEU A 39 -18.85 13.68 19.75
C LEU A 39 -18.40 13.92 18.33
N TYR A 40 -18.75 15.07 17.77
CA TYR A 40 -18.78 15.22 16.32
C TYR A 40 -18.11 16.51 15.89
N LEU A 41 -16.98 16.37 15.21
CA LEU A 41 -16.23 17.48 14.66
C LEU A 41 -16.81 17.83 13.30
N THR A 42 -17.15 19.10 13.11
CA THR A 42 -17.58 19.52 11.78
C THR A 42 -17.31 21.00 11.59
N GLN A 43 -17.39 21.41 10.32
CA GLN A 43 -17.09 22.76 9.90
C GLN A 43 -18.31 23.38 9.25
N ASP A 44 -18.70 24.56 9.73
CA ASP A 44 -19.74 25.34 9.08
C ASP A 44 -19.56 26.79 9.49
N LEU A 45 -20.51 27.63 9.12
CA LEU A 45 -20.52 29.03 9.52
C LEU A 45 -20.93 29.12 10.97
N PHE A 46 -20.11 29.78 11.80
CA PHE A 46 -20.38 29.83 13.22
C PHE A 46 -19.92 31.15 13.82
N LEU A 47 -20.39 31.38 15.04
CA LEU A 47 -19.94 32.52 15.83
C LEU A 47 -18.62 32.18 16.50
N PRO A 48 -17.57 32.97 16.30
CA PRO A 48 -16.35 32.77 17.09
C PRO A 48 -16.58 33.11 18.54
N PHE A 49 -16.01 32.30 19.41
CA PHE A 49 -16.23 32.49 20.83
C PHE A 49 -15.49 33.71 21.33
N TYR A 50 -16.12 34.40 22.28
CA TYR A 50 -15.62 35.62 22.92
C TYR A 50 -15.34 36.73 21.92
N SER A 51 -16.03 36.69 20.78
CA SER A 51 -15.76 37.66 19.74
C SER A 51 -16.51 38.96 20.05
N ASN A 52 -16.27 39.94 19.20
CA ASN A 52 -16.90 41.24 19.35
C ASN A 52 -18.29 41.22 18.74
N VAL A 53 -19.27 41.72 19.49
CA VAL A 53 -20.60 41.95 18.97
C VAL A 53 -20.89 43.43 19.05
N THR A 54 -21.25 44.03 17.93
CA THR A 54 -21.70 45.41 17.91
C THR A 54 -23.12 45.47 18.47
N GLY A 55 -23.29 46.29 19.50
CA GLY A 55 -24.58 46.43 20.16
C GLY A 55 -25.28 47.71 19.74
N PHE A 56 -26.57 47.57 19.46
CA PHE A 56 -27.43 48.70 19.14
C PHE A 56 -28.44 48.84 20.27
N HIS A 57 -28.15 49.76 21.19
CA HIS A 57 -29.03 50.14 22.28
C HIS A 57 -30.06 51.14 21.78
N THR A 58 -31.25 51.10 22.36
CA THR A 58 -32.28 52.10 22.09
C THR A 58 -32.43 52.95 23.35
N ILE A 59 -31.69 54.06 23.40
CA ILE A 59 -31.87 55.07 24.43
C ILE A 59 -32.70 56.18 23.78
N ASN A 60 -33.16 57.13 24.60
CA ASN A 60 -34.41 57.89 24.52
C ASN A 60 -34.93 58.18 23.12
N HIS A 61 -34.06 58.64 22.21
CA HIS A 61 -34.48 58.79 20.83
C HIS A 61 -33.40 58.32 19.86
N THR A 62 -32.56 57.37 20.28
CA THR A 62 -31.56 56.77 19.39
C THR A 62 -32.25 55.70 18.53
N PHE A 63 -32.41 56.01 17.24
CA PHE A 63 -32.97 55.07 16.27
C PHE A 63 -31.79 54.43 15.57
N GLY A 64 -31.28 53.39 16.20
CA GLY A 64 -29.99 52.81 15.82
C GLY A 64 -30.24 51.60 14.93
N ASN A 65 -30.86 51.84 13.79
CA ASN A 65 -31.29 50.76 12.89
C ASN A 65 -30.94 51.03 11.43
N PRO A 66 -29.64 51.11 11.10
CA PRO A 66 -29.30 51.40 9.70
C PRO A 66 -29.38 50.15 8.86
N VAL A 67 -29.04 50.29 7.58
CA VAL A 67 -28.81 49.11 6.75
C VAL A 67 -27.49 48.49 7.18
N ILE A 68 -27.54 47.24 7.60
CA ILE A 68 -26.41 46.59 8.24
C ILE A 68 -25.90 45.50 7.31
N PRO A 69 -24.59 45.36 7.13
CA PRO A 69 -24.07 44.30 6.26
C PRO A 69 -24.32 42.89 6.81
N PHE A 70 -24.44 41.95 5.88
CA PHE A 70 -24.82 40.57 6.17
C PHE A 70 -23.75 39.57 5.75
N LYS A 71 -23.44 39.55 4.46
CA LYS A 71 -22.37 38.89 3.70
C LYS A 71 -22.42 37.37 3.60
N ASP A 72 -22.83 36.66 4.65
CA ASP A 72 -23.02 35.21 4.59
C ASP A 72 -24.12 34.79 5.54
N GLY A 73 -24.30 35.59 6.57
CA GLY A 73 -25.06 35.22 7.73
C GLY A 73 -24.86 36.19 8.87
N ILE A 74 -25.87 36.33 9.74
CA ILE A 74 -25.76 37.19 10.91
C ILE A 74 -26.37 36.54 12.12
N TYR A 75 -26.08 37.14 13.27
CA TYR A 75 -26.72 36.81 14.52
C TYR A 75 -27.55 38.00 14.96
N PHE A 76 -28.83 37.78 15.16
CA PHE A 76 -29.66 38.73 15.88
C PHE A 76 -29.91 38.18 17.27
N ALA A 77 -29.55 38.97 18.27
CA ALA A 77 -29.92 38.68 19.64
C ALA A 77 -30.41 39.98 20.27
N ALA A 78 -31.35 39.85 21.20
CA ALA A 78 -31.98 41.03 21.75
C ALA A 78 -32.58 40.70 23.11
N THR A 79 -32.16 41.44 24.13
CA THR A 79 -32.80 41.39 25.45
C THR A 79 -34.07 42.22 25.35
N GLU A 80 -35.22 41.57 25.40
CA GLU A 80 -36.45 42.25 25.08
C GLU A 80 -37.47 42.17 26.20
N LYS A 81 -38.22 43.25 26.33
CA LYS A 81 -39.45 43.35 27.08
C LYS A 81 -40.61 43.82 26.23
N SER A 82 -40.34 44.65 25.21
CA SER A 82 -41.35 45.19 24.32
C SER A 82 -41.21 44.69 22.90
N ASN A 83 -40.15 43.91 22.62
CA ASN A 83 -39.84 43.33 21.30
C ASN A 83 -39.75 44.41 20.21
N VAL A 84 -38.89 45.41 20.46
CA VAL A 84 -38.83 46.60 19.64
C VAL A 84 -38.32 46.30 18.21
N VAL A 85 -37.70 45.16 17.98
CA VAL A 85 -37.47 44.73 16.61
C VAL A 85 -38.38 43.55 16.33
N ARG A 86 -39.22 43.69 15.29
CA ARG A 86 -40.05 42.60 14.81
C ARG A 86 -39.93 42.46 13.30
N GLY A 87 -38.88 43.01 12.70
CA GLY A 87 -38.81 43.06 11.25
C GLY A 87 -37.40 43.17 10.74
N TRP A 88 -37.17 42.54 9.58
CA TRP A 88 -35.90 42.58 8.89
C TRP A 88 -36.16 42.67 7.40
N VAL A 89 -35.29 43.40 6.71
CA VAL A 89 -35.41 43.57 5.27
C VAL A 89 -34.16 43.00 4.62
N PHE A 90 -34.31 41.91 3.87
CA PHE A 90 -33.19 41.24 3.26
C PHE A 90 -33.07 41.63 1.79
N GLY A 91 -31.85 41.61 1.28
CA GLY A 91 -31.62 41.91 -0.12
C GLY A 91 -30.25 42.56 -0.30
N SER A 92 -30.09 43.17 -1.49
CA SER A 92 -28.88 43.92 -1.79
C SER A 92 -29.08 45.42 -1.58
N THR A 93 -29.98 46.01 -2.36
CA THR A 93 -30.26 47.44 -2.32
C THR A 93 -31.60 47.76 -1.67
N MET A 94 -32.43 46.72 -1.47
CA MET A 94 -33.68 46.64 -0.72
C MET A 94 -34.87 47.31 -1.40
N ASN A 95 -34.64 48.13 -2.42
CA ASN A 95 -35.73 48.91 -2.98
C ASN A 95 -36.35 48.13 -4.13
N ASN A 96 -37.32 48.71 -4.81
CA ASN A 96 -37.91 48.04 -5.97
C ASN A 96 -37.06 48.22 -7.22
N LYS A 97 -35.76 47.95 -7.11
CA LYS A 97 -34.86 47.77 -8.22
C LYS A 97 -34.53 46.32 -8.44
N SER A 98 -34.32 45.58 -7.37
CA SER A 98 -34.10 44.14 -7.38
C SER A 98 -35.07 43.51 -6.41
N GLN A 99 -35.03 42.19 -6.33
CA GLN A 99 -35.94 41.45 -5.46
C GLN A 99 -35.38 41.45 -4.05
N SER A 100 -36.21 41.83 -3.10
CA SER A 100 -35.83 41.94 -1.69
C SER A 100 -36.85 41.19 -0.84
N VAL A 101 -36.50 40.93 0.42
CA VAL A 101 -37.32 40.11 1.30
C VAL A 101 -37.66 40.92 2.55
N ILE A 102 -38.93 40.94 2.90
CA ILE A 102 -39.40 41.52 4.15
C ILE A 102 -39.93 40.39 5.01
N ILE A 103 -39.42 40.29 6.24
CA ILE A 103 -39.97 39.38 7.24
C ILE A 103 -40.34 40.23 8.43
N ILE A 104 -41.64 40.38 8.69
CA ILE A 104 -42.13 41.24 9.75
C ILE A 104 -43.22 40.54 10.55
N ASN A 105 -43.40 41.01 11.77
CA ASN A 105 -44.41 40.52 12.69
C ASN A 105 -45.36 41.67 12.98
N ASN A 106 -46.58 41.61 12.42
CA ASN A 106 -47.51 42.72 12.44
C ASN A 106 -48.38 42.76 13.69
N SER A 107 -47.96 42.09 14.78
CA SER A 107 -48.65 41.81 16.04
C SER A 107 -49.81 40.84 15.89
N THR A 108 -50.14 40.43 14.68
CA THR A 108 -51.11 39.38 14.43
C THR A 108 -50.46 38.08 14.01
N ASN A 109 -49.50 38.14 13.10
CA ASN A 109 -48.80 36.96 12.61
C ASN A 109 -47.46 37.41 12.04
N VAL A 110 -46.67 36.45 11.58
CA VAL A 110 -45.44 36.75 10.86
C VAL A 110 -45.75 36.68 9.37
N VAL A 111 -45.68 37.82 8.71
CA VAL A 111 -46.00 37.91 7.30
C VAL A 111 -44.69 38.16 6.53
N ILE A 112 -44.48 37.37 5.49
CA ILE A 112 -43.21 37.31 4.78
C ILE A 112 -43.50 37.36 3.29
N ARG A 113 -42.88 38.31 2.60
CA ARG A 113 -42.98 38.41 1.15
C ARG A 113 -41.60 38.73 0.56
N ALA A 114 -41.35 38.19 -0.63
CA ALA A 114 -40.11 38.43 -1.38
C ALA A 114 -40.46 39.03 -2.73
N CYS A 115 -40.43 40.37 -2.82
CA CYS A 115 -40.94 41.11 -3.97
C CYS A 115 -40.00 42.27 -4.25
N ASN A 116 -40.34 43.07 -5.27
CA ASN A 116 -39.72 44.37 -5.50
C ASN A 116 -40.52 45.39 -4.70
N PHE A 117 -39.96 45.88 -3.60
CA PHE A 117 -40.71 46.67 -2.65
C PHE A 117 -40.41 48.15 -2.77
N GLU A 118 -41.47 48.96 -2.72
CA GLU A 118 -41.34 50.41 -2.55
C GLU A 118 -41.08 50.67 -1.08
N LEU A 119 -39.83 50.52 -0.69
CA LEU A 119 -39.53 50.65 0.72
C LEU A 119 -39.48 52.09 1.18
N CYS A 120 -39.87 52.28 2.44
CA CYS A 120 -39.62 53.52 3.13
C CYS A 120 -38.11 53.67 3.31
N ASP A 121 -37.66 54.92 3.36
CA ASP A 121 -36.24 55.13 3.62
C ASP A 121 -35.90 54.87 5.08
N ASN A 122 -36.88 55.02 5.97
CA ASN A 122 -36.76 54.58 7.36
C ASN A 122 -38.06 53.86 7.73
N PRO A 123 -38.18 52.56 7.42
CA PRO A 123 -39.41 51.84 7.74
C PRO A 123 -39.52 51.53 9.22
N PHE A 124 -40.76 51.36 9.68
CA PHE A 124 -41.01 51.20 11.12
C PHE A 124 -42.37 50.55 11.36
N PHE A 125 -42.60 50.22 12.62
CA PHE A 125 -43.81 49.58 13.11
C PHE A 125 -44.63 50.61 13.88
N ALA A 126 -45.74 51.04 13.31
CA ALA A 126 -46.57 52.10 13.91
C ALA A 126 -47.33 51.54 15.10
N VAL A 127 -46.93 51.94 16.31
CA VAL A 127 -47.52 51.45 17.56
C VAL A 127 -47.82 52.64 18.47
N SER A 128 -49.06 52.73 18.94
CA SER A 128 -49.40 53.61 20.05
C SER A 128 -48.73 53.11 21.32
N LYS A 129 -47.85 53.95 21.91
CA LYS A 129 -46.98 53.46 22.98
C LYS A 129 -47.69 53.17 24.31
N PRO A 130 -48.50 54.06 24.90
CA PRO A 130 -49.16 53.67 26.17
C PRO A 130 -50.40 52.81 25.98
N MET A 131 -50.88 52.63 24.75
CA MET A 131 -52.01 51.73 24.50
C MET A 131 -51.55 50.31 24.21
N GLY A 132 -50.55 50.15 23.33
CA GLY A 132 -49.98 48.85 23.08
C GLY A 132 -50.71 48.02 22.04
N THR A 133 -50.96 48.61 20.88
CA THR A 133 -51.50 47.87 19.75
C THR A 133 -50.81 48.35 18.48
N GLN A 134 -50.29 47.42 17.70
CA GLN A 134 -49.63 47.77 16.45
C GLN A 134 -50.67 48.07 15.38
N THR A 135 -50.61 49.27 14.83
CA THR A 135 -51.61 49.75 13.87
C THR A 135 -51.25 49.43 12.43
N HIS A 136 -50.04 49.76 11.99
CA HIS A 136 -49.65 49.46 10.62
C HIS A 136 -48.15 49.23 10.58
N THR A 137 -47.74 48.40 9.63
CA THR A 137 -46.32 48.16 9.37
C THR A 137 -45.92 49.08 8.23
N MET A 138 -45.52 50.30 8.58
CA MET A 138 -45.19 51.34 7.61
C MET A 138 -43.82 51.03 7.00
N ILE A 139 -43.82 50.01 6.13
CA ILE A 139 -42.62 49.38 5.61
C ILE A 139 -42.55 49.51 4.09
N PHE A 140 -43.54 48.97 3.41
CA PHE A 140 -43.70 49.12 1.98
C PHE A 140 -45.15 49.50 1.73
N ASP A 141 -45.38 50.19 0.62
CA ASP A 141 -46.74 50.46 0.18
C ASP A 141 -47.16 49.55 -0.96
N ASN A 142 -46.25 49.26 -1.87
CA ASN A 142 -46.55 48.41 -3.01
C ASN A 142 -45.47 47.36 -3.19
N ALA A 143 -45.89 46.23 -3.74
CA ALA A 143 -45.02 45.09 -3.97
C ALA A 143 -45.15 44.69 -5.43
N PHE A 144 -44.04 44.26 -6.02
CA PHE A 144 -44.00 43.93 -7.44
C PHE A 144 -43.10 42.72 -7.69
N ASN A 145 -43.50 41.91 -8.69
CA ASN A 145 -42.79 40.71 -9.14
C ASN A 145 -42.53 39.76 -7.97
N CYS A 146 -43.61 39.45 -7.26
CA CYS A 146 -43.50 38.66 -6.03
C CYS A 146 -43.18 37.21 -6.33
N THR A 147 -42.28 36.64 -5.53
CA THR A 147 -41.77 35.30 -5.75
C THR A 147 -42.11 34.32 -4.65
N PHE A 148 -42.30 34.79 -3.41
CA PHE A 148 -42.76 33.91 -2.33
C PHE A 148 -43.49 34.75 -1.30
N GLU A 149 -44.58 34.20 -0.80
CA GLU A 149 -45.47 34.89 0.13
C GLU A 149 -45.76 33.95 1.28
N TYR A 150 -45.53 34.43 2.51
CA TYR A 150 -45.74 33.61 3.68
C TYR A 150 -46.51 34.37 4.73
N ILE A 151 -47.41 33.65 5.39
CA ILE A 151 -48.23 34.14 6.49
C ILE A 151 -48.13 33.11 7.60
N SER A 152 -47.72 33.53 8.79
CA SER A 152 -47.63 32.57 9.88
C SER A 152 -49.00 32.37 10.52
N ASP A 153 -49.01 31.60 11.60
CA ASP A 153 -50.20 31.47 12.41
C ASP A 153 -50.50 32.78 13.11
N ALA A 154 -51.79 33.04 13.32
CA ALA A 154 -52.23 34.23 14.02
C ALA A 154 -51.96 34.11 15.52
N PHE A 155 -51.34 35.12 16.08
CA PHE A 155 -51.07 35.12 17.52
C PHE A 155 -51.11 36.54 18.05
N SER A 156 -51.55 36.65 19.30
CA SER A 156 -51.67 37.92 20.00
C SER A 156 -50.31 38.32 20.54
N LEU A 157 -49.85 39.51 20.17
CA LEU A 157 -48.50 39.94 20.48
C LEU A 157 -48.51 41.17 21.38
N ASP A 158 -47.84 41.04 22.53
CA ASP A 158 -47.52 42.12 23.45
C ASP A 158 -46.66 43.15 22.74
N VAL A 159 -47.20 44.33 22.48
CA VAL A 159 -46.47 45.36 21.76
C VAL A 159 -46.44 46.68 22.55
N SER A 160 -46.66 46.64 23.86
CA SER A 160 -46.70 47.86 24.65
C SER A 160 -45.32 48.17 25.24
N GLU A 161 -45.21 49.36 25.82
CA GLU A 161 -44.02 49.73 26.59
C GLU A 161 -44.03 48.93 27.88
N LYS A 162 -43.35 47.79 27.87
CA LYS A 162 -43.25 46.95 29.06
C LYS A 162 -42.34 47.60 30.08
N SER A 163 -42.77 47.63 31.34
CA SER A 163 -41.95 48.13 32.43
C SER A 163 -41.13 46.98 33.02
N GLY A 164 -40.33 47.29 34.02
CA GLY A 164 -39.45 46.29 34.58
C GLY A 164 -38.26 46.05 33.68
N ASN A 165 -37.60 44.92 33.92
CA ASN A 165 -36.41 44.60 33.15
C ASN A 165 -36.77 43.65 32.01
N PHE A 166 -35.77 43.30 31.19
CA PHE A 166 -36.02 42.52 30.00
C PHE A 166 -36.23 41.06 30.35
N LYS A 167 -37.35 40.51 29.92
CA LYS A 167 -37.74 39.16 30.29
C LYS A 167 -37.46 38.14 29.22
N HIS A 168 -37.14 38.58 28.00
CA HIS A 168 -37.06 37.68 26.85
C HIS A 168 -35.74 37.92 26.13
N LEU A 169 -35.03 36.84 25.87
CA LEU A 169 -33.78 36.91 25.12
C LEU A 169 -33.88 35.92 23.96
N ARG A 170 -34.25 36.42 22.79
CA ARG A 170 -34.28 35.60 21.59
C ARG A 170 -32.90 35.57 20.95
N GLU A 171 -32.62 34.48 20.27
CA GLU A 171 -31.40 34.33 19.49
C GLU A 171 -31.81 33.90 18.10
N PHE A 172 -31.28 34.57 17.08
CA PHE A 172 -31.67 34.36 15.70
C PHE A 172 -30.45 34.08 14.82
N VAL A 173 -30.59 33.10 13.93
CA VAL A 173 -29.54 32.77 12.98
C VAL A 173 -30.13 32.75 11.57
N PHE A 174 -29.56 33.58 10.71
CA PHE A 174 -30.09 33.85 9.38
C PHE A 174 -29.03 33.46 8.38
N LYS A 175 -29.35 32.55 7.46
CA LYS A 175 -28.35 32.04 6.51
C LYS A 175 -28.87 32.06 5.09
N ASN A 176 -28.20 32.78 4.21
CA ASN A 176 -28.51 32.76 2.79
C ASN A 176 -27.70 31.62 2.18
N LYS A 177 -28.38 30.53 1.86
CA LYS A 177 -27.70 29.33 1.40
C LYS A 177 -28.44 28.78 0.17
N ASP A 178 -27.97 29.20 -1.01
CA ASP A 178 -28.37 28.62 -2.30
C ASP A 178 -29.85 28.81 -2.57
N GLY A 179 -30.26 30.08 -2.58
CA GLY A 179 -31.65 30.47 -2.74
C GLY A 179 -32.47 30.38 -1.48
N PHE A 180 -31.91 29.90 -0.39
CA PHE A 180 -32.68 29.56 0.81
C PHE A 180 -32.24 30.44 1.96
N LEU A 181 -33.21 31.02 2.66
CA LEU A 181 -32.95 31.64 3.93
C LEU A 181 -33.29 30.64 5.04
N TYR A 182 -32.32 30.35 5.88
CA TYR A 182 -32.55 29.49 7.03
C TYR A 182 -32.67 30.35 8.27
N VAL A 183 -33.78 30.22 8.97
CA VAL A 183 -34.05 31.04 10.14
C VAL A 183 -34.13 30.13 11.35
N TYR A 184 -33.25 30.36 12.31
CA TYR A 184 -33.14 29.53 13.49
C TYR A 184 -33.47 30.39 14.70
N LYS A 185 -33.97 29.75 15.77
CA LYS A 185 -34.41 30.50 16.94
C LYS A 185 -34.03 29.81 18.22
N GLY A 186 -33.48 30.59 19.17
CA GLY A 186 -33.29 30.13 20.52
C GLY A 186 -33.88 31.14 21.50
N TYR A 187 -33.93 30.73 22.76
CA TYR A 187 -34.56 31.58 23.77
C TYR A 187 -33.93 31.36 25.14
N GLN A 188 -33.70 32.46 25.86
CA GLN A 188 -33.42 32.40 27.28
C GLN A 188 -34.42 33.27 28.02
N PRO A 189 -35.10 32.74 29.03
CA PRO A 189 -35.80 33.61 29.98
C PRO A 189 -34.77 34.38 30.81
N ILE A 190 -34.85 35.69 30.78
CA ILE A 190 -33.84 36.54 31.37
C ILE A 190 -34.47 37.52 32.36
N ASP A 191 -33.62 38.07 33.22
CA ASP A 191 -33.95 39.26 34.00
C ASP A 191 -32.64 40.04 34.13
N VAL A 192 -32.35 40.88 33.13
CA VAL A 192 -31.06 41.56 33.02
C VAL A 192 -31.26 43.00 32.61
N VAL A 193 -30.24 43.81 32.90
CA VAL A 193 -30.26 45.23 32.63
C VAL A 193 -29.11 45.69 31.75
N ARG A 194 -28.05 44.91 31.59
CA ARG A 194 -26.78 45.43 31.11
C ARG A 194 -26.20 44.50 30.06
N ASP A 195 -24.91 44.71 29.78
CA ASP A 195 -24.24 44.70 28.48
C ASP A 195 -24.64 43.57 27.54
N LEU A 196 -24.26 42.35 27.89
CA LEU A 196 -24.64 41.15 27.15
C LEU A 196 -24.48 39.97 28.08
N PRO A 197 -25.57 39.30 28.45
CA PRO A 197 -25.46 38.19 29.39
C PRO A 197 -24.75 37.01 28.77
N SER A 198 -23.72 36.53 29.45
CA SER A 198 -22.97 35.37 29.02
C SER A 198 -23.74 34.10 29.34
N GLY A 199 -23.47 33.06 28.58
CA GLY A 199 -24.08 31.79 28.87
C GLY A 199 -24.16 30.92 27.65
N PHE A 200 -24.08 29.62 27.89
CA PHE A 200 -24.26 28.63 26.86
C PHE A 200 -25.71 28.60 26.43
N ASN A 201 -25.95 28.55 25.11
CA ASN A 201 -27.32 28.47 24.62
C ASN A 201 -27.31 27.88 23.21
N THR A 202 -28.39 27.20 22.86
CA THR A 202 -28.53 26.48 21.61
C THR A 202 -29.67 27.06 20.78
N LEU A 203 -29.73 26.68 19.51
CA LEU A 203 -30.83 27.09 18.65
C LEU A 203 -31.36 25.90 17.89
N LYS A 204 -32.53 26.08 17.29
CA LYS A 204 -33.23 25.03 16.57
C LYS A 204 -33.74 25.56 15.24
N PRO A 205 -33.87 24.71 14.23
CA PRO A 205 -34.35 25.19 12.94
C PRO A 205 -35.86 25.32 12.87
N ILE A 206 -36.30 26.34 12.14
CA ILE A 206 -37.72 26.53 11.86
C ILE A 206 -37.97 26.65 10.36
N PHE A 207 -37.17 27.46 9.67
CA PHE A 207 -37.48 27.89 8.32
C PHE A 207 -36.47 27.43 7.29
N LYS A 208 -36.99 26.89 6.18
CA LYS A 208 -36.30 26.77 4.91
C LYS A 208 -37.06 27.66 3.93
N LEU A 209 -36.44 28.73 3.46
CA LEU A 209 -37.18 29.77 2.75
C LEU A 209 -36.66 29.94 1.32
N PRO A 210 -37.26 29.29 0.33
CA PRO A 210 -36.86 29.54 -1.06
C PRO A 210 -37.27 30.92 -1.55
N LEU A 211 -36.51 31.93 -1.13
CA LEU A 211 -36.76 33.29 -1.56
C LEU A 211 -36.06 33.58 -2.88
N GLY A 212 -34.82 33.15 -3.01
CA GLY A 212 -34.15 33.09 -4.30
C GLY A 212 -33.45 34.35 -4.74
N ILE A 213 -32.96 35.17 -3.80
CA ILE A 213 -32.39 36.46 -4.17
C ILE A 213 -30.94 36.54 -3.71
N ASN A 214 -30.32 37.68 -4.05
CA ASN A 214 -29.06 38.10 -3.44
C ASN A 214 -29.40 38.87 -2.16
N ILE A 215 -28.72 38.50 -1.07
CA ILE A 215 -28.82 39.22 0.18
C ILE A 215 -27.41 39.56 0.61
N THR A 216 -26.97 40.79 0.33
CA THR A 216 -25.68 41.25 0.81
C THR A 216 -25.80 42.05 2.09
N ASN A 217 -26.92 42.73 2.28
CA ASN A 217 -27.16 43.59 3.42
C ASN A 217 -28.44 43.14 4.11
N PHE A 218 -28.74 43.77 5.24
CA PHE A 218 -30.07 43.65 5.81
C PHE A 218 -30.39 44.94 6.53
N ARG A 219 -31.68 45.20 6.70
CA ARG A 219 -32.15 46.38 7.39
C ARG A 219 -32.94 45.97 8.62
N ALA A 220 -32.53 46.48 9.78
CA ALA A 220 -33.25 46.21 11.02
C ALA A 220 -34.41 47.18 11.12
N ILE A 221 -35.60 46.66 11.42
CA ILE A 221 -36.80 47.48 11.56
C ILE A 221 -37.12 47.60 13.03
N LEU A 222 -36.96 48.79 13.58
CA LEU A 222 -37.41 49.04 14.94
C LEU A 222 -38.93 49.15 14.99
N THR A 223 -39.46 49.07 16.20
CA THR A 223 -40.86 49.35 16.47
C THR A 223 -40.98 50.80 16.94
N ALA A 224 -41.86 51.57 16.30
CA ALA A 224 -42.04 52.97 16.63
C ALA A 224 -43.03 53.08 17.80
N PHE A 225 -42.52 53.50 18.94
CA PHE A 225 -43.29 53.60 20.18
C PHE A 225 -43.61 55.06 20.46
N SER A 226 -44.72 55.53 19.90
CA SER A 226 -45.07 56.93 19.97
C SER A 226 -46.48 57.09 20.53
N PRO A 227 -46.74 58.17 21.30
CA PRO A 227 -48.09 58.52 21.73
C PRO A 227 -48.86 59.27 20.65
N ILE A 231 -44.31 61.86 14.06
CA ILE A 231 -43.72 61.64 15.37
C ILE A 231 -43.75 60.16 15.70
N TRP A 232 -42.59 59.52 15.61
CA TRP A 232 -42.47 58.10 15.87
C TRP A 232 -41.36 57.90 16.89
N GLY A 233 -41.67 57.17 17.96
CA GLY A 233 -40.80 57.17 19.13
C GLY A 233 -40.22 55.84 19.57
N THR A 234 -39.68 55.82 20.79
CA THR A 234 -38.85 54.73 21.27
C THR A 234 -39.40 54.18 22.58
N SER A 235 -38.81 53.06 22.98
CA SER A 235 -38.69 52.67 24.38
C SER A 235 -37.40 51.87 24.52
N ALA A 236 -37.01 51.63 25.77
CA ALA A 236 -35.69 51.07 26.05
C ALA A 236 -35.61 49.61 25.63
N ALA A 237 -34.66 49.32 24.74
CA ALA A 237 -34.27 47.96 24.40
C ALA A 237 -32.88 48.00 23.80
N ALA A 238 -32.35 46.83 23.50
CA ALA A 238 -31.08 46.74 22.81
C ALA A 238 -31.09 45.48 21.97
N TYR A 239 -30.29 45.48 20.91
CA TYR A 239 -30.20 44.34 20.03
C TYR A 239 -28.83 44.32 19.40
N PHE A 240 -28.48 43.18 18.81
CA PHE A 240 -27.08 42.79 18.68
C PHE A 240 -26.85 42.19 17.31
N VAL A 241 -25.65 42.39 16.77
CA VAL A 241 -25.29 41.91 15.44
C VAL A 241 -23.99 41.12 15.53
N GLY A 242 -24.04 39.86 15.10
CA GLY A 242 -22.85 39.03 14.98
C GLY A 242 -22.70 38.50 13.57
N TYR A 243 -21.60 37.77 13.36
CA TYR A 243 -21.19 37.27 12.06
C TYR A 243 -20.92 35.78 12.09
N LEU A 244 -21.41 35.06 11.08
CA LEU A 244 -21.13 33.64 10.95
C LEU A 244 -19.87 33.46 10.12
N LYS A 245 -18.93 32.66 10.63
CA LYS A 245 -17.67 32.48 9.96
C LYS A 245 -17.38 31.00 9.75
N PRO A 246 -16.79 30.62 8.60
CA PRO A 246 -16.61 29.18 8.25
C PRO A 246 -15.45 28.48 8.96
N THR A 247 -15.70 28.05 10.19
CA THR A 247 -14.70 27.42 11.01
C THR A 247 -15.22 26.08 11.51
N THR A 248 -14.39 25.37 12.28
CA THR A 248 -14.68 24.01 12.68
C THR A 248 -14.98 23.96 14.17
N PHE A 249 -16.08 23.31 14.54
CA PHE A 249 -16.40 23.06 15.93
C PHE A 249 -16.49 21.55 16.15
N MET A 250 -16.22 21.13 17.37
CA MET A 250 -16.55 19.79 17.81
C MET A 250 -17.63 19.90 18.87
N LEU A 251 -18.65 19.08 18.74
CA LEU A 251 -19.90 19.26 19.46
C LEU A 251 -20.25 17.98 20.19
N LYS A 252 -20.71 18.08 21.42
CA LYS A 252 -21.00 16.88 22.18
C LYS A 252 -22.50 16.68 22.32
N TYR A 253 -22.96 15.50 21.96
CA TYR A 253 -24.35 15.11 22.08
C TYR A 253 -24.53 14.20 23.28
N ASP A 254 -25.63 14.40 24.00
CA ASP A 254 -25.95 13.55 25.14
C ASP A 254 -26.63 12.27 24.66
N GLU A 255 -27.25 11.54 25.60
CA GLU A 255 -28.12 10.43 25.23
C GLU A 255 -29.33 10.92 24.46
N ASN A 256 -29.81 12.12 24.77
CA ASN A 256 -31.00 12.65 24.13
C ASN A 256 -30.70 13.29 22.78
N GLY A 257 -29.45 13.35 22.37
CA GLY A 257 -29.13 14.07 21.15
C GLY A 257 -29.21 15.56 21.29
N THR A 258 -29.11 16.07 22.51
CA THR A 258 -29.16 17.49 22.77
C THR A 258 -27.74 18.01 22.93
N ILE A 259 -27.44 19.14 22.30
CA ILE A 259 -26.15 19.79 22.50
C ILE A 259 -26.05 20.24 23.94
N THR A 260 -25.08 19.71 24.66
CA THR A 260 -24.74 20.19 25.98
C THR A 260 -23.48 21.02 26.00
N ASP A 261 -22.59 20.82 25.03
CA ASP A 261 -21.22 21.29 25.11
C ASP A 261 -20.62 21.25 23.73
N ALA A 262 -19.90 22.31 23.38
CA ALA A 262 -19.13 22.34 22.14
C ALA A 262 -17.97 23.29 22.36
N VAL A 263 -17.03 23.26 21.43
CA VAL A 263 -15.76 23.96 21.60
C VAL A 263 -15.31 24.53 20.28
N ASP A 264 -14.89 25.81 20.29
CA ASP A 264 -14.26 26.41 19.13
C ASP A 264 -12.89 25.79 18.94
N CYS A 265 -12.48 25.64 17.68
CA CYS A 265 -11.11 25.21 17.45
C CYS A 265 -10.13 26.38 17.40
N SER A 266 -10.61 27.59 17.15
CA SER A 266 -9.70 28.67 16.79
C SER A 266 -9.26 29.54 17.97
N GLN A 267 -9.67 29.22 19.20
CA GLN A 267 -9.47 30.16 20.30
C GLN A 267 -8.01 30.24 20.72
N ASN A 268 -7.48 29.13 21.20
CA ASN A 268 -6.11 29.07 21.69
C ASN A 268 -5.60 27.69 21.34
N PRO A 269 -4.28 27.47 21.38
CA PRO A 269 -3.77 26.11 21.12
C PRO A 269 -4.30 25.02 22.03
N LEU A 270 -4.77 25.37 23.21
CA LEU A 270 -5.53 24.43 24.03
C LEU A 270 -6.75 23.92 23.28
N ALA A 271 -7.47 24.81 22.62
CA ALA A 271 -8.74 24.44 22.02
C ALA A 271 -8.55 23.58 20.78
N GLU A 272 -7.52 23.86 19.99
CA GLU A 272 -7.30 23.03 18.80
C GLU A 272 -6.80 21.67 19.20
N LEU A 273 -6.12 21.60 20.33
CA LEU A 273 -5.74 20.32 20.90
C LEU A 273 -6.95 19.50 21.27
N LYS A 274 -7.95 20.14 21.86
CA LYS A 274 -9.19 19.44 22.22
C LYS A 274 -9.92 18.97 20.98
N CYS A 275 -9.86 19.77 19.91
CA CYS A 275 -10.41 19.34 18.63
C CYS A 275 -9.62 18.17 18.07
N SER A 276 -8.35 18.06 18.41
CA SER A 276 -7.52 17.01 17.82
C SER A 276 -7.80 15.66 18.44
N VAL A 277 -7.65 15.54 19.76
CA VAL A 277 -7.76 14.24 20.40
C VAL A 277 -9.19 13.79 20.59
N LYS A 278 -10.16 14.63 20.23
CA LYS A 278 -11.59 14.35 20.36
C LYS A 278 -11.98 14.06 21.79
N SER A 279 -11.62 14.97 22.69
CA SER A 279 -12.04 14.87 24.06
C SER A 279 -12.01 16.25 24.68
N PHE A 280 -12.69 16.38 25.81
CA PHE A 280 -12.69 17.59 26.59
C PHE A 280 -11.78 17.49 27.78
N GLU A 281 -11.32 16.28 28.08
CA GLU A 281 -10.44 16.00 29.19
C GLU A 281 -9.12 15.49 28.62
N ILE A 282 -8.07 16.27 28.80
CA ILE A 282 -6.77 15.96 28.22
C ILE A 282 -5.75 15.86 29.34
N ASP A 283 -5.05 14.73 29.36
CA ASP A 283 -4.04 14.41 30.34
C ASP A 283 -2.87 15.39 30.27
N LYS A 284 -2.13 15.46 31.36
CA LYS A 284 -0.84 16.14 31.37
C LYS A 284 0.13 15.46 30.41
N GLY A 285 0.80 16.24 29.59
CA GLY A 285 1.74 15.69 28.63
C GLY A 285 2.04 16.69 27.52
N ILE A 286 2.75 16.19 26.52
CA ILE A 286 3.06 16.92 25.29
C ILE A 286 2.38 16.22 24.13
N TYR A 287 1.69 16.99 23.29
CA TYR A 287 0.91 16.42 22.21
C TYR A 287 1.24 17.08 20.89
N GLN A 288 1.70 16.27 19.95
CA GLN A 288 1.83 16.66 18.56
C GLN A 288 0.51 17.12 17.99
N THR A 289 0.46 18.35 17.52
CA THR A 289 -0.73 18.87 16.88
C THR A 289 -0.40 19.34 15.47
N SER A 290 -1.29 20.10 14.84
CA SER A 290 -1.14 20.46 13.43
C SER A 290 0.11 21.30 13.18
N ASN A 291 0.77 21.03 12.06
CA ASN A 291 1.98 21.74 11.67
C ASN A 291 1.65 23.14 11.15
N PHE A 292 2.68 23.90 10.81
CA PHE A 292 2.46 25.28 10.43
C PHE A 292 3.23 25.63 9.18
N ARG A 293 2.95 26.82 8.66
CA ARG A 293 3.69 27.43 7.58
C ARG A 293 3.92 28.90 7.91
N VAL A 294 4.79 29.54 7.15
CA VAL A 294 5.02 30.97 7.26
C VAL A 294 4.67 31.61 5.94
N VAL A 295 3.67 32.47 5.95
CA VAL A 295 3.13 33.03 4.71
C VAL A 295 4.07 34.12 4.21
N PRO A 296 4.52 34.05 2.96
CA PRO A 296 5.46 35.04 2.46
C PRO A 296 4.80 36.38 2.22
N SER A 297 5.62 37.44 2.27
CA SER A 297 5.12 38.80 2.08
C SER A 297 6.17 39.56 1.27
N GLY A 298 5.92 39.70 -0.03
CA GLY A 298 6.84 40.39 -0.91
C GLY A 298 7.10 39.54 -2.13
N ASP A 299 7.39 40.21 -3.25
CA ASP A 299 7.65 39.52 -4.51
C ASP A 299 8.82 40.21 -5.20
N VAL A 300 9.92 39.50 -5.35
CA VAL A 300 11.10 40.01 -6.03
C VAL A 300 11.10 39.47 -7.45
N VAL A 301 10.97 40.35 -8.42
CA VAL A 301 11.02 39.98 -9.83
C VAL A 301 12.20 40.67 -10.45
N ARG A 302 13.07 39.91 -11.12
CA ARG A 302 14.20 40.46 -11.84
C ARG A 302 14.44 39.69 -13.12
N PHE A 303 14.07 40.28 -14.23
CA PHE A 303 14.46 39.92 -15.58
C PHE A 303 15.87 40.45 -15.84
N PRO A 304 16.52 40.12 -16.97
CA PRO A 304 17.85 40.67 -17.23
C PRO A 304 17.86 42.18 -17.36
N ASN A 305 19.07 42.71 -17.26
CA ASN A 305 19.42 44.12 -17.31
C ASN A 305 19.45 44.54 -18.77
N ILE A 306 20.17 45.61 -19.09
CA ILE A 306 20.37 46.03 -20.47
C ILE A 306 20.92 44.86 -21.28
N THR A 307 20.15 44.46 -22.29
CA THR A 307 20.32 43.23 -23.05
C THR A 307 20.03 43.59 -24.51
N ASN A 308 19.67 42.62 -25.34
CA ASN A 308 19.19 42.94 -26.69
C ASN A 308 17.83 43.60 -26.57
N LEU A 309 17.87 44.88 -26.20
CA LEU A 309 16.71 45.73 -26.26
C LEU A 309 16.54 46.16 -27.71
N CYS A 310 15.31 46.14 -28.18
CA CYS A 310 15.07 46.30 -29.60
C CYS A 310 15.37 47.73 -30.01
N PRO A 311 15.89 47.95 -31.22
CA PRO A 311 16.15 49.33 -31.66
C PRO A 311 14.87 50.03 -32.12
N PHE A 312 13.90 50.16 -31.20
CA PHE A 312 12.70 50.91 -31.51
C PHE A 312 12.99 52.39 -31.66
N GLY A 313 14.07 52.89 -31.05
CA GLY A 313 14.56 54.22 -31.33
C GLY A 313 15.11 54.39 -32.73
N GLU A 314 15.33 53.30 -33.46
CA GLU A 314 15.57 53.33 -34.89
C GLU A 314 14.37 52.82 -35.66
N VAL A 315 13.27 52.54 -34.97
CA VAL A 315 11.99 52.21 -35.59
C VAL A 315 11.00 53.35 -35.43
N PHE A 316 10.92 53.92 -34.23
CA PHE A 316 9.96 54.96 -33.85
C PHE A 316 10.58 56.35 -33.88
N ASN A 317 11.82 56.47 -33.40
CA ASN A 317 12.64 57.67 -33.55
C ASN A 317 13.64 57.50 -34.69
N ALA A 318 13.27 56.73 -35.71
CA ALA A 318 14.09 56.71 -36.91
C ALA A 318 14.05 58.08 -37.55
N THR A 319 15.23 58.56 -37.97
CA THR A 319 15.36 59.95 -38.38
C THR A 319 14.62 60.25 -39.67
N LYS A 320 14.29 59.22 -40.45
CA LYS A 320 13.55 59.39 -41.68
C LYS A 320 12.55 58.25 -41.80
N PHE A 321 11.26 58.56 -41.56
CA PHE A 321 10.41 57.51 -42.08
C PHE A 321 10.10 57.83 -43.53
N PRO A 322 10.06 56.87 -44.44
CA PRO A 322 9.61 57.19 -45.79
C PRO A 322 8.11 57.38 -45.86
N SER A 323 7.60 57.68 -47.06
CA SER A 323 6.17 57.85 -47.22
C SER A 323 5.45 56.51 -47.14
N VAL A 324 4.12 56.57 -47.09
CA VAL A 324 3.36 55.38 -46.77
C VAL A 324 3.28 54.45 -47.97
N TYR A 325 3.45 54.98 -49.18
CA TYR A 325 3.54 54.10 -50.35
C TYR A 325 4.85 53.33 -50.38
N ALA A 326 5.89 53.83 -49.73
CA ALA A 326 7.19 53.17 -49.65
C ALA A 326 7.59 52.91 -48.21
N TRP A 327 6.65 52.39 -47.42
CA TRP A 327 6.86 52.20 -45.99
C TRP A 327 7.92 51.12 -45.73
N GLU A 328 8.71 51.34 -44.69
CA GLU A 328 9.85 50.51 -44.38
C GLU A 328 9.40 49.26 -43.62
N ARG A 329 9.82 48.10 -44.11
CA ARG A 329 9.37 46.80 -43.63
C ARG A 329 10.37 46.29 -42.59
N LYS A 330 10.46 47.03 -41.50
CA LYS A 330 11.30 46.65 -40.39
C LYS A 330 10.70 45.44 -39.69
N LYS A 331 11.51 44.40 -39.50
CA LYS A 331 11.06 43.24 -38.76
C LYS A 331 12.05 42.96 -37.63
N ILE A 332 11.52 42.74 -36.43
CA ILE A 332 12.32 42.55 -35.23
C ILE A 332 11.93 41.22 -34.62
N SER A 333 12.93 40.38 -34.36
CA SER A 333 12.71 39.06 -33.80
C SER A 333 13.92 38.69 -32.95
N ASN A 334 13.68 37.79 -31.98
CA ASN A 334 14.62 37.40 -30.92
C ASN A 334 15.16 38.62 -30.19
N CYS A 335 14.24 39.35 -29.54
CA CYS A 335 14.61 40.65 -29.00
C CYS A 335 13.74 40.98 -27.81
N VAL A 336 14.23 41.86 -26.96
CA VAL A 336 13.50 42.31 -25.77
C VAL A 336 12.88 43.65 -26.13
N ALA A 337 11.55 43.67 -26.27
CA ALA A 337 10.84 44.83 -26.78
C ALA A 337 10.75 45.89 -25.70
N ASP A 338 11.85 46.64 -25.55
CA ASP A 338 11.99 47.59 -24.45
C ASP A 338 11.04 48.77 -24.58
N TYR A 339 10.90 49.29 -25.81
CA TYR A 339 10.14 50.50 -26.13
C TYR A 339 10.59 51.69 -25.30
N SER A 340 11.91 51.93 -25.28
CA SER A 340 12.43 53.05 -24.50
C SER A 340 12.09 54.38 -25.13
N VAL A 341 11.82 54.40 -26.44
CA VAL A 341 11.43 55.61 -27.12
C VAL A 341 9.95 55.93 -26.89
N LEU A 342 9.11 54.93 -26.55
CA LEU A 342 7.71 55.22 -26.27
C LEU A 342 7.55 55.99 -24.97
N TYR A 343 8.24 55.54 -23.90
CA TYR A 343 8.10 56.17 -22.59
C TYR A 343 8.71 57.57 -22.59
N ASN A 344 9.95 57.69 -23.09
CA ASN A 344 10.67 58.95 -23.08
C ASN A 344 10.43 59.73 -24.37
N SER A 345 9.15 60.06 -24.59
CA SER A 345 8.71 60.93 -25.68
C SER A 345 7.34 61.49 -25.35
N THR A 346 7.15 62.77 -25.62
CA THR A 346 5.95 63.50 -25.22
C THR A 346 5.15 64.02 -26.42
N PHE A 347 4.99 63.20 -27.45
CA PHE A 347 4.12 63.54 -28.56
C PHE A 347 3.14 62.40 -28.89
N PHE A 348 3.19 61.30 -28.16
CA PHE A 348 2.25 60.21 -28.35
C PHE A 348 0.83 60.62 -27.95
N SER A 349 -0.13 60.11 -28.69
CA SER A 349 -1.53 60.39 -28.40
C SER A 349 -2.45 59.16 -28.43
N THR A 350 -2.05 58.05 -29.05
CA THR A 350 -3.02 57.02 -29.41
C THR A 350 -2.84 55.70 -28.66
N PHE A 351 -1.68 55.03 -28.81
CA PHE A 351 -1.41 53.69 -28.26
C PHE A 351 -2.49 52.66 -28.61
N LYS A 352 -2.99 52.71 -29.84
CA LYS A 352 -4.20 51.98 -30.25
C LYS A 352 -3.88 50.49 -30.39
N CYS A 353 -3.80 49.81 -29.24
CA CYS A 353 -3.50 48.39 -29.21
C CYS A 353 -4.77 47.57 -29.32
N TYR A 354 -4.76 46.59 -30.23
CA TYR A 354 -5.93 45.82 -30.57
C TYR A 354 -5.71 44.36 -30.21
N ALA A 358 2.81 55.24 -21.95
CA ALA A 358 3.36 54.08 -22.64
C ALA A 358 3.37 52.84 -21.75
N THR A 359 2.17 52.41 -21.34
CA THR A 359 2.05 51.23 -20.50
C THR A 359 2.38 49.94 -21.25
N LYS A 360 2.30 49.96 -22.58
CA LYS A 360 2.46 48.77 -23.39
C LYS A 360 3.91 48.30 -23.51
N LEU A 361 4.88 49.04 -22.97
CA LEU A 361 6.27 48.62 -23.08
C LEU A 361 6.54 47.35 -22.27
N ASN A 362 5.79 47.15 -21.20
CA ASN A 362 5.83 45.89 -20.47
C ASN A 362 4.73 44.94 -20.93
N ASP A 363 3.61 45.49 -21.43
CA ASP A 363 2.39 44.72 -21.61
C ASP A 363 2.40 43.88 -22.89
N LEU A 364 3.15 44.30 -23.91
CA LEU A 364 3.15 43.60 -25.18
C LEU A 364 4.20 42.50 -25.19
N CYS A 365 3.82 41.36 -25.77
CA CYS A 365 4.71 40.21 -25.89
C CYS A 365 4.18 39.32 -27.01
N PHE A 366 4.82 39.33 -28.17
CA PHE A 366 4.23 38.66 -29.33
C PHE A 366 5.30 38.22 -30.32
N SER A 367 4.86 37.72 -31.47
CA SER A 367 5.68 37.14 -32.52
C SER A 367 6.32 38.23 -33.39
N ASN A 368 6.67 37.87 -34.64
CA ASN A 368 7.39 38.70 -35.61
C ASN A 368 6.83 40.11 -35.70
N VAL A 369 7.66 41.08 -35.32
CA VAL A 369 7.20 42.46 -35.21
C VAL A 369 7.19 43.06 -36.59
N TYR A 370 6.01 43.35 -37.12
CA TYR A 370 5.92 44.07 -38.37
C TYR A 370 5.95 45.55 -38.04
N ALA A 371 7.16 46.01 -37.77
CA ALA A 371 7.42 47.38 -37.31
C ALA A 371 7.39 48.32 -38.52
N ASP A 372 6.16 48.57 -39.00
CA ASP A 372 5.95 49.18 -40.31
C ASP A 372 6.07 50.70 -40.22
N SER A 373 7.07 51.27 -40.88
CA SER A 373 7.52 52.63 -40.65
C SER A 373 7.15 53.56 -41.79
N PHE A 374 6.38 54.61 -41.49
CA PHE A 374 5.85 55.56 -42.47
C PHE A 374 5.30 56.80 -41.77
N VAL A 375 5.13 57.88 -42.54
CA VAL A 375 4.59 59.14 -42.02
C VAL A 375 3.28 59.46 -42.73
N VAL A 376 2.22 59.64 -41.94
CA VAL A 376 0.88 59.91 -42.44
C VAL A 376 0.50 61.34 -42.07
N LYS A 377 -0.63 61.79 -42.62
CA LYS A 377 -1.30 62.99 -42.13
C LYS A 377 -2.19 62.63 -40.94
N GLY A 378 -2.62 63.68 -40.21
CA GLY A 378 -3.58 63.48 -39.13
C GLY A 378 -4.93 63.02 -39.63
N ASP A 379 -5.34 63.46 -40.83
CA ASP A 379 -6.48 62.87 -41.52
C ASP A 379 -6.21 61.42 -41.92
N ASP A 380 -4.95 61.03 -42.01
CA ASP A 380 -4.57 59.71 -42.45
C ASP A 380 -4.24 58.76 -41.29
N VAL A 381 -4.15 59.29 -40.06
CA VAL A 381 -4.01 58.46 -38.86
C VAL A 381 -5.21 57.55 -38.70
N ARG A 382 -6.41 58.10 -38.93
CA ARG A 382 -7.65 57.39 -38.66
C ARG A 382 -7.86 56.21 -39.58
N GLN A 383 -7.23 56.20 -40.75
CA GLN A 383 -7.34 55.11 -41.71
C GLN A 383 -6.42 53.94 -41.42
N ILE A 384 -5.76 53.94 -40.26
CA ILE A 384 -4.87 52.83 -39.91
C ILE A 384 -5.49 52.05 -38.76
N ALA A 385 -6.15 50.95 -39.10
CA ALA A 385 -6.96 50.10 -38.24
C ALA A 385 -7.26 48.84 -39.07
N PRO A 386 -7.90 47.81 -38.53
CA PRO A 386 -8.44 46.75 -39.40
C PRO A 386 -9.44 47.29 -40.41
N GLY A 387 -9.39 46.74 -41.61
CA GLY A 387 -10.20 47.26 -42.69
C GLY A 387 -9.72 48.62 -43.12
N GLN A 388 -10.58 49.65 -42.95
CA GLN A 388 -10.33 51.04 -43.34
C GLN A 388 -9.96 51.15 -44.81
N THR A 389 -10.80 50.55 -45.65
CA THR A 389 -10.52 50.40 -47.08
C THR A 389 -10.65 51.74 -47.81
N GLY A 390 -9.71 52.63 -47.55
CA GLY A 390 -9.68 53.92 -48.20
C GLY A 390 -8.36 54.16 -48.91
N VAL A 391 -7.65 55.18 -48.44
CA VAL A 391 -6.46 55.63 -49.16
C VAL A 391 -5.23 54.82 -48.74
N ILE A 392 -5.03 54.62 -47.45
CA ILE A 392 -3.83 53.93 -46.99
C ILE A 392 -3.97 52.42 -47.09
N ALA A 393 -5.06 51.87 -46.54
CA ALA A 393 -5.15 50.43 -46.39
C ALA A 393 -5.45 49.70 -47.69
N ASP A 394 -5.66 50.41 -48.80
CA ASP A 394 -5.78 49.76 -50.09
C ASP A 394 -4.65 50.09 -51.06
N TYR A 395 -4.09 51.29 -50.97
CA TYR A 395 -3.21 51.83 -52.00
C TYR A 395 -1.80 52.08 -51.51
N ASN A 396 -1.63 52.31 -50.21
CA ASN A 396 -0.37 52.69 -49.60
C ASN A 396 0.18 51.63 -48.64
N TYR A 397 -0.63 51.23 -47.64
CA TYR A 397 -0.16 50.35 -46.57
C TYR A 397 -1.33 49.53 -46.06
N LYS A 398 -1.36 48.24 -46.37
CA LYS A 398 -2.45 47.37 -45.95
C LYS A 398 -2.03 46.55 -44.74
N LEU A 399 -2.78 46.68 -43.65
CA LEU A 399 -2.70 45.78 -42.51
C LEU A 399 -3.48 44.50 -42.78
N PRO A 400 -3.13 43.39 -42.10
CA PRO A 400 -3.93 42.16 -42.22
C PRO A 400 -5.33 42.32 -41.67
N ASP A 401 -6.18 41.39 -42.09
CA ASP A 401 -7.57 41.32 -41.66
C ASP A 401 -7.77 40.27 -40.58
N ASP A 402 -6.70 39.57 -40.21
CA ASP A 402 -6.73 38.59 -39.12
C ASP A 402 -5.72 38.89 -38.03
N PHE A 403 -4.47 39.21 -38.40
CA PHE A 403 -3.44 39.60 -37.44
C PHE A 403 -3.46 41.10 -37.25
N MET A 404 -3.50 41.53 -35.99
CA MET A 404 -3.60 42.95 -35.71
C MET A 404 -3.00 43.26 -34.36
N GLY A 405 -2.19 44.31 -34.31
CA GLY A 405 -1.62 44.74 -33.07
C GLY A 405 -1.82 46.19 -32.78
N CYS A 406 -0.73 46.91 -32.53
CA CYS A 406 -0.77 48.25 -31.97
C CYS A 406 -0.42 49.26 -33.05
N VAL A 407 -1.37 50.15 -33.34
CA VAL A 407 -1.13 51.32 -34.17
C VAL A 407 -0.81 52.48 -33.25
N LEU A 408 0.35 53.09 -33.41
CA LEU A 408 0.73 54.22 -32.58
C LEU A 408 0.96 55.44 -33.46
N ALA A 409 0.47 56.59 -33.00
CA ALA A 409 0.66 57.84 -33.70
C ALA A 409 1.27 58.84 -32.75
N TRP A 410 2.25 59.60 -33.22
CA TRP A 410 2.88 60.59 -32.36
C TRP A 410 3.32 61.77 -33.21
N ASN A 411 3.00 62.97 -32.70
CA ASN A 411 2.91 64.18 -33.50
C ASN A 411 4.28 64.81 -33.67
N THR A 412 4.77 64.85 -34.90
CA THR A 412 6.09 65.38 -35.19
C THR A 412 6.01 66.58 -36.14
N ARG A 413 5.14 67.54 -35.81
CA ARG A 413 5.05 68.79 -36.54
C ARG A 413 6.30 69.67 -36.40
N ASN A 414 7.10 69.46 -35.36
CA ASN A 414 8.30 70.26 -35.14
C ASN A 414 9.57 69.61 -35.70
N ILE A 415 9.45 68.50 -36.42
CA ILE A 415 10.57 67.91 -37.13
C ILE A 415 10.19 67.68 -38.59
N ASP A 416 9.04 67.05 -38.82
CA ASP A 416 8.65 66.62 -40.15
C ASP A 416 7.94 67.69 -40.96
N ALA A 417 7.27 68.64 -40.33
CA ALA A 417 6.44 69.60 -41.06
C ALA A 417 7.22 70.83 -41.46
N THR A 418 6.78 71.45 -42.56
CA THR A 418 7.35 72.67 -43.10
C THR A 418 6.25 73.73 -43.15
N SER A 419 6.57 74.93 -42.67
CA SER A 419 5.61 76.04 -42.61
C SER A 419 5.14 76.48 -43.98
N THR A 420 5.91 76.23 -45.04
CA THR A 420 5.46 76.42 -46.41
C THR A 420 4.92 75.14 -47.02
N GLY A 421 5.24 73.98 -46.46
CA GLY A 421 4.72 72.73 -46.97
C GLY A 421 5.74 71.64 -47.23
N ASN A 422 5.55 70.49 -46.60
CA ASN A 422 6.45 69.35 -46.79
C ASN A 422 5.93 68.56 -47.98
N TYR A 423 6.32 68.98 -49.19
CA TYR A 423 5.95 68.31 -50.42
C TYR A 423 7.01 67.35 -50.91
N ASN A 424 7.95 66.97 -50.06
CA ASN A 424 8.86 65.88 -50.38
C ASN A 424 8.21 64.53 -50.15
N TYR A 425 7.09 64.48 -49.46
CA TYR A 425 6.36 63.25 -49.20
C TYR A 425 5.01 63.30 -49.87
N LYS A 426 4.56 62.16 -50.40
CA LYS A 426 3.30 62.05 -51.11
C LYS A 426 2.64 60.71 -50.76
N TYR A 427 1.39 60.54 -51.16
CA TYR A 427 0.66 59.31 -50.87
C TYR A 427 -0.25 58.96 -52.02
N ARG A 428 -0.47 57.65 -52.22
CA ARG A 428 -1.12 57.16 -53.43
C ARG A 428 -2.64 57.28 -53.36
N TYR A 429 -3.25 57.38 -54.54
CA TYR A 429 -4.69 57.24 -54.72
C TYR A 429 -5.07 56.32 -55.87
N LEU A 430 -4.13 55.95 -56.74
CA LEU A 430 -4.35 55.00 -57.82
C LEU A 430 -3.59 53.72 -57.50
N ARG A 431 -4.14 52.60 -57.98
CA ARG A 431 -3.47 51.30 -57.93
C ARG A 431 -4.19 50.33 -58.87
N HIS A 432 -3.42 49.55 -59.63
CA HIS A 432 -3.93 48.35 -60.28
C HIS A 432 -4.30 47.35 -59.18
N GLY A 433 -5.59 47.19 -58.93
CA GLY A 433 -6.02 46.27 -57.91
C GLY A 433 -5.78 46.81 -56.50
N LYS A 434 -5.63 45.89 -55.55
CA LYS A 434 -5.48 46.23 -54.15
C LYS A 434 -4.30 45.46 -53.56
N LEU A 435 -3.73 46.04 -52.50
CA LEU A 435 -2.60 45.43 -51.83
C LEU A 435 -3.02 44.15 -51.11
N ARG A 436 -2.03 43.39 -50.72
CA ARG A 436 -2.10 42.30 -49.78
C ARG A 436 -1.49 42.74 -48.46
N PRO A 437 -1.77 42.03 -47.35
CA PRO A 437 -1.18 42.43 -46.05
C PRO A 437 0.35 42.43 -46.05
N PHE A 438 0.88 43.49 -45.45
CA PHE A 438 2.30 43.87 -45.45
C PHE A 438 2.83 44.00 -46.88
N GLU A 439 2.15 44.80 -47.69
CA GLU A 439 2.68 45.16 -48.99
C GLU A 439 2.58 46.66 -49.22
N ARG A 440 3.37 47.12 -50.20
CA ARG A 440 3.52 48.50 -50.58
C ARG A 440 3.44 48.60 -52.09
N ASP A 441 3.26 49.83 -52.58
CA ASP A 441 3.34 50.13 -54.00
C ASP A 441 4.23 51.35 -54.16
N ILE A 442 5.41 51.14 -54.72
CA ILE A 442 6.40 52.20 -54.88
C ILE A 442 6.51 52.65 -56.33
N SER A 443 5.69 52.09 -57.22
CA SER A 443 5.76 52.41 -58.64
C SER A 443 5.04 53.74 -58.89
N ASN A 444 5.74 54.84 -58.59
CA ASN A 444 5.19 56.19 -58.77
C ASN A 444 5.21 56.55 -60.26
N VAL A 445 4.34 55.86 -61.01
CA VAL A 445 4.31 55.91 -62.46
C VAL A 445 2.91 56.39 -62.83
N PRO A 446 2.77 57.33 -63.77
CA PRO A 446 1.43 57.76 -64.20
C PRO A 446 0.61 56.62 -64.79
N PHE A 447 -0.68 56.62 -64.46
CA PHE A 447 -1.47 55.40 -64.44
C PHE A 447 -2.93 55.72 -64.74
N SER A 448 -3.59 54.81 -65.47
CA SER A 448 -5.00 55.01 -65.82
C SER A 448 -5.88 54.69 -64.62
N PRO A 449 -6.86 55.55 -64.29
CA PRO A 449 -7.54 55.42 -62.99
C PRO A 449 -8.52 54.27 -62.90
N ASP A 450 -9.10 53.82 -64.02
CA ASP A 450 -10.13 52.80 -63.98
C ASP A 450 -9.55 51.38 -64.10
N GLY A 451 -8.52 51.09 -63.30
CA GLY A 451 -7.92 49.77 -63.27
C GLY A 451 -7.24 49.34 -64.55
N LYS A 452 -6.70 50.29 -65.34
CA LYS A 452 -6.01 49.90 -66.56
C LYS A 452 -4.52 50.20 -66.46
N PRO A 453 -3.66 49.29 -66.94
CA PRO A 453 -2.22 49.56 -66.91
C PRO A 453 -1.82 50.64 -67.91
N CYS A 454 -0.66 51.24 -67.68
CA CYS A 454 -0.27 52.43 -68.41
C CYS A 454 1.21 52.41 -68.75
N THR A 455 1.52 53.01 -69.89
CA THR A 455 2.89 53.39 -70.27
C THR A 455 2.86 54.88 -70.56
N PRO A 456 3.47 55.72 -69.71
CA PRO A 456 3.32 57.19 -69.83
C PRO A 456 3.95 57.72 -71.10
N PRO A 457 3.36 58.74 -71.73
CA PRO A 457 2.12 59.46 -71.35
C PRO A 457 0.83 58.98 -72.04
N ALA A 458 0.48 57.69 -71.96
CA ALA A 458 -0.73 57.16 -72.60
C ALA A 458 -2.01 57.82 -72.04
N LEU A 459 -3.12 57.53 -72.72
CA LEU A 459 -4.34 58.31 -72.57
C LEU A 459 -4.94 58.18 -71.17
N ASN A 460 -5.18 59.35 -70.56
CA ASN A 460 -5.75 59.49 -69.22
C ASN A 460 -4.93 58.74 -68.16
N CYS A 461 -3.61 58.93 -68.21
CA CYS A 461 -2.73 58.46 -67.15
C CYS A 461 -2.34 59.64 -66.27
N TYR A 462 -2.75 59.61 -65.01
CA TYR A 462 -2.44 60.66 -64.06
C TYR A 462 -1.42 60.16 -63.05
N TRP A 463 -0.68 61.09 -62.46
CA TRP A 463 0.35 60.74 -61.47
C TRP A 463 -0.31 60.14 -60.23
N PRO A 464 0.14 58.98 -59.77
CA PRO A 464 -0.62 58.22 -58.78
C PRO A 464 -0.56 58.77 -57.37
N LEU A 465 0.21 59.84 -57.14
CA LEU A 465 0.47 60.34 -55.79
C LEU A 465 -0.34 61.60 -55.52
N ASN A 466 -0.85 61.72 -54.29
CA ASN A 466 -1.40 62.97 -53.78
C ASN A 466 -0.42 63.61 -52.81
N ASP A 467 -0.45 64.94 -52.76
CA ASP A 467 0.35 65.66 -51.80
C ASP A 467 -0.24 65.55 -50.41
N TYR A 468 0.61 65.27 -49.41
CA TYR A 468 0.18 65.45 -48.02
C TYR A 468 -0.02 66.93 -47.72
N GLY A 469 1.04 67.71 -47.88
CA GLY A 469 1.06 69.05 -47.34
C GLY A 469 1.16 69.02 -45.83
N PHE A 470 2.28 68.56 -45.29
CA PHE A 470 2.52 68.67 -43.85
C PHE A 470 2.91 70.10 -43.54
N TYR A 471 2.07 70.80 -42.78
CA TYR A 471 2.32 72.19 -42.46
C TYR A 471 2.50 72.34 -40.95
N THR A 472 3.29 73.34 -40.55
CA THR A 472 3.32 73.77 -39.15
C THR A 472 2.25 74.81 -38.87
N THR A 473 1.59 75.33 -39.90
CA THR A 473 0.66 76.44 -39.79
C THR A 473 -0.74 76.05 -40.23
N THR A 474 -1.23 74.91 -39.77
CA THR A 474 -2.55 74.41 -40.14
C THR A 474 -3.15 73.69 -38.95
N GLY A 475 -4.34 73.12 -39.14
CA GLY A 475 -5.00 72.30 -38.14
C GLY A 475 -4.40 70.91 -38.03
N ILE A 476 -5.16 70.04 -37.35
CA ILE A 476 -4.64 68.74 -36.94
C ILE A 476 -4.55 67.76 -38.11
N GLY A 477 -5.50 67.83 -39.05
CA GLY A 477 -5.62 66.85 -40.11
C GLY A 477 -4.51 66.87 -41.15
N TYR A 478 -3.73 67.95 -41.20
CA TYR A 478 -2.58 68.02 -42.09
C TYR A 478 -1.26 68.04 -41.33
N GLN A 479 -1.29 67.95 -40.00
CA GLN A 479 -0.07 67.79 -39.23
C GLN A 479 0.50 66.39 -39.43
N PRO A 480 1.82 66.26 -39.53
CA PRO A 480 2.42 64.93 -39.59
C PRO A 480 2.40 64.25 -38.23
N TYR A 481 1.95 63.00 -38.23
CA TYR A 481 2.25 62.11 -37.13
C TYR A 481 3.14 61.02 -37.70
N ARG A 482 4.27 60.77 -37.06
CA ARG A 482 4.99 59.54 -37.32
C ARG A 482 4.14 58.37 -36.80
N VAL A 483 4.02 57.32 -37.59
CA VAL A 483 3.22 56.16 -37.23
C VAL A 483 4.01 54.90 -37.52
N VAL A 484 4.13 54.04 -36.53
CA VAL A 484 4.58 52.67 -36.77
C VAL A 484 3.59 51.73 -36.12
N VAL A 485 3.00 50.87 -36.93
CA VAL A 485 2.12 49.81 -36.49
C VAL A 485 2.98 48.67 -36.00
N LEU A 486 2.52 47.96 -34.98
CA LEU A 486 3.19 46.78 -34.46
C LEU A 486 2.25 45.60 -34.69
N SER A 487 2.30 45.01 -35.88
CA SER A 487 1.35 43.95 -36.21
C SER A 487 1.73 42.65 -35.55
N PHE A 488 0.76 42.04 -34.86
CA PHE A 488 1.01 40.91 -33.96
C PHE A 488 1.10 39.60 -34.73
N GLU A 489 2.16 39.48 -35.52
CA GLU A 489 2.32 38.30 -36.36
C GLU A 489 3.80 37.93 -36.56
N THR A 496 9.54 38.08 -33.11
CA THR A 496 9.41 37.26 -31.93
C THR A 496 10.03 37.99 -30.73
N VAL A 497 9.25 38.85 -30.07
CA VAL A 497 9.76 39.69 -29.00
C VAL A 497 8.97 39.45 -27.72
N CYS A 498 9.38 40.17 -26.69
CA CYS A 498 8.59 40.31 -25.48
C CYS A 498 9.02 41.60 -24.79
N GLY A 499 8.04 42.38 -24.33
CA GLY A 499 8.34 43.51 -23.49
C GLY A 499 8.89 43.04 -22.17
N PRO A 500 9.90 43.73 -21.64
CA PRO A 500 10.41 43.36 -20.32
C PRO A 500 9.40 43.75 -19.26
N LYS A 501 9.27 42.89 -18.26
CA LYS A 501 8.30 43.23 -17.24
C LYS A 501 9.01 43.87 -16.06
N LEU A 502 8.21 44.39 -15.13
CA LEU A 502 8.71 45.31 -14.12
C LEU A 502 9.60 44.61 -13.12
N SER A 503 10.83 45.10 -13.01
CA SER A 503 11.75 44.59 -12.00
C SER A 503 11.58 45.38 -10.72
N THR A 504 11.81 44.71 -9.59
CA THR A 504 11.70 45.34 -8.28
C THR A 504 12.95 45.11 -7.46
N ASP A 505 12.91 45.50 -6.19
CA ASP A 505 14.06 45.37 -5.32
C ASP A 505 14.30 43.91 -4.93
N LEU A 506 15.56 43.59 -4.68
CA LEU A 506 16.01 42.30 -4.19
C LEU A 506 15.93 42.28 -2.67
N ILE A 507 14.76 41.96 -2.14
CA ILE A 507 14.51 42.05 -0.71
C ILE A 507 15.07 40.78 -0.08
N LYS A 508 16.27 40.88 0.46
CA LYS A 508 16.91 39.78 1.14
C LYS A 508 16.29 39.59 2.52
N ASN A 509 16.50 38.39 3.08
CA ASN A 509 16.25 38.07 4.48
C ASN A 509 14.78 38.17 4.86
N GLN A 510 13.87 38.01 3.91
CA GLN A 510 12.45 37.98 4.23
C GLN A 510 11.77 36.87 3.47
N CYS A 511 10.83 36.22 4.14
CA CYS A 511 10.00 35.18 3.52
C CYS A 511 9.16 35.85 2.47
N VAL A 512 9.51 35.65 1.20
CA VAL A 512 8.94 36.39 0.08
C VAL A 512 8.70 35.45 -1.09
N ASN A 513 7.86 35.90 -2.01
CA ASN A 513 7.84 35.28 -3.32
C ASN A 513 9.09 35.68 -4.08
N PHE A 514 9.39 34.94 -5.14
CA PHE A 514 10.38 35.44 -6.07
C PHE A 514 10.06 34.95 -7.46
N ASN A 515 10.49 35.72 -8.44
CA ASN A 515 10.22 35.39 -9.84
C ASN A 515 11.40 35.88 -10.67
N PHE A 516 12.35 34.99 -10.89
CA PHE A 516 13.46 35.32 -11.78
C PHE A 516 13.13 34.93 -13.20
N ASN A 517 14.12 35.13 -14.06
CA ASN A 517 14.05 34.71 -15.44
C ASN A 517 14.00 33.20 -15.48
N GLY A 518 12.82 32.63 -15.71
CA GLY A 518 12.67 31.20 -15.82
C GLY A 518 12.59 30.45 -14.51
N LEU A 519 12.92 31.06 -13.38
CA LEU A 519 12.87 30.37 -12.11
C LEU A 519 12.02 31.17 -11.15
N THR A 520 11.26 30.48 -10.32
CA THR A 520 10.36 31.15 -9.40
C THR A 520 10.08 30.26 -8.21
N GLY A 521 9.22 30.73 -7.36
CA GLY A 521 8.84 30.01 -6.16
C GLY A 521 8.83 30.95 -4.99
N THR A 522 8.96 30.38 -3.81
CA THR A 522 9.03 31.14 -2.59
C THR A 522 10.34 30.84 -1.88
N GLY A 523 10.75 31.74 -1.00
CA GLY A 523 11.92 31.47 -0.21
C GLY A 523 12.41 32.72 0.50
N VAL A 524 13.60 32.59 1.05
CA VAL A 524 14.32 33.70 1.65
C VAL A 524 15.63 33.82 0.91
N LEU A 525 15.96 35.03 0.48
CA LEU A 525 17.09 35.27 -0.39
C LEU A 525 18.26 35.81 0.40
N THR A 526 19.47 35.33 0.09
CA THR A 526 20.67 35.83 0.73
C THR A 526 21.83 35.77 -0.24
N PRO A 527 22.75 36.73 -0.18
CA PRO A 527 23.92 36.70 -1.07
C PRO A 527 24.85 35.55 -0.72
N SER A 528 25.59 35.11 -1.73
CA SER A 528 26.22 33.80 -1.69
C SER A 528 27.73 33.84 -1.85
N SER A 529 28.38 32.85 -1.26
CA SER A 529 29.78 32.58 -1.47
C SER A 529 29.98 31.42 -2.42
N LYS A 530 28.93 30.93 -3.05
CA LYS A 530 29.09 29.88 -4.04
C LYS A 530 29.80 30.41 -5.27
N ARG A 531 30.90 29.76 -5.63
CA ARG A 531 31.74 30.19 -6.73
C ARG A 531 31.10 29.72 -8.03
N PHE A 532 30.16 30.53 -8.53
CA PHE A 532 29.59 30.27 -9.84
C PHE A 532 30.62 30.42 -10.93
N GLN A 533 30.33 29.83 -12.04
CA GLN A 533 31.18 30.00 -13.21
C GLN A 533 30.50 30.93 -14.20
N PRO A 534 31.28 31.61 -15.06
CA PRO A 534 30.67 32.56 -16.01
C PRO A 534 29.79 31.92 -17.07
N PHE A 535 29.80 30.60 -17.23
CA PHE A 535 28.84 29.98 -18.12
C PHE A 535 27.61 29.49 -17.38
N GLN A 536 27.46 29.84 -16.10
CA GLN A 536 26.41 29.30 -15.26
C GLN A 536 25.38 30.38 -14.92
N GLN A 537 24.17 29.94 -14.59
CA GLN A 537 23.16 30.86 -14.08
C GLN A 537 22.53 30.44 -12.76
N PHE A 538 22.43 29.16 -12.48
CA PHE A 538 21.79 28.76 -11.24
C PHE A 538 22.31 27.40 -10.80
N GLY A 539 22.07 27.09 -9.52
CA GLY A 539 22.61 25.91 -8.90
C GLY A 539 21.54 25.00 -8.35
N ARG A 540 21.96 23.80 -7.95
CA ARG A 540 21.04 22.81 -7.42
C ARG A 540 21.59 22.19 -6.15
N ASP A 541 20.68 21.67 -5.34
CA ASP A 541 20.99 21.02 -4.08
C ASP A 541 21.33 19.55 -4.30
N VAL A 542 21.29 18.75 -3.24
CA VAL A 542 21.48 17.30 -3.39
C VAL A 542 20.36 16.62 -4.17
N SER A 543 19.19 17.23 -4.25
CA SER A 543 18.14 16.86 -5.18
C SER A 543 18.32 17.68 -6.45
N ASP A 544 17.30 17.72 -7.29
CA ASP A 544 17.32 18.62 -8.43
C ASP A 544 16.65 19.95 -8.14
N PHE A 545 16.43 20.27 -6.87
CA PHE A 545 15.75 21.52 -6.56
C PHE A 545 16.75 22.65 -6.66
N THR A 546 16.30 23.80 -7.11
CA THR A 546 17.20 24.92 -7.31
C THR A 546 17.40 25.67 -6.00
N ASP A 547 18.65 25.83 -5.59
CA ASP A 547 18.96 26.50 -4.34
C ASP A 547 19.65 27.85 -4.51
N SER A 548 20.32 28.08 -5.63
CA SER A 548 21.11 29.29 -5.78
C SER A 548 20.96 29.79 -7.20
N VAL A 549 21.02 31.11 -7.35
CA VAL A 549 20.75 31.75 -8.63
C VAL A 549 21.71 32.92 -8.81
N ARG A 550 22.24 33.04 -10.02
CA ARG A 550 22.92 34.26 -10.39
C ARG A 550 21.85 35.26 -10.80
N ASP A 551 21.90 36.45 -10.24
CA ASP A 551 20.88 37.45 -10.50
C ASP A 551 21.04 37.95 -11.92
N PRO A 552 20.05 37.79 -12.80
CA PRO A 552 20.24 38.20 -14.20
C PRO A 552 20.34 39.70 -14.41
N LYS A 553 20.07 40.51 -13.41
CA LYS A 553 20.18 41.95 -13.57
C LYS A 553 21.51 42.49 -13.05
N THR A 554 22.18 41.78 -12.14
CA THR A 554 23.41 42.30 -11.56
C THR A 554 24.50 41.26 -11.34
N SER A 555 24.30 40.01 -11.76
CA SER A 555 25.23 38.88 -11.61
C SER A 555 25.56 38.53 -10.17
N GLU A 556 24.76 39.01 -9.22
CA GLU A 556 24.98 38.66 -7.82
C GLU A 556 24.57 37.23 -7.57
N ILE A 557 25.38 36.52 -6.80
CA ILE A 557 25.13 35.13 -6.53
C ILE A 557 24.22 35.09 -5.31
N LEU A 558 23.03 34.53 -5.48
CA LEU A 558 22.06 34.50 -4.39
C LEU A 558 21.88 33.08 -3.88
N ASP A 559 21.39 32.95 -2.67
CA ASP A 559 21.00 31.67 -2.14
C ASP A 559 19.55 31.74 -1.70
N ILE A 560 18.88 30.59 -1.74
CA ILE A 560 17.43 30.53 -1.53
C ILE A 560 17.19 29.58 -0.36
N SER A 561 16.68 30.11 0.74
CA SER A 561 16.31 29.28 1.85
C SER A 561 14.90 28.74 1.64
N PRO A 562 14.51 27.68 2.34
CA PRO A 562 13.09 27.41 2.53
C PRO A 562 12.49 28.53 3.35
N CYS A 563 11.19 28.75 3.21
CA CYS A 563 10.64 30.01 3.69
C CYS A 563 10.55 29.92 5.21
N ALA A 564 9.69 29.04 5.74
CA ALA A 564 9.82 28.29 6.99
C ALA A 564 8.62 27.38 7.15
N PHE A 565 8.80 26.32 7.93
CA PHE A 565 7.74 25.37 8.25
C PHE A 565 8.22 24.57 9.44
N GLY A 566 7.37 23.68 9.92
CA GLY A 566 7.77 22.83 11.02
C GLY A 566 6.57 22.30 11.78
N GLY A 567 6.87 21.53 12.80
CA GLY A 567 5.82 20.97 13.61
C GLY A 567 5.52 21.81 14.83
N VAL A 568 4.29 21.69 15.31
CA VAL A 568 3.81 22.41 16.49
C VAL A 568 3.50 21.40 17.57
N SER A 569 4.06 21.59 18.75
CA SER A 569 3.75 20.74 19.87
C SER A 569 3.26 21.59 21.02
N VAL A 570 2.26 21.09 21.72
CA VAL A 570 1.63 21.80 22.81
C VAL A 570 1.95 21.05 24.08
N ILE A 571 2.39 21.78 25.10
CA ILE A 571 2.76 21.23 26.39
C ILE A 571 1.75 21.69 27.41
N THR A 572 1.19 20.75 28.16
CA THR A 572 0.13 21.07 29.10
C THR A 572 0.28 20.37 30.45
N PRO A 573 -0.10 21.05 31.53
CA PRO A 573 -0.14 20.40 32.83
C PRO A 573 -1.42 19.61 33.08
N GLY A 574 -2.29 19.48 32.10
CA GLY A 574 -3.48 18.68 32.32
C GLY A 574 -4.69 19.54 32.62
N THR A 575 -5.85 19.07 32.16
CA THR A 575 -7.02 19.93 32.10
C THR A 575 -7.66 20.15 33.46
N ASN A 576 -7.54 19.21 34.40
CA ASN A 576 -8.17 19.45 35.70
C ASN A 576 -7.37 20.47 36.51
N ALA A 577 -6.05 20.39 36.44
CA ALA A 577 -5.21 21.21 37.30
C ALA A 577 -5.09 22.62 36.77
N SER A 578 -5.10 22.79 35.46
CA SER A 578 -4.99 24.10 34.85
C SER A 578 -5.63 24.04 33.48
N SER A 579 -5.64 25.19 32.79
CA SER A 579 -6.17 25.23 31.44
C SER A 579 -5.31 26.15 30.59
N GLU A 580 -4.01 26.13 30.84
CA GLU A 580 -3.08 26.97 30.11
C GLU A 580 -1.99 26.06 29.54
N VAL A 581 -1.35 26.55 28.48
CA VAL A 581 -0.42 25.73 27.73
C VAL A 581 0.80 26.54 27.34
N ALA A 582 1.88 25.83 27.04
CA ALA A 582 3.02 26.36 26.33
C ALA A 582 3.13 25.61 25.01
N VAL A 583 3.70 26.26 24.01
CA VAL A 583 3.78 25.68 22.69
C VAL A 583 5.23 25.52 22.29
N LEU A 584 5.45 24.65 21.32
CA LEU A 584 6.79 24.35 20.84
C LEU A 584 6.76 24.32 19.32
N TYR A 585 7.44 25.26 18.72
CA TYR A 585 7.57 25.29 17.28
C TYR A 585 8.82 24.50 16.95
N GLN A 586 8.64 23.32 16.37
CA GLN A 586 9.76 22.40 16.23
C GLN A 586 10.69 22.86 15.13
N ASP A 587 11.98 22.96 15.47
CA ASP A 587 13.09 23.01 14.52
C ASP A 587 13.02 24.25 13.62
N VAL A 588 12.86 25.42 14.24
CA VAL A 588 12.90 26.68 13.54
C VAL A 588 13.78 27.64 14.33
N ASN A 589 14.31 28.64 13.64
CA ASN A 589 15.03 29.69 14.32
C ASN A 589 14.01 30.55 15.05
N CYS A 590 14.41 31.10 16.19
CA CYS A 590 13.43 31.89 16.90
C CYS A 590 13.35 33.33 16.41
N THR A 591 14.23 33.75 15.52
CA THR A 591 14.24 35.14 15.12
C THR A 591 13.08 35.47 14.18
N ASP A 592 12.81 34.60 13.22
CA ASP A 592 11.76 34.86 12.27
C ASP A 592 10.40 34.48 12.79
N VAL A 593 10.34 33.47 13.66
CA VAL A 593 9.06 33.03 14.15
C VAL A 593 8.50 34.04 15.15
N SER A 594 9.38 34.61 15.97
CA SER A 594 8.96 35.68 16.87
C SER A 594 8.47 36.88 16.10
N THR A 595 9.10 37.17 14.95
CA THR A 595 8.58 38.20 14.08
C THR A 595 7.25 37.79 13.47
N ALA A 596 7.15 36.56 12.99
CA ALA A 596 5.97 36.13 12.25
C ALA A 596 4.73 36.00 13.11
N ILE A 597 4.89 35.83 14.42
CA ILE A 597 3.74 35.90 15.30
C ILE A 597 3.24 37.33 15.41
N HIS A 598 4.15 38.27 15.69
CA HIS A 598 3.73 39.65 15.83
C HIS A 598 3.38 40.27 14.49
N ALA A 599 4.01 39.81 13.41
CA ALA A 599 3.66 40.30 12.09
C ALA A 599 2.53 39.52 11.46
N ASP A 600 1.94 38.58 12.21
CA ASP A 600 0.73 37.83 11.84
C ASP A 600 0.93 37.07 10.53
N GLN A 601 1.91 36.18 10.52
CA GLN A 601 2.25 35.47 9.32
C GLN A 601 2.22 33.95 9.45
N LEU A 602 1.95 33.41 10.62
CA LEU A 602 1.80 31.97 10.65
C LEU A 602 0.46 31.56 10.08
N THR A 603 0.44 30.33 9.58
CA THR A 603 -0.79 29.62 9.33
C THR A 603 -0.66 28.29 10.05
N PRO A 604 -1.49 27.98 11.05
CA PRO A 604 -2.69 28.66 11.52
C PRO A 604 -2.40 29.84 12.40
N ALA A 605 -3.42 30.67 12.57
CA ALA A 605 -3.35 31.85 13.42
C ALA A 605 -4.32 31.66 14.58
N TRP A 606 -4.22 32.52 15.56
CA TRP A 606 -5.04 32.40 16.75
C TRP A 606 -5.81 33.68 17.02
N ARG A 607 -7.02 33.52 17.55
CA ARG A 607 -7.76 34.70 17.97
C ARG A 607 -7.19 35.26 19.26
N ILE A 608 -6.85 34.39 20.20
CA ILE A 608 -6.38 34.81 21.50
C ILE A 608 -5.02 34.18 21.70
N TYR A 609 -3.98 34.99 21.68
CA TYR A 609 -2.64 34.44 21.72
C TYR A 609 -1.67 35.54 22.13
N SER A 610 -0.64 35.15 22.87
CA SER A 610 0.44 36.08 23.18
C SER A 610 1.71 35.27 23.36
N THR A 611 2.83 35.89 22.98
CA THR A 611 4.12 35.24 23.15
C THR A 611 4.51 35.13 24.61
N GLY A 612 4.07 36.08 25.43
CA GLY A 612 4.48 36.06 26.81
C GLY A 612 5.94 36.41 27.06
N ASN A 613 6.63 36.93 26.03
CA ASN A 613 7.98 37.47 26.13
C ASN A 613 9.00 36.42 26.55
N ASN A 614 8.70 35.14 26.32
CA ASN A 614 9.50 34.05 26.88
C ASN A 614 9.79 33.08 25.74
N VAL A 615 10.87 33.35 25.01
CA VAL A 615 11.17 32.61 23.80
C VAL A 615 12.57 32.03 23.91
N PHE A 616 12.70 30.72 23.74
CA PHE A 616 13.95 30.03 23.97
C PHE A 616 14.22 29.09 22.81
N GLN A 617 15.39 29.23 22.22
CA GLN A 617 15.78 28.42 21.09
C GLN A 617 16.64 27.27 21.58
N THR A 618 16.21 26.04 21.33
CA THR A 618 17.01 24.87 21.64
C THR A 618 17.23 24.11 20.35
N GLN A 619 17.80 22.90 20.46
CA GLN A 619 17.76 21.99 19.32
C GLN A 619 16.34 21.53 19.01
N ALA A 620 15.44 21.58 19.98
CA ALA A 620 14.06 21.23 19.68
C ALA A 620 13.40 22.31 18.83
N GLY A 621 13.68 23.56 19.12
CA GLY A 621 13.05 24.63 18.40
C GLY A 621 12.73 25.78 19.31
N CYS A 622 11.62 26.45 19.07
CA CYS A 622 11.27 27.66 19.79
C CYS A 622 10.23 27.32 20.84
N LEU A 623 10.67 27.12 22.06
CA LEU A 623 9.73 27.02 23.17
C LEU A 623 9.23 28.40 23.51
N ILE A 624 7.91 28.59 23.45
CA ILE A 624 7.30 29.90 23.66
C ILE A 624 6.18 29.77 24.67
N GLY A 625 6.27 30.54 25.75
CA GLY A 625 5.21 30.62 26.74
C GLY A 625 5.64 30.19 28.12
N ALA A 626 6.56 29.24 28.22
CA ALA A 626 7.05 28.83 29.52
C ALA A 626 8.31 29.60 29.88
N GLU A 627 8.66 29.56 31.15
CA GLU A 627 9.73 30.39 31.69
C GLU A 627 10.90 29.53 32.14
N HIS A 628 12.10 30.02 31.90
CA HIS A 628 13.30 29.23 32.15
C HIS A 628 13.73 29.39 33.60
N VAL A 629 13.82 28.27 34.29
CA VAL A 629 14.50 28.19 35.57
C VAL A 629 15.68 27.27 35.38
N ASP A 630 16.88 27.79 35.59
CA ASP A 630 18.09 27.02 35.29
C ASP A 630 18.58 26.24 36.50
N THR A 631 17.72 25.33 36.95
CA THR A 631 18.07 24.31 37.95
C THR A 631 18.09 22.97 37.24
N SER A 632 18.24 21.90 38.03
CA SER A 632 18.18 20.55 37.50
C SER A 632 17.13 19.78 38.29
N TYR A 633 16.02 19.47 37.65
CA TYR A 633 15.01 18.61 38.24
C TYR A 633 14.90 17.36 37.38
N GLU A 634 14.07 16.43 37.83
CA GLU A 634 13.85 15.21 37.07
C GLU A 634 12.85 15.49 35.94
N CYS A 635 12.84 14.61 34.95
CA CYS A 635 12.07 14.89 33.74
C CYS A 635 10.60 14.55 33.96
N ASP A 636 9.74 15.51 33.62
CA ASP A 636 8.30 15.39 33.75
C ASP A 636 7.62 15.37 32.38
N ILE A 637 7.84 16.41 31.58
CA ILE A 637 7.33 16.49 30.22
C ILE A 637 8.51 16.70 29.29
N PRO A 638 8.94 15.66 28.58
CA PRO A 638 10.19 15.75 27.83
C PRO A 638 10.06 16.60 26.60
N ILE A 639 11.15 17.23 26.22
CA ILE A 639 11.14 18.11 25.06
C ILE A 639 12.14 17.65 24.03
N GLY A 640 13.41 17.65 24.38
CA GLY A 640 14.45 17.25 23.47
C GLY A 640 15.73 17.94 23.85
N ALA A 641 16.85 17.26 23.54
CA ALA A 641 18.21 17.75 23.74
C ALA A 641 18.49 18.09 25.20
N GLY A 642 17.92 17.33 26.10
CA GLY A 642 18.21 17.48 27.50
C GLY A 642 17.36 18.49 28.24
N ILE A 643 16.32 19.01 27.61
CA ILE A 643 15.45 19.99 28.25
C ILE A 643 14.12 19.29 28.49
N CYS A 644 13.52 19.56 29.63
CA CYS A 644 12.32 18.86 30.03
C CYS A 644 11.52 19.81 30.92
N ALA A 645 10.21 19.83 30.71
CA ALA A 645 9.39 20.84 31.33
C ALA A 645 8.51 20.24 32.41
N SER A 646 8.00 21.12 33.28
CA SER A 646 7.06 20.74 34.32
C SER A 646 6.30 21.98 34.80
N TYR A 647 5.39 21.74 35.74
CA TYR A 647 4.42 22.72 36.21
C TYR A 647 4.62 22.97 37.70
N HIS A 648 5.44 23.96 38.03
CA HIS A 648 5.87 24.18 39.40
C HIS A 648 5.47 25.56 39.87
N THR A 649 5.41 25.71 41.18
CA THR A 649 5.07 26.98 41.79
C THR A 649 6.28 27.89 41.85
N VAL A 650 6.13 29.10 41.32
CA VAL A 650 7.17 30.11 41.38
C VAL A 650 6.72 31.25 42.27
N LYS A 659 3.50 29.03 39.65
CA LYS A 659 2.41 28.12 39.40
C LYS A 659 2.21 28.00 37.92
N SER A 660 3.29 27.84 37.18
CA SER A 660 3.22 27.86 35.73
C SER A 660 4.09 26.76 35.17
N ILE A 661 4.08 26.64 33.84
CA ILE A 661 4.97 25.70 33.18
C ILE A 661 6.35 26.30 33.14
N VAL A 662 7.33 25.53 33.57
CA VAL A 662 8.70 25.97 33.62
C VAL A 662 9.57 25.05 32.78
N ALA A 663 10.75 25.53 32.43
CA ALA A 663 11.73 24.74 31.71
C ALA A 663 13.01 24.66 32.50
N TYR A 664 13.74 23.56 32.31
CA TYR A 664 14.97 23.30 33.04
C TYR A 664 15.75 22.22 32.31
N THR A 665 16.93 21.91 32.83
CA THR A 665 17.72 20.80 32.34
C THR A 665 17.50 19.60 33.24
N MET A 666 17.51 18.41 32.67
CA MET A 666 17.18 17.21 33.42
C MET A 666 18.23 16.90 34.48
N SER A 667 17.77 16.41 35.61
CA SER A 667 18.68 15.84 36.60
C SER A 667 19.07 14.44 36.18
N LEU A 668 20.34 14.12 36.37
CA LEU A 668 20.84 12.79 36.11
C LEU A 668 20.75 11.90 37.33
N GLY A 669 19.94 12.26 38.31
CA GLY A 669 19.90 11.59 39.59
C GLY A 669 20.57 12.44 40.66
N ALA A 670 20.68 11.85 41.84
CA ALA A 670 21.32 12.55 42.94
C ALA A 670 22.82 12.35 42.90
N ASP A 671 23.54 13.37 43.36
CA ASP A 671 24.99 13.30 43.43
C ASP A 671 25.39 12.61 44.71
N SER A 672 26.21 11.56 44.60
CA SER A 672 26.78 10.92 45.77
C SER A 672 28.10 10.27 45.38
N SER A 673 28.74 9.66 46.37
CA SER A 673 29.97 8.93 46.14
C SER A 673 30.07 7.84 47.20
N ILE A 674 31.10 7.02 47.07
CA ILE A 674 31.35 5.91 47.97
C ILE A 674 32.73 6.10 48.57
N ALA A 675 32.80 5.98 49.89
CA ALA A 675 34.07 6.01 50.60
C ALA A 675 34.95 4.86 50.11
N TYR A 676 36.25 5.12 50.03
CA TYR A 676 37.15 4.14 49.46
C TYR A 676 38.34 3.93 50.37
N SER A 677 38.58 2.68 50.72
CA SER A 677 39.80 2.25 51.40
C SER A 677 40.00 0.79 51.10
N ASN A 678 41.26 0.36 51.16
CA ASN A 678 41.58 -1.03 50.87
C ASN A 678 41.42 -1.96 52.07
N ASN A 679 40.74 -1.51 53.13
CA ASN A 679 40.59 -2.33 54.32
C ASN A 679 39.19 -2.32 54.92
N THR A 680 38.29 -1.46 54.44
CA THR A 680 37.02 -1.17 55.09
C THR A 680 35.85 -1.70 54.27
N ILE A 681 34.99 -2.49 54.89
CA ILE A 681 33.86 -3.12 54.23
C ILE A 681 32.59 -2.63 54.93
N ALA A 682 31.46 -2.77 54.25
CA ALA A 682 30.15 -2.51 54.82
C ALA A 682 29.30 -3.76 54.69
N ILE A 683 28.71 -4.21 55.78
CA ILE A 683 27.84 -5.38 55.74
C ILE A 683 26.50 -5.04 56.37
N PRO A 684 25.40 -5.33 55.69
CA PRO A 684 24.08 -5.07 56.26
C PRO A 684 23.75 -5.99 57.42
N THR A 685 22.85 -5.50 58.27
CA THR A 685 22.32 -6.22 59.42
C THR A 685 20.91 -6.74 59.18
N ASN A 686 20.01 -5.84 58.88
CA ASN A 686 18.59 -6.07 58.94
C ASN A 686 18.05 -6.03 57.51
N PHE A 687 16.74 -6.19 57.35
CA PHE A 687 16.19 -6.39 56.02
C PHE A 687 14.69 -6.13 56.06
N SER A 688 14.09 -6.00 54.87
CA SER A 688 12.68 -5.64 54.77
C SER A 688 12.15 -6.12 53.42
N ILE A 689 11.33 -7.17 53.45
CA ILE A 689 10.72 -7.69 52.24
C ILE A 689 9.63 -6.75 51.75
N SER A 690 9.70 -6.38 50.46
CA SER A 690 8.63 -5.63 49.81
C SER A 690 8.31 -6.32 48.49
N ILE A 691 7.18 -5.94 47.91
CA ILE A 691 6.64 -6.65 46.75
C ILE A 691 6.45 -5.69 45.59
N THR A 692 7.01 -6.07 44.43
CA THR A 692 6.99 -5.25 43.23
C THR A 692 6.09 -5.88 42.19
N THR A 693 5.29 -5.05 41.53
CA THR A 693 4.32 -5.46 40.53
C THR A 693 4.96 -5.41 39.16
N GLU A 694 4.58 -6.33 38.28
CA GLU A 694 5.11 -6.34 36.93
C GLU A 694 4.00 -6.67 35.94
N VAL A 695 3.93 -5.90 34.86
CA VAL A 695 2.77 -5.84 33.99
C VAL A 695 3.21 -6.14 32.57
N MET A 696 2.56 -7.11 31.92
CA MET A 696 2.89 -7.32 30.52
C MET A 696 1.75 -7.92 29.70
N PRO A 697 1.59 -7.51 28.45
CA PRO A 697 0.48 -8.01 27.62
C PRO A 697 0.84 -9.28 26.90
N VAL A 698 -0.18 -10.10 26.67
CA VAL A 698 0.04 -11.42 26.10
C VAL A 698 -0.78 -11.66 24.85
N SER A 699 -1.81 -10.86 24.62
CA SER A 699 -2.63 -11.08 23.45
C SER A 699 -3.26 -9.75 23.05
N MET A 700 -3.76 -9.71 21.82
CA MET A 700 -4.46 -8.53 21.33
C MET A 700 -5.79 -9.00 20.77
N ALA A 701 -6.67 -8.04 20.53
CA ALA A 701 -8.02 -8.38 20.09
C ALA A 701 -8.00 -8.85 18.65
N LYS A 702 -8.41 -10.10 18.44
CA LYS A 702 -8.40 -10.66 17.10
C LYS A 702 -9.63 -10.24 16.32
N THR A 703 -9.43 -9.89 15.07
CA THR A 703 -10.48 -9.29 14.26
C THR A 703 -10.72 -10.12 13.01
N SER A 704 -11.66 -9.65 12.20
CA SER A 704 -11.91 -10.21 10.89
C SER A 704 -12.66 -9.16 10.08
N VAL A 705 -12.56 -9.26 8.76
CA VAL A 705 -13.23 -8.34 7.86
C VAL A 705 -13.85 -9.11 6.69
N ASP A 706 -15.15 -8.93 6.49
CA ASP A 706 -15.74 -9.24 5.19
C ASP A 706 -15.47 -8.10 4.23
N CYS A 707 -15.00 -8.44 3.03
CA CYS A 707 -14.58 -7.38 2.13
C CYS A 707 -15.77 -6.73 1.43
N ASN A 708 -16.73 -7.52 0.98
CA ASN A 708 -17.87 -6.98 0.23
C ASN A 708 -18.70 -6.03 1.07
N MET A 709 -18.91 -6.34 2.33
CA MET A 709 -19.58 -5.40 3.20
C MET A 709 -18.67 -4.27 3.66
N TYR A 710 -17.38 -4.30 3.33
CA TYR A 710 -16.56 -3.14 3.57
C TYR A 710 -16.30 -2.35 2.31
N ILE A 711 -15.90 -3.03 1.24
CA ILE A 711 -15.47 -2.35 0.02
C ILE A 711 -16.59 -1.51 -0.55
N CYS A 712 -17.79 -2.05 -0.61
CA CYS A 712 -18.84 -1.20 -1.16
C CYS A 712 -20.06 -1.03 -0.26
N GLY A 713 -20.55 -2.10 0.32
CA GLY A 713 -21.81 -2.04 1.06
C GLY A 713 -22.85 -2.89 0.38
N ASP A 714 -22.36 -3.93 -0.31
CA ASP A 714 -23.18 -4.93 -1.01
C ASP A 714 -24.06 -4.28 -2.08
N SER A 715 -23.41 -3.71 -3.08
CA SER A 715 -24.10 -3.25 -4.27
C SER A 715 -23.73 -4.16 -5.44
N THR A 716 -24.62 -4.23 -6.42
CA THR A 716 -24.34 -5.01 -7.61
C THR A 716 -23.23 -4.35 -8.43
N GLU A 717 -23.28 -3.03 -8.54
CA GLU A 717 -22.27 -2.26 -9.25
C GLU A 717 -20.90 -2.43 -8.63
N CYS A 718 -20.85 -2.65 -7.33
CA CYS A 718 -19.63 -3.06 -6.66
C CYS A 718 -19.13 -4.41 -7.16
N ALA A 719 -19.97 -5.43 -7.03
CA ALA A 719 -19.54 -6.80 -7.26
C ALA A 719 -19.25 -7.07 -8.73
N ASN A 720 -19.72 -6.20 -9.63
CA ASN A 720 -19.38 -6.32 -11.04
C ASN A 720 -17.88 -6.14 -11.25
N LEU A 721 -17.36 -4.97 -10.91
CA LEU A 721 -15.96 -4.69 -11.17
C LEU A 721 -15.03 -5.42 -10.24
N LEU A 722 -15.55 -5.88 -9.10
CA LEU A 722 -14.68 -6.38 -8.05
C LEU A 722 -14.13 -7.76 -8.39
N LEU A 723 -14.81 -8.47 -9.28
CA LEU A 723 -14.37 -9.80 -9.63
C LEU A 723 -13.38 -9.82 -10.79
N GLN A 724 -13.07 -8.66 -11.36
CA GLN A 724 -12.02 -8.58 -12.37
C GLN A 724 -10.65 -8.38 -11.76
N TYR A 725 -10.58 -8.23 -10.44
CA TYR A 725 -9.33 -8.30 -9.73
C TYR A 725 -8.95 -9.71 -9.37
N GLY A 726 -9.82 -10.66 -9.71
CA GLY A 726 -9.63 -12.02 -9.27
C GLY A 726 -9.82 -12.11 -7.76
N SER A 727 -8.96 -12.92 -7.14
CA SER A 727 -9.01 -13.17 -5.71
C SER A 727 -8.10 -12.17 -5.00
N PHE A 728 -8.70 -11.24 -4.28
CA PHE A 728 -7.92 -10.42 -3.39
C PHE A 728 -8.47 -10.43 -1.98
N CYS A 729 -9.73 -10.77 -1.80
CA CYS A 729 -10.27 -10.88 -0.45
C CYS A 729 -9.70 -12.09 0.28
N THR A 730 -9.32 -13.13 -0.46
CA THR A 730 -8.83 -14.35 0.17
C THR A 730 -7.47 -14.15 0.81
N GLN A 731 -6.61 -13.37 0.17
CA GLN A 731 -5.33 -13.01 0.78
C GLN A 731 -5.53 -12.20 2.04
N LEU A 732 -6.61 -11.41 2.08
CA LEU A 732 -6.89 -10.69 3.31
C LEU A 732 -7.58 -11.58 4.32
N ASN A 733 -8.24 -12.65 3.85
CA ASN A 733 -8.84 -13.57 4.79
C ASN A 733 -7.80 -14.43 5.47
N ARG A 734 -6.71 -14.72 4.77
CA ARG A 734 -5.73 -15.62 5.36
C ARG A 734 -4.84 -14.90 6.36
N ALA A 735 -4.54 -13.63 6.12
CA ALA A 735 -3.67 -12.92 7.04
C ALA A 735 -4.39 -12.61 8.33
N LEU A 736 -5.66 -12.20 8.25
CA LEU A 736 -6.38 -11.89 9.46
C LEU A 736 -6.75 -13.15 10.23
N SER A 737 -6.74 -14.31 9.57
CA SER A 737 -6.91 -15.55 10.31
C SER A 737 -5.63 -15.91 11.04
N GLY A 738 -4.48 -15.73 10.40
CA GLY A 738 -3.22 -16.11 11.03
C GLY A 738 -2.90 -15.25 12.23
N ILE A 739 -3.29 -13.99 12.19
CA ILE A 739 -3.26 -13.16 13.39
C ILE A 739 -4.23 -13.70 14.42
N ALA A 740 -5.39 -14.17 13.98
CA ALA A 740 -6.39 -14.62 14.93
C ALA A 740 -6.02 -15.96 15.54
N ALA A 741 -5.13 -16.71 14.92
CA ALA A 741 -4.73 -17.95 15.57
C ALA A 741 -3.70 -17.71 16.65
N GLU A 742 -2.90 -16.65 16.52
CA GLU A 742 -1.81 -16.43 17.46
C GLU A 742 -2.33 -16.06 18.83
N GLN A 743 -3.43 -15.32 18.87
CA GLN A 743 -3.89 -14.75 20.13
C GLN A 743 -4.35 -15.83 21.10
N ASP A 744 -4.95 -16.88 20.58
CA ASP A 744 -5.21 -18.03 21.43
C ASP A 744 -3.92 -18.76 21.75
N ARG A 745 -3.06 -18.94 20.74
CA ARG A 745 -1.81 -19.67 20.92
C ARG A 745 -0.88 -18.95 21.88
N ASN A 746 -0.95 -17.63 21.92
CA ASN A 746 -0.17 -16.90 22.91
C ASN A 746 -0.69 -17.14 24.31
N THR A 747 -2.00 -17.03 24.50
CA THR A 747 -2.52 -17.13 25.85
C THR A 747 -2.55 -18.58 26.31
N ARG A 748 -2.49 -19.52 25.38
CA ARG A 748 -2.50 -20.93 25.76
C ARG A 748 -1.16 -21.35 26.32
N GLU A 749 -0.09 -20.99 25.64
CA GLU A 749 1.26 -21.30 26.09
C GLU A 749 1.63 -20.61 27.40
N VAL A 750 1.24 -19.35 27.55
CA VAL A 750 1.58 -18.58 28.73
C VAL A 750 0.95 -19.19 29.98
N PHE A 751 -0.34 -19.42 29.94
CA PHE A 751 -1.01 -19.88 31.14
C PHE A 751 -0.92 -21.38 31.33
N ALA A 752 -1.35 -22.16 30.35
CA ALA A 752 -1.48 -23.61 30.53
C ALA A 752 -0.12 -24.29 30.53
N GLN A 753 0.66 -23.99 31.56
CA GLN A 753 1.86 -24.73 31.89
C GLN A 753 1.64 -25.67 33.06
N VAL A 754 0.53 -25.54 33.75
CA VAL A 754 0.16 -26.43 34.83
C VAL A 754 -0.84 -27.42 34.29
N LYS A 755 -0.50 -28.69 34.30
CA LYS A 755 -1.42 -29.68 33.76
C LYS A 755 -2.25 -30.37 34.84
N GLN A 756 -2.14 -29.95 36.09
CA GLN A 756 -2.92 -30.51 37.18
C GLN A 756 -3.62 -29.36 37.88
N MET A 757 -4.93 -29.28 37.71
CA MET A 757 -5.67 -28.21 38.36
C MET A 757 -5.88 -28.59 39.82
N TYR A 758 -5.49 -27.71 40.74
CA TYR A 758 -5.51 -28.04 42.15
C TYR A 758 -6.69 -27.37 42.83
N LYS A 759 -7.25 -28.07 43.79
CA LYS A 759 -8.27 -27.48 44.63
C LYS A 759 -7.62 -26.46 45.55
N THR A 760 -8.19 -25.27 45.57
CA THR A 760 -7.68 -24.22 46.43
C THR A 760 -7.88 -24.60 47.88
N PRO A 761 -6.84 -24.53 48.72
CA PRO A 761 -6.94 -25.09 50.07
C PRO A 761 -7.88 -24.30 50.96
N THR A 762 -8.43 -25.01 51.95
CA THR A 762 -9.46 -24.45 52.82
C THR A 762 -8.88 -23.39 53.74
N LEU A 763 -7.82 -23.72 54.47
CA LEU A 763 -7.11 -22.70 55.19
C LEU A 763 -6.34 -21.86 54.18
N LYS A 764 -6.45 -20.56 54.30
CA LYS A 764 -5.76 -19.62 53.43
C LYS A 764 -4.80 -18.74 54.22
N TYR A 765 -4.29 -19.26 55.33
CA TYR A 765 -3.47 -18.48 56.25
C TYR A 765 -2.39 -19.41 56.78
N PHE A 766 -1.22 -19.38 56.14
CA PHE A 766 -0.20 -20.40 56.32
C PHE A 766 1.03 -19.77 56.96
N GLY A 767 1.39 -20.26 58.14
CA GLY A 767 2.58 -19.78 58.82
C GLY A 767 2.53 -18.32 59.22
N GLY A 768 1.33 -17.75 59.36
CA GLY A 768 1.20 -16.34 59.56
C GLY A 768 1.14 -15.52 58.29
N PHE A 769 1.21 -16.15 57.13
CA PHE A 769 1.15 -15.42 55.88
C PHE A 769 -0.26 -15.55 55.34
N ASN A 770 -0.74 -14.51 54.71
CA ASN A 770 -2.17 -14.37 54.45
C ASN A 770 -2.39 -14.28 52.94
N PHE A 771 -2.62 -15.42 52.31
CA PHE A 771 -2.84 -15.47 50.87
C PHE A 771 -4.27 -15.19 50.46
N SER A 772 -5.11 -14.71 51.38
CA SER A 772 -6.54 -14.64 51.10
C SER A 772 -6.90 -13.63 50.03
N GLN A 773 -6.10 -12.59 49.87
CA GLN A 773 -6.38 -11.63 48.82
C GLN A 773 -5.78 -12.03 47.47
N ILE A 774 -5.16 -13.18 47.36
CA ILE A 774 -4.53 -13.60 46.12
C ILE A 774 -5.18 -14.87 45.56
N LEU A 775 -5.55 -15.79 46.43
CA LEU A 775 -6.36 -16.93 46.03
C LEU A 775 -7.78 -16.46 45.69
N PRO A 776 -8.58 -17.29 45.01
CA PRO A 776 -9.99 -16.92 44.83
C PRO A 776 -10.76 -17.05 46.13
N ASP A 777 -11.55 -16.05 46.42
CA ASP A 777 -12.29 -16.04 47.66
C ASP A 777 -13.55 -16.90 47.52
N PRO A 778 -13.86 -17.75 48.51
CA PRO A 778 -14.95 -18.71 48.35
C PRO A 778 -16.33 -18.13 48.57
N LEU A 779 -16.43 -16.89 49.04
CA LEU A 779 -17.73 -16.33 49.35
C LEU A 779 -18.48 -16.00 48.06
N LYS A 780 -17.96 -15.08 47.29
CA LYS A 780 -18.62 -14.58 46.10
C LYS A 780 -18.44 -15.55 44.93
N PRO A 781 -19.43 -15.63 44.03
CA PRO A 781 -19.34 -16.52 42.86
C PRO A 781 -18.58 -15.92 41.68
N THR A 782 -17.46 -15.28 41.96
CA THR A 782 -16.67 -14.64 40.92
C THR A 782 -15.46 -15.44 40.52
N LYS A 783 -14.95 -16.30 41.43
CA LYS A 783 -13.80 -17.17 41.20
C LYS A 783 -12.57 -16.37 40.79
N ARG A 784 -12.42 -15.20 41.41
CA ARG A 784 -11.30 -14.32 41.19
C ARG A 784 -10.76 -13.93 42.54
N SER A 785 -9.53 -13.45 42.57
CA SER A 785 -9.04 -12.85 43.79
C SER A 785 -9.70 -11.51 44.01
N PHE A 786 -9.47 -10.94 45.18
CA PHE A 786 -9.86 -9.57 45.34
C PHE A 786 -8.94 -8.65 44.54
N ILE A 787 -7.68 -9.05 44.37
CA ILE A 787 -6.74 -8.20 43.66
C ILE A 787 -6.99 -8.22 42.16
N GLU A 788 -7.35 -9.39 41.61
CA GLU A 788 -7.75 -9.47 40.20
C GLU A 788 -8.99 -8.64 39.92
N ASP A 789 -9.88 -8.53 40.89
CA ASP A 789 -11.03 -7.66 40.76
C ASP A 789 -10.61 -6.21 40.75
N LEU A 790 -9.53 -5.89 41.46
CA LEU A 790 -9.02 -4.53 41.36
C LEU A 790 -8.35 -4.31 40.01
N LEU A 791 -7.91 -5.37 39.35
CA LEU A 791 -7.23 -5.21 38.07
C LEU A 791 -8.19 -5.04 36.92
N PHE A 792 -9.37 -5.66 37.00
CA PHE A 792 -10.35 -5.43 35.94
C PHE A 792 -10.97 -4.06 36.01
N ASN A 793 -11.11 -3.49 37.19
CA ASN A 793 -11.88 -2.28 37.32
C ASN A 793 -11.11 -1.03 36.94
N LYS A 794 -9.86 -1.15 36.54
CA LYS A 794 -9.05 0.02 36.25
C LYS A 794 -8.64 0.12 34.79
N VAL A 795 -9.01 -0.85 33.97
CA VAL A 795 -8.69 -0.80 32.55
C VAL A 795 -9.91 -1.11 31.72
N THR A 796 -10.99 -1.50 32.36
CA THR A 796 -12.22 -1.79 31.63
C THR A 796 -12.88 -0.49 31.21
N GLN A 805 -18.83 1.47 15.83
CA GLN A 805 -17.68 0.76 16.38
C GLN A 805 -17.33 -0.45 15.52
N TYR A 806 -17.88 -1.60 15.89
CA TYR A 806 -17.54 -2.89 15.31
C TYR A 806 -18.54 -3.90 15.83
N GLY A 807 -18.82 -4.93 15.02
CA GLY A 807 -19.78 -5.93 15.43
C GLY A 807 -19.17 -6.89 16.43
N GLU A 808 -19.94 -7.20 17.47
CA GLU A 808 -19.50 -8.13 18.51
C GLU A 808 -20.75 -8.62 19.23
N CYS A 809 -20.75 -9.90 19.58
CA CYS A 809 -21.87 -10.48 20.33
C CYS A 809 -21.46 -10.72 21.77
N LEU A 810 -22.34 -10.33 22.70
CA LEU A 810 -22.05 -10.46 24.13
C LEU A 810 -22.72 -11.69 24.73
N LEU A 818 -27.28 -14.00 25.15
CA LEU A 818 -26.06 -13.73 24.41
C LEU A 818 -26.36 -12.72 23.32
N ILE A 819 -26.38 -11.45 23.72
CA ILE A 819 -26.95 -10.38 22.91
C ILE A 819 -26.03 -10.08 21.73
N CYS A 820 -26.49 -10.40 20.53
CA CYS A 820 -25.71 -10.19 19.32
C CYS A 820 -26.16 -8.95 18.59
N ALA A 821 -25.22 -8.26 17.96
CA ALA A 821 -25.50 -7.10 17.14
C ALA A 821 -24.45 -7.05 16.05
N GLN A 822 -24.68 -6.19 15.05
CA GLN A 822 -23.83 -6.23 13.87
C GLN A 822 -23.89 -4.89 13.15
N LYS A 823 -22.77 -4.49 12.56
CA LYS A 823 -22.59 -3.14 12.02
C LYS A 823 -22.55 -3.18 10.49
N PHE A 824 -22.72 -2.00 9.89
CA PHE A 824 -22.91 -1.94 8.45
C PHE A 824 -21.62 -2.21 7.70
N ASN A 825 -20.54 -1.53 8.10
CA ASN A 825 -19.22 -1.89 7.65
C ASN A 825 -18.91 -3.32 8.06
N GLY A 826 -18.04 -3.97 7.30
CA GLY A 826 -17.83 -5.40 7.48
C GLY A 826 -16.95 -5.78 8.65
N LEU A 827 -16.74 -4.87 9.57
CA LEU A 827 -15.80 -5.06 10.66
C LEU A 827 -16.41 -5.93 11.74
N THR A 828 -15.62 -6.87 12.26
CA THR A 828 -16.07 -7.71 13.36
C THR A 828 -14.88 -8.12 14.21
N VAL A 829 -15.17 -8.42 15.47
CA VAL A 829 -14.18 -8.79 16.46
C VAL A 829 -14.62 -10.10 17.10
N LEU A 830 -13.83 -11.02 17.05
CA LEU A 830 -14.23 -12.35 17.46
C LEU A 830 -13.86 -12.61 18.91
N PRO A 831 -14.56 -13.50 19.60
CA PRO A 831 -14.19 -13.84 20.98
C PRO A 831 -13.11 -14.90 21.00
N PRO A 832 -12.28 -14.95 22.05
CA PRO A 832 -11.18 -15.91 22.10
C PRO A 832 -11.67 -17.31 22.42
N LEU A 833 -10.73 -18.25 22.33
CA LEU A 833 -11.01 -19.62 22.72
C LEU A 833 -11.10 -19.74 24.23
N LEU A 834 -10.25 -19.02 24.92
CA LEU A 834 -10.10 -19.16 26.36
C LEU A 834 -10.87 -18.03 27.02
N THR A 835 -11.89 -18.36 27.80
CA THR A 835 -12.70 -17.31 28.39
C THR A 835 -11.98 -16.69 29.58
N ASP A 836 -12.61 -15.69 30.18
CA ASP A 836 -12.01 -15.02 31.32
C ASP A 836 -12.07 -15.87 32.56
N ASP A 837 -13.02 -16.79 32.61
CA ASP A 837 -13.17 -17.63 33.77
C ASP A 837 -12.10 -18.70 33.81
N MET A 838 -11.74 -19.24 32.64
CA MET A 838 -10.79 -20.33 32.61
C MET A 838 -9.38 -19.84 32.91
N ILE A 839 -9.07 -18.60 32.55
CA ILE A 839 -7.78 -18.03 32.90
C ILE A 839 -7.66 -17.88 34.40
N ALA A 840 -8.72 -17.38 35.05
CA ALA A 840 -8.70 -17.23 36.49
C ALA A 840 -8.67 -18.57 37.19
N ALA A 841 -9.12 -19.63 36.54
CA ALA A 841 -8.92 -20.95 37.12
C ALA A 841 -7.47 -21.38 37.02
N TYR A 842 -6.79 -21.04 35.93
CA TYR A 842 -5.37 -21.37 35.81
C TYR A 842 -4.53 -20.57 36.78
N THR A 843 -4.86 -19.30 37.00
CA THR A 843 -4.16 -18.49 37.98
C THR A 843 -4.38 -19.02 39.39
N ALA A 844 -5.62 -19.41 39.69
CA ALA A 844 -5.94 -19.96 41.00
C ALA A 844 -5.24 -21.28 41.25
N ALA A 845 -5.21 -22.16 40.25
CA ALA A 845 -4.51 -23.44 40.41
C ALA A 845 -3.01 -23.29 40.30
N LEU A 846 -2.51 -22.09 40.05
CA LEU A 846 -1.07 -21.87 40.07
C LEU A 846 -0.63 -21.25 41.39
N VAL A 847 -1.42 -20.33 41.94
CA VAL A 847 -1.11 -19.80 43.26
C VAL A 847 -1.33 -20.85 44.33
N SER A 848 -2.39 -21.66 44.17
CA SER A 848 -2.66 -22.72 45.12
C SER A 848 -1.59 -23.79 45.09
N GLY A 849 -0.95 -23.97 43.95
CA GLY A 849 0.07 -25.01 43.85
C GLY A 849 1.33 -24.66 44.61
N THR A 850 1.82 -23.44 44.43
CA THR A 850 3.03 -23.04 45.13
C THR A 850 2.78 -22.52 46.53
N ALA A 851 1.53 -22.30 46.91
CA ALA A 851 1.25 -22.10 48.33
C ALA A 851 1.32 -23.40 49.10
N THR A 852 1.35 -24.53 48.41
CA THR A 852 1.40 -25.86 49.00
C THR A 852 2.69 -26.61 48.67
N ALA A 853 3.05 -26.68 47.39
CA ALA A 853 4.10 -27.59 46.97
C ALA A 853 5.45 -26.94 46.76
N GLY A 854 5.52 -25.63 46.72
CA GLY A 854 6.81 -24.96 46.71
C GLY A 854 7.51 -25.06 45.37
N TRP A 855 8.85 -25.08 45.44
CA TRP A 855 9.70 -25.14 44.26
C TRP A 855 9.58 -26.47 43.52
N THR A 856 9.06 -27.50 44.20
CA THR A 856 8.85 -28.79 43.56
C THR A 856 7.70 -28.79 42.57
N PHE A 857 7.02 -27.65 42.43
CA PHE A 857 5.78 -27.56 41.66
C PHE A 857 6.01 -27.89 40.20
N GLY A 858 7.12 -27.43 39.65
CA GLY A 858 7.42 -27.57 38.25
C GLY A 858 8.40 -28.65 37.90
N ALA A 859 8.89 -29.39 38.88
CA ALA A 859 9.77 -30.52 38.61
C ALA A 859 9.03 -31.74 38.05
N GLY A 860 7.70 -31.73 38.12
CA GLY A 860 6.87 -32.85 37.73
C GLY A 860 5.54 -32.75 38.44
N ALA A 861 5.14 -33.82 39.14
CA ALA A 861 4.01 -33.71 40.05
C ALA A 861 4.38 -32.79 41.20
N ALA A 862 3.41 -32.00 41.63
CA ALA A 862 3.68 -31.03 42.69
C ALA A 862 3.70 -31.74 44.04
N LEU A 863 4.79 -31.58 44.78
CA LEU A 863 5.07 -32.41 45.94
C LEU A 863 4.88 -31.62 47.22
N GLN A 864 4.12 -32.20 48.15
CA GLN A 864 3.72 -31.53 49.38
C GLN A 864 4.90 -31.29 50.30
N ILE A 865 4.89 -30.12 50.95
CA ILE A 865 5.97 -29.68 51.83
C ILE A 865 5.35 -28.63 52.72
N PRO A 866 5.82 -28.42 53.94
CA PRO A 866 5.37 -27.26 54.71
C PRO A 866 5.75 -25.97 54.04
N PHE A 867 5.02 -24.91 54.38
CA PHE A 867 5.28 -23.64 53.73
C PHE A 867 6.55 -23.01 54.25
N ALA A 868 6.74 -22.98 55.56
CA ALA A 868 7.93 -22.37 56.11
C ALA A 868 9.16 -23.20 55.80
N MET A 869 8.98 -24.48 55.51
CA MET A 869 10.07 -25.34 55.07
C MET A 869 10.67 -24.84 53.76
N GLN A 870 9.84 -24.66 52.74
CA GLN A 870 10.39 -24.27 51.46
C GLN A 870 10.76 -22.79 51.42
N MET A 871 10.15 -21.98 52.29
CA MET A 871 10.59 -20.61 52.41
C MET A 871 12.02 -20.53 52.91
N ALA A 872 12.41 -21.48 53.74
CA ALA A 872 13.81 -21.54 54.12
C ALA A 872 14.67 -21.99 52.97
N TYR A 873 14.14 -22.85 52.10
CA TYR A 873 14.94 -23.34 50.99
C TYR A 873 15.22 -22.24 49.99
N ARG A 874 14.29 -21.31 49.84
CA ARG A 874 14.57 -20.17 49.01
C ARG A 874 15.52 -19.20 49.70
N PHE A 875 15.64 -19.26 51.02
CA PHE A 875 16.65 -18.42 51.65
C PHE A 875 18.05 -18.95 51.45
N ASN A 876 18.22 -20.27 51.34
CA ASN A 876 19.52 -20.79 50.95
C ASN A 876 19.93 -20.30 49.57
N GLY A 877 18.96 -20.24 48.65
CA GLY A 877 19.24 -19.89 47.28
C GLY A 877 19.68 -18.46 47.09
N ILE A 878 19.42 -17.58 48.05
CA ILE A 878 19.91 -16.22 47.96
C ILE A 878 21.14 -16.01 48.83
N GLY A 879 21.73 -17.09 49.33
CA GLY A 879 22.94 -16.95 50.15
C GLY A 879 22.72 -16.30 51.49
N VAL A 880 21.63 -16.63 52.17
CA VAL A 880 21.33 -16.16 53.51
C VAL A 880 20.97 -17.39 54.33
N THR A 881 21.56 -17.52 55.52
CA THR A 881 21.23 -18.66 56.35
C THR A 881 19.78 -18.62 56.81
N GLN A 882 19.20 -19.81 56.95
CA GLN A 882 17.77 -19.91 57.20
C GLN A 882 17.44 -19.78 58.67
N ASN A 883 18.44 -19.48 59.50
CA ASN A 883 18.18 -19.02 60.84
C ASN A 883 17.35 -17.77 60.79
N VAL A 884 17.67 -16.90 59.84
CA VAL A 884 16.98 -15.64 59.61
C VAL A 884 15.51 -15.87 59.34
N LEU A 885 15.17 -16.96 58.65
CA LEU A 885 13.77 -17.28 58.45
C LEU A 885 13.13 -17.73 59.75
N TYR A 886 13.62 -18.84 60.30
CA TYR A 886 12.90 -19.52 61.37
C TYR A 886 12.83 -18.71 62.64
N GLU A 887 13.84 -17.90 62.91
CA GLU A 887 13.83 -17.11 64.13
C GLU A 887 12.99 -15.86 64.00
N ASN A 888 12.45 -15.57 62.83
CA ASN A 888 11.87 -14.26 62.63
C ASN A 888 10.56 -14.34 61.91
N GLN A 889 9.87 -15.48 62.01
CA GLN A 889 8.68 -15.71 61.21
C GLN A 889 7.53 -14.81 61.62
N LYS A 890 7.58 -14.23 62.81
CA LYS A 890 6.55 -13.30 63.23
C LYS A 890 6.62 -12.02 62.41
N GLN A 891 7.76 -11.34 62.41
CA GLN A 891 7.80 -10.05 61.75
C GLN A 891 8.01 -10.18 60.25
N ILE A 892 8.52 -11.31 59.79
CA ILE A 892 8.47 -11.59 58.36
C ILE A 892 7.03 -11.70 57.91
N ALA A 893 6.17 -12.34 58.72
CA ALA A 893 4.74 -12.34 58.45
C ALA A 893 4.14 -10.97 58.60
N ASN A 894 4.66 -10.16 59.52
CA ASN A 894 4.16 -8.81 59.64
C ASN A 894 4.53 -7.99 58.43
N GLN A 895 5.72 -8.23 57.86
CA GLN A 895 6.09 -7.50 56.66
C GLN A 895 5.40 -8.04 55.43
N PHE A 896 5.31 -9.37 55.30
CA PHE A 896 4.72 -10.00 54.11
C PHE A 896 3.24 -9.66 53.98
N ASN A 897 2.53 -9.59 55.10
CA ASN A 897 1.13 -9.24 55.05
C ASN A 897 0.92 -7.74 54.92
N LYS A 898 1.93 -6.95 55.28
CA LYS A 898 1.82 -5.51 55.15
C LYS A 898 1.93 -5.09 53.69
N ALA A 899 2.83 -5.73 52.95
CA ALA A 899 3.13 -5.30 51.59
C ALA A 899 1.96 -5.56 50.65
N ILE A 900 1.25 -6.67 50.85
CA ILE A 900 0.12 -7.00 49.99
C ILE A 900 -1.02 -6.03 50.23
N SER A 901 -1.17 -5.53 51.44
CA SER A 901 -2.17 -4.49 51.68
C SER A 901 -1.72 -3.17 51.09
N GLN A 902 -0.41 -2.97 51.01
CA GLN A 902 0.13 -1.74 50.45
C GLN A 902 -0.02 -1.68 48.93
N ILE A 903 0.14 -2.82 48.26
CA ILE A 903 -0.13 -2.88 46.83
C ILE A 903 -1.63 -2.73 46.56
N GLN A 904 -2.45 -3.24 47.48
CA GLN A 904 -3.90 -3.09 47.40
C GLN A 904 -4.30 -1.63 47.44
N GLU A 905 -3.62 -0.84 48.28
CA GLU A 905 -3.85 0.60 48.28
C GLU A 905 -3.46 1.22 46.96
N SER A 906 -2.37 0.73 46.36
CA SER A 906 -1.84 1.34 45.15
C SER A 906 -2.77 1.16 43.97
N LEU A 907 -3.27 -0.06 43.78
CA LEU A 907 -4.11 -0.32 42.63
C LEU A 907 -5.51 0.24 42.78
N THR A 908 -5.90 0.63 43.98
CA THR A 908 -7.16 1.33 44.18
C THR A 908 -7.01 2.83 44.08
N THR A 909 -5.98 3.39 44.72
CA THR A 909 -5.91 4.83 44.83
C THR A 909 -5.34 5.47 43.57
N THR A 910 -4.33 4.87 42.97
CA THR A 910 -3.77 5.47 41.76
C THR A 910 -3.96 4.53 40.57
N SER A 911 -3.37 4.92 39.44
CA SER A 911 -3.64 4.30 38.15
C SER A 911 -2.31 4.16 37.42
N THR A 912 -2.40 3.95 36.11
CA THR A 912 -1.33 3.95 35.12
C THR A 912 -0.32 2.82 35.30
N ALA A 913 -0.48 1.94 36.28
CA ALA A 913 0.40 0.79 36.36
C ALA A 913 0.13 -0.19 35.22
N LEU A 914 -1.08 -0.16 34.67
CA LEU A 914 -1.49 -1.09 33.63
C LEU A 914 -1.65 -0.38 32.30
N GLY A 915 -0.87 0.68 32.09
CA GLY A 915 -0.91 1.39 30.82
C GLY A 915 -0.44 0.53 29.67
N LYS A 916 0.47 -0.40 29.94
CA LYS A 916 0.85 -1.41 28.96
C LYS A 916 -0.27 -2.36 28.60
N LEU A 917 -1.37 -2.37 29.35
CA LEU A 917 -2.54 -3.10 28.91
C LEU A 917 -3.48 -2.21 28.13
N GLN A 918 -3.62 -0.95 28.54
CA GLN A 918 -4.45 -0.02 27.80
C GLN A 918 -3.87 0.27 26.44
N ASP A 919 -2.55 0.20 26.33
CA ASP A 919 -1.88 0.49 25.08
C ASP A 919 -2.28 -0.49 23.99
N VAL A 920 -2.51 -1.74 24.37
CA VAL A 920 -3.01 -2.75 23.45
C VAL A 920 -4.41 -2.38 23.00
N VAL A 921 -5.20 -1.79 23.90
CA VAL A 921 -6.55 -1.39 23.53
C VAL A 921 -6.51 -0.20 22.60
N ASN A 922 -5.66 0.78 22.90
CA ASN A 922 -5.68 2.03 22.14
C ASN A 922 -5.13 1.87 20.73
N GLN A 923 -4.35 0.83 20.47
CA GLN A 923 -3.94 0.59 19.09
C GLN A 923 -4.96 -0.24 18.32
N ASN A 924 -5.80 -1.00 19.01
CA ASN A 924 -6.92 -1.60 18.32
C ASN A 924 -7.97 -0.56 18.00
N ALA A 925 -8.10 0.44 18.85
CA ALA A 925 -9.08 1.49 18.63
C ALA A 925 -8.72 2.33 17.41
N GLN A 926 -7.46 2.76 17.33
CA GLN A 926 -7.07 3.70 16.30
C GLN A 926 -7.00 3.04 14.94
N ALA A 927 -6.59 1.78 14.87
CA ALA A 927 -6.52 1.12 13.58
C ALA A 927 -7.90 0.80 13.05
N LEU A 928 -8.84 0.55 13.92
CA LEU A 928 -10.20 0.33 13.44
C LEU A 928 -10.88 1.64 13.12
N ASN A 929 -10.58 2.71 13.86
CA ASN A 929 -11.21 3.99 13.57
C ASN A 929 -10.70 4.59 12.28
N THR A 930 -9.40 4.53 12.06
CA THR A 930 -8.83 5.07 10.84
C THR A 930 -9.25 4.25 9.62
N LEU A 931 -9.49 2.96 9.80
CA LEU A 931 -10.03 2.17 8.71
C LEU A 931 -11.44 2.59 8.35
N VAL A 932 -12.22 3.00 9.34
CA VAL A 932 -13.56 3.52 9.06
C VAL A 932 -13.47 4.84 8.32
N LYS A 933 -12.59 5.73 8.80
CA LYS A 933 -12.50 7.09 8.27
C LYS A 933 -12.08 7.15 6.82
N GLN A 934 -11.50 6.10 6.28
CA GLN A 934 -11.22 6.15 4.86
C GLN A 934 -12.37 5.65 4.02
N LEU A 935 -13.53 5.41 4.59
CA LEU A 935 -14.69 5.22 3.74
C LEU A 935 -15.11 6.53 3.10
N SER A 936 -15.12 7.60 3.87
CA SER A 936 -15.59 8.89 3.36
C SER A 936 -14.58 9.59 2.48
N SER A 937 -13.38 9.03 2.30
CA SER A 937 -12.49 9.54 1.27
C SER A 937 -12.96 9.09 -0.10
N ASN A 938 -12.76 9.96 -1.09
CA ASN A 938 -13.28 9.73 -2.42
C ASN A 938 -12.31 9.00 -3.32
N PHE A 939 -11.01 9.16 -3.08
CA PHE A 939 -9.93 8.67 -3.94
C PHE A 939 -10.07 9.17 -5.37
N GLY A 940 -10.55 10.39 -5.52
CA GLY A 940 -10.62 11.02 -6.81
C GLY A 940 -11.93 10.88 -7.55
N ALA A 941 -12.89 10.15 -6.99
CA ALA A 941 -14.19 10.06 -7.64
C ALA A 941 -15.02 11.29 -7.31
N ILE A 942 -16.25 11.34 -7.85
CA ILE A 942 -17.11 12.48 -7.56
C ILE A 942 -17.69 12.37 -6.15
N SER A 943 -17.71 11.16 -5.57
CA SER A 943 -18.30 11.01 -4.26
C SER A 943 -17.64 9.87 -3.50
N SER A 944 -17.89 9.87 -2.20
CA SER A 944 -17.63 8.71 -1.37
C SER A 944 -18.78 7.72 -1.39
N VAL A 945 -19.94 8.12 -1.88
CA VAL A 945 -21.09 7.24 -1.98
C VAL A 945 -21.02 6.55 -3.33
N LEU A 946 -21.16 5.23 -3.32
CA LEU A 946 -21.13 4.48 -4.56
C LEU A 946 -22.39 4.76 -5.38
N ASN A 947 -23.49 5.10 -4.72
CA ASN A 947 -24.74 5.34 -5.43
C ASN A 947 -24.79 6.72 -6.08
N ASP A 948 -24.12 7.71 -5.51
CA ASP A 948 -24.04 9.01 -6.17
C ASP A 948 -23.22 8.92 -7.44
N ILE A 949 -22.10 8.19 -7.39
CA ILE A 949 -21.29 7.95 -8.57
C ILE A 949 -22.09 7.14 -9.58
N LEU A 950 -22.90 6.20 -9.07
CA LEU A 950 -23.79 5.43 -9.91
C LEU A 950 -24.83 6.30 -10.59
N SER A 951 -25.47 7.19 -9.83
CA SER A 951 -26.66 7.85 -10.32
C SER A 951 -26.33 8.93 -11.34
N ARG A 952 -25.43 9.82 -11.01
CA ARG A 952 -25.27 11.06 -11.75
C ARG A 952 -24.27 10.97 -12.88
N LEU A 953 -23.72 9.79 -13.14
CA LEU A 953 -22.71 9.65 -14.18
C LEU A 953 -23.05 8.52 -15.14
N ASP A 954 -22.56 8.69 -16.35
CA ASP A 954 -22.71 7.68 -17.37
C ASP A 954 -21.75 6.53 -17.11
N PRO A 955 -22.11 5.31 -17.54
CA PRO A 955 -21.19 4.16 -17.44
C PRO A 955 -19.87 4.34 -18.20
N PRO A 956 -19.73 5.25 -19.17
CA PRO A 956 -18.37 5.66 -19.53
C PRO A 956 -17.52 6.22 -18.41
N GLU A 957 -18.12 6.89 -17.43
CA GLU A 957 -17.32 7.44 -16.35
C GLU A 957 -17.65 6.88 -14.97
N ALA A 958 -18.93 6.53 -14.73
CA ALA A 958 -19.32 5.92 -13.46
C ALA A 958 -18.60 4.61 -13.22
N GLU A 959 -18.35 3.85 -14.30
CA GLU A 959 -17.47 2.69 -14.21
C GLU A 959 -16.07 3.09 -13.77
N VAL A 960 -15.56 4.18 -14.34
CA VAL A 960 -14.19 4.59 -14.07
C VAL A 960 -14.04 5.10 -12.64
N GLN A 961 -15.02 5.85 -12.16
CA GLN A 961 -14.85 6.40 -10.82
C GLN A 961 -15.13 5.38 -9.72
N ILE A 962 -16.05 4.44 -9.90
CA ILE A 962 -16.16 3.41 -8.87
C ILE A 962 -15.01 2.43 -8.98
N ASP A 963 -14.33 2.37 -10.13
CA ASP A 963 -13.13 1.56 -10.19
C ASP A 963 -12.00 2.22 -9.41
N ARG A 964 -11.99 3.55 -9.37
CA ARG A 964 -11.11 4.25 -8.43
C ARG A 964 -11.54 4.00 -7.01
N LEU A 965 -12.84 3.88 -6.79
CA LEU A 965 -13.35 3.70 -5.43
C LEU A 965 -12.93 2.35 -4.88
N ILE A 966 -12.82 1.36 -5.76
CA ILE A 966 -12.42 0.02 -5.33
C ILE A 966 -10.96 0.00 -4.93
N THR A 967 -10.06 0.36 -5.85
CA THR A 967 -8.64 0.28 -5.58
C THR A 967 -8.19 1.31 -4.56
N GLY A 968 -8.95 2.39 -4.37
CA GLY A 968 -8.69 3.24 -3.22
C GLY A 968 -8.95 2.51 -1.92
N ARG A 969 -10.00 1.69 -1.89
CA ARG A 969 -10.36 1.00 -0.67
C ARG A 969 -9.69 -0.34 -0.52
N LEU A 970 -9.11 -0.91 -1.57
CA LEU A 970 -8.29 -2.08 -1.38
C LEU A 970 -7.02 -1.74 -0.65
N GLN A 971 -6.47 -0.55 -0.89
CA GLN A 971 -5.24 -0.18 -0.21
C GLN A 971 -5.49 0.28 1.21
N SER A 972 -6.71 0.69 1.54
CA SER A 972 -7.00 0.99 2.93
C SER A 972 -7.01 -0.27 3.77
N LEU A 973 -7.52 -1.37 3.22
CA LEU A 973 -7.43 -2.63 3.92
C LEU A 973 -6.02 -3.16 3.92
N GLN A 974 -5.33 -3.03 2.81
CA GLN A 974 -3.99 -3.59 2.69
C GLN A 974 -3.02 -2.84 3.58
N THR A 975 -3.31 -1.58 3.86
CA THR A 975 -2.66 -0.89 4.96
C THR A 975 -3.00 -1.57 6.27
N TYR A 976 -4.29 -1.81 6.51
CA TYR A 976 -4.77 -2.28 7.81
C TYR A 976 -4.29 -3.68 8.10
N VAL A 977 -4.12 -4.49 7.06
CA VAL A 977 -3.62 -5.84 7.26
C VAL A 977 -2.18 -5.80 7.74
N THR A 978 -1.39 -4.92 7.16
CA THR A 978 0.04 -4.91 7.42
C THR A 978 0.35 -4.42 8.82
N GLN A 979 -0.25 -3.30 9.22
CA GLN A 979 0.01 -2.82 10.57
C GLN A 979 -0.56 -3.75 11.63
N GLN A 980 -1.59 -4.50 11.31
CA GLN A 980 -1.95 -5.58 12.21
C GLN A 980 -0.96 -6.71 12.14
N LEU A 981 -0.26 -6.86 11.03
CA LEU A 981 0.66 -7.97 10.97
C LEU A 981 1.94 -7.66 11.70
N ILE A 982 2.31 -6.38 11.80
CA ILE A 982 3.53 -6.02 12.54
C ILE A 982 3.34 -6.23 14.03
N ARG A 983 2.38 -5.53 14.62
CA ARG A 983 2.33 -5.53 16.06
C ARG A 983 1.71 -6.79 16.62
N ALA A 984 1.26 -7.71 15.77
CA ALA A 984 1.12 -9.08 16.23
C ALA A 984 2.47 -9.62 16.66
N ALA A 985 3.53 -9.33 15.89
CA ALA A 985 4.84 -9.83 16.25
C ALA A 985 5.46 -9.05 17.39
N GLU A 986 5.00 -7.83 17.65
CA GLU A 986 5.48 -7.18 18.86
C GLU A 986 4.80 -7.72 20.10
N ILE A 987 3.58 -8.23 19.97
CA ILE A 987 2.95 -8.88 21.10
C ILE A 987 3.53 -10.26 21.32
N ARG A 988 3.84 -10.96 20.22
CA ARG A 988 4.44 -12.29 20.33
C ARG A 988 5.82 -12.22 20.95
N ALA A 989 6.50 -11.09 20.80
CA ALA A 989 7.72 -10.86 21.57
C ALA A 989 7.41 -10.69 23.04
N SER A 990 6.34 -9.97 23.37
CA SER A 990 6.00 -9.84 24.77
C SER A 990 5.32 -11.08 25.31
N ALA A 991 4.90 -11.99 24.43
CA ALA A 991 4.28 -13.22 24.89
C ALA A 991 5.32 -14.19 25.40
N ASN A 992 6.45 -14.29 24.70
CA ASN A 992 7.49 -15.19 25.18
C ASN A 992 8.29 -14.60 26.34
N LEU A 993 8.15 -13.31 26.63
CA LEU A 993 8.58 -12.84 27.94
C LEU A 993 7.75 -13.43 29.04
N ALA A 994 6.42 -13.32 28.91
CA ALA A 994 5.53 -13.81 29.93
C ALA A 994 5.54 -15.32 30.02
N ALA A 995 5.96 -16.02 28.97
CA ALA A 995 6.10 -17.46 29.08
C ALA A 995 7.34 -17.83 29.86
N THR A 996 8.41 -17.07 29.69
CA THR A 996 9.61 -17.35 30.45
C THR A 996 9.60 -16.68 31.80
N LYS A 997 8.91 -15.55 31.94
CA LYS A 997 8.79 -15.03 33.29
C LYS A 997 7.74 -15.76 34.10
N MET A 998 7.15 -16.82 33.59
CA MET A 998 6.31 -17.62 34.45
C MET A 998 6.96 -18.95 34.76
N SER A 999 7.70 -19.54 33.83
CA SER A 999 8.46 -20.73 34.16
C SER A 999 9.61 -20.39 35.08
N GLU A 1000 10.51 -19.55 34.61
CA GLU A 1000 11.76 -19.29 35.31
C GLU A 1000 11.59 -18.40 36.51
N CYS A 1001 10.39 -17.97 36.83
CA CYS A 1001 10.19 -17.15 38.01
C CYS A 1001 9.23 -17.80 38.99
N VAL A 1002 8.03 -18.12 38.55
CA VAL A 1002 7.00 -18.61 39.45
C VAL A 1002 7.25 -20.07 39.76
N LEU A 1003 7.72 -20.84 38.79
CA LEU A 1003 7.90 -22.26 39.00
C LEU A 1003 9.30 -22.62 39.46
N GLY A 1004 10.16 -21.63 39.68
CA GLY A 1004 11.53 -21.92 40.08
C GLY A 1004 12.13 -20.83 40.93
N GLN A 1005 13.39 -20.51 40.69
CA GLN A 1005 14.07 -19.46 41.44
C GLN A 1005 14.82 -18.58 40.46
N SER A 1006 14.62 -17.27 40.57
CA SER A 1006 15.30 -16.33 39.69
C SER A 1006 16.69 -16.03 40.21
N LYS A 1007 17.68 -16.12 39.31
CA LYS A 1007 19.05 -15.74 39.66
C LYS A 1007 19.51 -14.48 38.96
N ARG A 1008 18.80 -14.02 37.95
CA ARG A 1008 19.26 -12.89 37.18
C ARG A 1008 18.73 -11.59 37.76
N VAL A 1009 19.55 -10.59 37.72
CA VAL A 1009 19.30 -9.37 38.45
C VAL A 1009 18.28 -8.52 37.71
N ASP A 1010 17.28 -8.05 38.45
CA ASP A 1010 16.12 -7.25 38.03
C ASP A 1010 15.16 -8.04 37.14
N PHE A 1011 15.54 -9.24 36.76
CA PHE A 1011 14.59 -10.23 36.32
C PHE A 1011 13.77 -10.62 37.54
N CYS A 1012 12.45 -10.50 37.42
CA CYS A 1012 11.50 -10.64 38.52
C CYS A 1012 11.76 -9.61 39.62
N GLY A 1013 12.15 -8.41 39.22
CA GLY A 1013 12.20 -7.30 40.15
C GLY A 1013 13.54 -7.12 40.83
N LYS A 1014 13.68 -5.96 41.46
CA LYS A 1014 14.89 -5.59 42.16
C LYS A 1014 15.05 -6.39 43.44
N GLY A 1015 16.30 -6.70 43.77
CA GLY A 1015 16.60 -7.39 44.99
C GLY A 1015 16.64 -8.89 44.80
N TYR A 1016 16.85 -9.57 45.91
CA TYR A 1016 16.97 -11.02 45.90
C TYR A 1016 15.58 -11.61 45.80
N HIS A 1017 15.30 -12.19 44.63
CA HIS A 1017 14.02 -12.81 44.37
C HIS A 1017 13.83 -14.04 45.24
N LEU A 1018 12.66 -14.13 45.86
CA LEU A 1018 12.29 -15.31 46.61
C LEU A 1018 11.27 -16.16 45.86
N MET A 1019 10.13 -15.58 45.54
CA MET A 1019 9.05 -16.27 44.84
C MET A 1019 8.12 -15.21 44.28
N SER A 1020 7.17 -15.65 43.47
CA SER A 1020 6.38 -14.70 42.72
C SER A 1020 5.03 -15.30 42.35
N PHE A 1021 4.02 -14.44 42.24
CA PHE A 1021 2.64 -14.90 42.11
C PHE A 1021 1.95 -14.23 40.92
N PRO A 1022 1.43 -14.99 39.97
CA PRO A 1022 0.78 -14.40 38.80
C PRO A 1022 -0.66 -14.00 39.09
N GLN A 1023 -1.13 -12.99 38.35
CA GLN A 1023 -2.53 -12.60 38.33
C GLN A 1023 -2.94 -12.34 36.89
N ALA A 1024 -4.22 -12.49 36.60
CA ALA A 1024 -4.70 -12.18 35.26
C ALA A 1024 -5.23 -10.76 35.20
N ALA A 1025 -5.61 -10.36 33.99
CA ALA A 1025 -5.99 -9.00 33.63
C ALA A 1025 -6.53 -9.06 32.21
N PRO A 1026 -7.27 -8.04 31.74
CA PRO A 1026 -7.78 -8.14 30.36
C PRO A 1026 -6.67 -7.95 29.35
N HIS A 1027 -6.39 -9.02 28.61
CA HIS A 1027 -5.31 -9.14 27.65
C HIS A 1027 -3.97 -8.84 28.30
N GLY A 1028 -3.62 -9.60 29.33
CA GLY A 1028 -2.34 -9.36 29.96
C GLY A 1028 -2.17 -10.19 31.21
N VAL A 1029 -0.97 -10.05 31.79
CA VAL A 1029 -0.57 -10.76 33.00
C VAL A 1029 0.03 -9.73 33.95
N VAL A 1030 -0.44 -9.71 35.19
CA VAL A 1030 0.11 -8.86 36.23
C VAL A 1030 0.80 -9.73 37.26
N PHE A 1031 2.09 -9.49 37.45
CA PHE A 1031 2.90 -10.27 38.38
C PHE A 1031 3.07 -9.56 39.71
N LEU A 1032 3.38 -10.34 40.73
CA LEU A 1032 3.70 -9.84 42.06
C LEU A 1032 4.96 -10.57 42.50
N HIS A 1033 6.03 -9.85 42.75
CA HIS A 1033 7.33 -10.45 43.05
C HIS A 1033 7.71 -10.22 44.49
N VAL A 1034 8.01 -11.30 45.21
CA VAL A 1034 8.42 -11.22 46.61
C VAL A 1034 9.93 -11.11 46.68
N THR A 1035 10.42 -9.99 47.20
CA THR A 1035 11.82 -9.61 47.10
C THR A 1035 12.47 -9.52 48.47
N TYR A 1036 13.76 -9.81 48.50
CA TYR A 1036 14.58 -9.70 49.69
C TYR A 1036 15.52 -8.52 49.56
N VAL A 1037 15.43 -7.58 50.49
CA VAL A 1037 16.16 -6.33 50.42
C VAL A 1037 16.93 -6.13 51.72
N PRO A 1038 18.25 -6.10 51.69
CA PRO A 1038 19.02 -5.94 52.94
C PRO A 1038 19.13 -4.48 53.37
N SER A 1039 19.60 -4.28 54.60
CA SER A 1039 19.63 -2.94 55.22
C SER A 1039 20.52 -2.93 56.46
N GLN A 1040 20.69 -1.71 57.01
CA GLN A 1040 21.38 -1.43 58.28
C GLN A 1040 22.86 -1.83 58.26
N GLU A 1041 23.62 -1.08 57.48
CA GLU A 1041 25.01 -1.42 57.21
C GLU A 1041 25.96 -0.87 58.26
N ARG A 1042 27.09 -1.58 58.44
CA ARG A 1042 28.11 -1.22 59.43
C ARG A 1042 29.49 -1.30 58.82
N ASN A 1043 30.31 -0.30 59.14
CA ASN A 1043 31.66 -0.19 58.61
C ASN A 1043 32.60 -1.06 59.43
N PHE A 1044 33.10 -2.14 58.84
CA PHE A 1044 33.99 -3.06 59.53
C PHE A 1044 35.33 -3.08 58.80
N THR A 1045 36.22 -3.98 59.23
CA THR A 1045 37.57 -4.04 58.68
C THR A 1045 37.94 -5.47 58.32
N THR A 1046 38.56 -5.64 57.16
CA THR A 1046 38.77 -6.95 56.57
C THR A 1046 40.23 -7.34 56.53
N ALA A 1047 40.44 -8.62 56.23
CA ALA A 1047 41.72 -9.19 56.02
C ALA A 1047 41.53 -10.33 55.05
N PRO A 1048 42.32 -10.40 54.00
CA PRO A 1048 42.18 -11.49 53.05
C PRO A 1048 42.65 -12.83 53.59
N ALA A 1049 43.69 -12.84 54.41
CA ALA A 1049 44.14 -14.09 55.02
C ALA A 1049 44.70 -13.75 56.37
N ILE A 1050 44.81 -14.75 57.24
CA ILE A 1050 45.43 -14.49 58.51
C ILE A 1050 46.65 -15.38 58.68
N CYS A 1051 47.65 -14.83 59.34
CA CYS A 1051 48.90 -15.52 59.61
C CYS A 1051 48.81 -16.12 61.00
N HIS A 1052 48.94 -17.44 61.08
CA HIS A 1052 48.88 -18.12 62.35
C HIS A 1052 49.59 -19.45 62.19
N GLU A 1053 50.41 -19.78 63.19
CA GLU A 1053 51.29 -20.95 63.21
C GLU A 1053 52.24 -20.96 62.01
N GLY A 1054 52.59 -19.77 61.53
CA GLY A 1054 53.40 -19.62 60.34
C GLY A 1054 52.75 -20.02 59.04
N LYS A 1055 51.43 -20.19 59.01
CA LYS A 1055 50.78 -20.73 57.83
C LYS A 1055 49.75 -19.76 57.27
N ALA A 1056 49.31 -20.05 56.05
CA ALA A 1056 48.38 -19.19 55.32
C ALA A 1056 46.96 -19.68 55.55
N TYR A 1057 46.15 -18.84 56.17
CA TYR A 1057 44.78 -19.20 56.52
C TYR A 1057 43.82 -18.26 55.79
N PHE A 1058 43.19 -18.78 54.76
CA PHE A 1058 42.17 -18.29 53.84
C PHE A 1058 40.78 -18.56 54.41
N PRO A 1059 39.82 -17.68 54.19
CA PRO A 1059 38.44 -18.03 54.53
C PRO A 1059 37.93 -19.03 53.52
N ARG A 1060 37.18 -20.02 53.99
CA ARG A 1060 36.67 -21.01 53.07
C ARG A 1060 35.54 -20.42 52.24
N GLU A 1061 34.67 -19.64 52.88
CA GLU A 1061 33.78 -18.74 52.18
C GLU A 1061 33.57 -17.51 53.05
N GLY A 1062 33.14 -16.42 52.42
CA GLY A 1062 33.05 -15.22 53.19
C GLY A 1062 34.43 -14.64 53.45
N VAL A 1063 34.49 -13.75 54.44
CA VAL A 1063 35.66 -12.95 54.73
C VAL A 1063 35.92 -12.95 56.22
N PHE A 1064 37.19 -12.76 56.60
CA PHE A 1064 37.51 -12.54 57.99
C PHE A 1064 37.24 -11.08 58.31
N VAL A 1065 36.39 -10.84 59.29
CA VAL A 1065 35.94 -9.50 59.60
C VAL A 1065 36.30 -9.17 61.05
N PHE A 1066 36.97 -8.05 61.24
CA PHE A 1066 37.37 -7.59 62.57
C PHE A 1066 36.57 -6.36 62.93
N ASN A 1067 35.76 -6.47 63.98
CA ASN A 1067 34.87 -5.39 64.36
C ASN A 1067 35.51 -4.38 65.29
N GLY A 1068 36.80 -4.51 65.55
CA GLY A 1068 37.41 -3.74 66.60
C GLY A 1068 37.54 -4.47 67.92
N THR A 1069 36.99 -5.68 68.02
CA THR A 1069 37.16 -6.47 69.23
C THR A 1069 37.58 -7.90 68.94
N SER A 1070 37.05 -8.53 67.89
CA SER A 1070 37.50 -9.87 67.58
C SER A 1070 37.32 -10.14 66.11
N TRP A 1071 37.94 -11.21 65.65
CA TRP A 1071 37.84 -11.67 64.29
C TRP A 1071 36.88 -12.85 64.21
N PHE A 1072 36.25 -12.98 63.05
CA PHE A 1072 35.17 -13.91 62.81
C PHE A 1072 34.92 -13.94 61.32
N ILE A 1073 34.19 -14.96 60.88
CA ILE A 1073 33.80 -15.11 59.49
C ILE A 1073 32.32 -14.77 59.39
N THR A 1074 31.97 -13.89 58.45
CA THR A 1074 30.58 -13.66 58.13
C THR A 1074 30.47 -13.35 56.66
N GLN A 1075 29.24 -13.33 56.17
CA GLN A 1075 28.98 -13.12 54.75
C GLN A 1075 28.58 -11.67 54.49
N ARG A 1076 28.48 -11.33 53.21
CA ARG A 1076 28.15 -9.96 52.88
C ARG A 1076 26.66 -9.72 52.82
N ASN A 1077 25.86 -10.78 52.62
CA ASN A 1077 24.42 -10.62 52.62
C ASN A 1077 23.89 -10.23 53.98
N PHE A 1078 24.56 -10.65 55.03
CA PHE A 1078 24.00 -10.59 56.37
C PHE A 1078 25.15 -10.62 57.36
N PHE A 1079 24.96 -9.96 58.48
CA PHE A 1079 25.95 -10.00 59.54
C PHE A 1079 25.67 -11.20 60.44
N SER A 1080 26.64 -12.09 60.54
CA SER A 1080 26.56 -13.14 61.56
C SER A 1080 27.95 -13.58 61.98
N PRO A 1081 28.43 -13.15 63.12
CA PRO A 1081 29.84 -13.35 63.51
C PRO A 1081 30.16 -14.77 63.92
N GLN A 1082 30.38 -15.62 62.94
CA GLN A 1082 30.78 -16.99 63.20
C GLN A 1082 32.27 -17.03 63.53
N ILE A 1083 32.59 -17.65 64.65
CA ILE A 1083 33.95 -17.67 65.17
C ILE A 1083 34.84 -18.50 64.26
N ILE A 1084 36.04 -17.98 63.99
CA ILE A 1084 36.98 -18.66 63.11
C ILE A 1084 37.42 -19.96 63.74
N THR A 1085 37.15 -21.04 63.08
CA THR A 1085 37.54 -22.36 63.52
C THR A 1085 38.67 -22.83 62.65
N THR A 1086 39.03 -24.09 62.81
CA THR A 1086 39.87 -24.76 61.82
C THR A 1086 39.06 -25.27 60.64
N ASP A 1087 37.73 -25.26 60.73
CA ASP A 1087 36.90 -25.86 59.70
C ASP A 1087 36.37 -24.87 58.68
N ASN A 1088 35.89 -23.72 59.13
CA ASN A 1088 35.37 -22.72 58.21
C ASN A 1088 36.46 -21.90 57.54
N THR A 1089 37.73 -22.25 57.74
CA THR A 1089 38.85 -21.69 57.00
C THR A 1089 39.60 -22.84 56.38
N PHE A 1090 40.65 -22.53 55.60
CA PHE A 1090 41.45 -23.60 55.03
C PHE A 1090 42.86 -23.12 54.73
N VAL A 1091 43.70 -24.10 54.39
CA VAL A 1091 45.15 -24.00 54.43
C VAL A 1091 45.67 -24.21 53.02
N SER A 1092 46.53 -23.31 52.57
CA SER A 1092 47.34 -23.57 51.38
C SER A 1092 48.56 -22.68 51.45
N GLY A 1093 49.75 -23.27 51.49
CA GLY A 1093 50.98 -22.51 51.60
C GLY A 1093 51.23 -21.96 52.99
N ASN A 1094 52.37 -21.31 53.19
CA ASN A 1094 52.69 -20.74 54.48
C ASN A 1094 52.42 -19.24 54.52
N CYS A 1095 52.74 -18.65 55.65
CA CYS A 1095 52.54 -17.22 55.88
C CYS A 1095 53.44 -16.39 54.98
N ASP A 1096 53.07 -15.10 54.83
CA ASP A 1096 53.87 -14.06 54.18
C ASP A 1096 54.18 -14.36 52.71
N VAL A 1097 53.25 -15.03 52.03
CA VAL A 1097 53.36 -15.18 50.58
C VAL A 1097 52.26 -14.41 49.86
N VAL A 1098 51.05 -14.38 50.40
CA VAL A 1098 50.04 -13.45 49.92
C VAL A 1098 50.23 -12.14 50.66
N ILE A 1099 49.61 -11.09 50.15
CA ILE A 1099 49.96 -9.73 50.50
C ILE A 1099 48.88 -9.13 51.37
N GLY A 1100 49.28 -8.49 52.46
CA GLY A 1100 48.36 -7.73 53.28
C GLY A 1100 47.56 -8.56 54.25
N ILE A 1101 48.23 -9.27 55.14
CA ILE A 1101 47.58 -10.22 56.03
C ILE A 1101 47.47 -9.61 57.43
N ILE A 1102 46.80 -10.33 58.32
CA ILE A 1102 46.73 -9.95 59.73
C ILE A 1102 47.24 -11.11 60.58
N ASN A 1103 48.15 -10.80 61.49
CA ASN A 1103 48.72 -11.79 62.39
C ASN A 1103 47.67 -12.12 63.45
N ASN A 1104 47.28 -13.38 63.57
CA ASN A 1104 46.10 -13.69 64.37
C ASN A 1104 46.20 -15.15 64.86
N THR A 1105 45.08 -15.66 65.39
CA THR A 1105 44.96 -17.00 65.95
C THR A 1105 43.76 -17.72 65.34
N VAL A 1106 43.89 -19.04 65.22
CA VAL A 1106 42.81 -19.92 64.78
C VAL A 1106 42.56 -20.93 65.86
N TYR A 1107 41.32 -21.01 66.33
CA TYR A 1107 40.99 -22.03 67.31
C TYR A 1107 40.84 -23.39 66.64
N ARG B 5 34.25 32.18 -53.85
CA ARG B 5 35.04 31.59 -54.92
C ARG B 5 35.37 30.13 -54.68
N CYS B 6 35.09 29.26 -55.65
CA CYS B 6 35.48 27.86 -55.58
C CYS B 6 36.89 27.66 -56.08
N THR B 7 37.77 27.23 -55.19
CA THR B 7 39.06 26.68 -55.55
C THR B 7 39.33 25.57 -54.54
N THR B 8 39.89 24.47 -55.01
CA THR B 8 40.05 23.27 -54.20
C THR B 8 41.52 22.94 -54.04
N PHE B 9 41.78 21.87 -53.29
CA PHE B 9 43.14 21.32 -53.15
C PHE B 9 43.37 20.26 -54.20
N ASP B 10 44.17 20.61 -55.20
CA ASP B 10 44.69 19.64 -56.14
C ASP B 10 46.05 19.10 -55.71
N ASP B 11 46.76 19.86 -54.87
CA ASP B 11 48.08 19.50 -54.34
C ASP B 11 47.90 18.60 -53.12
N VAL B 12 47.54 17.33 -53.36
CA VAL B 12 47.12 16.40 -52.31
C VAL B 12 47.90 15.10 -52.45
N GLN B 13 48.47 14.63 -51.33
CA GLN B 13 49.06 13.30 -51.23
C GLN B 13 48.13 12.32 -50.53
N ALA B 14 48.67 11.15 -50.21
CA ALA B 14 47.88 10.06 -49.69
C ALA B 14 47.37 10.36 -48.29
N PRO B 15 46.18 9.90 -47.94
CA PRO B 15 45.66 10.09 -46.59
C PRO B 15 46.32 9.15 -45.58
N ASN B 16 46.16 9.50 -44.30
CA ASN B 16 46.79 8.74 -43.22
C ASN B 16 45.79 7.86 -42.48
N TYR B 17 44.73 8.46 -41.94
CA TYR B 17 43.68 7.78 -41.14
C TYR B 17 44.28 7.01 -39.97
N THR B 18 45.18 7.66 -39.23
CA THR B 18 45.93 6.97 -38.18
C THR B 18 45.03 6.68 -36.99
N GLN B 19 45.00 5.43 -36.57
CA GLN B 19 44.07 4.96 -35.55
C GLN B 19 44.61 5.29 -34.18
N HIS B 20 44.06 6.32 -33.55
CA HIS B 20 44.43 6.71 -32.22
C HIS B 20 43.37 6.26 -31.22
N THR B 21 43.63 6.52 -29.95
CA THR B 21 42.74 6.19 -28.87
C THR B 21 42.16 7.46 -28.27
N SER B 22 41.01 7.31 -27.61
CA SER B 22 40.24 8.45 -27.15
C SER B 22 40.45 8.76 -25.68
N SER B 23 41.51 8.24 -25.09
CA SER B 23 41.50 7.62 -23.76
C SER B 23 40.66 8.30 -22.68
N MET B 24 41.00 9.52 -22.30
CA MET B 24 40.34 10.17 -21.18
C MET B 24 39.72 11.50 -21.57
N ARG B 25 39.46 11.71 -22.87
CA ARG B 25 39.05 13.00 -23.37
C ARG B 25 37.58 13.00 -23.76
N GLY B 26 37.03 14.18 -23.93
CA GLY B 26 35.65 14.32 -24.36
C GLY B 26 34.66 14.61 -23.26
N VAL B 27 35.11 15.14 -22.13
CA VAL B 27 34.24 15.51 -21.04
C VAL B 27 33.93 16.98 -21.15
N TYR B 28 32.65 17.33 -21.11
CA TYR B 28 32.26 18.72 -21.16
C TYR B 28 31.18 18.97 -20.12
N TYR B 29 31.14 20.19 -19.64
CA TYR B 29 30.04 20.62 -18.79
C TYR B 29 28.75 20.56 -19.58
N PRO B 30 27.78 19.73 -19.19
CA PRO B 30 26.60 19.55 -20.04
C PRO B 30 25.67 20.74 -20.07
N ASP B 31 25.58 21.52 -18.99
CA ASP B 31 24.75 22.72 -18.98
C ASP B 31 25.22 23.64 -17.86
N GLU B 32 24.44 24.70 -17.61
CA GLU B 32 24.87 25.76 -16.71
C GLU B 32 24.61 25.48 -15.26
N ILE B 33 24.44 24.23 -14.88
CA ILE B 33 24.02 23.88 -13.53
C ILE B 33 25.23 23.94 -12.62
N PHE B 34 25.12 24.69 -11.54
CA PHE B 34 26.15 24.74 -10.53
C PHE B 34 25.88 23.65 -9.51
N ARG B 35 26.70 22.62 -9.50
CA ARG B 35 26.65 21.63 -8.44
C ARG B 35 28.00 21.60 -7.76
N SER B 36 28.04 21.20 -6.50
CA SER B 36 29.28 21.29 -5.77
C SER B 36 29.46 20.09 -4.87
N ASP B 37 30.66 19.52 -4.91
CA ASP B 37 31.16 18.56 -3.91
C ASP B 37 30.32 17.28 -3.92
N THR B 38 30.15 16.70 -5.10
CA THR B 38 29.16 15.65 -5.23
C THR B 38 29.49 14.74 -6.39
N LEU B 39 28.75 13.65 -6.48
CA LEU B 39 28.92 12.65 -7.51
C LEU B 39 27.63 12.51 -8.28
N TYR B 40 27.66 12.88 -9.55
CA TYR B 40 26.46 13.11 -10.32
C TYR B 40 26.45 12.19 -11.53
N LEU B 41 25.37 11.45 -11.68
CA LEU B 41 25.16 10.66 -12.87
C LEU B 41 24.35 11.46 -13.87
N THR B 42 24.62 11.22 -15.15
CA THR B 42 23.75 11.71 -16.22
C THR B 42 24.00 10.89 -17.46
N GLN B 43 23.11 11.07 -18.43
CA GLN B 43 23.15 10.41 -19.72
C GLN B 43 23.09 11.49 -20.79
N ASP B 44 24.09 11.55 -21.65
CA ASP B 44 24.06 12.52 -22.74
C ASP B 44 25.04 12.05 -23.81
N LEU B 45 25.24 12.88 -24.82
CA LEU B 45 26.13 12.56 -25.93
C LEU B 45 27.55 12.77 -25.45
N PHE B 46 28.28 11.68 -25.28
CA PHE B 46 29.64 11.78 -24.79
C PHE B 46 30.59 10.98 -25.66
N LEU B 47 31.84 11.38 -25.62
CA LEU B 47 32.86 10.59 -26.27
C LEU B 47 33.24 9.43 -25.37
N PRO B 48 33.19 8.20 -25.85
CA PRO B 48 33.52 7.07 -24.99
C PRO B 48 35.01 6.99 -24.74
N PHE B 49 35.36 6.49 -23.56
CA PHE B 49 36.76 6.28 -23.25
C PHE B 49 37.31 5.14 -24.06
N TYR B 50 38.58 5.28 -24.47
CA TYR B 50 39.34 4.25 -25.20
C TYR B 50 38.65 3.82 -26.49
N SER B 51 38.04 4.77 -27.18
CA SER B 51 37.46 4.47 -28.47
C SER B 51 38.40 4.94 -29.56
N ASN B 52 38.03 4.63 -30.80
CA ASN B 52 38.85 4.94 -31.95
C ASN B 52 38.74 6.40 -32.35
N VAL B 53 39.88 7.06 -32.49
CA VAL B 53 39.96 8.44 -32.96
C VAL B 53 40.81 8.45 -34.23
N THR B 54 40.20 8.87 -35.33
CA THR B 54 40.86 8.82 -36.63
C THR B 54 41.79 10.02 -36.81
N GLY B 55 43.03 9.74 -37.19
CA GLY B 55 44.08 10.75 -37.31
C GLY B 55 44.19 11.53 -38.59
N PHE B 56 43.38 12.58 -38.78
CA PHE B 56 43.53 13.44 -39.95
C PHE B 56 44.76 14.33 -39.80
N HIS B 57 45.86 13.94 -40.44
CA HIS B 57 47.08 14.73 -40.45
C HIS B 57 47.18 15.49 -41.77
N THR B 58 47.88 16.62 -41.74
CA THR B 58 48.37 17.29 -42.94
C THR B 58 49.83 17.67 -42.71
N ILE B 59 50.70 17.33 -43.66
CA ILE B 59 52.04 17.92 -43.66
C ILE B 59 52.44 18.34 -45.08
N ASN B 60 52.10 19.57 -45.43
CA ASN B 60 52.51 20.34 -46.62
C ASN B 60 52.00 19.79 -47.95
N HIS B 61 51.65 18.51 -48.02
CA HIS B 61 50.94 17.94 -49.16
C HIS B 61 49.90 16.91 -48.77
N THR B 62 50.04 16.24 -47.62
CA THR B 62 49.04 15.31 -47.12
C THR B 62 47.79 16.09 -46.77
N PHE B 63 46.62 15.56 -47.14
CA PHE B 63 45.38 16.31 -46.94
C PHE B 63 44.26 15.32 -46.65
N GLY B 64 43.89 15.22 -45.38
CA GLY B 64 42.85 14.30 -44.93
C GLY B 64 41.59 15.12 -44.67
N ASN B 65 40.80 15.36 -45.71
CA ASN B 65 39.49 16.01 -45.56
C ASN B 65 38.58 15.61 -46.72
N PRO B 66 37.95 14.44 -46.64
CA PRO B 66 36.79 14.19 -47.50
C PRO B 66 35.53 14.78 -46.89
N VAL B 67 34.38 14.43 -47.45
CA VAL B 67 33.12 14.67 -46.76
C VAL B 67 33.11 13.84 -45.49
N ILE B 68 33.05 14.49 -44.33
CA ILE B 68 33.14 13.76 -43.08
C ILE B 68 31.74 13.68 -42.49
N PRO B 69 31.24 12.49 -42.19
CA PRO B 69 29.91 12.39 -41.59
C PRO B 69 29.88 12.90 -40.17
N PHE B 70 28.76 13.53 -39.84
CA PHE B 70 28.56 14.14 -38.54
C PHE B 70 27.85 13.16 -37.60
N LYS B 71 26.66 12.73 -38.02
CA LYS B 71 25.81 11.63 -37.57
C LYS B 71 25.16 11.82 -36.21
N ASP B 72 25.82 12.53 -35.30
CA ASP B 72 25.30 12.69 -33.95
C ASP B 72 25.60 14.05 -33.35
N GLY B 73 26.69 14.67 -33.74
CA GLY B 73 27.54 15.37 -32.80
C GLY B 73 28.88 14.68 -32.84
N ILE B 74 29.96 15.46 -32.95
CA ILE B 74 31.28 14.93 -33.23
C ILE B 74 32.29 15.45 -32.23
N TYR B 75 33.42 14.76 -32.20
CA TYR B 75 34.57 15.23 -31.46
C TYR B 75 35.54 15.88 -32.42
N PHE B 76 36.15 16.98 -32.00
CA PHE B 76 37.23 17.60 -32.75
C PHE B 76 38.39 17.91 -31.84
N ALA B 77 39.56 17.41 -32.21
CA ALA B 77 40.81 17.84 -31.60
C ALA B 77 41.69 18.41 -32.68
N ALA B 78 42.70 19.17 -32.26
CA ALA B 78 43.65 19.79 -33.17
C ALA B 78 44.90 20.17 -32.40
N THR B 79 46.03 19.73 -32.90
CA THR B 79 47.34 20.16 -32.41
C THR B 79 47.91 21.14 -33.41
N GLU B 80 48.17 22.37 -32.97
CA GLU B 80 48.40 23.46 -33.91
C GLU B 80 49.64 24.26 -33.52
N LYS B 81 50.46 24.55 -34.52
CA LYS B 81 51.46 25.63 -34.54
C LYS B 81 51.29 26.50 -35.78
N SER B 82 50.86 25.92 -36.90
CA SER B 82 50.62 26.65 -38.14
C SER B 82 49.15 27.02 -38.32
N ASN B 83 48.28 26.43 -37.50
CA ASN B 83 46.89 26.86 -37.32
C ASN B 83 46.09 26.73 -38.62
N VAL B 84 46.24 25.57 -39.26
CA VAL B 84 45.52 25.28 -40.50
C VAL B 84 44.03 25.20 -40.24
N VAL B 85 43.65 24.81 -39.03
CA VAL B 85 42.26 24.73 -38.59
C VAL B 85 41.78 26.12 -38.19
N ARG B 86 40.87 26.68 -38.99
CA ARG B 86 40.12 27.86 -38.56
C ARG B 86 38.66 27.84 -38.97
N GLY B 87 38.16 26.78 -39.58
CA GLY B 87 36.80 26.84 -40.09
C GLY B 87 36.22 25.49 -40.45
N TRP B 88 34.90 25.48 -40.53
CA TRP B 88 34.14 24.28 -40.85
C TRP B 88 32.90 24.67 -41.62
N VAL B 89 32.48 23.78 -42.52
CA VAL B 89 31.18 23.87 -43.15
C VAL B 89 30.29 22.85 -42.47
N PHE B 90 28.99 23.12 -42.41
CA PHE B 90 28.04 22.18 -41.87
C PHE B 90 26.78 22.20 -42.71
N GLY B 91 26.10 21.08 -42.73
CA GLY B 91 24.87 20.97 -43.48
C GLY B 91 24.54 19.53 -43.75
N SER B 92 23.47 19.33 -44.51
CA SER B 92 23.06 17.99 -44.89
C SER B 92 23.33 17.67 -46.34
N THR B 93 23.30 18.65 -47.23
CA THR B 93 23.42 18.40 -48.66
C THR B 93 24.78 18.74 -49.24
N MET B 94 25.62 19.46 -48.49
CA MET B 94 26.96 19.89 -48.88
C MET B 94 26.99 20.76 -50.13
N ASN B 95 25.90 21.44 -50.45
CA ASN B 95 25.87 22.38 -51.57
C ASN B 95 24.77 23.41 -51.36
N ASN B 96 24.53 24.20 -52.39
CA ASN B 96 23.60 25.32 -52.40
C ASN B 96 22.13 24.92 -52.38
N LYS B 97 21.81 23.65 -52.46
CA LYS B 97 20.40 23.29 -52.53
C LYS B 97 19.71 23.36 -51.17
N SER B 98 20.48 23.45 -50.08
CA SER B 98 19.94 23.60 -48.74
C SER B 98 20.70 24.70 -48.01
N GLN B 99 20.06 25.22 -46.97
CA GLN B 99 20.72 26.20 -46.10
C GLN B 99 21.80 25.52 -45.28
N SER B 100 23.03 25.96 -45.47
CA SER B 100 24.20 25.35 -44.87
C SER B 100 24.95 26.40 -44.06
N VAL B 101 25.78 25.95 -43.13
CA VAL B 101 26.42 26.83 -42.17
C VAL B 101 27.92 26.84 -42.41
N ILE B 102 28.46 28.03 -42.66
CA ILE B 102 29.88 28.29 -42.65
C ILE B 102 30.21 28.99 -41.35
N ILE B 103 31.13 28.42 -40.58
CA ILE B 103 31.70 29.14 -39.46
C ILE B 103 33.21 29.04 -39.57
N ILE B 104 33.86 30.18 -39.74
CA ILE B 104 35.30 30.23 -39.96
C ILE B 104 35.90 31.32 -39.08
N ASN B 105 37.20 31.24 -38.92
CA ASN B 105 38.00 32.31 -38.38
C ASN B 105 38.80 32.89 -39.53
N ASN B 106 38.40 34.07 -40.00
CA ASN B 106 39.07 34.68 -41.14
C ASN B 106 40.24 35.56 -40.72
N SER B 107 40.80 35.33 -39.52
CA SER B 107 41.90 36.05 -38.87
C SER B 107 41.58 37.49 -38.54
N THR B 108 40.39 37.98 -38.88
CA THR B 108 39.87 39.26 -38.42
C THR B 108 38.71 39.10 -37.46
N ASN B 109 37.88 38.09 -37.70
CA ASN B 109 36.70 37.81 -36.89
C ASN B 109 36.41 36.33 -36.94
N VAL B 110 35.31 35.95 -36.31
CA VAL B 110 34.70 34.66 -36.55
C VAL B 110 33.36 34.92 -37.23
N VAL B 111 33.24 34.42 -38.46
CA VAL B 111 32.10 34.73 -39.31
C VAL B 111 31.20 33.50 -39.36
N ILE B 112 29.93 33.72 -39.04
CA ILE B 112 28.93 32.66 -38.96
C ILE B 112 27.88 32.99 -40.00
N ARG B 113 27.79 32.16 -41.04
CA ARG B 113 26.81 32.41 -42.08
C ARG B 113 25.97 31.17 -42.26
N ALA B 114 24.67 31.37 -42.53
CA ALA B 114 23.73 30.28 -42.76
C ALA B 114 22.88 30.64 -43.97
N CYS B 115 23.39 30.29 -45.16
CA CYS B 115 22.73 30.63 -46.43
C CYS B 115 22.85 29.42 -47.35
N ASN B 116 22.45 29.59 -48.61
CA ASN B 116 22.62 28.56 -49.62
C ASN B 116 23.93 28.81 -50.34
N PHE B 117 24.93 27.97 -50.08
CA PHE B 117 26.27 28.22 -50.61
C PHE B 117 26.67 27.17 -51.65
N GLU B 118 27.16 27.64 -52.79
CA GLU B 118 27.76 26.73 -53.77
C GLU B 118 29.09 26.26 -53.19
N LEU B 119 29.01 25.18 -52.44
CA LEU B 119 30.15 24.69 -51.70
C LEU B 119 31.14 24.02 -52.63
N CYS B 120 32.42 24.22 -52.35
CA CYS B 120 33.48 23.69 -53.18
C CYS B 120 33.89 22.30 -52.66
N ASP B 121 34.69 21.60 -53.47
CA ASP B 121 35.12 20.25 -53.11
C ASP B 121 36.10 20.25 -51.94
N ASN B 122 37.17 21.04 -52.05
CA ASN B 122 38.16 21.20 -50.98
C ASN B 122 38.36 22.68 -50.68
N PRO B 123 37.41 23.33 -50.00
CA PRO B 123 37.48 24.78 -49.84
C PRO B 123 38.50 25.20 -48.79
N PHE B 124 39.13 26.37 -49.03
CA PHE B 124 40.27 26.78 -48.22
C PHE B 124 40.31 28.28 -47.95
N PHE B 125 41.39 28.68 -47.29
CA PHE B 125 41.80 30.07 -47.09
C PHE B 125 43.08 30.28 -47.86
N ALA B 126 43.05 31.15 -48.88
CA ALA B 126 44.24 31.38 -49.68
C ALA B 126 45.22 32.20 -48.86
N VAL B 127 46.18 31.52 -48.23
CA VAL B 127 47.14 32.10 -47.31
C VAL B 127 48.53 31.67 -47.77
N SER B 128 49.51 32.57 -47.68
CA SER B 128 50.85 32.25 -48.16
C SER B 128 51.74 31.78 -47.02
N LYS B 129 52.80 31.04 -47.38
CA LYS B 129 53.73 30.50 -46.38
C LYS B 129 54.61 31.58 -45.74
N PRO B 130 55.41 32.38 -46.47
CA PRO B 130 56.29 33.32 -45.76
C PRO B 130 55.65 34.65 -45.43
N MET B 131 54.46 34.93 -45.96
CA MET B 131 53.82 36.22 -45.78
C MET B 131 53.05 36.29 -44.47
N GLY B 132 52.35 35.23 -44.11
CA GLY B 132 51.46 35.30 -42.97
C GLY B 132 50.26 36.19 -43.23
N THR B 133 49.71 36.13 -44.44
CA THR B 133 48.56 36.93 -44.83
C THR B 133 47.45 36.03 -45.37
N GLN B 134 46.24 36.23 -44.87
CA GLN B 134 45.06 35.58 -45.41
C GLN B 134 44.37 36.51 -46.40
N THR B 135 44.21 36.04 -47.64
CA THR B 135 43.57 36.87 -48.66
C THR B 135 42.06 36.64 -48.74
N HIS B 136 41.61 35.43 -49.03
CA HIS B 136 40.18 35.20 -49.05
C HIS B 136 39.87 33.78 -48.64
N THR B 137 38.67 33.62 -48.12
CA THR B 137 38.08 32.37 -47.67
C THR B 137 37.40 31.71 -48.85
N MET B 138 38.17 30.96 -49.63
CA MET B 138 37.70 30.35 -50.88
C MET B 138 36.80 29.16 -50.53
N ILE B 139 35.55 29.47 -50.17
CA ILE B 139 34.63 28.49 -49.62
C ILE B 139 33.43 28.28 -50.53
N PHE B 140 32.92 29.34 -51.14
CA PHE B 140 31.59 29.37 -51.69
C PHE B 140 31.57 30.26 -52.91
N ASP B 141 30.81 29.85 -53.92
CA ASP B 141 30.61 30.71 -55.08
C ASP B 141 29.40 31.62 -54.93
N ASN B 142 28.36 31.18 -54.23
CA ASN B 142 27.11 31.93 -54.16
C ASN B 142 26.63 31.96 -52.72
N ALA B 143 25.73 32.89 -52.41
CA ALA B 143 25.35 33.15 -51.02
C ALA B 143 23.97 33.80 -51.01
N PHE B 144 22.95 33.04 -50.60
CA PHE B 144 21.57 33.49 -50.78
C PHE B 144 20.63 32.67 -49.90
N ASN B 145 19.43 33.22 -49.71
CA ASN B 145 18.34 32.69 -48.88
C ASN B 145 18.83 32.40 -47.46
N CYS B 146 19.29 33.46 -46.83
CA CYS B 146 20.00 33.32 -45.57
C CYS B 146 19.03 33.17 -44.41
N THR B 147 19.49 32.47 -43.38
CA THR B 147 18.74 32.31 -42.14
C THR B 147 19.45 32.86 -40.92
N PHE B 148 20.77 32.79 -40.85
CA PHE B 148 21.50 33.32 -39.70
C PHE B 148 22.80 33.93 -40.16
N GLU B 149 23.15 35.07 -39.56
CA GLU B 149 24.44 35.70 -39.73
C GLU B 149 24.90 36.28 -38.40
N TYR B 150 26.17 36.02 -38.05
CA TYR B 150 26.80 36.70 -36.93
C TYR B 150 28.31 36.76 -37.13
N ILE B 151 28.88 37.91 -36.77
CA ILE B 151 30.31 38.16 -36.87
C ILE B 151 30.82 38.53 -35.49
N SER B 152 31.85 37.83 -35.03
CA SER B 152 32.26 37.88 -33.64
C SER B 152 33.18 39.07 -33.39
N ASP B 153 33.85 39.02 -32.24
CA ASP B 153 34.82 40.01 -31.81
C ASP B 153 35.98 40.11 -32.79
N ALA B 154 36.58 41.29 -32.85
CA ALA B 154 37.71 41.48 -33.73
C ALA B 154 39.00 41.11 -33.02
N PHE B 155 39.84 40.37 -33.70
CA PHE B 155 41.21 40.14 -33.29
C PHE B 155 42.02 39.93 -34.56
N SER B 156 43.34 39.87 -34.41
CA SER B 156 44.24 39.71 -35.54
C SER B 156 45.11 38.49 -35.29
N LEU B 157 45.05 37.52 -36.19
CA LEU B 157 45.59 36.20 -35.92
C LEU B 157 46.76 35.89 -36.86
N ASP B 158 47.80 35.29 -36.29
CA ASP B 158 49.01 34.92 -37.03
C ASP B 158 48.73 33.68 -37.88
N VAL B 159 48.86 33.80 -39.20
CA VAL B 159 48.38 32.76 -40.11
C VAL B 159 49.51 32.14 -40.94
N SER B 160 50.76 32.27 -40.51
CA SER B 160 51.90 31.80 -41.31
C SER B 160 52.20 30.33 -41.04
N GLU B 161 53.28 29.85 -41.64
CA GLU B 161 53.75 28.47 -41.46
C GLU B 161 54.82 28.42 -40.38
N LYS B 162 54.64 27.53 -39.41
CA LYS B 162 55.57 27.37 -38.30
C LYS B 162 56.16 25.97 -38.31
N SER B 163 57.37 25.84 -37.76
CA SER B 163 58.05 24.57 -37.63
C SER B 163 58.28 24.26 -36.15
N GLY B 164 58.92 23.12 -35.90
CA GLY B 164 59.13 22.65 -34.54
C GLY B 164 58.05 21.72 -34.06
N ASN B 165 57.70 21.78 -32.79
CA ASN B 165 56.61 20.99 -32.24
C ASN B 165 55.33 21.82 -32.12
N PHE B 166 54.22 21.12 -31.96
CA PHE B 166 52.93 21.75 -31.73
C PHE B 166 52.85 22.26 -30.30
N LYS B 167 52.47 23.52 -30.14
CA LYS B 167 52.48 24.13 -28.82
C LYS B 167 51.13 24.15 -28.11
N HIS B 168 50.02 24.13 -28.84
CA HIS B 168 48.73 24.30 -28.18
C HIS B 168 47.75 23.26 -28.70
N LEU B 169 47.05 22.63 -27.78
CA LEU B 169 46.05 21.63 -28.08
C LEU B 169 44.68 22.23 -27.89
N ARG B 170 43.90 22.28 -28.95
CA ARG B 170 42.55 22.77 -28.89
C ARG B 170 41.57 21.63 -29.10
N GLU B 171 40.56 21.56 -28.26
CA GLU B 171 39.60 20.46 -28.30
C GLU B 171 38.21 21.03 -28.47
N PHE B 172 37.52 20.58 -29.51
CA PHE B 172 36.18 21.05 -29.82
C PHE B 172 35.18 19.91 -29.84
N VAL B 173 33.98 20.15 -29.29
CA VAL B 173 32.89 19.19 -29.38
C VAL B 173 31.65 19.93 -29.83
N PHE B 174 31.04 19.47 -30.92
CA PHE B 174 29.95 20.17 -31.58
C PHE B 174 28.73 19.28 -31.62
N LYS B 175 27.55 19.87 -31.39
CA LYS B 175 26.33 19.10 -31.23
C LYS B 175 25.14 19.78 -31.91
N ASN B 176 24.43 19.01 -32.71
CA ASN B 176 23.16 19.44 -33.27
C ASN B 176 22.07 19.03 -32.31
N LYS B 177 21.32 20.02 -31.82
CA LYS B 177 20.26 19.73 -30.86
C LYS B 177 19.23 20.83 -30.91
N ASP B 178 18.05 20.50 -31.45
CA ASP B 178 16.86 21.36 -31.47
C ASP B 178 17.15 22.69 -32.16
N GLY B 179 17.73 22.60 -33.34
CA GLY B 179 18.11 23.77 -34.10
C GLY B 179 19.36 24.47 -33.60
N PHE B 180 19.90 24.07 -32.45
CA PHE B 180 21.09 24.72 -31.91
C PHE B 180 22.31 23.92 -32.26
N LEU B 181 23.36 24.63 -32.67
CA LEU B 181 24.69 24.05 -32.74
C LEU B 181 25.43 24.42 -31.46
N TYR B 182 25.85 23.41 -30.73
CA TYR B 182 26.56 23.62 -29.48
C TYR B 182 28.04 23.68 -29.75
N VAL B 183 28.73 24.61 -29.09
CA VAL B 183 30.14 24.85 -29.33
C VAL B 183 30.88 24.73 -28.00
N TYR B 184 31.81 23.77 -27.95
CA TYR B 184 32.54 23.45 -26.73
C TYR B 184 34.03 23.58 -26.98
N LYS B 185 34.73 24.25 -26.06
CA LYS B 185 36.15 24.49 -26.22
C LYS B 185 36.92 24.01 -25.01
N GLY B 186 37.90 23.14 -25.25
CA GLY B 186 38.91 22.81 -24.27
C GLY B 186 40.26 23.14 -24.83
N TYR B 187 41.20 23.47 -23.95
CA TYR B 187 42.44 24.06 -24.41
C TYR B 187 43.52 23.82 -23.39
N GLN B 188 44.72 23.52 -23.87
CA GLN B 188 45.90 23.44 -23.02
C GLN B 188 47.13 23.61 -23.89
N PRO B 189 48.20 24.18 -23.35
CA PRO B 189 49.50 24.07 -24.01
C PRO B 189 49.98 22.62 -23.96
N ILE B 190 50.86 22.27 -24.89
CA ILE B 190 51.18 20.87 -25.14
C ILE B 190 52.53 20.77 -25.83
N ASP B 191 53.18 19.61 -25.69
CA ASP B 191 54.31 19.17 -26.51
C ASP B 191 53.87 17.91 -27.23
N VAL B 192 53.76 17.97 -28.54
CA VAL B 192 53.31 16.82 -29.32
C VAL B 192 53.85 16.95 -30.75
N VAL B 193 54.38 15.85 -31.27
CA VAL B 193 54.82 15.80 -32.65
C VAL B 193 53.63 15.44 -33.53
N ARG B 194 53.16 14.20 -33.40
CA ARG B 194 51.94 13.75 -34.04
C ARG B 194 51.45 12.53 -33.29
N ASP B 195 50.32 12.67 -32.60
CA ASP B 195 49.64 11.62 -31.88
C ASP B 195 48.33 12.23 -31.38
N LEU B 196 47.48 11.44 -30.73
CA LEU B 196 46.50 12.02 -29.82
C LEU B 196 46.97 11.72 -28.41
N PRO B 197 47.56 12.68 -27.71
CA PRO B 197 48.11 12.39 -26.39
C PRO B 197 47.01 12.23 -25.35
N SER B 198 47.30 11.41 -24.34
CA SER B 198 46.34 11.16 -23.28
C SER B 198 46.20 12.37 -22.37
N GLY B 199 45.08 12.43 -21.67
CA GLY B 199 44.84 13.49 -20.72
C GLY B 199 43.37 13.62 -20.44
N PHE B 200 43.09 14.29 -19.33
CA PHE B 200 41.72 14.58 -18.93
C PHE B 200 41.55 16.08 -19.01
N ASN B 201 40.71 16.54 -19.94
CA ASN B 201 40.66 17.97 -20.25
C ASN B 201 39.20 18.37 -20.35
N THR B 202 38.80 19.37 -19.57
CA THR B 202 37.40 19.67 -19.36
C THR B 202 36.95 20.86 -20.22
N LEU B 203 35.94 20.63 -21.05
CA LEU B 203 35.54 21.60 -22.05
C LEU B 203 34.41 22.49 -21.53
N LYS B 204 34.23 23.63 -22.16
CA LYS B 204 33.35 24.66 -21.66
C LYS B 204 32.39 25.17 -22.72
N PRO B 205 31.25 25.75 -22.31
CA PRO B 205 30.31 26.32 -23.30
C PRO B 205 30.84 27.57 -23.97
N ILE B 206 30.65 27.65 -25.28
CA ILE B 206 31.09 28.80 -26.04
C ILE B 206 29.94 29.41 -26.84
N PHE B 207 29.20 28.59 -27.60
CA PHE B 207 28.08 29.14 -28.37
C PHE B 207 26.85 28.24 -28.38
N LYS B 208 25.70 28.88 -28.27
CA LYS B 208 24.41 28.33 -28.65
C LYS B 208 24.08 28.95 -29.99
N LEU B 209 23.82 28.13 -31.00
CA LEU B 209 23.70 28.67 -32.34
C LEU B 209 22.33 28.40 -32.94
N PRO B 210 21.39 29.35 -32.88
CA PRO B 210 20.06 29.14 -33.49
C PRO B 210 20.09 29.12 -35.00
N LEU B 211 20.61 28.04 -35.54
CA LEU B 211 20.77 27.91 -36.98
C LEU B 211 19.54 27.30 -37.61
N GLY B 212 18.91 26.36 -36.92
CA GLY B 212 17.69 25.77 -37.40
C GLY B 212 17.83 24.89 -38.61
N ILE B 213 19.04 24.43 -38.92
CA ILE B 213 19.24 23.63 -40.11
C ILE B 213 19.54 22.20 -39.69
N ASN B 214 19.46 21.33 -40.68
CA ASN B 214 19.72 19.90 -40.51
C ASN B 214 21.14 19.64 -40.99
N ILE B 215 21.96 19.09 -40.12
CA ILE B 215 23.36 18.83 -40.42
C ILE B 215 23.61 17.35 -40.28
N THR B 216 23.92 16.68 -41.38
CA THR B 216 24.36 15.30 -41.28
C THR B 216 25.81 15.11 -41.70
N ASN B 217 26.43 16.10 -42.32
CA ASN B 217 27.79 15.96 -42.79
C ASN B 217 28.51 17.27 -42.57
N PHE B 218 29.81 17.23 -42.78
CA PHE B 218 30.64 18.41 -42.64
C PHE B 218 31.96 18.17 -43.34
N ARG B 219 32.64 19.28 -43.65
CA ARG B 219 34.03 19.27 -44.05
C ARG B 219 34.75 20.38 -43.31
N ALA B 220 35.97 20.08 -42.87
CA ALA B 220 36.79 21.12 -42.28
C ALA B 220 37.22 22.11 -43.36
N ILE B 221 37.33 23.36 -42.97
CA ILE B 221 37.86 24.39 -43.86
C ILE B 221 39.28 24.69 -43.42
N LEU B 222 40.23 24.12 -44.14
CA LEU B 222 41.64 24.16 -43.79
C LEU B 222 42.35 25.30 -44.49
N THR B 223 43.38 25.82 -43.84
CA THR B 223 44.19 26.87 -44.42
C THR B 223 45.07 26.30 -45.53
N ALA B 224 44.92 26.85 -46.73
CA ALA B 224 45.87 26.59 -47.80
C ALA B 224 47.15 27.34 -47.54
N PHE B 225 48.26 26.70 -47.87
CA PHE B 225 49.54 27.38 -47.89
C PHE B 225 50.15 27.29 -49.28
N SER B 226 50.61 28.43 -49.77
CA SER B 226 51.26 28.55 -51.07
C SER B 226 52.52 29.39 -50.90
N PRO B 227 53.53 29.19 -51.75
CA PRO B 227 54.70 30.08 -51.72
C PRO B 227 54.46 31.39 -52.48
N ILE B 231 47.92 25.68 -57.14
CA ILE B 231 48.66 24.59 -56.52
C ILE B 231 48.66 24.86 -55.01
N TRP B 232 47.53 24.59 -54.37
CA TRP B 232 47.31 25.00 -52.99
C TRP B 232 47.62 23.82 -52.07
N GLY B 233 48.68 23.95 -51.29
CA GLY B 233 49.12 22.94 -50.35
C GLY B 233 48.61 23.21 -48.94
N THR B 234 49.38 22.79 -47.95
CA THR B 234 49.01 22.91 -46.56
C THR B 234 50.29 23.02 -45.74
N SER B 235 50.22 22.77 -44.43
CA SER B 235 51.41 22.55 -43.62
C SER B 235 51.09 21.60 -42.47
N ALA B 236 52.02 21.57 -41.50
CA ALA B 236 52.00 20.62 -40.40
C ALA B 236 50.84 20.93 -39.47
N ALA B 237 49.83 20.07 -39.51
CA ALA B 237 48.72 20.11 -38.57
C ALA B 237 48.14 18.70 -38.49
N ALA B 238 47.71 18.35 -37.29
CA ALA B 238 47.03 17.08 -37.08
C ALA B 238 45.73 17.38 -36.36
N TYR B 239 44.63 16.90 -36.92
CA TYR B 239 43.35 17.15 -36.31
C TYR B 239 42.57 15.87 -36.32
N PHE B 240 41.58 15.77 -35.44
CA PHE B 240 41.09 14.45 -35.08
C PHE B 240 39.58 14.47 -34.99
N VAL B 241 38.96 13.38 -35.39
CA VAL B 241 37.51 13.27 -35.40
C VAL B 241 37.10 12.04 -34.64
N GLY B 242 36.31 12.24 -33.58
CA GLY B 242 35.63 11.15 -32.91
C GLY B 242 34.13 11.37 -32.99
N TYR B 243 33.40 10.33 -32.61
CA TYR B 243 31.96 10.31 -32.72
C TYR B 243 31.37 10.26 -31.33
N LEU B 244 30.47 11.19 -31.04
CA LEU B 244 29.81 11.22 -29.75
C LEU B 244 28.84 10.06 -29.63
N LYS B 245 28.73 9.51 -28.42
CA LYS B 245 27.74 8.48 -28.29
C LYS B 245 26.80 8.79 -27.13
N PRO B 246 25.54 8.41 -27.23
CA PRO B 246 24.58 8.65 -26.15
C PRO B 246 24.67 7.60 -25.05
N THR B 247 25.67 7.70 -24.19
CA THR B 247 25.80 6.72 -23.13
C THR B 247 25.91 7.39 -21.76
N THR B 248 26.30 6.63 -20.74
CA THR B 248 26.08 7.03 -19.35
C THR B 248 27.39 7.39 -18.67
N PHE B 249 27.46 8.60 -18.11
CA PHE B 249 28.63 9.04 -17.37
C PHE B 249 28.31 9.40 -15.94
N MET B 250 29.28 9.11 -15.08
CA MET B 250 29.32 9.62 -13.71
C MET B 250 30.31 10.76 -13.66
N LEU B 251 29.94 11.86 -13.03
CA LEU B 251 30.80 13.03 -12.97
C LEU B 251 31.14 13.33 -11.53
N LYS B 252 32.34 13.84 -11.30
CA LYS B 252 32.76 14.24 -9.97
C LYS B 252 33.01 15.73 -9.96
N TYR B 253 32.40 16.43 -9.02
CA TYR B 253 32.61 17.86 -8.91
C TYR B 253 33.36 18.16 -7.62
N ASP B 254 34.19 19.20 -7.68
CA ASP B 254 34.93 19.64 -6.50
C ASP B 254 34.04 20.50 -5.62
N GLU B 255 34.65 21.15 -4.64
CA GLU B 255 33.91 22.10 -3.82
C GLU B 255 33.65 23.41 -4.54
N ASN B 256 34.30 23.66 -5.66
CA ASN B 256 34.09 24.89 -6.41
C ASN B 256 33.18 24.72 -7.61
N GLY B 257 32.75 23.51 -7.92
CA GLY B 257 31.91 23.30 -9.08
C GLY B 257 32.66 22.94 -10.33
N THR B 258 33.87 22.42 -10.20
CA THR B 258 34.72 22.07 -11.32
C THR B 258 34.78 20.55 -11.46
N ILE B 259 34.67 20.05 -12.69
CA ILE B 259 34.81 18.64 -12.94
C ILE B 259 36.22 18.21 -12.64
N THR B 260 36.38 17.22 -11.76
CA THR B 260 37.69 16.65 -11.51
C THR B 260 37.89 15.30 -12.16
N ASP B 261 36.82 14.52 -12.32
CA ASP B 261 36.98 13.13 -12.72
C ASP B 261 35.66 12.60 -13.21
N ALA B 262 35.75 11.57 -14.05
CA ALA B 262 34.59 10.91 -14.60
C ALA B 262 34.94 9.47 -14.92
N VAL B 263 33.91 8.64 -15.03
CA VAL B 263 34.03 7.22 -15.31
C VAL B 263 32.90 6.80 -16.24
N ASP B 264 33.26 6.16 -17.35
CA ASP B 264 32.31 5.56 -18.27
C ASP B 264 31.54 4.46 -17.58
N CYS B 265 30.23 4.61 -17.47
CA CYS B 265 29.42 3.55 -16.87
C CYS B 265 29.17 2.39 -17.81
N SER B 266 29.68 2.41 -19.04
CA SER B 266 29.50 1.28 -19.94
C SER B 266 30.82 0.72 -20.41
N GLN B 267 31.90 1.04 -19.72
CA GLN B 267 33.23 0.66 -20.19
C GLN B 267 33.51 -0.81 -19.96
N ASN B 268 33.50 -1.23 -18.70
CA ASN B 268 33.90 -2.57 -18.31
C ASN B 268 33.23 -2.89 -16.99
N PRO B 269 33.09 -4.16 -16.61
CA PRO B 269 32.23 -4.51 -15.46
C PRO B 269 32.63 -3.90 -14.12
N LEU B 270 33.88 -3.51 -13.95
CA LEU B 270 34.22 -2.74 -12.76
C LEU B 270 33.56 -1.38 -12.77
N ALA B 271 33.50 -0.75 -13.93
CA ALA B 271 33.09 0.64 -13.95
C ALA B 271 31.59 0.81 -13.79
N GLU B 272 30.81 -0.25 -14.03
CA GLU B 272 29.41 -0.12 -13.66
C GLU B 272 29.26 -0.14 -12.16
N LEU B 273 30.14 -0.87 -11.47
CA LEU B 273 30.05 -0.98 -10.02
C LEU B 273 30.34 0.35 -9.33
N LYS B 274 31.30 1.10 -9.84
CA LYS B 274 31.53 2.44 -9.32
C LYS B 274 30.33 3.33 -9.59
N CYS B 275 29.67 3.12 -10.73
CA CYS B 275 28.42 3.82 -10.99
C CYS B 275 27.29 3.23 -10.18
N SER B 276 27.44 1.98 -9.71
CA SER B 276 26.36 1.35 -8.97
C SER B 276 26.24 1.95 -7.56
N VAL B 277 27.34 1.99 -6.83
CA VAL B 277 27.32 2.35 -5.42
C VAL B 277 27.50 3.86 -5.23
N LYS B 278 27.75 4.60 -6.30
CA LYS B 278 28.18 5.99 -6.28
C LYS B 278 29.42 6.19 -5.39
N SER B 279 30.51 5.58 -5.83
CA SER B 279 31.80 5.78 -5.18
C SER B 279 32.92 5.42 -6.14
N PHE B 280 34.00 6.17 -6.08
CA PHE B 280 35.22 5.77 -6.77
C PHE B 280 36.00 4.74 -6.00
N GLU B 281 35.89 4.74 -4.68
CA GLU B 281 36.61 3.81 -3.84
C GLU B 281 35.62 2.79 -3.30
N ILE B 282 35.96 1.51 -3.43
CA ILE B 282 35.01 0.45 -3.15
C ILE B 282 35.69 -0.67 -2.37
N ASP B 283 35.04 -1.08 -1.29
CA ASP B 283 35.54 -2.03 -0.32
C ASP B 283 35.50 -3.45 -0.90
N LYS B 284 36.19 -4.36 -0.23
CA LYS B 284 36.19 -5.76 -0.63
C LYS B 284 34.89 -6.44 -0.21
N GLY B 285 34.24 -7.10 -1.16
CA GLY B 285 33.00 -7.77 -0.89
C GLY B 285 32.37 -8.22 -2.20
N ILE B 286 31.15 -8.72 -2.11
CA ILE B 286 30.38 -9.08 -3.30
C ILE B 286 29.22 -8.13 -3.46
N TYR B 287 28.99 -7.67 -4.67
CA TYR B 287 28.15 -6.52 -4.93
C TYR B 287 27.19 -6.84 -6.05
N GLN B 288 25.91 -6.67 -5.79
CA GLN B 288 24.91 -7.01 -6.79
C GLN B 288 24.74 -5.86 -7.75
N THR B 289 24.96 -6.13 -9.02
CA THR B 289 24.74 -5.14 -10.06
C THR B 289 23.65 -5.61 -11.00
N SER B 290 23.49 -4.88 -12.10
CA SER B 290 22.26 -4.91 -12.89
C SER B 290 22.08 -6.23 -13.62
N ASN B 291 20.85 -6.48 -14.03
CA ASN B 291 20.50 -7.74 -14.64
C ASN B 291 21.04 -7.81 -16.06
N PHE B 292 20.96 -8.99 -16.63
CA PHE B 292 21.30 -9.19 -18.02
C PHE B 292 20.10 -9.82 -18.70
N ARG B 293 20.23 -10.04 -20.00
CA ARG B 293 19.29 -10.82 -20.80
C ARG B 293 19.96 -11.20 -22.10
N VAL B 294 19.47 -12.27 -22.71
CA VAL B 294 20.04 -12.78 -23.94
C VAL B 294 19.14 -12.38 -25.10
N VAL B 295 19.72 -11.70 -26.07
CA VAL B 295 18.97 -11.27 -27.25
C VAL B 295 18.84 -12.43 -28.21
N PRO B 296 17.65 -12.71 -28.75
CA PRO B 296 17.52 -13.80 -29.72
C PRO B 296 18.23 -13.49 -31.02
N SER B 297 18.67 -14.54 -31.69
CA SER B 297 19.29 -14.46 -33.01
C SER B 297 18.70 -15.59 -33.84
N GLY B 298 17.63 -15.29 -34.55
CA GLY B 298 16.94 -16.27 -35.34
C GLY B 298 15.45 -16.01 -35.35
N ASP B 299 14.78 -16.57 -36.34
CA ASP B 299 13.34 -16.41 -36.48
C ASP B 299 12.78 -17.70 -37.06
N VAL B 300 11.90 -18.33 -36.29
CA VAL B 300 11.24 -19.56 -36.71
C VAL B 300 9.76 -19.29 -36.72
N VAL B 301 9.17 -19.28 -37.91
CA VAL B 301 7.75 -19.04 -38.09
C VAL B 301 7.13 -20.32 -38.61
N ARG B 302 6.07 -20.78 -37.97
CA ARG B 302 5.53 -22.08 -38.28
C ARG B 302 4.04 -22.00 -38.56
N PHE B 303 3.61 -22.77 -39.54
CA PHE B 303 2.24 -22.88 -40.00
C PHE B 303 2.08 -24.28 -40.56
N PRO B 304 0.83 -24.77 -40.75
CA PRO B 304 0.66 -26.11 -41.35
C PRO B 304 1.06 -26.21 -42.82
N ASN B 305 0.74 -27.34 -43.47
CA ASN B 305 1.00 -27.55 -44.89
C ASN B 305 0.45 -26.42 -45.74
N ILE B 306 1.37 -25.64 -46.33
CA ILE B 306 1.08 -24.27 -46.74
C ILE B 306 0.16 -24.27 -47.95
N THR B 307 -0.85 -23.41 -47.90
CA THR B 307 -1.79 -23.27 -48.99
C THR B 307 -1.44 -22.05 -49.85
N ASN B 308 -2.33 -21.75 -50.79
CA ASN B 308 -2.13 -20.75 -51.83
C ASN B 308 -2.62 -19.38 -51.39
N LEU B 309 -2.20 -18.36 -52.13
CA LEU B 309 -2.88 -17.08 -52.12
C LEU B 309 -3.97 -17.13 -53.17
N CYS B 310 -5.13 -16.56 -52.85
CA CYS B 310 -6.21 -16.59 -53.83
C CYS B 310 -7.08 -15.37 -53.66
N PRO B 311 -7.66 -14.84 -54.74
CA PRO B 311 -8.54 -13.68 -54.63
C PRO B 311 -9.89 -14.07 -54.05
N PHE B 312 -10.63 -13.06 -53.63
CA PHE B 312 -11.91 -13.25 -52.96
C PHE B 312 -12.94 -12.26 -53.51
N GLY B 313 -13.07 -12.24 -54.83
CA GLY B 313 -14.07 -11.46 -55.53
C GLY B 313 -15.49 -11.71 -55.05
N GLU B 314 -16.01 -12.91 -55.25
CA GLU B 314 -17.37 -13.24 -54.83
C GLU B 314 -17.48 -13.55 -53.34
N VAL B 315 -16.41 -13.33 -52.58
CA VAL B 315 -16.37 -13.62 -51.17
C VAL B 315 -16.35 -12.35 -50.35
N PHE B 316 -15.63 -11.33 -50.82
CA PHE B 316 -15.59 -10.03 -50.16
C PHE B 316 -16.32 -8.93 -50.91
N ASN B 317 -16.47 -9.02 -52.21
CA ASN B 317 -17.06 -7.95 -53.00
C ASN B 317 -18.06 -8.53 -53.99
N ALA B 318 -18.91 -9.43 -53.51
CA ALA B 318 -19.76 -10.19 -54.43
C ALA B 318 -20.85 -9.31 -55.04
N THR B 319 -21.48 -9.85 -56.08
CA THR B 319 -22.44 -9.06 -56.85
C THR B 319 -23.75 -8.88 -56.09
N LYS B 320 -24.24 -9.94 -55.44
CA LYS B 320 -25.46 -9.88 -54.66
C LYS B 320 -25.16 -10.22 -53.20
N PHE B 321 -25.61 -9.37 -52.29
CA PHE B 321 -25.56 -9.73 -50.88
C PHE B 321 -26.97 -9.91 -50.34
N PRO B 322 -27.17 -10.82 -49.40
CA PRO B 322 -28.49 -10.98 -48.74
C PRO B 322 -28.81 -9.92 -47.70
N SER B 323 -29.84 -10.20 -46.92
CA SER B 323 -30.32 -9.34 -45.85
C SER B 323 -29.56 -9.60 -44.54
N VAL B 324 -29.98 -8.93 -43.48
CA VAL B 324 -29.24 -8.92 -42.22
C VAL B 324 -29.73 -10.00 -41.23
N TYR B 325 -30.95 -10.48 -41.38
CA TYR B 325 -31.31 -11.69 -40.66
C TYR B 325 -30.86 -12.95 -41.39
N ALA B 326 -30.22 -12.80 -42.55
CA ALA B 326 -29.87 -13.90 -43.42
C ALA B 326 -28.45 -13.76 -43.95
N TRP B 327 -27.48 -13.52 -43.05
CA TRP B 327 -26.08 -13.37 -43.47
C TRP B 327 -25.55 -14.67 -44.07
N GLU B 328 -24.99 -14.58 -45.27
CA GLU B 328 -24.35 -15.74 -45.86
C GLU B 328 -23.02 -16.01 -45.17
N ARG B 329 -22.81 -17.27 -44.78
CA ARG B 329 -21.55 -17.70 -44.15
C ARG B 329 -20.50 -17.97 -45.23
N LYS B 330 -20.11 -16.90 -45.92
CA LYS B 330 -18.95 -17.01 -46.79
C LYS B 330 -17.73 -17.15 -45.91
N LYS B 331 -16.89 -18.13 -46.22
CA LYS B 331 -15.78 -18.49 -45.34
C LYS B 331 -14.50 -18.41 -46.13
N ILE B 332 -13.39 -18.46 -45.40
CA ILE B 332 -12.07 -18.50 -45.99
C ILE B 332 -11.29 -19.61 -45.31
N SER B 333 -10.87 -20.60 -46.10
CA SER B 333 -10.00 -21.65 -45.60
C SER B 333 -9.21 -22.17 -46.79
N ASN B 334 -8.05 -22.76 -46.48
CA ASN B 334 -7.03 -23.13 -47.46
C ASN B 334 -6.72 -21.99 -48.42
N CYS B 335 -6.54 -20.80 -47.85
CA CYS B 335 -6.06 -19.69 -48.66
C CYS B 335 -5.26 -18.75 -47.79
N VAL B 336 -4.03 -18.47 -48.21
CA VAL B 336 -3.15 -17.52 -47.55
C VAL B 336 -3.60 -16.10 -47.88
N ALA B 337 -3.88 -15.32 -46.85
CA ALA B 337 -4.17 -13.89 -46.97
C ALA B 337 -4.09 -13.21 -45.62
N ASP B 338 -3.72 -11.92 -45.65
CA ASP B 338 -3.99 -10.97 -44.58
C ASP B 338 -4.99 -9.91 -44.99
N TYR B 339 -5.32 -9.84 -46.29
CA TYR B 339 -6.16 -8.82 -46.90
C TYR B 339 -5.62 -7.42 -46.66
N SER B 340 -4.30 -7.29 -46.67
CA SER B 340 -3.68 -5.98 -46.72
C SER B 340 -3.96 -5.30 -48.06
N VAL B 341 -4.02 -6.08 -49.14
CA VAL B 341 -4.43 -5.52 -50.44
C VAL B 341 -5.91 -5.22 -50.49
N LEU B 342 -6.69 -5.74 -49.53
CA LEU B 342 -8.04 -5.27 -49.29
C LEU B 342 -8.04 -4.04 -48.38
N TYR B 343 -7.23 -4.09 -47.33
CA TYR B 343 -7.19 -3.03 -46.35
C TYR B 343 -6.59 -1.75 -46.92
N ASN B 344 -5.51 -1.86 -47.69
CA ASN B 344 -4.90 -0.69 -48.33
C ASN B 344 -5.73 -0.26 -49.53
N SER B 345 -6.86 0.38 -49.22
CA SER B 345 -7.81 0.84 -50.22
C SER B 345 -8.70 1.89 -49.58
N THR B 346 -9.08 2.89 -50.39
CA THR B 346 -9.99 3.93 -49.95
C THR B 346 -11.30 3.91 -50.74
N PHE B 347 -11.63 2.78 -51.37
CA PHE B 347 -12.94 2.55 -51.94
C PHE B 347 -13.96 2.13 -50.91
N PHE B 348 -13.52 1.91 -49.67
CA PHE B 348 -14.34 1.35 -48.62
C PHE B 348 -14.51 2.41 -47.54
N SER B 349 -15.38 2.14 -46.57
CA SER B 349 -15.75 3.18 -45.61
C SER B 349 -15.28 2.96 -44.18
N THR B 350 -15.19 1.72 -43.69
CA THR B 350 -14.93 1.53 -42.26
C THR B 350 -13.59 0.86 -41.95
N PHE B 351 -13.37 -0.38 -42.42
CA PHE B 351 -12.27 -1.26 -41.99
C PHE B 351 -12.16 -1.37 -40.47
N LYS B 352 -13.31 -1.42 -39.79
CA LYS B 352 -13.34 -1.41 -38.33
C LYS B 352 -13.21 -2.82 -37.78
N CYS B 353 -12.22 -3.04 -36.92
CA CYS B 353 -11.90 -4.39 -36.45
C CYS B 353 -11.93 -4.43 -34.93
N TYR B 354 -12.55 -5.48 -34.38
CA TYR B 354 -12.78 -5.60 -32.94
C TYR B 354 -12.09 -6.83 -32.35
N ALA B 358 -1.23 -1.31 -39.41
CA ALA B 358 -2.30 -1.38 -38.42
C ALA B 358 -2.20 -2.63 -37.58
N THR B 359 -2.72 -2.55 -36.36
CA THR B 359 -2.88 -3.74 -35.51
C THR B 359 -3.91 -4.70 -36.07
N LYS B 360 -4.77 -4.23 -36.98
CA LYS B 360 -5.87 -5.00 -37.52
C LYS B 360 -5.40 -6.06 -38.51
N LEU B 361 -4.19 -5.90 -39.06
CA LEU B 361 -3.64 -6.87 -39.99
C LEU B 361 -2.71 -7.89 -39.32
N ASN B 362 -2.25 -7.62 -38.10
CA ASN B 362 -1.52 -8.62 -37.33
C ASN B 362 -2.39 -9.30 -36.28
N ASP B 363 -3.51 -8.67 -35.87
CA ASP B 363 -4.47 -9.36 -35.02
C ASP B 363 -5.21 -10.44 -35.80
N LEU B 364 -5.34 -10.25 -37.11
CA LEU B 364 -6.01 -11.19 -38.00
C LEU B 364 -5.12 -12.40 -38.23
N CYS B 365 -5.18 -13.34 -37.27
CA CYS B 365 -4.54 -14.65 -37.41
C CYS B 365 -5.32 -15.62 -36.52
N PHE B 366 -6.27 -16.32 -37.12
CA PHE B 366 -7.12 -17.24 -36.36
C PHE B 366 -7.49 -18.42 -37.26
N SER B 367 -8.53 -19.14 -36.87
CA SER B 367 -9.06 -20.32 -37.53
C SER B 367 -9.87 -19.92 -38.76
N ASN B 368 -10.88 -20.71 -39.12
CA ASN B 368 -11.85 -20.33 -40.13
C ASN B 368 -12.38 -18.91 -39.93
N VAL B 369 -12.01 -18.03 -40.86
CA VAL B 369 -12.38 -16.62 -40.85
C VAL B 369 -13.48 -16.44 -41.87
N TYR B 370 -14.51 -15.68 -41.53
CA TYR B 370 -15.66 -15.61 -42.40
C TYR B 370 -15.68 -14.35 -43.25
N ALA B 371 -16.67 -14.30 -44.11
CA ALA B 371 -16.91 -13.19 -45.00
C ALA B 371 -18.40 -12.92 -45.05
N ASP B 372 -19.01 -12.78 -43.86
CA ASP B 372 -20.44 -12.61 -43.70
C ASP B 372 -20.96 -11.41 -44.47
N SER B 373 -21.69 -11.69 -45.55
CA SER B 373 -22.06 -10.71 -46.55
C SER B 373 -23.57 -10.49 -46.48
N PHE B 374 -23.95 -9.22 -46.53
CA PHE B 374 -25.33 -8.80 -46.29
C PHE B 374 -25.48 -7.34 -46.72
N VAL B 375 -26.73 -6.92 -46.88
CA VAL B 375 -27.06 -5.56 -47.29
C VAL B 375 -27.67 -4.81 -46.12
N VAL B 376 -27.05 -3.69 -45.77
CA VAL B 376 -27.43 -2.85 -44.63
C VAL B 376 -27.87 -1.48 -45.14
N LYS B 377 -28.57 -0.75 -44.27
CA LYS B 377 -28.67 0.70 -44.40
C LYS B 377 -27.44 1.34 -43.76
N GLY B 378 -27.25 2.64 -43.99
CA GLY B 378 -26.20 3.36 -43.30
C GLY B 378 -26.48 3.52 -41.82
N ASP B 379 -27.76 3.48 -41.44
CA ASP B 379 -28.12 3.34 -40.03
C ASP B 379 -27.97 1.92 -39.53
N ASP B 380 -27.65 0.95 -40.40
CA ASP B 380 -27.42 -0.43 -39.99
C ASP B 380 -25.96 -0.87 -40.07
N VAL B 381 -25.09 -0.16 -40.80
CA VAL B 381 -23.65 -0.41 -40.69
C VAL B 381 -23.17 -0.04 -39.30
N ARG B 382 -23.82 0.97 -38.70
CA ARG B 382 -23.55 1.46 -37.36
C ARG B 382 -23.60 0.37 -36.30
N GLN B 383 -24.51 -0.60 -36.46
CA GLN B 383 -24.66 -1.68 -35.49
C GLN B 383 -24.10 -3.01 -35.96
N ILE B 384 -23.27 -3.02 -37.00
CA ILE B 384 -22.45 -4.20 -37.33
C ILE B 384 -21.18 -4.03 -36.49
N ALA B 385 -21.26 -4.48 -35.26
CA ALA B 385 -20.35 -4.14 -34.19
C ALA B 385 -20.68 -5.09 -33.03
N PRO B 386 -19.74 -5.40 -32.13
CA PRO B 386 -20.06 -6.38 -31.07
C PRO B 386 -21.05 -5.81 -30.07
N GLY B 387 -22.02 -6.63 -29.70
CA GLY B 387 -23.18 -6.11 -29.02
C GLY B 387 -24.04 -5.35 -30.00
N GLN B 388 -24.23 -4.05 -29.72
CA GLN B 388 -25.20 -3.18 -30.41
C GLN B 388 -26.58 -3.82 -30.43
N THR B 389 -27.08 -4.07 -29.22
CA THR B 389 -28.26 -4.93 -29.01
C THR B 389 -29.57 -4.17 -29.28
N GLY B 390 -29.65 -3.61 -30.47
CA GLY B 390 -30.87 -2.98 -30.92
C GLY B 390 -31.66 -3.97 -31.73
N VAL B 391 -31.88 -3.65 -33.01
CA VAL B 391 -32.70 -4.54 -33.83
C VAL B 391 -31.81 -5.49 -34.63
N ILE B 392 -30.60 -5.04 -34.97
CA ILE B 392 -29.70 -5.86 -35.77
C ILE B 392 -29.21 -7.06 -34.97
N ALA B 393 -28.72 -6.82 -33.76
CA ALA B 393 -28.14 -7.91 -32.98
C ALA B 393 -29.20 -8.88 -32.51
N ASP B 394 -30.13 -8.42 -31.67
CA ASP B 394 -31.01 -9.35 -30.98
C ASP B 394 -32.11 -9.91 -31.86
N TYR B 395 -32.35 -9.32 -33.02
CA TYR B 395 -33.36 -9.86 -33.93
C TYR B 395 -32.78 -10.39 -35.22
N ASN B 396 -32.01 -9.60 -35.96
CA ASN B 396 -31.49 -10.06 -37.24
C ASN B 396 -30.34 -11.05 -37.06
N TYR B 397 -29.23 -10.61 -36.48
CA TYR B 397 -28.05 -11.45 -36.30
C TYR B 397 -27.21 -10.85 -35.19
N LYS B 398 -26.90 -11.64 -34.16
CA LYS B 398 -26.15 -11.16 -33.01
C LYS B 398 -24.65 -11.44 -33.17
N LEU B 399 -23.83 -10.52 -32.65
CA LEU B 399 -22.39 -10.69 -32.55
C LEU B 399 -21.97 -10.77 -31.10
N PRO B 400 -21.05 -11.67 -30.74
CA PRO B 400 -20.49 -11.65 -29.38
C PRO B 400 -19.56 -10.47 -29.19
N ASP B 401 -19.33 -10.12 -27.92
CA ASP B 401 -18.56 -8.94 -27.56
C ASP B 401 -17.11 -9.24 -27.19
N ASP B 402 -16.58 -10.40 -27.60
CA ASP B 402 -15.22 -10.76 -27.25
C ASP B 402 -14.28 -10.71 -28.44
N PHE B 403 -14.55 -11.48 -29.49
CA PHE B 403 -13.67 -11.63 -30.65
C PHE B 403 -14.50 -11.40 -31.90
N MET B 404 -14.09 -10.40 -32.68
CA MET B 404 -14.73 -10.05 -33.93
C MET B 404 -13.64 -9.65 -34.90
N GLY B 405 -13.79 -10.02 -36.16
CA GLY B 405 -12.85 -9.52 -37.14
C GLY B 405 -13.22 -8.14 -37.64
N CYS B 406 -13.17 -7.96 -38.94
CA CYS B 406 -13.19 -6.63 -39.52
C CYS B 406 -14.50 -6.36 -40.27
N VAL B 407 -14.83 -5.08 -40.38
CA VAL B 407 -16.04 -4.62 -41.05
C VAL B 407 -15.60 -4.09 -42.41
N LEU B 408 -15.89 -4.84 -43.45
CA LEU B 408 -15.54 -4.43 -44.81
C LEU B 408 -16.76 -3.77 -45.45
N ALA B 409 -16.82 -2.45 -45.41
CA ALA B 409 -18.01 -1.71 -45.81
C ALA B 409 -17.68 -0.73 -46.92
N TRP B 410 -18.42 -0.79 -48.02
CA TRP B 410 -18.25 0.17 -49.11
C TRP B 410 -19.59 0.65 -49.60
N ASN B 411 -19.55 1.68 -50.43
CA ASN B 411 -20.72 2.48 -50.75
C ASN B 411 -21.34 1.96 -52.04
N THR B 412 -22.55 1.38 -51.93
CA THR B 412 -23.25 0.80 -53.07
C THR B 412 -24.52 1.59 -53.35
N ARG B 413 -24.37 2.92 -53.37
CA ARG B 413 -25.48 3.83 -53.66
C ARG B 413 -26.06 3.61 -55.05
N ASN B 414 -25.20 3.34 -56.04
CA ASN B 414 -25.63 3.09 -57.41
C ASN B 414 -25.87 1.61 -57.70
N ILE B 415 -25.79 0.74 -56.69
CA ILE B 415 -26.01 -0.69 -56.86
C ILE B 415 -27.33 -1.12 -56.26
N ASP B 416 -27.49 -0.95 -54.95
CA ASP B 416 -28.70 -1.43 -54.30
C ASP B 416 -29.83 -0.42 -54.37
N ALA B 417 -29.54 0.87 -54.24
CA ALA B 417 -30.58 1.86 -54.07
C ALA B 417 -31.21 2.28 -55.38
N THR B 418 -32.37 2.92 -55.25
CA THR B 418 -33.07 3.59 -56.34
C THR B 418 -33.83 4.74 -55.69
N SER B 419 -33.92 5.87 -56.41
CA SER B 419 -34.40 7.13 -55.82
C SER B 419 -35.85 7.07 -55.34
N THR B 420 -36.62 6.07 -55.77
CA THR B 420 -37.95 5.80 -55.26
C THR B 420 -37.94 4.87 -54.05
N GLY B 421 -36.88 4.10 -53.86
CA GLY B 421 -36.83 3.15 -52.77
C GLY B 421 -36.64 1.71 -53.19
N ASN B 422 -35.50 1.15 -52.81
CA ASN B 422 -35.27 -0.28 -52.94
C ASN B 422 -36.05 -0.95 -51.80
N TYR B 423 -37.32 -1.26 -52.07
CA TYR B 423 -38.18 -1.95 -51.12
C TYR B 423 -38.15 -3.47 -51.32
N ASN B 424 -37.05 -3.99 -51.84
CA ASN B 424 -36.90 -5.41 -52.14
C ASN B 424 -36.12 -6.16 -51.07
N TYR B 425 -35.68 -5.48 -50.00
CA TYR B 425 -34.94 -6.10 -48.92
C TYR B 425 -35.64 -5.84 -47.60
N LYS B 426 -35.56 -6.80 -46.68
CA LYS B 426 -36.23 -6.70 -45.38
C LYS B 426 -35.33 -7.20 -44.25
N TYR B 427 -35.75 -6.95 -43.01
CA TYR B 427 -34.99 -7.30 -41.83
C TYR B 427 -35.93 -7.65 -40.69
N ARG B 428 -35.47 -8.52 -39.80
CA ARG B 428 -36.30 -8.95 -38.68
C ARG B 428 -36.40 -7.87 -37.61
N TYR B 429 -37.62 -7.62 -37.14
CA TYR B 429 -37.91 -6.84 -35.94
C TYR B 429 -38.68 -7.65 -34.92
N LEU B 430 -38.89 -8.94 -35.14
CA LEU B 430 -39.98 -9.67 -34.51
C LEU B 430 -39.55 -11.11 -34.27
N ARG B 431 -39.54 -11.52 -33.00
CA ARG B 431 -39.24 -12.90 -32.64
C ARG B 431 -39.76 -13.14 -31.22
N HIS B 432 -40.12 -14.39 -30.94
CA HIS B 432 -40.32 -14.87 -29.57
C HIS B 432 -38.95 -14.94 -28.91
N GLY B 433 -38.48 -13.80 -28.41
CA GLY B 433 -37.20 -13.72 -27.75
C GLY B 433 -36.10 -13.19 -28.66
N LYS B 434 -34.88 -13.33 -28.15
CA LYS B 434 -33.69 -12.78 -28.77
C LYS B 434 -32.73 -13.91 -29.13
N LEU B 435 -31.63 -13.54 -29.76
CA LEU B 435 -30.69 -14.53 -30.28
C LEU B 435 -29.51 -14.70 -29.32
N ARG B 436 -28.83 -15.83 -29.47
CA ARG B 436 -27.52 -16.03 -28.86
C ARG B 436 -26.47 -15.39 -29.77
N PRO B 437 -25.23 -15.21 -29.32
CA PRO B 437 -24.21 -14.67 -30.22
C PRO B 437 -23.91 -15.58 -31.42
N PHE B 438 -23.69 -14.95 -32.58
CA PHE B 438 -23.43 -15.63 -33.86
C PHE B 438 -24.56 -16.60 -34.22
N GLU B 439 -25.70 -16.03 -34.62
CA GLU B 439 -26.89 -16.86 -34.84
C GLU B 439 -27.80 -16.32 -35.94
N ARG B 440 -28.08 -17.16 -36.96
CA ARG B 440 -29.03 -16.83 -38.02
C ARG B 440 -30.47 -17.09 -37.58
N ASP B 441 -31.39 -16.39 -38.25
CA ASP B 441 -32.83 -16.50 -37.97
C ASP B 441 -33.55 -16.02 -39.23
N ILE B 442 -34.15 -16.93 -39.98
CA ILE B 442 -34.95 -16.52 -41.14
C ILE B 442 -36.37 -17.05 -41.02
N SER B 443 -36.83 -17.25 -39.78
CA SER B 443 -38.16 -17.78 -39.49
C SER B 443 -39.30 -16.87 -39.94
N ASN B 444 -40.04 -17.29 -40.95
CA ASN B 444 -41.27 -16.59 -41.35
C ASN B 444 -42.49 -17.25 -40.71
N VAL B 445 -42.43 -17.45 -39.41
CA VAL B 445 -43.60 -17.74 -38.58
C VAL B 445 -44.03 -16.37 -38.08
N PRO B 446 -45.32 -16.03 -38.04
CA PRO B 446 -45.72 -14.75 -37.45
C PRO B 446 -45.53 -14.72 -35.94
N PHE B 447 -44.88 -13.66 -35.45
CA PHE B 447 -44.49 -13.54 -34.03
C PHE B 447 -45.02 -12.26 -33.38
N SER B 448 -44.50 -11.94 -32.19
CA SER B 448 -44.82 -10.80 -31.34
C SER B 448 -43.56 -9.98 -31.00
N PRO B 449 -43.67 -8.65 -30.92
CA PRO B 449 -42.48 -7.81 -30.70
C PRO B 449 -41.92 -7.87 -29.29
N ASP B 450 -42.68 -8.40 -28.34
CA ASP B 450 -42.26 -8.47 -26.94
C ASP B 450 -42.01 -9.90 -26.48
N GLY B 451 -41.68 -10.80 -27.41
CA GLY B 451 -41.41 -12.18 -27.10
C GLY B 451 -42.62 -13.01 -26.74
N LYS B 452 -43.82 -12.50 -26.96
CA LYS B 452 -45.02 -13.18 -26.50
C LYS B 452 -45.36 -14.34 -27.42
N PRO B 453 -45.69 -15.53 -26.89
CA PRO B 453 -45.98 -16.68 -27.76
C PRO B 453 -47.28 -16.48 -28.56
N CYS B 454 -47.15 -16.50 -29.88
CA CYS B 454 -48.25 -16.17 -30.78
C CYS B 454 -48.85 -17.44 -31.36
N THR B 455 -50.18 -17.57 -31.23
CA THR B 455 -50.99 -18.52 -31.99
C THR B 455 -51.88 -17.67 -32.88
N PRO B 456 -51.43 -17.33 -34.09
CA PRO B 456 -52.12 -16.31 -34.90
C PRO B 456 -53.41 -16.85 -35.51
N PRO B 457 -54.40 -15.98 -35.76
CA PRO B 457 -54.44 -14.54 -35.47
C PRO B 457 -54.73 -14.22 -33.98
N ALA B 458 -53.86 -13.43 -33.37
CA ALA B 458 -53.95 -13.15 -31.94
C ALA B 458 -53.26 -11.83 -31.64
N LEU B 459 -53.01 -11.57 -30.36
CA LEU B 459 -52.47 -10.29 -29.88
C LEU B 459 -51.05 -10.05 -30.40
N ASN B 460 -50.87 -8.90 -31.07
CA ASN B 460 -49.57 -8.40 -31.54
C ASN B 460 -48.90 -9.38 -32.48
N CYS B 461 -49.68 -10.06 -33.31
CA CYS B 461 -49.18 -11.07 -34.23
C CYS B 461 -49.09 -10.49 -35.62
N TYR B 462 -47.86 -10.29 -36.10
CA TYR B 462 -47.62 -9.70 -37.40
C TYR B 462 -46.50 -10.46 -38.10
N TRP B 463 -46.02 -9.93 -39.20
CA TRP B 463 -44.99 -10.57 -40.01
C TRP B 463 -43.61 -10.19 -39.49
N PRO B 464 -42.62 -11.09 -39.58
CA PRO B 464 -41.32 -10.84 -38.91
C PRO B 464 -40.47 -9.76 -39.54
N LEU B 465 -40.74 -9.37 -40.78
CA LEU B 465 -39.78 -8.63 -41.59
C LEU B 465 -40.28 -7.22 -41.85
N ASN B 466 -39.38 -6.23 -41.74
CA ASN B 466 -39.70 -4.82 -41.96
C ASN B 466 -38.85 -4.28 -43.10
N ASP B 467 -39.34 -3.22 -43.75
CA ASP B 467 -38.67 -2.67 -44.91
C ASP B 467 -37.40 -1.90 -44.53
N TYR B 468 -36.52 -1.74 -45.52
CA TYR B 468 -35.40 -0.81 -45.44
C TYR B 468 -35.73 0.53 -46.09
N GLY B 469 -35.99 0.53 -47.40
CA GLY B 469 -36.19 1.77 -48.13
C GLY B 469 -34.94 2.53 -48.56
N PHE B 470 -34.15 1.95 -49.47
CA PHE B 470 -32.92 2.59 -49.93
C PHE B 470 -33.21 3.61 -51.02
N TYR B 471 -32.87 4.87 -50.79
CA TYR B 471 -32.92 5.89 -51.85
C TYR B 471 -31.51 6.19 -52.35
N THR B 472 -31.44 6.75 -53.55
CA THR B 472 -30.30 7.53 -53.99
C THR B 472 -30.50 9.02 -53.77
N THR B 473 -31.67 9.42 -53.29
CA THR B 473 -32.00 10.81 -52.98
C THR B 473 -32.18 11.00 -51.48
N THR B 474 -31.27 10.42 -50.70
CA THR B 474 -31.30 10.52 -49.25
C THR B 474 -29.87 10.71 -48.75
N GLY B 475 -29.73 10.84 -47.44
CA GLY B 475 -28.43 10.88 -46.81
C GLY B 475 -27.88 9.49 -46.59
N ILE B 476 -26.73 9.44 -45.93
CA ILE B 476 -25.99 8.18 -45.77
C ILE B 476 -26.74 7.21 -44.87
N GLY B 477 -27.57 7.72 -43.94
CA GLY B 477 -28.30 6.87 -43.02
C GLY B 477 -29.37 6.00 -43.67
N TYR B 478 -29.90 6.43 -44.81
CA TYR B 478 -30.86 5.62 -45.56
C TYR B 478 -30.30 5.10 -46.88
N GLN B 479 -28.95 5.33 -47.16
CA GLN B 479 -28.30 4.73 -48.31
C GLN B 479 -27.75 3.34 -47.96
N PRO B 480 -27.70 2.43 -48.95
CA PRO B 480 -27.15 1.11 -48.71
C PRO B 480 -25.63 1.10 -48.73
N TYR B 481 -25.06 0.38 -47.76
CA TYR B 481 -23.72 -0.14 -47.87
C TYR B 481 -23.78 -1.67 -47.97
N ARG B 482 -22.65 -2.27 -48.28
CA ARG B 482 -22.49 -3.72 -48.26
C ARG B 482 -21.32 -4.10 -47.36
N VAL B 483 -21.60 -4.92 -46.33
CA VAL B 483 -20.66 -5.19 -45.25
C VAL B 483 -20.24 -6.65 -45.28
N VAL B 484 -18.93 -6.88 -45.28
CA VAL B 484 -18.33 -8.20 -45.09
C VAL B 484 -17.67 -8.25 -43.73
N VAL B 485 -18.01 -9.27 -42.93
CA VAL B 485 -17.52 -9.40 -41.55
C VAL B 485 -16.58 -10.60 -41.48
N LEU B 486 -15.42 -10.41 -40.86
CA LEU B 486 -14.45 -11.49 -40.67
C LEU B 486 -14.78 -12.25 -39.38
N SER B 487 -15.88 -13.00 -39.42
CA SER B 487 -16.37 -13.70 -38.22
C SER B 487 -15.43 -14.84 -37.85
N PHE B 488 -14.88 -14.77 -36.64
CA PHE B 488 -13.85 -15.71 -36.16
C PHE B 488 -14.53 -16.90 -35.49
N GLU B 489 -15.22 -17.69 -36.31
CA GLU B 489 -15.74 -18.98 -35.87
C GLU B 489 -15.79 -19.95 -37.05
N THR B 496 -6.54 -21.68 -41.84
CA THR B 496 -5.96 -20.57 -41.10
C THR B 496 -5.71 -19.38 -42.04
N VAL B 497 -6.03 -18.18 -41.57
CA VAL B 497 -5.92 -16.95 -42.36
C VAL B 497 -4.96 -16.04 -41.58
N CYS B 498 -3.67 -16.12 -41.91
CA CYS B 498 -2.68 -15.43 -41.09
C CYS B 498 -1.62 -14.72 -41.92
N GLY B 499 -2.00 -14.16 -43.07
CA GLY B 499 -1.07 -13.43 -43.89
C GLY B 499 -0.09 -14.33 -44.59
N PRO B 500 1.07 -13.79 -45.01
CA PRO B 500 2.06 -14.60 -45.72
C PRO B 500 2.68 -15.66 -44.83
N LYS B 501 1.90 -16.72 -44.62
CA LYS B 501 2.24 -17.81 -43.72
C LYS B 501 3.43 -18.59 -44.29
N LEU B 502 4.58 -18.45 -43.66
CA LEU B 502 5.80 -19.11 -44.13
C LEU B 502 6.24 -20.12 -43.09
N SER B 503 6.18 -21.41 -43.46
CA SER B 503 6.64 -22.47 -42.57
C SER B 503 8.16 -22.53 -42.67
N THR B 504 8.83 -21.71 -41.88
CA THR B 504 10.28 -21.67 -41.88
C THR B 504 10.85 -22.86 -41.12
N ASP B 505 12.17 -23.00 -41.17
CA ASP B 505 12.82 -24.18 -40.63
C ASP B 505 12.97 -24.06 -39.12
N LEU B 506 13.12 -25.21 -38.47
CA LEU B 506 13.17 -25.31 -37.02
C LEU B 506 14.60 -25.14 -36.55
N ILE B 507 14.97 -23.93 -36.15
CA ILE B 507 16.28 -23.72 -35.56
C ILE B 507 16.18 -24.15 -34.11
N LYS B 508 16.45 -25.42 -33.83
CA LYS B 508 16.39 -25.90 -32.47
C LYS B 508 17.59 -25.41 -31.69
N ASN B 509 17.46 -25.43 -30.36
CA ASN B 509 18.55 -25.23 -29.40
C ASN B 509 19.17 -23.84 -29.54
N GLN B 510 18.32 -22.87 -29.84
CA GLN B 510 18.74 -21.52 -30.16
C GLN B 510 17.67 -20.58 -29.66
N CYS B 511 18.08 -19.52 -28.95
CA CYS B 511 17.12 -18.51 -28.52
C CYS B 511 16.66 -17.75 -29.75
N VAL B 512 15.41 -17.97 -30.13
CA VAL B 512 14.85 -17.38 -31.33
C VAL B 512 13.61 -16.59 -30.97
N ASN B 513 13.33 -15.59 -31.78
CA ASN B 513 12.01 -14.99 -31.80
C ASN B 513 11.15 -15.87 -32.67
N PHE B 514 10.21 -16.58 -32.08
CA PHE B 514 9.38 -17.45 -32.88
C PHE B 514 7.95 -16.93 -32.94
N ASN B 515 7.21 -17.47 -33.89
CA ASN B 515 5.80 -17.16 -34.03
C ASN B 515 5.17 -18.39 -34.65
N PHE B 516 4.44 -19.14 -33.84
CA PHE B 516 3.77 -20.31 -34.35
C PHE B 516 2.38 -19.89 -34.75
N ASN B 517 1.52 -20.88 -35.00
CA ASN B 517 0.17 -20.60 -35.44
C ASN B 517 -0.61 -20.01 -34.27
N GLY B 518 -0.49 -18.68 -34.10
CA GLY B 518 -1.08 -18.00 -32.96
C GLY B 518 -0.47 -18.34 -31.63
N LEU B 519 0.79 -18.79 -31.60
CA LEU B 519 1.44 -19.27 -30.38
C LEU B 519 2.82 -18.61 -30.36
N THR B 520 2.91 -17.40 -29.84
CA THR B 520 4.03 -16.54 -30.13
C THR B 520 5.02 -16.55 -28.97
N GLY B 521 5.98 -15.64 -29.04
CA GLY B 521 6.90 -15.40 -27.96
C GLY B 521 8.31 -15.69 -28.38
N THR B 522 9.24 -15.45 -27.46
CA THR B 522 10.64 -15.72 -27.69
C THR B 522 11.10 -16.79 -26.72
N GLY B 523 12.01 -17.65 -27.17
CA GLY B 523 12.51 -18.69 -26.30
C GLY B 523 13.42 -19.63 -27.04
N VAL B 524 13.65 -20.79 -26.43
CA VAL B 524 14.52 -21.83 -26.97
C VAL B 524 13.68 -23.06 -27.25
N LEU B 525 13.87 -23.65 -28.42
CA LEU B 525 13.00 -24.71 -28.92
C LEU B 525 13.73 -26.03 -28.91
N THR B 526 13.15 -27.03 -28.26
CA THR B 526 13.75 -28.37 -28.21
C THR B 526 12.66 -29.42 -28.14
N PRO B 527 12.83 -30.56 -28.80
CA PRO B 527 11.76 -31.57 -28.80
C PRO B 527 11.62 -32.27 -27.47
N SER B 528 10.44 -32.84 -27.27
CA SER B 528 10.10 -33.49 -26.02
C SER B 528 9.10 -34.60 -26.28
N SER B 529 8.78 -35.33 -25.22
CA SER B 529 7.89 -36.48 -25.28
C SER B 529 6.62 -36.27 -24.46
N LYS B 530 6.18 -35.03 -24.31
CA LYS B 530 4.93 -34.77 -23.61
C LYS B 530 3.77 -35.28 -24.46
N ARG B 531 3.03 -36.24 -23.92
CA ARG B 531 2.11 -37.04 -24.72
C ARG B 531 0.84 -36.24 -25.00
N PHE B 532 0.91 -35.48 -26.09
CA PHE B 532 -0.22 -34.67 -26.51
C PHE B 532 -1.39 -35.52 -26.92
N GLN B 533 -2.55 -35.20 -26.39
CA GLN B 533 -3.76 -35.83 -26.89
C GLN B 533 -4.06 -35.26 -28.27
N PRO B 534 -4.54 -36.10 -29.20
CA PRO B 534 -4.53 -35.72 -30.62
C PRO B 534 -5.56 -34.68 -31.04
N PHE B 535 -6.17 -34.00 -30.09
CA PHE B 535 -6.91 -32.78 -30.37
C PHE B 535 -6.27 -31.56 -29.71
N GLN B 536 -5.20 -31.74 -28.96
CA GLN B 536 -4.58 -30.67 -28.21
C GLN B 536 -3.49 -30.02 -29.04
N GLN B 537 -3.53 -28.70 -29.16
CA GLN B 537 -2.60 -28.02 -30.04
C GLN B 537 -1.31 -27.66 -29.36
N PHE B 538 -1.30 -27.52 -28.03
CA PHE B 538 -0.08 -27.17 -27.33
C PHE B 538 -0.21 -27.54 -25.88
N GLY B 539 0.87 -27.31 -25.13
CA GLY B 539 0.88 -27.53 -23.71
C GLY B 539 0.88 -26.23 -22.93
N ARG B 540 0.47 -26.32 -21.67
CA ARG B 540 0.52 -25.15 -20.80
C ARG B 540 1.05 -25.58 -19.44
N ASP B 541 1.87 -24.70 -18.86
CA ASP B 541 2.43 -24.85 -17.53
C ASP B 541 1.32 -24.88 -16.47
N VAL B 542 1.69 -25.28 -15.26
CA VAL B 542 0.82 -25.00 -14.11
C VAL B 542 0.70 -23.49 -13.92
N SER B 543 1.76 -22.74 -14.22
CA SER B 543 1.64 -21.31 -14.34
C SER B 543 0.97 -20.96 -15.66
N ASP B 544 0.63 -19.69 -15.83
CA ASP B 544 -0.19 -19.27 -16.96
C ASP B 544 0.66 -19.04 -18.20
N PHE B 545 1.35 -20.08 -18.60
CA PHE B 545 2.45 -19.98 -19.55
C PHE B 545 2.43 -21.16 -20.50
N THR B 546 2.57 -20.87 -21.78
CA THR B 546 2.77 -21.93 -22.74
C THR B 546 4.18 -22.47 -22.53
N ASP B 547 4.30 -23.79 -22.38
CA ASP B 547 5.59 -24.40 -22.23
C ASP B 547 5.98 -25.32 -23.36
N SER B 548 5.01 -25.81 -24.13
CA SER B 548 5.31 -26.76 -25.19
C SER B 548 4.28 -26.59 -26.29
N VAL B 549 4.67 -26.97 -27.50
CA VAL B 549 3.82 -26.81 -28.67
C VAL B 549 3.87 -28.06 -29.52
N ARG B 550 2.75 -28.34 -30.18
CA ARG B 550 2.69 -29.28 -31.28
C ARG B 550 2.91 -28.48 -32.55
N ASP B 551 3.85 -28.94 -33.39
CA ASP B 551 4.18 -28.19 -34.61
C ASP B 551 2.99 -28.21 -35.57
N PRO B 552 2.63 -27.07 -36.16
CA PRO B 552 1.42 -27.03 -37.01
C PRO B 552 1.56 -27.84 -38.29
N LYS B 553 2.77 -28.11 -38.75
CA LYS B 553 2.96 -28.80 -40.01
C LYS B 553 3.43 -30.23 -39.86
N THR B 554 4.23 -30.54 -38.84
CA THR B 554 4.77 -31.87 -38.67
C THR B 554 4.28 -32.56 -37.40
N SER B 555 3.37 -31.93 -36.64
CA SER B 555 2.83 -32.47 -35.37
C SER B 555 3.92 -32.80 -34.37
N GLU B 556 4.88 -31.89 -34.25
CA GLU B 556 6.09 -32.16 -33.49
C GLU B 556 6.07 -31.40 -32.17
N ILE B 557 6.44 -32.09 -31.10
CA ILE B 557 6.21 -31.64 -29.74
C ILE B 557 7.48 -30.98 -29.25
N LEU B 558 7.49 -29.65 -29.23
CA LEU B 558 8.69 -28.88 -28.92
C LEU B 558 8.51 -28.14 -27.61
N ASP B 559 9.43 -28.34 -26.68
CA ASP B 559 9.40 -27.53 -25.47
C ASP B 559 9.88 -26.11 -25.74
N ILE B 560 9.44 -25.21 -24.88
CA ILE B 560 9.75 -23.79 -24.96
C ILE B 560 10.38 -23.43 -23.63
N SER B 561 11.66 -23.21 -23.62
CA SER B 561 12.27 -22.62 -22.44
C SER B 561 12.27 -21.11 -22.58
N PRO B 562 12.36 -20.36 -21.49
CA PRO B 562 12.67 -18.95 -21.59
C PRO B 562 14.09 -18.77 -22.07
N CYS B 563 14.39 -17.59 -22.59
CA CYS B 563 15.62 -17.40 -23.34
C CYS B 563 16.86 -17.55 -22.46
N ALA B 564 17.13 -16.54 -21.64
CA ALA B 564 17.94 -16.58 -20.42
C ALA B 564 17.96 -15.20 -19.80
N PHE B 565 18.04 -15.14 -18.48
CA PHE B 565 18.20 -13.89 -17.76
C PHE B 565 18.61 -14.21 -16.33
N GLY B 566 18.76 -13.17 -15.53
CA GLY B 566 19.13 -13.35 -14.15
C GLY B 566 19.96 -12.16 -13.68
N GLY B 567 20.50 -12.32 -12.50
CA GLY B 567 21.32 -11.28 -11.94
C GLY B 567 22.77 -11.44 -12.28
N VAL B 568 23.48 -10.32 -12.18
CA VAL B 568 24.92 -10.27 -12.36
C VAL B 568 25.49 -9.76 -11.05
N SER B 569 26.52 -10.43 -10.56
CA SER B 569 27.16 -9.98 -9.35
C SER B 569 28.63 -9.80 -9.61
N VAL B 570 29.23 -8.83 -8.93
CA VAL B 570 30.64 -8.54 -9.04
C VAL B 570 31.31 -9.07 -7.78
N ILE B 571 32.44 -9.73 -7.94
CA ILE B 571 33.29 -10.09 -6.84
C ILE B 571 34.53 -9.24 -6.95
N THR B 572 34.93 -8.59 -5.87
CA THR B 572 36.06 -7.72 -6.01
C THR B 572 36.92 -7.66 -4.75
N PRO B 573 38.25 -7.59 -4.89
CA PRO B 573 39.10 -7.51 -3.72
C PRO B 573 39.19 -6.13 -3.13
N GLY B 574 38.58 -5.15 -3.76
CA GLY B 574 38.65 -3.79 -3.27
C GLY B 574 39.40 -2.89 -4.24
N THR B 575 39.06 -1.61 -4.22
CA THR B 575 39.77 -0.63 -5.03
C THR B 575 41.15 -0.30 -4.46
N ASN B 576 41.37 -0.57 -3.18
CA ASN B 576 42.73 -0.43 -2.65
C ASN B 576 43.65 -1.50 -3.22
N ALA B 577 43.19 -2.73 -3.29
CA ALA B 577 44.06 -3.81 -3.75
C ALA B 577 44.20 -3.82 -5.26
N SER B 578 43.10 -3.78 -6.00
CA SER B 578 43.17 -4.08 -7.42
C SER B 578 42.15 -3.28 -8.21
N SER B 579 42.24 -3.49 -9.51
CA SER B 579 41.24 -3.05 -10.45
C SER B 579 40.52 -4.23 -11.09
N GLU B 580 40.93 -5.45 -10.78
CA GLU B 580 40.35 -6.60 -11.45
C GLU B 580 39.21 -7.17 -10.65
N VAL B 581 38.21 -7.67 -11.37
CA VAL B 581 37.01 -8.24 -10.76
C VAL B 581 36.71 -9.56 -11.43
N ALA B 582 35.94 -10.38 -10.73
CA ALA B 582 35.37 -11.59 -11.29
C ALA B 582 33.86 -11.47 -11.19
N VAL B 583 33.17 -11.68 -12.30
CA VAL B 583 31.74 -11.50 -12.33
C VAL B 583 31.06 -12.85 -12.39
N LEU B 584 29.83 -12.88 -11.91
CA LEU B 584 29.09 -14.11 -11.74
C LEU B 584 27.86 -13.99 -12.59
N TYR B 585 27.51 -15.05 -13.29
CA TYR B 585 26.26 -15.08 -14.02
C TYR B 585 25.33 -16.05 -13.32
N GLN B 586 24.28 -15.51 -12.71
CA GLN B 586 23.49 -16.28 -11.76
C GLN B 586 22.55 -17.22 -12.48
N ASP B 587 22.62 -18.49 -12.09
CA ASP B 587 21.57 -19.48 -12.32
C ASP B 587 21.39 -19.80 -13.80
N VAL B 588 22.50 -19.82 -14.53
CA VAL B 588 22.47 -20.07 -15.95
C VAL B 588 23.47 -21.17 -16.28
N ASN B 589 23.29 -21.76 -17.45
CA ASN B 589 24.17 -22.81 -17.92
C ASN B 589 25.32 -22.16 -18.67
N CYS B 590 26.54 -22.60 -18.36
CA CYS B 590 27.73 -21.92 -18.89
C CYS B 590 27.94 -22.12 -20.38
N THR B 591 27.26 -23.10 -20.99
CA THR B 591 27.35 -23.24 -22.45
C THR B 591 26.64 -22.08 -23.14
N ASP B 592 25.41 -21.78 -22.73
CA ASP B 592 24.69 -20.63 -23.27
C ASP B 592 25.36 -19.32 -22.91
N VAL B 593 26.11 -19.30 -21.82
CA VAL B 593 26.77 -18.08 -21.41
C VAL B 593 27.92 -17.74 -22.34
N SER B 594 28.84 -18.68 -22.53
CA SER B 594 30.04 -18.38 -23.30
C SER B 594 29.73 -18.20 -24.77
N THR B 595 28.68 -18.85 -25.25
CA THR B 595 28.26 -18.67 -26.64
C THR B 595 27.74 -17.26 -26.89
N ALA B 596 26.80 -16.80 -26.07
CA ALA B 596 26.21 -15.48 -26.28
C ALA B 596 27.20 -14.37 -25.99
N ILE B 597 28.22 -14.63 -25.19
CA ILE B 597 29.30 -13.65 -25.04
C ILE B 597 30.06 -13.51 -26.34
N HIS B 598 30.52 -14.63 -26.90
CA HIS B 598 31.31 -14.59 -28.13
C HIS B 598 30.48 -14.13 -29.32
N ALA B 599 29.22 -14.51 -29.37
CA ALA B 599 28.39 -14.05 -30.47
C ALA B 599 27.87 -12.64 -30.27
N ASP B 600 28.13 -12.05 -29.10
CA ASP B 600 27.71 -10.71 -28.71
C ASP B 600 26.19 -10.56 -28.82
N GLN B 601 25.51 -11.33 -27.98
CA GLN B 601 24.05 -11.26 -27.87
C GLN B 601 23.62 -10.82 -26.49
N LEU B 602 24.54 -10.35 -25.67
CA LEU B 602 24.22 -9.94 -24.30
C LEU B 602 23.70 -8.52 -24.24
N THR B 603 22.69 -8.34 -23.42
CA THR B 603 22.23 -7.01 -23.03
C THR B 603 22.21 -6.99 -21.50
N PRO B 604 23.08 -6.20 -20.85
CA PRO B 604 24.02 -5.26 -21.45
C PRO B 604 25.31 -5.93 -21.90
N ALA B 605 26.09 -5.21 -22.69
CA ALA B 605 27.37 -5.68 -23.17
C ALA B 605 28.46 -4.76 -22.67
N TRP B 606 29.69 -5.23 -22.82
CA TRP B 606 30.86 -4.51 -22.34
C TRP B 606 31.75 -4.19 -23.53
N ARG B 607 32.12 -2.92 -23.67
CA ARG B 607 33.06 -2.59 -24.72
C ARG B 607 34.43 -3.17 -24.44
N ILE B 608 34.83 -3.21 -23.17
CA ILE B 608 36.11 -3.74 -22.78
C ILE B 608 35.83 -4.93 -21.87
N TYR B 609 36.19 -6.12 -22.34
CA TYR B 609 35.84 -7.36 -21.66
C TYR B 609 36.63 -8.49 -22.29
N SER B 610 36.98 -9.48 -21.46
CA SER B 610 37.44 -10.75 -21.97
C SER B 610 37.08 -11.82 -20.95
N THR B 611 36.84 -13.03 -21.44
CA THR B 611 36.51 -14.13 -20.56
C THR B 611 37.71 -14.56 -19.74
N GLY B 612 38.92 -14.39 -20.27
CA GLY B 612 40.12 -14.84 -19.60
C GLY B 612 40.27 -16.34 -19.51
N ASN B 613 39.41 -17.09 -20.19
CA ASN B 613 39.35 -18.56 -20.19
C ASN B 613 39.16 -19.14 -18.79
N ASN B 614 38.60 -18.36 -17.88
CA ASN B 614 38.25 -18.81 -16.53
C ASN B 614 36.73 -18.94 -16.47
N VAL B 615 36.23 -20.08 -16.91
CA VAL B 615 34.80 -20.36 -16.91
C VAL B 615 34.59 -21.56 -16.03
N PHE B 616 34.05 -21.34 -14.84
CA PHE B 616 33.87 -22.41 -13.87
C PHE B 616 32.44 -22.40 -13.39
N GLN B 617 31.74 -23.51 -13.55
CA GLN B 617 30.32 -23.55 -13.23
C GLN B 617 30.08 -24.05 -11.82
N THR B 618 29.35 -23.27 -11.04
CA THR B 618 28.86 -23.65 -9.73
C THR B 618 27.35 -23.76 -9.77
N GLN B 619 26.78 -24.10 -8.61
CA GLN B 619 25.33 -24.14 -8.51
C GLN B 619 24.75 -22.73 -8.64
N ALA B 620 25.47 -21.73 -8.14
CA ALA B 620 25.00 -20.36 -8.24
C ALA B 620 24.97 -19.88 -9.69
N GLY B 621 25.81 -20.44 -10.54
CA GLY B 621 25.74 -20.18 -11.95
C GLY B 621 27.12 -20.23 -12.57
N CYS B 622 27.38 -19.27 -13.46
CA CYS B 622 28.63 -19.20 -14.20
C CYS B 622 29.53 -18.18 -13.54
N LEU B 623 30.65 -18.63 -13.02
CA LEU B 623 31.67 -17.73 -12.50
C LEU B 623 32.70 -17.49 -13.58
N ILE B 624 32.97 -16.23 -13.87
CA ILE B 624 33.83 -15.85 -14.98
C ILE B 624 34.84 -14.80 -14.52
N GLY B 625 36.11 -15.09 -14.70
CA GLY B 625 37.19 -14.23 -14.30
C GLY B 625 38.10 -14.84 -13.26
N ALA B 626 37.62 -15.81 -12.50
CA ALA B 626 38.36 -16.35 -11.38
C ALA B 626 38.86 -17.76 -11.67
N GLU B 627 40.01 -18.07 -11.08
CA GLU B 627 40.73 -19.30 -11.34
C GLU B 627 40.26 -20.37 -10.37
N HIS B 628 39.97 -21.56 -10.87
CA HIS B 628 39.61 -22.63 -9.96
C HIS B 628 40.84 -23.15 -9.25
N VAL B 629 40.72 -23.31 -7.94
CA VAL B 629 41.74 -23.92 -7.12
C VAL B 629 41.06 -25.06 -6.39
N ASP B 630 41.66 -26.25 -6.46
CA ASP B 630 40.99 -27.45 -5.95
C ASP B 630 41.49 -27.86 -4.56
N THR B 631 41.89 -26.91 -3.74
CA THR B 631 42.14 -27.16 -2.33
C THR B 631 40.99 -26.55 -1.53
N SER B 632 41.13 -26.53 -0.20
CA SER B 632 40.06 -26.04 0.65
C SER B 632 40.62 -25.11 1.72
N TYR B 633 40.23 -23.84 1.68
CA TYR B 633 40.66 -22.83 2.63
C TYR B 633 39.45 -22.25 3.32
N GLU B 634 39.64 -21.19 4.09
CA GLU B 634 38.50 -20.57 4.75
C GLU B 634 37.91 -19.46 3.90
N CYS B 635 36.69 -19.06 4.26
CA CYS B 635 35.84 -18.29 3.36
C CYS B 635 36.12 -16.80 3.48
N ASP B 636 36.48 -16.19 2.36
CA ASP B 636 36.76 -14.77 2.29
C ASP B 636 35.57 -14.01 1.68
N ILE B 637 35.16 -14.36 0.48
CA ILE B 637 33.97 -13.81 -0.14
C ILE B 637 33.09 -14.98 -0.54
N PRO B 638 31.89 -15.09 -0.01
CA PRO B 638 31.05 -16.26 -0.30
C PRO B 638 30.36 -16.13 -1.65
N ILE B 639 30.10 -17.28 -2.25
CA ILE B 639 29.33 -17.35 -3.49
C ILE B 639 28.02 -18.06 -3.23
N GLY B 640 28.11 -19.28 -2.73
CA GLY B 640 26.95 -20.13 -2.56
C GLY B 640 27.34 -21.53 -2.91
N ALA B 641 26.59 -22.48 -2.37
CA ALA B 641 26.85 -23.92 -2.49
C ALA B 641 28.26 -24.27 -2.02
N GLY B 642 28.70 -23.60 -0.97
CA GLY B 642 29.96 -23.92 -0.34
C GLY B 642 31.19 -23.33 -0.97
N ILE B 643 31.04 -22.57 -2.05
CA ILE B 643 32.17 -22.03 -2.78
C ILE B 643 32.46 -20.64 -2.25
N CYS B 644 33.71 -20.35 -1.98
CA CYS B 644 34.11 -19.01 -1.58
C CYS B 644 35.26 -18.56 -2.46
N ALA B 645 35.44 -17.24 -2.53
CA ALA B 645 36.47 -16.67 -3.37
C ALA B 645 37.34 -15.74 -2.55
N SER B 646 38.55 -15.50 -3.05
CA SER B 646 39.53 -14.73 -2.32
C SER B 646 40.57 -14.16 -3.28
N TYR B 647 41.51 -13.43 -2.72
CA TYR B 647 42.57 -12.78 -3.48
C TYR B 647 43.89 -13.39 -2.99
N HIS B 648 44.33 -14.45 -3.65
CA HIS B 648 45.48 -15.23 -3.24
C HIS B 648 46.71 -14.85 -4.04
N THR B 649 47.83 -15.50 -3.70
CA THR B 649 49.09 -15.27 -4.38
C THR B 649 49.31 -16.30 -5.49
N VAL B 650 49.56 -15.82 -6.69
CA VAL B 650 49.85 -16.68 -7.82
C VAL B 650 51.09 -16.15 -8.55
N LYS B 659 49.27 -11.84 -8.03
CA LYS B 659 48.12 -12.17 -7.22
C LYS B 659 46.81 -12.03 -7.98
N SER B 660 45.91 -13.01 -7.84
CA SER B 660 44.68 -12.98 -8.60
C SER B 660 43.53 -13.47 -7.74
N ILE B 661 42.38 -13.63 -8.39
CA ILE B 661 41.13 -13.95 -7.73
C ILE B 661 40.83 -15.43 -7.97
N VAL B 662 40.77 -16.19 -6.89
CA VAL B 662 40.67 -17.63 -6.95
C VAL B 662 39.42 -18.12 -6.25
N ALA B 663 38.79 -19.15 -6.81
CA ALA B 663 37.66 -19.78 -6.18
C ALA B 663 38.07 -21.13 -5.63
N TYR B 664 37.39 -21.57 -4.58
CA TYR B 664 37.78 -22.75 -3.85
C TYR B 664 36.58 -23.26 -3.09
N THR B 665 36.74 -24.43 -2.51
CA THR B 665 35.71 -24.98 -1.65
C THR B 665 36.04 -24.57 -0.23
N MET B 666 35.03 -24.28 0.56
CA MET B 666 35.26 -23.73 1.89
C MET B 666 35.67 -24.85 2.84
N SER B 667 36.58 -24.54 3.76
CA SER B 667 36.90 -25.43 4.86
C SER B 667 36.13 -25.01 6.10
N LEU B 668 35.92 -25.98 6.99
CA LEU B 668 35.00 -25.80 8.09
C LEU B 668 35.66 -25.36 9.38
N GLY B 669 36.83 -25.92 9.69
CA GLY B 669 37.47 -25.61 10.95
C GLY B 669 38.74 -26.39 11.12
N ALA B 670 39.28 -26.32 12.33
CA ALA B 670 40.56 -26.94 12.62
C ALA B 670 40.41 -28.45 12.69
N ASP B 671 41.23 -29.16 11.92
CA ASP B 671 41.28 -30.61 12.00
C ASP B 671 41.95 -30.99 13.31
N SER B 672 41.21 -31.64 14.19
CA SER B 672 41.78 -32.14 15.42
C SER B 672 41.15 -33.48 15.73
N SER B 673 41.64 -34.10 16.80
CA SER B 673 41.07 -35.34 17.27
C SER B 673 41.44 -35.49 18.74
N ILE B 674 40.47 -35.91 19.54
CA ILE B 674 40.71 -36.29 20.91
C ILE B 674 40.18 -37.69 21.09
N ALA B 675 41.08 -38.65 21.29
CA ALA B 675 40.70 -40.03 21.53
C ALA B 675 40.08 -40.15 22.92
N TYR B 676 39.36 -41.25 23.12
CA TYR B 676 38.74 -41.47 24.41
C TYR B 676 39.71 -42.25 25.30
N SER B 677 40.13 -41.62 26.38
CA SER B 677 40.93 -42.28 27.40
C SER B 677 40.02 -43.01 28.37
N ASN B 678 40.44 -44.20 28.77
CA ASN B 678 39.57 -44.97 29.64
C ASN B 678 39.58 -44.42 31.06
N ASN B 679 40.70 -43.85 31.49
CA ASN B 679 40.80 -43.35 32.86
C ASN B 679 41.65 -42.10 33.01
N THR B 680 41.91 -41.37 31.93
CA THR B 680 42.90 -40.29 31.91
C THR B 680 42.25 -38.98 31.49
N ILE B 681 42.38 -37.98 32.35
CA ILE B 681 41.75 -36.68 32.16
C ILE B 681 42.84 -35.66 31.86
N ALA B 682 42.46 -34.61 31.14
CA ALA B 682 43.33 -33.45 31.00
C ALA B 682 42.84 -32.41 31.98
N ILE B 683 43.76 -31.87 32.78
CA ILE B 683 43.43 -30.84 33.77
C ILE B 683 44.34 -29.65 33.52
N PRO B 684 43.80 -28.45 33.38
CA PRO B 684 44.66 -27.29 33.18
C PRO B 684 45.36 -26.89 34.46
N THR B 685 46.54 -26.33 34.29
CA THR B 685 47.40 -25.96 35.41
C THR B 685 47.60 -24.47 35.54
N ASN B 686 47.52 -23.74 34.45
CA ASN B 686 47.82 -22.32 34.40
C ASN B 686 46.62 -21.64 33.78
N PHE B 687 46.64 -20.32 33.73
CA PHE B 687 45.48 -19.63 33.18
C PHE B 687 45.91 -18.30 32.60
N SER B 688 44.94 -17.63 31.99
CA SER B 688 45.20 -16.38 31.30
C SER B 688 43.88 -15.64 31.16
N ILE B 689 43.85 -14.40 31.60
CA ILE B 689 42.63 -13.61 31.49
C ILE B 689 42.73 -12.75 30.25
N SER B 690 41.58 -12.36 29.73
CA SER B 690 41.53 -11.65 28.47
C SER B 690 40.24 -10.87 28.40
N ILE B 691 40.27 -9.78 27.63
CA ILE B 691 39.11 -8.92 27.45
C ILE B 691 38.69 -9.02 26.01
N THR B 692 37.43 -9.35 25.78
CA THR B 692 36.85 -9.40 24.46
C THR B 692 35.68 -8.43 24.42
N THR B 693 35.41 -7.85 23.26
CA THR B 693 34.45 -6.77 23.14
C THR B 693 33.24 -7.20 22.32
N GLU B 694 32.11 -6.56 22.60
CA GLU B 694 30.94 -6.65 21.77
C GLU B 694 30.23 -5.32 21.76
N VAL B 695 29.30 -5.16 20.82
CA VAL B 695 28.69 -3.87 20.56
C VAL B 695 27.26 -4.10 20.11
N MET B 696 26.33 -3.31 20.65
CA MET B 696 24.95 -3.43 20.29
C MET B 696 24.31 -2.07 20.06
N PRO B 697 23.58 -1.90 18.97
CA PRO B 697 22.82 -0.67 18.78
C PRO B 697 21.62 -0.67 19.69
N VAL B 698 21.30 0.51 20.20
CA VAL B 698 20.16 0.70 21.09
C VAL B 698 19.17 1.70 20.54
N SER B 699 19.42 2.24 19.37
CA SER B 699 18.69 3.40 18.89
C SER B 699 18.92 3.52 17.40
N MET B 700 18.26 4.50 16.79
CA MET B 700 18.55 4.91 15.42
C MET B 700 18.13 6.37 15.31
N ALA B 701 18.15 6.91 14.10
CA ALA B 701 17.78 8.30 13.94
C ALA B 701 16.28 8.43 13.93
N LYS B 702 15.75 9.35 14.71
CA LYS B 702 14.32 9.61 14.68
C LYS B 702 14.03 10.79 13.77
N THR B 703 13.07 10.60 12.86
CA THR B 703 12.81 11.58 11.83
C THR B 703 11.40 12.11 11.97
N SER B 704 11.04 13.00 11.06
CA SER B 704 9.66 13.39 10.83
C SER B 704 9.56 14.02 9.46
N VAL B 705 8.36 13.95 8.89
CA VAL B 705 8.12 14.35 7.51
C VAL B 705 6.94 15.29 7.49
N ASP B 706 7.15 16.49 6.99
CA ASP B 706 6.01 17.35 6.66
C ASP B 706 5.33 16.77 5.43
N CYS B 707 4.14 16.22 5.63
CA CYS B 707 3.40 15.62 4.52
C CYS B 707 2.93 16.67 3.52
N ASN B 708 2.61 17.87 4.03
CA ASN B 708 2.11 18.95 3.18
C ASN B 708 3.15 19.39 2.19
N MET B 709 4.36 19.66 2.67
CA MET B 709 5.35 20.26 1.82
C MET B 709 6.03 19.21 0.93
N TYR B 710 5.98 17.95 1.32
CA TYR B 710 6.60 16.91 0.52
C TYR B 710 5.82 16.67 -0.75
N ILE B 711 4.51 16.47 -0.61
CA ILE B 711 3.72 16.13 -1.76
C ILE B 711 3.48 17.35 -2.64
N CYS B 712 3.02 18.44 -2.05
CA CYS B 712 2.68 19.60 -2.88
C CYS B 712 3.89 20.43 -3.24
N GLY B 713 4.65 20.90 -2.27
CA GLY B 713 5.73 21.80 -2.61
C GLY B 713 5.24 23.16 -3.03
N ASP B 714 4.42 23.80 -2.20
CA ASP B 714 4.07 25.21 -2.20
C ASP B 714 3.11 25.63 -3.31
N SER B 715 2.45 24.69 -3.97
CA SER B 715 1.36 25.04 -4.88
C SER B 715 0.04 24.87 -4.15
N THR B 716 -0.74 25.95 -4.09
CA THR B 716 -2.02 25.90 -3.39
C THR B 716 -3.02 25.05 -4.15
N GLU B 717 -2.92 25.05 -5.48
CA GLU B 717 -3.81 24.25 -6.30
C GLU B 717 -3.51 22.77 -6.15
N CYS B 718 -2.28 22.42 -5.77
CA CYS B 718 -2.04 21.09 -5.25
C CYS B 718 -2.77 20.87 -3.94
N ALA B 719 -2.71 21.86 -3.05
CA ALA B 719 -3.23 21.66 -1.70
C ALA B 719 -4.74 21.59 -1.68
N ASN B 720 -5.40 22.21 -2.65
CA ASN B 720 -6.84 22.08 -2.78
C ASN B 720 -7.21 20.64 -3.09
N LEU B 721 -6.48 20.00 -4.00
CA LEU B 721 -6.72 18.60 -4.28
C LEU B 721 -6.08 17.69 -3.26
N LEU B 722 -5.31 18.23 -2.32
CA LEU B 722 -4.81 17.41 -1.24
C LEU B 722 -5.90 17.15 -0.21
N LEU B 723 -6.78 18.13 0.00
CA LEU B 723 -7.75 18.02 1.07
C LEU B 723 -8.82 16.98 0.78
N GLN B 724 -9.11 16.69 -0.48
CA GLN B 724 -10.13 15.68 -0.73
C GLN B 724 -9.62 14.28 -0.48
N TYR B 725 -8.30 14.09 -0.37
CA TYR B 725 -7.76 12.82 0.06
C TYR B 725 -7.80 12.65 1.56
N GLY B 726 -8.22 13.67 2.27
CA GLY B 726 -8.52 13.54 3.67
C GLY B 726 -7.29 13.70 4.53
N SER B 727 -7.44 13.24 5.77
CA SER B 727 -6.41 13.37 6.78
C SER B 727 -5.42 12.20 6.70
N PHE B 728 -4.92 11.95 5.50
CA PHE B 728 -3.95 10.89 5.35
C PHE B 728 -2.62 11.32 5.92
N CYS B 729 -2.32 12.61 5.86
CA CYS B 729 -1.11 13.13 6.46
C CYS B 729 -1.15 13.07 7.98
N THR B 730 -2.32 12.87 8.56
CA THR B 730 -2.42 12.81 10.00
C THR B 730 -1.78 11.53 10.53
N GLN B 731 -2.05 10.40 9.88
CA GLN B 731 -1.65 9.12 10.44
C GLN B 731 -0.15 8.90 10.37
N LEU B 732 0.48 9.37 9.30
CA LEU B 732 1.92 9.25 9.19
C LEU B 732 2.63 10.09 10.23
N ASN B 733 2.04 11.20 10.63
CA ASN B 733 2.61 11.98 11.70
C ASN B 733 2.44 11.28 13.04
N ARG B 734 1.34 10.56 13.23
CA ARG B 734 1.21 9.78 14.44
C ARG B 734 2.08 8.55 14.41
N ALA B 735 2.28 7.96 13.23
CA ALA B 735 3.15 6.81 13.16
C ALA B 735 4.59 7.20 13.39
N LEU B 736 5.04 8.30 12.78
CA LEU B 736 6.40 8.73 13.01
C LEU B 736 6.58 9.40 14.37
N SER B 737 5.49 9.79 15.02
CA SER B 737 5.65 10.17 16.41
C SER B 737 5.75 8.95 17.28
N GLY B 738 5.28 7.80 16.80
CA GLY B 738 5.35 6.58 17.54
C GLY B 738 6.78 6.14 17.74
N ILE B 739 7.52 5.94 16.64
CA ILE B 739 8.90 5.53 16.78
C ILE B 739 9.82 6.66 17.21
N ALA B 740 9.32 7.89 17.27
CA ALA B 740 10.09 8.95 17.87
C ALA B 740 10.17 8.78 19.38
N ALA B 741 9.05 8.45 20.01
CA ALA B 741 9.06 8.31 21.45
C ALA B 741 9.63 6.97 21.88
N GLU B 742 9.52 5.94 21.04
CA GLU B 742 10.10 4.65 21.37
C GLU B 742 11.60 4.70 21.38
N GLN B 743 12.17 5.42 20.44
CA GLN B 743 13.60 5.39 20.26
C GLN B 743 14.32 6.20 21.33
N ASP B 744 13.61 7.05 22.09
CA ASP B 744 14.16 7.55 23.35
C ASP B 744 13.73 6.74 24.55
N ARG B 745 12.77 5.84 24.40
CA ARG B 745 12.48 4.92 25.48
C ARG B 745 13.58 3.87 25.59
N ASN B 746 14.10 3.42 24.45
CA ASN B 746 15.16 2.43 24.47
C ASN B 746 16.45 3.02 25.01
N THR B 747 16.71 4.30 24.73
CA THR B 747 17.91 4.94 25.25
C THR B 747 17.84 5.05 26.75
N ARG B 748 16.65 5.30 27.28
CA ARG B 748 16.49 5.55 28.70
C ARG B 748 16.56 4.26 29.50
N GLU B 749 16.07 3.15 28.95
CA GLU B 749 16.01 1.91 29.71
C GLU B 749 17.38 1.26 29.85
N VAL B 750 18.19 1.32 28.81
CA VAL B 750 19.48 0.65 28.84
C VAL B 750 20.39 1.33 29.86
N PHE B 751 20.53 2.64 29.79
CA PHE B 751 21.51 3.27 30.65
C PHE B 751 21.01 3.52 32.06
N ALA B 752 19.88 4.19 32.22
CA ALA B 752 19.44 4.67 33.53
C ALA B 752 18.90 3.51 34.39
N GLN B 753 19.82 2.61 34.73
CA GLN B 753 19.54 1.54 35.68
C GLN B 753 19.63 2.02 37.12
N VAL B 754 20.35 3.11 37.38
CA VAL B 754 20.92 3.42 38.69
C VAL B 754 20.25 4.67 39.23
N LYS B 755 19.90 4.63 40.52
CA LYS B 755 19.17 5.70 41.17
C LYS B 755 19.97 6.98 41.36
N GLN B 756 21.30 6.92 41.40
CA GLN B 756 22.08 8.11 41.70
C GLN B 756 23.48 7.98 41.12
N MET B 757 24.13 9.13 40.93
CA MET B 757 25.44 9.17 40.34
C MET B 757 26.51 8.90 41.40
N TYR B 758 27.57 8.21 40.99
CA TYR B 758 28.72 7.93 41.85
C TYR B 758 29.95 8.47 41.16
N LYS B 759 30.64 9.40 41.83
CA LYS B 759 31.69 10.17 41.20
C LYS B 759 32.90 9.31 40.88
N THR B 760 33.75 9.85 40.05
CA THR B 760 34.99 9.17 39.72
C THR B 760 35.92 9.23 40.92
N PRO B 761 36.53 8.12 41.31
CA PRO B 761 37.61 8.19 42.30
C PRO B 761 38.85 8.80 41.68
N THR B 762 39.54 9.61 42.49
CA THR B 762 40.72 10.28 41.98
C THR B 762 41.89 9.33 41.85
N LEU B 763 41.93 8.28 42.65
CA LEU B 763 42.78 7.14 42.34
C LEU B 763 42.11 6.36 41.22
N LYS B 764 42.84 6.15 40.14
CA LYS B 764 42.39 5.34 39.03
C LYS B 764 43.25 4.09 38.91
N TYR B 765 43.78 3.64 40.04
CA TYR B 765 44.77 2.57 40.07
C TYR B 765 44.55 1.80 41.35
N PHE B 766 43.91 0.63 41.25
CA PHE B 766 43.37 -0.08 42.40
C PHE B 766 44.01 -1.44 42.48
N GLY B 767 44.90 -1.62 43.45
CA GLY B 767 45.53 -2.91 43.67
C GLY B 767 46.36 -3.39 42.50
N GLY B 768 46.94 -2.48 41.73
CA GLY B 768 47.69 -2.84 40.55
C GLY B 768 46.89 -2.80 39.28
N PHE B 769 45.61 -2.45 39.33
CA PHE B 769 44.78 -2.47 38.14
C PHE B 769 44.67 -1.06 37.59
N ASN B 770 45.13 -0.85 36.37
CA ASN B 770 45.16 0.47 35.75
C ASN B 770 43.83 0.67 35.03
N PHE B 771 42.91 1.40 35.68
CA PHE B 771 41.57 1.62 35.15
C PHE B 771 41.42 2.87 34.31
N SER B 772 42.43 3.72 34.22
CA SER B 772 42.16 5.08 33.74
C SER B 772 41.98 5.19 32.24
N GLN B 773 42.09 4.09 31.51
CA GLN B 773 41.69 4.09 30.12
C GLN B 773 40.18 4.02 29.96
N ILE B 774 39.47 3.68 31.02
CA ILE B 774 38.06 3.36 30.97
C ILE B 774 37.22 4.40 31.67
N LEU B 775 37.71 4.90 32.79
CA LEU B 775 37.08 5.99 33.49
C LEU B 775 37.27 7.27 32.70
N PRO B 776 36.47 8.31 32.96
CA PRO B 776 36.70 9.58 32.29
C PRO B 776 37.99 10.22 32.78
N ASP B 777 38.62 10.95 31.89
CA ASP B 777 39.84 11.67 32.18
C ASP B 777 39.47 13.12 32.47
N PRO B 778 39.41 13.54 33.74
CA PRO B 778 39.04 14.94 34.03
C PRO B 778 40.17 15.93 33.80
N LEU B 779 41.35 15.43 33.41
CA LEU B 779 42.44 16.31 32.99
C LEU B 779 42.07 17.09 31.74
N LYS B 780 41.36 16.46 30.81
CA LYS B 780 41.01 17.11 29.57
C LYS B 780 39.51 17.27 29.44
N PRO B 781 39.02 18.45 29.04
CA PRO B 781 37.58 18.64 28.88
C PRO B 781 37.04 17.94 27.66
N THR B 782 36.81 16.63 27.77
CA THR B 782 36.06 15.89 26.77
C THR B 782 34.84 15.21 27.34
N LYS B 783 34.76 15.05 28.68
CA LYS B 783 33.75 14.27 29.37
C LYS B 783 33.66 12.84 28.84
N ARG B 784 34.78 12.30 28.38
CA ARG B 784 34.82 10.98 27.79
C ARG B 784 36.03 10.26 28.33
N SER B 785 36.04 8.94 28.16
CA SER B 785 37.25 8.19 28.41
C SER B 785 38.12 8.20 27.17
N PHE B 786 39.26 7.51 27.25
CA PHE B 786 40.04 7.27 26.04
C PHE B 786 39.30 6.37 25.08
N ILE B 787 38.79 5.23 25.57
CA ILE B 787 38.26 4.21 24.69
C ILE B 787 36.91 4.62 24.15
N GLU B 788 36.14 5.42 24.92
CA GLU B 788 34.99 6.10 24.34
C GLU B 788 35.41 7.02 23.21
N ASP B 789 36.53 7.72 23.38
CA ASP B 789 36.90 8.71 22.41
C ASP B 789 37.43 8.09 21.13
N LEU B 790 37.94 6.87 21.18
CA LEU B 790 38.16 6.14 19.94
C LEU B 790 36.87 5.68 19.30
N LEU B 791 35.82 5.49 20.08
CA LEU B 791 34.60 4.95 19.51
C LEU B 791 33.67 6.03 18.99
N PHE B 792 33.83 7.27 19.41
CA PHE B 792 33.09 8.30 18.71
C PHE B 792 33.66 8.59 17.34
N ASN B 793 34.98 8.51 17.21
CA ASN B 793 35.65 8.99 16.02
C ASN B 793 35.83 7.92 14.96
N LYS B 794 35.22 6.76 15.15
CA LYS B 794 35.26 5.70 14.15
C LYS B 794 33.91 5.47 13.49
N VAL B 795 32.83 5.70 14.21
CA VAL B 795 31.50 5.44 13.65
C VAL B 795 31.15 6.52 12.62
N THR B 796 31.48 7.77 12.92
CA THR B 796 31.19 8.91 12.06
C THR B 796 31.82 8.82 10.68
N GLN B 805 21.27 15.50 3.37
CA GLN B 805 20.07 14.99 2.71
C GLN B 805 18.80 15.41 3.43
N TYR B 806 18.98 16.06 4.58
CA TYR B 806 17.86 16.24 5.47
C TYR B 806 18.08 17.47 6.35
N GLY B 807 16.99 18.07 6.78
CA GLY B 807 17.08 19.21 7.69
C GLY B 807 17.39 18.75 9.10
N GLU B 808 18.23 19.52 9.78
CA GLU B 808 18.64 19.22 11.15
C GLU B 808 19.25 20.47 11.74
N CYS B 809 18.93 20.75 12.99
CA CYS B 809 19.50 21.91 13.68
C CYS B 809 20.76 21.47 14.41
N LEU B 810 21.85 22.18 14.18
CA LEU B 810 23.14 21.83 14.76
C LEU B 810 23.76 23.05 15.43
N GLY B 811 24.60 22.79 16.42
CA GLY B 811 25.26 23.84 17.16
C GLY B 811 25.00 23.77 18.65
N LEU B 818 24.41 28.22 16.92
CA LEU B 818 23.30 27.28 16.79
C LEU B 818 22.43 27.64 15.59
N ILE B 819 22.44 26.78 14.58
CA ILE B 819 21.84 27.05 13.29
C ILE B 819 20.93 25.89 12.91
N CYS B 820 19.71 26.23 12.48
CA CYS B 820 18.70 25.25 12.10
C CYS B 820 18.50 25.37 10.61
N ALA B 821 18.98 24.38 9.87
CA ALA B 821 19.03 24.45 8.41
C ALA B 821 17.91 23.59 7.83
N GLN B 822 16.81 24.23 7.45
CA GLN B 822 15.74 23.51 6.80
C GLN B 822 16.10 23.24 5.34
N LYS B 823 15.45 22.23 4.77
CA LYS B 823 15.65 21.92 3.36
C LYS B 823 14.30 21.90 2.67
N PHE B 824 14.34 21.99 1.34
CA PHE B 824 13.11 22.07 0.56
C PHE B 824 12.37 20.75 0.45
N ASN B 825 12.89 19.69 1.01
CA ASN B 825 12.15 18.46 1.14
C ASN B 825 11.95 18.29 2.63
N GLY B 826 10.70 18.18 3.07
CA GLY B 826 10.42 18.39 4.49
C GLY B 826 10.89 17.30 5.44
N LEU B 827 12.13 16.86 5.25
CA LEU B 827 12.73 15.83 6.05
C LEU B 827 13.49 16.50 7.19
N THR B 828 13.05 16.26 8.41
CA THR B 828 13.80 16.69 9.57
C THR B 828 14.20 15.48 10.39
N VAL B 829 15.38 15.55 10.96
CA VAL B 829 15.86 14.55 11.90
C VAL B 829 15.83 15.19 13.28
N LEU B 830 15.20 14.57 14.17
CA LEU B 830 15.03 15.29 15.42
C LEU B 830 16.16 14.96 16.38
N PRO B 831 16.50 15.85 17.30
CA PRO B 831 17.55 15.56 18.25
C PRO B 831 17.02 14.70 19.38
N PRO B 832 17.81 13.76 19.88
CA PRO B 832 17.34 12.84 20.92
C PRO B 832 17.23 13.56 22.25
N LEU B 833 16.50 12.94 23.18
CA LEU B 833 16.32 13.56 24.49
C LEU B 833 17.60 13.46 25.31
N LEU B 834 18.22 12.29 25.32
CA LEU B 834 19.46 12.10 26.06
C LEU B 834 20.61 12.46 25.14
N THR B 835 21.26 13.58 25.42
CA THR B 835 22.39 14.04 24.63
C THR B 835 23.60 13.16 24.86
N ASP B 836 24.65 13.45 24.09
CA ASP B 836 25.88 12.67 24.16
C ASP B 836 26.55 12.81 25.51
N ASP B 837 26.38 13.96 26.15
CA ASP B 837 27.03 14.22 27.43
C ASP B 837 26.39 13.40 28.53
N MET B 838 25.07 13.35 28.54
CA MET B 838 24.38 12.66 29.61
C MET B 838 24.47 11.16 29.46
N ILE B 839 24.70 10.67 28.24
CA ILE B 839 24.88 9.24 28.04
C ILE B 839 26.15 8.77 28.72
N ALA B 840 27.27 9.39 28.42
CA ALA B 840 28.52 9.01 29.07
C ALA B 840 28.54 9.42 30.54
N ALA B 841 27.68 10.35 30.94
CA ALA B 841 27.55 10.63 32.37
C ALA B 841 26.93 9.45 33.11
N TYR B 842 26.02 8.71 32.48
CA TYR B 842 25.54 7.49 33.10
C TYR B 842 26.59 6.41 33.09
N THR B 843 27.34 6.29 32.00
CA THR B 843 28.29 5.20 31.89
C THR B 843 29.48 5.41 32.83
N ALA B 844 29.95 6.65 32.94
CA ALA B 844 31.06 6.93 33.82
C ALA B 844 30.68 6.76 35.28
N ALA B 845 29.44 7.13 35.62
CA ALA B 845 28.97 6.87 36.97
C ALA B 845 28.74 5.40 37.21
N LEU B 846 28.53 4.62 36.16
CA LEU B 846 28.26 3.21 36.33
C LEU B 846 29.53 2.45 36.61
N VAL B 847 30.60 2.74 35.87
CA VAL B 847 31.86 2.05 36.11
C VAL B 847 32.45 2.52 37.43
N SER B 848 32.24 3.80 37.76
CA SER B 848 32.73 4.32 39.04
C SER B 848 32.01 3.68 40.21
N GLY B 849 30.78 3.24 40.00
CA GLY B 849 30.10 2.49 41.02
C GLY B 849 30.76 1.14 41.23
N THR B 850 30.86 0.32 40.19
CA THR B 850 31.28 -1.06 40.38
C THR B 850 32.78 -1.20 40.60
N ALA B 851 33.53 -0.12 40.48
CA ALA B 851 34.91 -0.19 40.95
C ALA B 851 34.99 -0.13 42.46
N THR B 852 33.92 0.28 43.14
CA THR B 852 33.89 0.31 44.59
C THR B 852 32.73 -0.44 45.22
N ALA B 853 31.65 -0.67 44.50
CA ALA B 853 30.43 -1.15 45.14
C ALA B 853 30.20 -2.65 45.01
N GLY B 854 30.70 -3.27 43.96
CA GLY B 854 30.57 -4.70 43.85
C GLY B 854 29.29 -5.16 43.19
N TRP B 855 28.99 -6.44 43.41
CA TRP B 855 27.81 -7.06 42.82
C TRP B 855 26.54 -6.65 43.54
N THR B 856 26.64 -6.10 44.74
CA THR B 856 25.48 -5.56 45.43
C THR B 856 25.05 -4.22 44.86
N PHE B 857 25.81 -3.68 43.91
CA PHE B 857 25.43 -2.43 43.27
C PHE B 857 24.15 -2.57 42.47
N GLY B 858 23.86 -3.76 41.96
CA GLY B 858 22.63 -3.95 41.22
C GLY B 858 21.54 -4.59 42.04
N ALA B 859 21.94 -5.45 42.97
CA ALA B 859 20.98 -6.18 43.77
C ALA B 859 20.30 -5.28 44.79
N GLY B 860 21.08 -4.70 45.69
CA GLY B 860 20.53 -3.80 46.67
C GLY B 860 21.09 -2.41 46.50
N ALA B 861 21.67 -1.86 47.56
CA ALA B 861 22.34 -0.57 47.44
C ALA B 861 23.82 -0.77 47.21
N ALA B 862 24.46 0.29 46.72
CA ALA B 862 25.91 0.30 46.57
C ALA B 862 26.57 0.23 47.94
N LEU B 863 27.43 -0.76 48.14
CA LEU B 863 28.07 -0.98 49.42
C LEU B 863 29.58 -1.00 49.24
N GLN B 864 30.28 -0.30 50.11
CA GLN B 864 31.73 -0.19 50.03
C GLN B 864 32.37 -1.55 50.24
N ILE B 865 33.33 -1.87 49.37
CA ILE B 865 34.13 -3.08 49.48
C ILE B 865 35.46 -2.81 48.80
N PRO B 866 36.59 -3.19 49.40
CA PRO B 866 37.88 -3.07 48.71
C PRO B 866 37.93 -3.94 47.48
N PHE B 867 38.79 -3.57 46.54
CA PHE B 867 38.55 -4.07 45.19
C PHE B 867 39.00 -5.49 45.00
N ALA B 868 40.10 -5.89 45.63
CA ALA B 868 40.52 -7.28 45.50
C ALA B 868 39.54 -8.21 46.20
N MET B 869 38.79 -7.69 47.17
CA MET B 869 37.74 -8.47 47.80
C MET B 869 36.64 -8.82 46.80
N GLN B 870 36.33 -7.88 45.90
CA GLN B 870 35.38 -8.20 44.84
C GLN B 870 35.94 -9.24 43.90
N MET B 871 37.23 -9.15 43.61
CA MET B 871 37.81 -10.07 42.66
C MET B 871 37.88 -11.46 43.24
N ALA B 872 38.22 -11.57 44.52
CA ALA B 872 38.28 -12.87 45.17
C ALA B 872 36.93 -13.51 45.22
N TYR B 873 35.89 -12.70 45.38
CA TYR B 873 34.53 -13.21 45.30
C TYR B 873 34.23 -13.75 43.92
N ARG B 874 34.53 -12.96 42.90
CA ARG B 874 34.16 -13.35 41.55
C ARG B 874 35.03 -14.48 41.03
N PHE B 875 36.24 -14.66 41.55
CA PHE B 875 36.94 -15.92 41.33
C PHE B 875 36.17 -17.08 41.93
N ASN B 876 35.66 -16.88 43.13
CA ASN B 876 34.99 -17.95 43.85
C ASN B 876 33.70 -18.35 43.18
N GLY B 877 33.02 -17.39 42.57
CA GLY B 877 31.76 -17.67 41.91
C GLY B 877 31.86 -18.46 40.63
N ILE B 878 33.05 -18.63 40.07
CA ILE B 878 33.19 -19.37 38.83
C ILE B 878 33.94 -20.66 39.03
N GLY B 879 34.14 -21.10 40.26
CA GLY B 879 34.67 -22.42 40.51
C GLY B 879 36.17 -22.51 40.63
N VAL B 880 36.84 -21.41 40.93
CA VAL B 880 38.24 -21.42 41.31
C VAL B 880 38.35 -20.70 42.64
N THR B 881 38.88 -21.36 43.65
CA THR B 881 38.88 -20.78 44.99
C THR B 881 39.86 -19.63 45.09
N GLN B 882 39.63 -18.73 46.05
CA GLN B 882 40.34 -17.45 46.06
C GLN B 882 41.76 -17.54 46.60
N ASN B 883 42.26 -18.75 46.80
CA ASN B 883 43.68 -19.04 46.79
C ASN B 883 44.36 -18.37 45.60
N VAL B 884 43.76 -18.49 44.43
CA VAL B 884 44.49 -18.20 43.20
C VAL B 884 44.63 -16.70 42.98
N LEU B 885 43.67 -15.89 43.44
CA LEU B 885 43.86 -14.45 43.39
C LEU B 885 44.96 -14.00 44.33
N TYR B 886 44.83 -14.34 45.61
CA TYR B 886 45.69 -13.81 46.65
C TYR B 886 47.14 -14.23 46.46
N GLU B 887 47.37 -15.44 45.96
CA GLU B 887 48.72 -15.82 45.66
C GLU B 887 49.26 -15.13 44.43
N ASN B 888 48.41 -14.57 43.58
CA ASN B 888 48.86 -14.08 42.29
C ASN B 888 48.28 -12.72 41.98
N GLN B 889 48.40 -11.79 42.92
CA GLN B 889 47.76 -10.50 42.75
C GLN B 889 48.46 -9.63 41.73
N LYS B 890 49.64 -10.00 41.25
CA LYS B 890 50.32 -9.13 40.32
C LYS B 890 50.35 -9.66 38.90
N GLN B 891 50.39 -10.98 38.72
CA GLN B 891 50.22 -11.56 37.39
C GLN B 891 48.86 -11.21 36.82
N ILE B 892 47.85 -11.20 37.67
CA ILE B 892 46.52 -10.78 37.25
C ILE B 892 46.50 -9.30 36.93
N ALA B 893 47.26 -8.51 37.69
CA ALA B 893 47.33 -7.08 37.42
C ALA B 893 48.02 -6.79 36.10
N ASN B 894 49.01 -7.61 35.76
CA ASN B 894 49.76 -7.34 34.55
C ASN B 894 48.99 -7.73 33.30
N GLN B 895 48.12 -8.74 33.39
CA GLN B 895 47.57 -9.28 32.16
C GLN B 895 46.46 -8.42 31.59
N PHE B 896 45.48 -8.01 32.39
CA PHE B 896 44.46 -7.26 31.67
C PHE B 896 44.84 -5.80 31.57
N ASN B 897 45.86 -5.35 32.29
CA ASN B 897 46.43 -4.04 31.95
C ASN B 897 47.16 -4.09 30.61
N LYS B 898 47.64 -5.27 30.21
CA LYS B 898 48.06 -5.43 28.82
C LYS B 898 46.85 -5.42 27.89
N ALA B 899 45.81 -6.16 28.26
CA ALA B 899 44.74 -6.43 27.30
C ALA B 899 43.85 -5.22 27.09
N ILE B 900 43.77 -4.32 28.07
CA ILE B 900 43.10 -3.04 27.86
C ILE B 900 43.79 -2.28 26.74
N SER B 901 45.12 -2.24 26.75
CA SER B 901 45.83 -1.44 25.77
C SER B 901 45.84 -2.09 24.39
N GLN B 902 45.61 -3.40 24.31
CA GLN B 902 45.53 -4.01 23.00
C GLN B 902 44.27 -3.61 22.28
N ILE B 903 43.18 -3.39 23.02
CA ILE B 903 41.97 -2.88 22.40
C ILE B 903 42.20 -1.49 21.85
N GLN B 904 42.93 -0.67 22.60
CA GLN B 904 43.28 0.66 22.13
C GLN B 904 44.17 0.60 20.90
N GLU B 905 44.98 -0.45 20.77
CA GLU B 905 45.67 -0.63 19.50
C GLU B 905 44.72 -1.05 18.41
N SER B 906 43.81 -1.98 18.70
CA SER B 906 42.93 -2.49 17.66
C SER B 906 41.84 -1.50 17.31
N LEU B 907 41.44 -0.64 18.23
CA LEU B 907 40.50 0.40 17.85
C LEU B 907 41.19 1.53 17.09
N THR B 908 42.48 1.77 17.34
CA THR B 908 43.16 2.85 16.65
C THR B 908 43.36 2.52 15.19
N THR B 909 43.81 1.31 14.90
CA THR B 909 44.36 1.00 13.58
C THR B 909 43.36 0.41 12.61
N THR B 910 42.59 -0.59 13.00
CA THR B 910 41.87 -1.39 12.03
C THR B 910 40.37 -1.09 12.10
N SER B 911 39.59 -1.85 11.32
CA SER B 911 38.19 -1.55 11.08
C SER B 911 37.37 -2.83 11.23
N THR B 912 36.11 -2.73 10.77
CA THR B 912 35.08 -3.77 10.77
C THR B 912 34.74 -4.30 12.15
N ALA B 913 35.12 -3.58 13.21
CA ALA B 913 34.71 -3.93 14.56
C ALA B 913 33.53 -3.10 15.03
N LEU B 914 33.20 -2.03 14.32
CA LEU B 914 32.04 -1.23 14.65
C LEU B 914 31.05 -1.20 13.51
N GLY B 915 31.05 -2.23 12.66
CA GLY B 915 30.22 -2.20 11.48
C GLY B 915 28.75 -2.13 11.80
N LYS B 916 28.33 -2.82 12.86
CA LYS B 916 26.92 -2.87 13.21
C LYS B 916 26.41 -1.55 13.75
N LEU B 917 27.28 -0.70 14.27
CA LEU B 917 26.85 0.67 14.51
C LEU B 917 26.76 1.49 13.25
N GLN B 918 27.63 1.25 12.26
CA GLN B 918 27.53 2.07 11.06
C GLN B 918 26.36 1.64 10.19
N ASP B 919 26.03 0.35 10.19
CA ASP B 919 24.96 -0.11 9.32
C ASP B 919 23.60 0.33 9.82
N VAL B 920 23.50 0.64 11.11
CA VAL B 920 22.36 1.38 11.62
C VAL B 920 22.32 2.77 11.02
N VAL B 921 23.48 3.38 10.82
CA VAL B 921 23.47 4.72 10.24
C VAL B 921 23.25 4.64 8.74
N ASN B 922 23.75 3.60 8.08
CA ASN B 922 23.58 3.51 6.64
C ASN B 922 22.15 3.21 6.25
N GLN B 923 21.50 2.28 6.93
CA GLN B 923 20.14 1.90 6.55
C GLN B 923 19.14 3.01 6.78
N ASN B 924 19.42 3.93 7.67
CA ASN B 924 18.57 5.11 7.75
C ASN B 924 18.84 6.07 6.63
N ALA B 925 20.05 6.02 6.07
CA ALA B 925 20.39 6.98 5.03
C ALA B 925 19.87 6.54 3.68
N GLN B 926 19.76 5.25 3.44
CA GLN B 926 19.26 4.84 2.14
C GLN B 926 17.76 4.96 2.05
N ALA B 927 17.07 4.93 3.18
CA ALA B 927 15.64 5.17 3.15
C ALA B 927 15.35 6.61 2.79
N LEU B 928 16.09 7.53 3.38
CA LEU B 928 15.90 8.95 3.08
C LEU B 928 16.33 9.29 1.67
N ASN B 929 17.23 8.51 1.09
CA ASN B 929 17.52 8.70 -0.32
C ASN B 929 16.35 8.23 -1.16
N THR B 930 15.88 7.01 -0.88
CA THR B 930 14.86 6.39 -1.71
C THR B 930 13.54 7.14 -1.67
N LEU B 931 13.24 7.76 -0.54
CA LEU B 931 12.12 8.69 -0.49
C LEU B 931 12.38 9.89 -1.38
N VAL B 932 13.63 10.35 -1.43
CA VAL B 932 13.88 11.64 -2.06
C VAL B 932 14.35 11.48 -3.50
N LYS B 933 14.72 10.27 -3.93
CA LYS B 933 14.88 10.04 -5.36
C LYS B 933 13.54 10.20 -6.07
N GLN B 934 12.49 9.59 -5.53
CA GLN B 934 11.20 9.52 -6.21
C GLN B 934 10.42 10.80 -6.19
N LEU B 935 10.98 11.91 -5.71
CA LEU B 935 10.39 13.19 -6.08
C LEU B 935 10.53 13.45 -7.55
N SER B 936 11.56 12.88 -8.18
CA SER B 936 11.86 13.12 -9.58
C SER B 936 11.15 12.14 -10.51
N SER B 937 10.51 11.11 -10.00
CA SER B 937 9.81 10.18 -10.88
C SER B 937 8.43 10.72 -11.24
N ASN B 938 8.07 10.57 -12.50
CA ASN B 938 6.79 11.03 -12.99
C ASN B 938 5.65 10.09 -12.62
N PHE B 939 5.97 8.85 -12.25
CA PHE B 939 5.01 7.77 -11.99
C PHE B 939 4.08 7.56 -13.18
N GLY B 940 4.65 7.70 -14.36
CA GLY B 940 3.91 7.64 -15.58
C GLY B 940 3.15 8.89 -15.96
N ALA B 941 3.09 9.90 -15.08
CA ALA B 941 2.37 11.13 -15.40
C ALA B 941 3.28 12.05 -16.21
N ILE B 942 2.83 13.29 -16.42
CA ILE B 942 3.42 14.15 -17.44
C ILE B 942 4.81 14.62 -17.03
N SER B 943 4.91 15.25 -15.87
CA SER B 943 6.21 15.76 -15.46
C SER B 943 6.28 15.81 -13.95
N SER B 944 7.47 15.51 -13.43
CA SER B 944 7.70 15.49 -11.99
C SER B 944 7.63 16.86 -11.33
N VAL B 945 7.49 17.92 -12.11
CA VAL B 945 7.34 19.27 -11.59
C VAL B 945 5.88 19.67 -11.75
N LEU B 946 5.27 20.14 -10.66
CA LEU B 946 3.85 20.46 -10.69
C LEU B 946 3.56 21.67 -11.56
N ASN B 947 4.44 22.67 -11.48
CA ASN B 947 4.23 23.93 -12.19
C ASN B 947 4.22 23.75 -13.70
N ASP B 948 4.86 22.71 -14.20
CA ASP B 948 4.88 22.45 -15.62
C ASP B 948 3.60 21.77 -16.08
N ILE B 949 2.84 21.19 -15.17
CA ILE B 949 1.52 20.73 -15.56
C ILE B 949 0.49 21.80 -15.19
N LEU B 950 0.82 22.66 -14.21
CA LEU B 950 -0.04 23.80 -13.91
C LEU B 950 -0.06 24.79 -15.06
N SER B 951 1.09 25.30 -15.43
CA SER B 951 1.17 26.44 -16.33
C SER B 951 0.92 26.09 -17.79
N ARG B 952 0.87 24.82 -18.15
CA ARG B 952 1.01 24.46 -19.56
C ARG B 952 -0.17 23.69 -20.13
N LEU B 953 -1.04 23.12 -19.31
CA LEU B 953 -2.17 22.37 -19.82
C LEU B 953 -3.46 22.97 -19.28
N ASP B 954 -4.56 22.34 -19.67
CA ASP B 954 -5.86 22.80 -19.23
C ASP B 954 -6.06 22.44 -17.77
N PRO B 955 -6.58 23.35 -16.95
CA PRO B 955 -6.84 23.06 -15.53
C PRO B 955 -7.75 21.88 -15.26
N PRO B 956 -8.66 21.44 -16.19
CA PRO B 956 -9.21 20.09 -16.02
C PRO B 956 -8.17 18.99 -16.12
N GLU B 957 -7.41 18.95 -17.21
CA GLU B 957 -6.41 17.90 -17.39
C GLU B 957 -5.20 18.13 -16.50
N ALA B 958 -4.99 19.36 -16.04
CA ALA B 958 -3.99 19.58 -15.00
C ALA B 958 -4.40 18.93 -13.70
N GLU B 959 -5.71 18.92 -13.40
CA GLU B 959 -6.17 18.21 -12.21
C GLU B 959 -5.98 16.71 -12.35
N VAL B 960 -6.06 16.19 -13.56
CA VAL B 960 -5.89 14.75 -13.78
C VAL B 960 -4.47 14.33 -13.47
N GLN B 961 -3.51 15.02 -14.07
CA GLN B 961 -2.14 14.55 -13.94
C GLN B 961 -1.50 14.91 -12.61
N ILE B 962 -1.98 15.95 -11.95
CA ILE B 962 -1.43 16.18 -10.61
C ILE B 962 -2.04 15.18 -9.64
N ASP B 963 -3.24 14.70 -9.89
CA ASP B 963 -3.82 13.71 -8.98
C ASP B 963 -3.12 12.36 -9.14
N ARG B 964 -2.48 12.12 -10.27
CA ARG B 964 -1.63 10.97 -10.37
C ARG B 964 -0.29 11.18 -9.67
N LEU B 965 0.22 12.39 -9.67
CA LEU B 965 1.42 12.66 -8.90
C LEU B 965 1.14 12.69 -7.40
N ILE B 966 -0.04 13.16 -7.01
CA ILE B 966 -0.34 13.24 -5.59
C ILE B 966 -0.47 11.86 -4.99
N THR B 967 -1.19 10.96 -5.65
CA THR B 967 -1.33 9.62 -5.10
C THR B 967 -0.03 8.83 -5.19
N GLY B 968 0.70 9.00 -6.28
CA GLY B 968 1.94 8.27 -6.45
C GLY B 968 2.99 8.69 -5.44
N ARG B 969 3.07 9.98 -5.15
CA ARG B 969 3.97 10.42 -4.10
C ARG B 969 3.45 10.02 -2.74
N LEU B 970 2.15 9.91 -2.59
CA LEU B 970 1.63 9.55 -1.28
C LEU B 970 1.80 8.08 -0.99
N GLN B 971 1.96 7.25 -2.00
CA GLN B 971 2.32 5.86 -1.73
C GLN B 971 3.76 5.72 -1.29
N SER B 972 4.64 6.60 -1.75
CA SER B 972 6.01 6.51 -1.29
C SER B 972 6.14 7.01 0.14
N LEU B 973 5.22 7.84 0.59
CA LEU B 973 5.23 8.16 2.01
C LEU B 973 4.71 7.00 2.83
N GLN B 974 3.71 6.29 2.33
CA GLN B 974 3.20 5.16 3.09
C GLN B 974 4.20 4.03 3.11
N THR B 975 4.94 3.85 2.02
CA THR B 975 5.92 2.78 1.96
C THR B 975 7.06 3.03 2.92
N TYR B 976 7.53 4.28 3.01
CA TYR B 976 8.62 4.62 3.90
C TYR B 976 8.26 4.40 5.36
N VAL B 977 7.00 4.65 5.73
CA VAL B 977 6.63 4.48 7.12
C VAL B 977 6.59 3.01 7.49
N THR B 978 6.19 2.16 6.55
CA THR B 978 6.22 0.72 6.78
C THR B 978 7.64 0.20 6.93
N GLN B 979 8.54 0.63 6.04
CA GLN B 979 9.91 0.17 6.22
C GLN B 979 10.66 0.94 7.30
N GLN B 980 10.00 1.81 8.05
CA GLN B 980 10.59 2.25 9.30
C GLN B 980 10.04 1.49 10.47
N LEU B 981 8.77 1.10 10.41
CA LEU B 981 8.21 0.34 11.51
C LEU B 981 8.81 -1.04 11.61
N ILE B 982 9.34 -1.57 10.52
CA ILE B 982 10.08 -2.82 10.63
C ILE B 982 11.39 -2.59 11.36
N ARG B 983 12.14 -1.58 10.95
CA ARG B 983 13.48 -1.39 11.51
C ARG B 983 13.41 -0.89 12.94
N ALA B 984 12.37 -0.14 13.29
CA ALA B 984 12.20 0.19 14.70
C ALA B 984 11.78 -1.03 15.50
N ALA B 985 11.26 -2.06 14.86
CA ALA B 985 11.06 -3.30 15.57
C ALA B 985 12.33 -4.12 15.63
N GLU B 986 13.31 -3.77 14.82
CA GLU B 986 14.61 -4.42 14.96
C GLU B 986 15.42 -3.80 16.10
N ILE B 987 15.36 -2.48 16.24
CA ILE B 987 16.02 -1.79 17.32
C ILE B 987 15.40 -2.14 18.66
N ARG B 988 14.06 -2.17 18.72
CA ARG B 988 13.37 -2.59 19.94
C ARG B 988 13.71 -4.01 20.33
N ALA B 989 14.01 -4.86 19.36
CA ALA B 989 14.49 -6.20 19.68
C ALA B 989 15.84 -6.16 20.34
N SER B 990 16.79 -5.45 19.76
CA SER B 990 18.13 -5.52 20.31
C SER B 990 18.36 -4.56 21.45
N ALA B 991 17.52 -3.55 21.62
CA ALA B 991 17.67 -2.71 22.81
C ALA B 991 17.15 -3.41 24.04
N ASN B 992 16.30 -4.42 23.88
CA ASN B 992 15.94 -5.25 25.02
C ASN B 992 17.06 -6.21 25.37
N LEU B 993 17.83 -6.63 24.39
CA LEU B 993 18.96 -7.47 24.70
C LEU B 993 20.15 -6.66 25.19
N ALA B 994 20.15 -5.35 24.96
CA ALA B 994 21.19 -4.53 25.57
C ALA B 994 20.84 -4.19 27.01
N ALA B 995 19.57 -3.95 27.30
CA ALA B 995 19.19 -3.68 28.68
C ALA B 995 19.29 -4.92 29.54
N THR B 996 19.33 -6.10 28.92
CA THR B 996 19.47 -7.32 29.68
C THR B 996 20.92 -7.61 30.01
N LYS B 997 21.82 -7.48 29.03
CA LYS B 997 23.23 -7.68 29.31
C LYS B 997 23.77 -6.63 30.25
N MET B 998 23.24 -5.41 30.19
CA MET B 998 23.72 -4.40 31.12
C MET B 998 23.20 -4.67 32.52
N SER B 999 22.02 -5.26 32.64
CA SER B 999 21.52 -5.59 33.96
C SER B 999 22.24 -6.77 34.55
N GLU B 1000 22.40 -7.82 33.76
CA GLU B 1000 23.05 -9.00 34.27
C GLU B 1000 24.56 -8.86 34.32
N CYS B 1001 25.19 -8.64 33.17
CA CYS B 1001 26.63 -8.83 33.11
C CYS B 1001 27.43 -7.66 33.65
N VAL B 1002 26.82 -6.50 33.79
CA VAL B 1002 27.57 -5.37 34.34
C VAL B 1002 27.31 -5.28 35.83
N LEU B 1003 26.06 -5.12 36.21
CA LEU B 1003 25.66 -4.93 37.59
C LEU B 1003 25.55 -6.22 38.36
N GLY B 1004 26.06 -7.30 37.82
CA GLY B 1004 26.06 -8.56 38.52
C GLY B 1004 27.09 -9.45 37.88
N GLN B 1005 26.90 -10.74 38.05
CA GLN B 1005 27.83 -11.74 37.52
C GLN B 1005 27.06 -12.84 36.83
N SER B 1006 27.35 -13.06 35.55
CA SER B 1006 26.61 -14.05 34.81
C SER B 1006 27.17 -15.45 35.01
N LYS B 1007 26.30 -16.43 34.88
CA LYS B 1007 26.71 -17.82 34.78
C LYS B 1007 26.20 -18.48 33.52
N ARG B 1008 25.91 -17.70 32.50
CA ARG B 1008 25.30 -18.21 31.30
C ARG B 1008 26.36 -18.40 30.23
N VAL B 1009 26.35 -19.56 29.61
CA VAL B 1009 27.50 -20.03 28.84
C VAL B 1009 27.49 -19.38 27.47
N ASP B 1010 28.64 -18.84 27.08
CA ASP B 1010 28.86 -18.11 25.82
C ASP B 1010 27.86 -16.96 25.68
N PHE B 1011 27.67 -16.26 26.78
CA PHE B 1011 26.87 -15.06 26.86
C PHE B 1011 27.75 -14.10 27.63
N CYS B 1012 27.85 -12.86 27.16
CA CYS B 1012 28.73 -11.84 27.72
C CYS B 1012 30.20 -12.28 27.66
N GLY B 1013 30.71 -12.35 26.44
CA GLY B 1013 32.08 -12.76 26.22
C GLY B 1013 32.20 -14.26 26.32
N LYS B 1014 33.41 -14.75 26.05
CA LYS B 1014 33.65 -16.17 25.98
C LYS B 1014 34.65 -16.60 27.04
N GLY B 1015 34.42 -17.77 27.60
CA GLY B 1015 35.18 -18.22 28.75
C GLY B 1015 34.36 -18.07 30.00
N TYR B 1016 34.99 -17.88 31.14
CA TYR B 1016 34.29 -17.75 32.40
C TYR B 1016 34.21 -16.26 32.72
N HIS B 1017 33.00 -15.77 32.87
CA HIS B 1017 32.82 -14.35 33.04
C HIS B 1017 33.18 -13.91 34.44
N LEU B 1018 33.91 -12.80 34.53
CA LEU B 1018 34.29 -12.23 35.81
C LEU B 1018 33.51 -10.97 36.12
N MET B 1019 33.63 -9.95 35.28
CA MET B 1019 32.86 -8.72 35.41
C MET B 1019 32.99 -8.00 34.08
N SER B 1020 32.24 -6.92 33.92
CA SER B 1020 32.24 -6.27 32.62
C SER B 1020 32.00 -4.78 32.79
N PHE B 1021 32.26 -4.05 31.71
CA PHE B 1021 32.48 -2.62 31.67
C PHE B 1021 31.73 -2.02 30.48
N PRO B 1022 30.67 -1.26 30.71
CA PRO B 1022 29.97 -0.63 29.60
C PRO B 1022 30.73 0.57 29.10
N GLN B 1023 30.56 0.86 27.81
CA GLN B 1023 31.15 2.02 27.19
C GLN B 1023 30.13 2.66 26.28
N ALA B 1024 30.02 3.98 26.35
CA ALA B 1024 29.15 4.68 25.43
C ALA B 1024 29.73 4.65 24.02
N ALA B 1025 28.85 4.79 23.05
CA ALA B 1025 29.22 4.79 21.64
C ALA B 1025 28.10 5.51 20.90
N PRO B 1026 28.35 5.98 19.67
CA PRO B 1026 27.29 6.65 18.91
C PRO B 1026 26.17 5.67 18.56
N HIS B 1027 24.98 5.95 19.11
CA HIS B 1027 23.77 5.16 18.92
C HIS B 1027 23.94 3.72 19.38
N GLY B 1028 24.58 3.52 20.53
CA GLY B 1028 24.80 2.15 20.96
C GLY B 1028 25.68 2.10 22.17
N VAL B 1029 25.98 0.88 22.61
CA VAL B 1029 26.93 0.62 23.68
C VAL B 1029 27.97 -0.33 23.18
N VAL B 1030 29.10 -0.36 23.87
CA VAL B 1030 30.15 -1.32 23.59
C VAL B 1030 30.55 -1.95 24.91
N PHE B 1031 30.60 -3.26 24.96
CA PHE B 1031 30.90 -3.96 26.19
C PHE B 1031 32.32 -4.49 26.18
N LEU B 1032 32.89 -4.63 27.38
CA LEU B 1032 34.21 -5.17 27.58
C LEU B 1032 34.07 -6.28 28.59
N HIS B 1033 34.08 -7.51 28.14
CA HIS B 1033 33.77 -8.62 29.02
C HIS B 1033 35.07 -9.25 29.52
N VAL B 1034 35.37 -9.04 30.79
CA VAL B 1034 36.59 -9.55 31.39
C VAL B 1034 36.40 -11.03 31.72
N THR B 1035 37.20 -11.87 31.08
CA THR B 1035 36.99 -13.30 31.11
C THR B 1035 38.20 -14.03 31.66
N TYR B 1036 37.99 -15.30 31.92
CA TYR B 1036 39.00 -16.21 32.47
C TYR B 1036 39.16 -17.38 31.52
N VAL B 1037 40.39 -17.75 31.21
CA VAL B 1037 40.67 -18.89 30.35
C VAL B 1037 41.72 -19.76 31.02
N PRO B 1038 41.39 -20.98 31.42
CA PRO B 1038 42.42 -21.89 31.92
C PRO B 1038 43.29 -22.39 30.78
N SER B 1039 44.49 -22.86 31.14
CA SER B 1039 45.49 -23.21 30.14
C SER B 1039 46.50 -24.20 30.72
N GLN B 1040 47.43 -24.63 29.86
CA GLN B 1040 48.60 -25.45 30.21
C GLN B 1040 48.19 -26.78 30.84
N GLU B 1041 47.63 -27.60 29.98
CA GLU B 1041 46.87 -28.77 30.35
C GLU B 1041 47.76 -29.99 30.49
N ARG B 1042 47.56 -30.76 31.55
CA ARG B 1042 48.37 -31.93 31.84
C ARG B 1042 47.55 -33.19 31.89
N ASN B 1043 48.10 -34.26 31.33
CA ASN B 1043 47.44 -35.56 31.33
C ASN B 1043 47.65 -36.23 32.68
N PHE B 1044 46.59 -36.35 33.46
CA PHE B 1044 46.65 -37.01 34.74
C PHE B 1044 45.75 -38.23 34.68
N THR B 1045 45.99 -39.19 35.58
CA THR B 1045 45.27 -40.46 35.54
C THR B 1045 44.38 -40.58 36.77
N THR B 1046 43.10 -40.92 36.54
CA THR B 1046 42.07 -40.79 37.56
C THR B 1046 41.21 -42.04 37.63
N ALA B 1047 40.39 -42.08 38.69
CA ALA B 1047 39.54 -43.21 39.05
C ALA B 1047 38.55 -42.74 40.12
N PRO B 1048 37.33 -43.30 40.15
CA PRO B 1048 36.25 -42.65 40.92
C PRO B 1048 36.28 -42.77 42.44
N ALA B 1049 36.87 -43.80 43.03
CA ALA B 1049 36.77 -43.96 44.49
C ALA B 1049 38.00 -44.64 45.03
N ILE B 1050 38.18 -44.56 46.35
CA ILE B 1050 39.32 -45.17 47.03
C ILE B 1050 38.82 -46.22 47.99
N CYS B 1051 39.35 -47.44 47.89
CA CYS B 1051 38.93 -48.57 48.72
C CYS B 1051 39.88 -48.68 49.90
N HIS B 1052 39.45 -48.18 51.04
CA HIS B 1052 40.18 -48.25 52.29
C HIS B 1052 39.16 -48.62 53.35
N GLU B 1053 39.58 -49.47 54.29
CA GLU B 1053 38.74 -50.02 55.35
C GLU B 1053 37.52 -50.77 54.80
N GLY B 1054 37.66 -51.33 53.59
CA GLY B 1054 36.59 -52.03 52.92
C GLY B 1054 35.50 -51.18 52.31
N LYS B 1055 35.62 -49.86 52.36
CA LYS B 1055 34.54 -48.97 51.95
C LYS B 1055 35.00 -48.09 50.81
N ALA B 1056 34.08 -47.80 49.90
CA ALA B 1056 34.38 -47.00 48.72
C ALA B 1056 34.23 -45.52 49.08
N TYR B 1057 35.23 -44.72 48.76
CA TYR B 1057 35.32 -43.35 49.24
C TYR B 1057 35.16 -42.43 48.04
N PHE B 1058 34.10 -41.76 47.98
CA PHE B 1058 33.84 -40.89 46.85
C PHE B 1058 34.18 -39.45 47.17
N PRO B 1059 34.72 -38.69 46.22
CA PRO B 1059 35.24 -37.37 46.55
C PRO B 1059 34.13 -36.36 46.73
N ARG B 1060 34.39 -35.35 47.54
CA ARG B 1060 33.38 -34.33 47.73
C ARG B 1060 33.42 -33.31 46.61
N GLU B 1061 34.57 -33.12 45.99
CA GLU B 1061 34.69 -32.14 44.91
C GLU B 1061 35.88 -32.51 44.05
N GLY B 1062 35.68 -32.48 42.74
CA GLY B 1062 36.77 -32.77 41.85
C GLY B 1062 37.05 -34.26 41.76
N VAL B 1063 38.28 -34.59 41.39
CA VAL B 1063 38.62 -35.94 40.98
C VAL B 1063 39.82 -36.47 41.74
N PHE B 1064 39.84 -37.77 41.95
CA PHE B 1064 41.02 -38.43 42.52
C PHE B 1064 42.07 -38.56 41.46
N VAL B 1065 43.23 -37.97 41.70
CA VAL B 1065 44.25 -37.80 40.67
C VAL B 1065 45.53 -38.47 41.13
N PHE B 1066 46.07 -39.35 40.30
CA PHE B 1066 47.42 -39.87 40.50
C PHE B 1066 48.34 -39.17 39.51
N ASN B 1067 49.48 -38.68 40.01
CA ASN B 1067 50.37 -37.87 39.20
C ASN B 1067 51.68 -38.57 38.88
N GLY B 1068 51.73 -39.89 38.98
CA GLY B 1068 52.98 -40.62 38.93
C GLY B 1068 53.62 -40.85 40.27
N THR B 1069 53.24 -40.07 41.29
CA THR B 1069 53.82 -40.18 42.62
C THR B 1069 52.79 -40.67 43.63
N SER B 1070 51.70 -39.94 43.80
CA SER B 1070 50.72 -40.26 44.83
C SER B 1070 49.36 -39.74 44.40
N TRP B 1071 48.34 -40.17 45.12
CA TRP B 1071 46.97 -39.78 44.87
C TRP B 1071 46.61 -38.56 45.70
N PHE B 1072 45.63 -37.81 45.20
CA PHE B 1072 45.12 -36.60 45.82
C PHE B 1072 43.85 -36.20 45.08
N ILE B 1073 43.19 -35.16 45.59
CA ILE B 1073 42.03 -34.58 44.93
C ILE B 1073 42.39 -33.19 44.46
N THR B 1074 41.65 -32.74 43.44
CA THR B 1074 41.82 -31.40 42.89
C THR B 1074 40.60 -31.09 42.04
N GLN B 1075 40.41 -29.79 41.76
CA GLN B 1075 39.25 -29.29 41.06
C GLN B 1075 39.46 -29.38 39.55
N ARG B 1076 38.38 -29.23 38.80
CA ARG B 1076 38.47 -29.44 37.38
C ARG B 1076 38.79 -28.16 36.62
N ASN B 1077 38.97 -27.05 37.32
CA ASN B 1077 39.16 -25.76 36.66
C ASN B 1077 40.60 -25.29 36.70
N PHE B 1078 41.42 -25.90 37.53
CA PHE B 1078 42.77 -25.50 37.86
C PHE B 1078 43.33 -26.67 38.64
N PHE B 1079 44.64 -26.72 38.76
CA PHE B 1079 45.27 -27.87 39.38
C PHE B 1079 45.95 -27.50 40.69
N SER B 1080 45.52 -28.15 41.77
CA SER B 1080 46.07 -27.97 43.12
C SER B 1080 45.92 -29.25 43.95
N PRO B 1081 47.01 -29.97 44.21
CA PRO B 1081 46.90 -31.29 44.84
C PRO B 1081 46.62 -31.30 46.33
N GLN B 1082 45.35 -31.27 46.75
CA GLN B 1082 45.05 -31.31 48.16
C GLN B 1082 44.94 -32.73 48.67
N ILE B 1083 45.24 -32.92 49.95
CA ILE B 1083 45.57 -34.22 50.50
C ILE B 1083 44.29 -34.94 50.93
N ILE B 1084 44.29 -36.26 50.80
CA ILE B 1084 43.08 -37.07 50.91
C ILE B 1084 42.78 -37.31 52.39
N THR B 1085 41.74 -36.68 52.90
CA THR B 1085 41.28 -36.94 54.27
C THR B 1085 39.86 -37.49 54.24
N THR B 1086 39.28 -37.62 55.42
CA THR B 1086 37.89 -38.05 55.54
C THR B 1086 36.96 -36.90 55.89
N ASP B 1087 37.40 -35.66 55.70
CA ASP B 1087 36.48 -34.54 55.73
C ASP B 1087 36.43 -33.78 54.41
N ASN B 1088 37.26 -34.16 53.44
CA ASN B 1088 37.09 -33.71 52.07
C ASN B 1088 36.64 -34.83 51.16
N THR B 1089 36.33 -35.99 51.73
CA THR B 1089 35.91 -37.16 50.98
C THR B 1089 35.02 -37.98 51.87
N PHE B 1090 33.80 -38.24 51.43
CA PHE B 1090 32.88 -38.98 52.25
C PHE B 1090 32.77 -40.41 51.75
N VAL B 1091 32.10 -41.22 52.55
CA VAL B 1091 31.94 -42.63 52.29
C VAL B 1091 30.51 -42.87 51.87
N SER B 1092 30.32 -43.81 50.96
CA SER B 1092 28.97 -44.12 50.49
C SER B 1092 29.01 -45.54 49.91
N GLY B 1093 28.53 -46.50 50.68
CA GLY B 1093 28.58 -47.88 50.26
C GLY B 1093 29.98 -48.45 50.37
N ASN B 1094 30.04 -49.76 50.26
CA ASN B 1094 31.26 -50.51 50.44
C ASN B 1094 32.00 -50.66 49.11
N CYS B 1095 33.04 -51.48 49.10
CA CYS B 1095 33.77 -51.76 47.87
C CYS B 1095 33.06 -52.85 47.08
N ASP B 1096 33.69 -53.28 45.98
CA ASP B 1096 33.21 -54.33 45.06
C ASP B 1096 31.87 -54.02 44.43
N VAL B 1097 31.54 -52.73 44.28
CA VAL B 1097 30.29 -52.30 43.63
C VAL B 1097 30.59 -51.41 42.42
N VAL B 1098 31.45 -50.43 42.58
CA VAL B 1098 31.78 -49.48 41.53
C VAL B 1098 33.00 -49.99 40.78
N ILE B 1099 32.95 -49.93 39.46
CA ILE B 1099 34.09 -50.32 38.63
C ILE B 1099 35.20 -49.28 38.80
N GLY B 1100 36.39 -49.75 39.19
CA GLY B 1100 37.58 -48.92 39.17
C GLY B 1100 37.93 -48.20 40.45
N ILE B 1101 37.73 -48.81 41.60
CA ILE B 1101 37.99 -48.13 42.87
C ILE B 1101 39.47 -48.27 43.20
N ILE B 1102 40.09 -47.17 43.65
CA ILE B 1102 41.51 -47.18 43.98
C ILE B 1102 41.74 -48.00 45.23
N ASN B 1103 42.81 -48.80 45.22
CA ASN B 1103 43.16 -49.64 46.37
C ASN B 1103 44.28 -48.91 47.10
N ASN B 1104 43.90 -47.95 47.94
CA ASN B 1104 44.84 -47.11 48.66
C ASN B 1104 44.17 -46.71 49.97
N THR B 1105 44.93 -46.06 50.84
CA THR B 1105 44.44 -45.61 52.12
C THR B 1105 44.03 -44.16 52.05
N VAL B 1106 43.22 -43.76 53.02
CA VAL B 1106 42.88 -42.36 53.25
C VAL B 1106 43.11 -42.10 54.72
N TYR B 1107 43.91 -41.08 55.02
CA TYR B 1107 44.31 -40.76 56.37
C TYR B 1107 43.14 -40.40 57.28
N ARG C 5 -41.95 -37.66 -47.43
CA ARG C 5 -43.25 -37.59 -46.75
C ARG C 5 -43.08 -37.61 -45.24
N CYS C 6 -44.03 -37.02 -44.54
CA CYS C 6 -44.00 -36.88 -43.10
C CYS C 6 -45.02 -37.84 -42.49
N THR C 7 -44.54 -38.96 -41.96
CA THR C 7 -45.38 -40.07 -41.56
C THR C 7 -45.47 -40.13 -40.04
N THR C 8 -46.66 -39.90 -39.51
CA THR C 8 -46.92 -40.02 -38.09
C THR C 8 -47.48 -41.41 -37.79
N PHE C 9 -47.26 -41.86 -36.56
CA PHE C 9 -47.69 -43.20 -36.17
C PHE C 9 -49.06 -43.13 -35.51
N ASP C 10 -49.66 -44.31 -35.34
CA ASP C 10 -51.07 -44.35 -34.95
C ASP C 10 -51.26 -44.37 -33.43
N ASP C 11 -50.46 -45.16 -32.71
CA ASP C 11 -50.73 -45.44 -31.32
C ASP C 11 -49.55 -45.03 -30.45
N VAL C 12 -49.13 -43.77 -30.59
CA VAL C 12 -48.00 -43.25 -29.82
C VAL C 12 -48.39 -43.19 -28.34
N GLN C 13 -47.73 -44.02 -27.54
CA GLN C 13 -47.90 -43.96 -26.10
C GLN C 13 -47.14 -42.74 -25.55
N ALA C 14 -47.76 -42.03 -24.61
CA ALA C 14 -47.19 -40.80 -24.10
C ALA C 14 -45.94 -41.08 -23.27
N PRO C 15 -44.94 -40.18 -23.28
CA PRO C 15 -43.74 -40.39 -22.46
C PRO C 15 -44.02 -40.28 -20.97
N ASN C 16 -43.22 -41.04 -20.20
CA ASN C 16 -43.42 -41.14 -18.77
C ASN C 16 -42.71 -40.06 -17.96
N TYR C 17 -41.66 -39.43 -18.52
CA TYR C 17 -40.73 -38.56 -17.79
C TYR C 17 -40.12 -39.27 -16.60
N THR C 18 -39.50 -40.43 -16.86
CA THR C 18 -38.90 -41.24 -15.81
C THR C 18 -37.61 -40.60 -15.32
N GLN C 19 -37.51 -40.39 -14.01
CA GLN C 19 -36.38 -39.68 -13.42
C GLN C 19 -35.27 -40.64 -13.03
N HIS C 20 -34.05 -40.17 -13.20
CA HIS C 20 -32.84 -40.90 -12.83
C HIS C 20 -31.82 -39.90 -12.33
N THR C 21 -30.71 -40.41 -11.80
CA THR C 21 -29.64 -39.56 -11.30
C THR C 21 -28.46 -39.59 -12.26
N SER C 22 -27.76 -38.47 -12.34
CA SER C 22 -26.70 -38.23 -13.30
C SER C 22 -25.34 -38.69 -12.84
N SER C 23 -25.30 -39.72 -12.00
CA SER C 23 -24.49 -39.79 -10.79
C SER C 23 -23.11 -39.12 -10.83
N MET C 24 -22.23 -39.58 -11.72
CA MET C 24 -20.87 -39.06 -11.78
C MET C 24 -20.38 -38.84 -13.20
N ARG C 25 -21.27 -38.80 -14.17
CA ARG C 25 -20.88 -38.59 -15.55
C ARG C 25 -21.02 -37.11 -15.91
N GLY C 26 -20.49 -36.74 -17.07
CA GLY C 26 -20.55 -35.36 -17.51
C GLY C 26 -19.25 -34.58 -17.45
N VAL C 27 -18.13 -35.26 -17.28
CA VAL C 27 -16.82 -34.62 -17.29
C VAL C 27 -16.25 -34.73 -18.70
N TYR C 28 -15.76 -33.62 -19.23
CA TYR C 28 -15.21 -33.62 -20.57
C TYR C 28 -14.02 -32.68 -20.64
N TYR C 29 -13.48 -32.54 -21.84
CA TYR C 29 -12.33 -31.70 -22.14
C TYR C 29 -12.81 -30.42 -22.76
N PRO C 30 -12.93 -29.32 -22.02
CA PRO C 30 -13.34 -28.06 -22.63
C PRO C 30 -12.25 -27.39 -23.43
N ASP C 31 -11.02 -27.88 -23.34
CA ASP C 31 -9.82 -27.15 -23.69
C ASP C 31 -8.99 -27.91 -24.71
N GLU C 32 -8.23 -27.17 -25.50
CA GLU C 32 -7.32 -27.74 -26.49
C GLU C 32 -5.90 -27.79 -25.98
N ILE C 33 -5.75 -28.01 -24.68
CA ILE C 33 -4.52 -27.69 -23.97
C ILE C 33 -4.01 -28.95 -23.29
N PHE C 34 -2.73 -29.24 -23.44
CA PHE C 34 -2.12 -30.29 -22.66
C PHE C 34 -1.60 -29.73 -21.35
N ARG C 35 -2.08 -30.29 -20.25
CA ARG C 35 -1.44 -30.10 -18.96
C ARG C 35 -1.23 -31.49 -18.40
N SER C 36 -0.35 -31.61 -17.41
CA SER C 36 -0.14 -32.93 -16.84
C SER C 36 0.25 -32.79 -15.38
N ASP C 37 -0.21 -33.77 -14.59
CA ASP C 37 0.06 -33.92 -13.17
C ASP C 37 -0.30 -32.63 -12.42
N THR C 38 -1.58 -32.28 -12.47
CA THR C 38 -2.03 -31.07 -11.81
C THR C 38 -3.47 -31.22 -11.40
N LEU C 39 -3.93 -30.23 -10.65
CA LEU C 39 -5.33 -30.05 -10.32
C LEU C 39 -5.75 -28.69 -10.86
N TYR C 40 -6.81 -28.66 -11.64
CA TYR C 40 -7.13 -27.45 -12.39
C TYR C 40 -8.57 -27.03 -12.18
N LEU C 41 -8.73 -25.79 -11.76
CA LEU C 41 -10.04 -25.18 -11.67
C LEU C 41 -10.61 -24.99 -13.06
N THR C 42 -11.92 -25.22 -13.22
CA THR C 42 -12.59 -24.96 -14.49
C THR C 42 -14.02 -24.55 -14.23
N GLN C 43 -14.47 -23.51 -14.91
CA GLN C 43 -15.87 -23.13 -14.93
C GLN C 43 -16.43 -23.29 -16.34
N ASP C 44 -17.41 -24.19 -16.50
CA ASP C 44 -18.08 -24.38 -17.78
C ASP C 44 -19.44 -25.00 -17.50
N LEU C 45 -20.24 -25.15 -18.55
CA LEU C 45 -21.52 -25.81 -18.44
C LEU C 45 -21.29 -27.29 -18.24
N PHE C 46 -21.27 -27.72 -16.99
CA PHE C 46 -21.02 -29.12 -16.70
C PHE C 46 -22.30 -29.80 -16.24
N LEU C 47 -22.31 -31.12 -16.37
CA LEU C 47 -23.37 -31.92 -15.78
C LEU C 47 -23.11 -32.05 -14.30
N PRO C 48 -23.97 -31.52 -13.44
CA PRO C 48 -23.73 -31.62 -11.99
C PRO C 48 -23.88 -33.06 -11.54
N PHE C 49 -23.18 -33.41 -10.47
CA PHE C 49 -23.22 -34.79 -10.02
C PHE C 49 -24.57 -35.10 -9.43
N TYR C 50 -25.07 -36.31 -9.74
CA TYR C 50 -26.29 -36.89 -9.17
C TYR C 50 -27.53 -36.07 -9.48
N SER C 51 -27.55 -35.35 -10.59
CA SER C 51 -28.70 -34.53 -10.88
C SER C 51 -29.76 -35.32 -11.64
N ASN C 52 -30.94 -34.71 -11.76
CA ASN C 52 -32.09 -35.41 -12.33
C ASN C 52 -31.94 -35.64 -13.81
N VAL C 53 -32.12 -36.89 -14.20
CA VAL C 53 -31.99 -37.32 -15.58
C VAL C 53 -33.32 -37.89 -16.01
N THR C 54 -33.92 -37.28 -17.03
CA THR C 54 -35.20 -37.78 -17.55
C THR C 54 -34.93 -38.92 -18.52
N GLY C 55 -35.49 -40.09 -18.19
CA GLY C 55 -35.38 -41.25 -19.02
C GLY C 55 -36.58 -41.40 -19.92
N PHE C 56 -36.33 -41.35 -21.22
CA PHE C 56 -37.34 -41.62 -22.24
C PHE C 56 -37.09 -43.02 -22.78
N HIS C 57 -37.93 -43.95 -22.37
CA HIS C 57 -37.83 -45.33 -22.80
C HIS C 57 -38.57 -45.51 -24.12
N THR C 58 -37.94 -46.24 -25.04
CA THR C 58 -38.61 -46.75 -26.22
C THR C 58 -38.85 -48.24 -25.98
N ILE C 59 -40.08 -48.58 -25.64
CA ILE C 59 -40.51 -49.96 -25.45
C ILE C 59 -41.73 -50.12 -26.34
N ASN C 60 -42.25 -51.37 -26.44
CA ASN C 60 -43.09 -51.90 -27.52
C ASN C 60 -44.11 -50.96 -28.15
N HIS C 61 -44.85 -50.20 -27.33
CA HIS C 61 -45.81 -49.24 -27.82
C HIS C 61 -45.39 -47.80 -27.55
N THR C 62 -44.24 -47.61 -26.92
CA THR C 62 -43.77 -46.31 -26.45
C THR C 62 -42.72 -45.81 -27.43
N PHE C 63 -43.02 -44.71 -28.12
CA PHE C 63 -42.16 -44.18 -29.18
C PHE C 63 -41.97 -42.69 -28.86
N GLY C 64 -41.02 -42.39 -27.99
CA GLY C 64 -40.93 -41.06 -27.37
C GLY C 64 -39.89 -40.21 -28.08
N ASN C 65 -40.35 -39.20 -28.82
CA ASN C 65 -39.45 -38.19 -29.40
C ASN C 65 -40.13 -36.82 -29.44
N PRO C 66 -40.30 -36.19 -28.28
CA PRO C 66 -40.97 -34.88 -28.26
C PRO C 66 -40.00 -33.77 -28.65
N VAL C 67 -40.55 -32.56 -28.70
CA VAL C 67 -39.72 -31.37 -28.77
C VAL C 67 -39.22 -31.04 -27.38
N ILE C 68 -37.91 -31.18 -27.17
CA ILE C 68 -37.29 -31.01 -25.86
C ILE C 68 -36.52 -29.70 -25.89
N PRO C 69 -36.64 -28.85 -24.87
CA PRO C 69 -35.84 -27.61 -24.83
C PRO C 69 -34.35 -27.90 -24.67
N PHE C 70 -33.57 -27.06 -25.33
CA PHE C 70 -32.12 -27.17 -25.38
C PHE C 70 -31.45 -26.39 -24.25
N LYS C 71 -32.25 -25.79 -23.38
CA LYS C 71 -32.11 -24.42 -22.90
C LYS C 71 -30.70 -23.86 -22.90
N ASP C 72 -29.74 -24.56 -22.29
CA ASP C 72 -28.38 -24.09 -22.23
C ASP C 72 -27.38 -25.15 -22.68
N GLY C 73 -27.86 -26.26 -23.22
CA GLY C 73 -26.98 -27.37 -23.51
C GLY C 73 -27.54 -28.62 -22.91
N ILE C 74 -27.11 -29.79 -23.40
CA ILE C 74 -27.73 -31.06 -23.06
C ILE C 74 -26.69 -32.16 -23.00
N TYR C 75 -26.98 -33.16 -22.18
CA TYR C 75 -26.20 -34.40 -22.09
C TYR C 75 -27.02 -35.52 -22.68
N PHE C 76 -26.67 -35.97 -23.87
CA PHE C 76 -27.36 -37.09 -24.47
C PHE C 76 -26.66 -38.38 -24.07
N ALA C 77 -27.41 -39.27 -23.44
CA ALA C 77 -26.97 -40.64 -23.22
C ALA C 77 -27.71 -41.58 -24.17
N ALA C 78 -27.04 -42.68 -24.52
CA ALA C 78 -27.59 -43.62 -25.49
C ALA C 78 -27.30 -45.03 -25.03
N THR C 79 -28.22 -45.62 -24.27
CA THR C 79 -28.14 -47.01 -23.87
C THR C 79 -28.61 -47.86 -25.04
N GLU C 80 -27.67 -48.48 -25.72
CA GLU C 80 -27.96 -49.06 -27.03
C GLU C 80 -27.55 -50.52 -27.10
N LYS C 81 -28.34 -51.26 -27.88
CA LYS C 81 -27.96 -52.58 -28.36
C LYS C 81 -28.25 -52.79 -29.83
N SER C 82 -29.16 -52.01 -30.43
CA SER C 82 -29.57 -52.19 -31.81
C SER C 82 -29.40 -50.93 -32.63
N ASN C 83 -28.76 -49.90 -32.07
CA ASN C 83 -28.55 -48.59 -32.69
C ASN C 83 -29.86 -47.98 -33.14
N VAL C 84 -30.82 -47.92 -32.22
CA VAL C 84 -32.14 -47.37 -32.56
C VAL C 84 -32.07 -45.86 -32.70
N VAL C 85 -31.62 -45.16 -31.67
CA VAL C 85 -31.49 -43.72 -31.80
C VAL C 85 -30.30 -43.43 -32.68
N ARG C 86 -30.53 -42.72 -33.77
CA ARG C 86 -29.50 -42.46 -34.75
C ARG C 86 -29.40 -40.99 -35.11
N GLY C 87 -30.25 -40.13 -34.58
CA GLY C 87 -30.18 -38.75 -35.02
C GLY C 87 -30.89 -37.76 -34.11
N TRP C 88 -30.69 -36.49 -34.44
CA TRP C 88 -31.31 -35.38 -33.76
C TRP C 88 -31.66 -34.31 -34.78
N VAL C 89 -32.59 -33.44 -34.40
CA VAL C 89 -32.90 -32.24 -35.16
C VAL C 89 -32.82 -31.08 -34.20
N PHE C 90 -31.86 -30.19 -34.41
CA PHE C 90 -31.71 -29.01 -33.57
C PHE C 90 -32.23 -27.80 -34.32
N GLY C 91 -33.21 -27.13 -33.73
CA GLY C 91 -33.74 -25.92 -34.28
C GLY C 91 -34.38 -25.08 -33.20
N SER C 92 -35.19 -24.12 -33.61
CA SER C 92 -36.02 -23.38 -32.68
C SER C 92 -37.50 -23.53 -32.99
N THR C 93 -37.89 -23.24 -34.23
CA THR C 93 -39.28 -23.34 -34.62
C THR C 93 -39.68 -24.75 -35.01
N MET C 94 -38.70 -25.62 -35.29
CA MET C 94 -38.88 -27.02 -35.68
C MET C 94 -39.76 -27.17 -36.93
N ASN C 95 -39.68 -26.19 -37.83
CA ASN C 95 -40.37 -26.26 -39.11
C ASN C 95 -39.49 -25.69 -40.21
N ASN C 96 -40.06 -25.45 -41.39
CA ASN C 96 -39.30 -24.97 -42.52
C ASN C 96 -39.06 -23.47 -42.51
N LYS C 97 -39.44 -22.76 -41.44
CA LYS C 97 -39.27 -21.32 -41.49
C LYS C 97 -37.88 -20.91 -41.03
N SER C 98 -37.46 -21.33 -39.84
CA SER C 98 -36.14 -21.01 -39.30
C SER C 98 -35.12 -22.02 -39.78
N GLN C 99 -33.85 -21.65 -39.66
CA GLN C 99 -32.78 -22.60 -39.92
C GLN C 99 -32.77 -23.68 -38.83
N SER C 100 -32.39 -24.88 -39.24
CA SER C 100 -32.27 -25.97 -38.30
C SER C 100 -31.21 -26.92 -38.84
N VAL C 101 -30.61 -27.69 -37.95
CA VAL C 101 -29.57 -28.64 -38.34
C VAL C 101 -30.03 -30.05 -37.98
N ILE C 102 -29.66 -31.01 -38.82
CA ILE C 102 -29.95 -32.41 -38.59
C ILE C 102 -28.64 -33.15 -38.50
N ILE C 103 -28.47 -33.92 -37.43
CA ILE C 103 -27.22 -34.63 -37.15
C ILE C 103 -27.58 -36.10 -37.01
N ILE C 104 -27.30 -36.88 -38.06
CA ILE C 104 -27.75 -38.28 -38.13
C ILE C 104 -26.60 -39.19 -38.54
N ASN C 105 -26.77 -40.46 -38.18
CA ASN C 105 -26.03 -41.58 -38.77
C ASN C 105 -27.04 -42.39 -39.57
N ASN C 106 -26.84 -42.44 -40.88
CA ASN C 106 -27.72 -43.16 -41.79
C ASN C 106 -27.20 -44.56 -42.12
N SER C 107 -26.40 -45.15 -41.22
CA SER C 107 -25.77 -46.48 -41.28
C SER C 107 -24.79 -46.66 -42.44
N THR C 108 -24.52 -45.59 -43.18
CA THR C 108 -23.45 -45.51 -44.16
C THR C 108 -22.53 -44.33 -43.91
N ASN C 109 -23.09 -43.23 -43.42
CA ASN C 109 -22.34 -41.99 -43.23
C ASN C 109 -22.82 -41.30 -41.97
N VAL C 110 -22.06 -40.31 -41.56
CA VAL C 110 -22.52 -39.35 -40.56
C VAL C 110 -22.75 -38.04 -41.29
N VAL C 111 -24.00 -37.59 -41.27
CA VAL C 111 -24.43 -36.46 -42.08
C VAL C 111 -24.85 -35.33 -41.17
N ILE C 112 -24.24 -34.17 -41.36
CA ILE C 112 -24.60 -32.93 -40.68
C ILE C 112 -25.04 -31.95 -41.75
N ARG C 113 -26.26 -31.43 -41.63
CA ARG C 113 -26.83 -30.60 -42.67
C ARG C 113 -27.71 -29.54 -42.02
N ALA C 114 -27.46 -28.28 -42.36
CA ALA C 114 -28.23 -27.15 -41.88
C ALA C 114 -28.95 -26.49 -43.04
N CYS C 115 -30.29 -26.52 -43.01
CA CYS C 115 -31.13 -25.93 -44.04
C CYS C 115 -32.35 -25.33 -43.35
N ASN C 116 -33.36 -24.97 -44.13
CA ASN C 116 -34.71 -24.78 -43.59
C ASN C 116 -35.45 -26.07 -43.86
N PHE C 117 -35.35 -27.02 -42.95
CA PHE C 117 -35.96 -28.32 -43.19
C PHE C 117 -37.44 -28.26 -42.90
N GLU C 118 -38.24 -28.72 -43.85
CA GLU C 118 -39.63 -29.01 -43.56
C GLU C 118 -39.64 -30.24 -42.67
N LEU C 119 -39.65 -30.01 -41.37
CA LEU C 119 -39.59 -31.11 -40.41
C LEU C 119 -40.84 -31.97 -40.47
N CYS C 120 -40.62 -33.27 -40.67
CA CYS C 120 -41.68 -34.21 -40.37
C CYS C 120 -41.91 -34.22 -38.87
N ASP C 121 -43.18 -34.19 -38.47
CA ASP C 121 -43.50 -34.16 -37.06
C ASP C 121 -43.21 -35.50 -36.38
N ASN C 122 -43.13 -36.58 -37.15
CA ASN C 122 -42.65 -37.87 -36.68
C ASN C 122 -41.54 -38.32 -37.62
N PRO C 123 -40.32 -37.84 -37.43
CA PRO C 123 -39.21 -38.32 -38.26
C PRO C 123 -38.71 -39.66 -37.72
N PHE C 124 -38.52 -40.61 -38.63
CA PHE C 124 -38.09 -41.93 -38.18
C PHE C 124 -37.36 -42.62 -39.31
N PHE C 125 -36.47 -43.54 -38.94
CA PHE C 125 -35.94 -44.53 -39.86
C PHE C 125 -36.68 -45.84 -39.63
N ALA C 126 -37.01 -46.52 -40.73
CA ALA C 126 -37.70 -47.79 -40.65
C ALA C 126 -36.73 -48.90 -41.04
N VAL C 127 -36.62 -49.90 -40.17
CA VAL C 127 -35.82 -51.09 -40.40
C VAL C 127 -36.76 -52.28 -40.39
N SER C 128 -36.67 -53.10 -41.43
CA SER C 128 -37.42 -54.35 -41.44
C SER C 128 -36.86 -55.27 -40.36
N LYS C 129 -37.72 -55.61 -39.41
CA LYS C 129 -37.32 -56.55 -38.35
C LYS C 129 -36.97 -57.95 -38.84
N PRO C 130 -37.70 -58.62 -39.81
CA PRO C 130 -37.20 -59.92 -40.28
C PRO C 130 -36.04 -59.82 -41.28
N MET C 131 -36.04 -58.80 -42.13
CA MET C 131 -34.96 -58.67 -43.11
C MET C 131 -33.67 -58.19 -42.46
N GLY C 132 -33.77 -57.34 -41.44
CA GLY C 132 -32.58 -56.78 -40.83
C GLY C 132 -31.98 -55.62 -41.59
N THR C 133 -32.72 -55.02 -42.51
CA THR C 133 -32.23 -53.91 -43.32
C THR C 133 -33.06 -52.66 -43.06
N GLN C 134 -32.40 -51.51 -43.14
CA GLN C 134 -33.11 -50.23 -43.09
C GLN C 134 -33.86 -50.02 -44.40
N THR C 135 -35.12 -49.63 -44.30
CA THR C 135 -35.92 -49.37 -45.49
C THR C 135 -36.14 -47.88 -45.76
N HIS C 136 -36.53 -47.10 -44.75
CA HIS C 136 -36.97 -45.75 -44.98
C HIS C 136 -35.95 -44.72 -44.50
N THR C 137 -35.99 -43.56 -45.18
CA THR C 137 -35.37 -42.32 -44.73
C THR C 137 -36.44 -41.23 -44.79
N MET C 138 -37.26 -41.18 -43.73
CA MET C 138 -38.33 -40.21 -43.62
C MET C 138 -37.92 -39.19 -42.57
N ILE C 139 -37.17 -38.19 -43.02
CA ILE C 139 -36.55 -37.19 -42.17
C ILE C 139 -37.25 -35.85 -42.34
N PHE C 140 -37.22 -35.33 -43.57
CA PHE C 140 -37.78 -34.06 -43.94
C PHE C 140 -38.37 -34.20 -45.32
N ASP C 141 -39.38 -33.38 -45.62
CA ASP C 141 -39.89 -33.33 -46.97
C ASP C 141 -39.08 -32.38 -47.83
N ASN C 142 -38.71 -31.23 -47.28
CA ASN C 142 -38.09 -30.16 -48.05
C ASN C 142 -36.88 -29.63 -47.30
N ALA C 143 -35.92 -29.10 -48.05
CA ALA C 143 -34.77 -28.41 -47.49
C ALA C 143 -34.39 -27.29 -48.44
N PHE C 144 -34.17 -26.11 -47.90
CA PHE C 144 -33.81 -24.94 -48.70
C PHE C 144 -33.06 -23.96 -47.80
N ASN C 145 -32.36 -23.02 -48.45
CA ASN C 145 -31.32 -22.18 -47.86
C ASN C 145 -30.36 -23.02 -47.04
N CYS C 146 -29.81 -24.03 -47.69
CA CYS C 146 -28.95 -24.99 -47.01
C CYS C 146 -27.64 -24.34 -46.64
N THR C 147 -27.39 -24.24 -45.33
CA THR C 147 -26.31 -23.44 -44.77
C THR C 147 -25.04 -24.26 -44.53
N PHE C 148 -25.18 -25.42 -43.89
CA PHE C 148 -24.04 -26.29 -43.64
C PHE C 148 -24.36 -27.66 -44.21
N GLU C 149 -23.31 -28.37 -44.62
CA GLU C 149 -23.45 -29.67 -45.25
C GLU C 149 -22.22 -30.49 -44.87
N TYR C 150 -22.42 -31.57 -44.15
CA TYR C 150 -21.35 -32.53 -43.92
C TYR C 150 -21.89 -33.92 -44.19
N ILE C 151 -21.03 -34.77 -44.76
CA ILE C 151 -21.25 -36.21 -44.88
C ILE C 151 -19.92 -36.87 -44.53
N SER C 152 -19.96 -37.92 -43.70
CA SER C 152 -18.72 -38.57 -43.31
C SER C 152 -18.31 -39.64 -44.33
N ASP C 153 -17.24 -40.35 -43.99
CA ASP C 153 -16.72 -41.44 -44.80
C ASP C 153 -17.71 -42.60 -44.86
N ALA C 154 -17.52 -43.46 -45.85
CA ALA C 154 -18.40 -44.60 -46.05
C ALA C 154 -18.08 -45.70 -45.06
N PHE C 155 -19.13 -46.27 -44.48
CA PHE C 155 -19.00 -47.45 -43.62
C PHE C 155 -20.30 -48.24 -43.69
N SER C 156 -20.34 -49.35 -42.97
CA SER C 156 -21.52 -50.20 -42.90
C SER C 156 -21.79 -50.50 -41.44
N LEU C 157 -22.94 -50.08 -40.95
CA LEU C 157 -23.26 -50.19 -39.53
C LEU C 157 -24.18 -51.38 -39.30
N ASP C 158 -24.15 -51.91 -38.08
CA ASP C 158 -25.08 -52.94 -37.63
C ASP C 158 -26.49 -52.36 -37.59
N VAL C 159 -27.32 -52.75 -38.55
CA VAL C 159 -28.68 -52.21 -38.66
C VAL C 159 -29.67 -53.07 -37.87
N SER C 160 -29.35 -54.35 -37.68
CA SER C 160 -30.27 -55.38 -37.19
C SER C 160 -30.68 -55.14 -35.74
N GLU C 161 -31.86 -55.66 -35.41
CA GLU C 161 -32.28 -55.72 -34.02
C GLU C 161 -31.53 -56.82 -33.27
N LYS C 162 -30.93 -56.46 -32.15
CA LYS C 162 -30.32 -57.42 -31.25
C LYS C 162 -31.28 -57.76 -30.12
N SER C 163 -30.88 -58.72 -29.29
CA SER C 163 -31.61 -59.06 -28.09
C SER C 163 -30.62 -59.13 -26.93
N GLY C 164 -31.15 -59.27 -25.73
CA GLY C 164 -30.31 -59.31 -24.56
C GLY C 164 -30.18 -57.94 -23.91
N ASN C 165 -28.98 -57.61 -23.45
CA ASN C 165 -28.77 -56.40 -22.68
C ASN C 165 -28.22 -55.28 -23.55
N PHE C 166 -28.35 -54.04 -23.06
CA PHE C 166 -27.89 -52.87 -23.81
C PHE C 166 -26.38 -52.85 -23.84
N LYS C 167 -25.82 -52.98 -25.04
CA LYS C 167 -24.42 -53.35 -25.21
C LYS C 167 -23.46 -52.18 -25.13
N HIS C 168 -23.88 -50.99 -25.54
CA HIS C 168 -22.93 -49.89 -25.63
C HIS C 168 -23.61 -48.60 -25.20
N LEU C 169 -22.87 -47.77 -24.48
CA LEU C 169 -23.37 -46.51 -24.00
C LEU C 169 -22.62 -45.39 -24.69
N ARG C 170 -23.35 -44.49 -25.34
CA ARG C 170 -22.78 -43.36 -26.04
C ARG C 170 -23.24 -42.08 -25.37
N GLU C 171 -22.27 -41.28 -24.94
CA GLU C 171 -22.51 -40.12 -24.10
C GLU C 171 -22.15 -38.88 -24.88
N PHE C 172 -23.12 -38.01 -25.09
CA PHE C 172 -22.98 -36.89 -26.01
C PHE C 172 -23.34 -35.60 -25.29
N VAL C 173 -22.58 -34.53 -25.54
CA VAL C 173 -22.78 -33.26 -24.85
C VAL C 173 -22.74 -32.13 -25.88
N PHE C 174 -23.80 -31.35 -25.92
CA PHE C 174 -24.03 -30.38 -26.97
C PHE C 174 -24.09 -28.98 -26.38
N LYS C 175 -23.41 -28.03 -27.01
CA LYS C 175 -23.39 -26.64 -26.53
C LYS C 175 -23.42 -25.66 -27.70
N ASN C 176 -24.13 -24.56 -27.49
CA ASN C 176 -24.16 -23.44 -28.44
C ASN C 176 -23.37 -22.31 -27.80
N LYS C 177 -22.08 -22.22 -28.11
CA LYS C 177 -21.19 -21.27 -27.47
C LYS C 177 -20.46 -20.46 -28.52
N ASP C 178 -20.59 -19.13 -28.45
CA ASP C 178 -20.07 -18.19 -29.45
C ASP C 178 -20.51 -18.55 -30.86
N GLY C 179 -21.74 -19.05 -30.99
CA GLY C 179 -22.25 -19.52 -32.25
C GLY C 179 -21.64 -20.77 -32.81
N PHE C 180 -20.72 -21.41 -32.09
CA PHE C 180 -20.37 -22.76 -32.46
C PHE C 180 -21.46 -23.72 -32.02
N LEU C 181 -21.41 -24.92 -32.57
CA LEU C 181 -22.16 -26.04 -32.02
C LEU C 181 -21.12 -27.02 -31.50
N TYR C 182 -20.84 -26.94 -30.20
CA TYR C 182 -19.91 -27.86 -29.58
C TYR C 182 -20.56 -29.22 -29.43
N VAL C 183 -19.96 -30.23 -30.02
CA VAL C 183 -20.48 -31.59 -29.98
C VAL C 183 -19.38 -32.47 -29.40
N TYR C 184 -19.61 -33.01 -28.20
CA TYR C 184 -18.60 -33.78 -27.51
C TYR C 184 -19.13 -35.20 -27.31
N LYS C 185 -18.22 -36.17 -27.19
CA LYS C 185 -18.56 -37.59 -27.33
C LYS C 185 -17.89 -38.43 -26.26
N GLY C 186 -18.63 -39.41 -25.73
CA GLY C 186 -18.03 -40.49 -24.97
C GLY C 186 -18.67 -41.82 -25.28
N TYR C 187 -17.96 -42.88 -24.95
CA TYR C 187 -18.33 -44.24 -25.37
C TYR C 187 -17.68 -45.25 -24.44
N GLN C 188 -18.49 -46.12 -23.84
CA GLN C 188 -17.95 -47.32 -23.22
C GLN C 188 -19.02 -48.40 -23.23
N PRO C 189 -18.63 -49.68 -23.28
CA PRO C 189 -19.62 -50.75 -23.27
C PRO C 189 -20.08 -51.14 -21.88
N ILE C 190 -21.35 -51.53 -21.79
CA ILE C 190 -21.98 -52.08 -20.60
C ILE C 190 -22.90 -53.22 -21.03
N ASP C 191 -23.61 -53.80 -20.05
CA ASP C 191 -24.73 -54.71 -20.34
C ASP C 191 -25.72 -54.63 -19.18
N VAL C 192 -26.87 -54.02 -19.45
CA VAL C 192 -27.88 -53.78 -18.43
C VAL C 192 -29.23 -53.78 -19.14
N VAL C 193 -30.30 -53.96 -18.35
CA VAL C 193 -31.66 -53.94 -18.89
C VAL C 193 -32.20 -52.52 -19.00
N ARG C 194 -31.97 -51.68 -17.99
CA ARG C 194 -32.46 -50.31 -17.95
C ARG C 194 -31.59 -49.56 -16.96
N ASP C 195 -32.04 -48.36 -16.54
CA ASP C 195 -31.47 -47.61 -15.42
C ASP C 195 -30.00 -47.23 -15.63
N LEU C 196 -29.76 -46.13 -16.38
CA LEU C 196 -28.48 -45.51 -16.69
C LEU C 196 -27.46 -45.62 -15.56
N PRO C 197 -26.35 -46.32 -15.78
CA PRO C 197 -25.54 -46.80 -14.66
C PRO C 197 -24.68 -45.70 -14.08
N SER C 198 -24.34 -45.90 -12.81
CA SER C 198 -23.39 -45.03 -12.15
C SER C 198 -21.99 -45.28 -12.71
N GLY C 199 -21.31 -44.22 -13.08
CA GLY C 199 -20.00 -44.40 -13.66
C GLY C 199 -19.34 -43.06 -13.92
N PHE C 200 -18.15 -43.14 -14.50
CA PHE C 200 -17.30 -41.98 -14.72
C PHE C 200 -16.56 -42.16 -16.02
N ASN C 201 -16.81 -41.28 -17.00
CA ASN C 201 -16.03 -41.34 -18.22
C ASN C 201 -15.89 -39.96 -18.84
N THR C 202 -14.66 -39.64 -19.22
CA THR C 202 -14.33 -38.37 -19.84
C THR C 202 -14.88 -38.31 -21.26
N LEU C 203 -15.46 -37.19 -21.62
CA LEU C 203 -16.05 -37.07 -22.93
C LEU C 203 -15.12 -36.24 -23.80
N LYS C 204 -15.12 -36.50 -25.09
CA LYS C 204 -14.06 -35.94 -25.91
C LYS C 204 -14.63 -35.07 -27.02
N PRO C 205 -13.97 -33.98 -27.37
CA PRO C 205 -14.45 -33.16 -28.49
C PRO C 205 -14.24 -33.84 -29.82
N ILE C 206 -15.31 -33.92 -30.60
CA ILE C 206 -15.23 -34.55 -31.91
C ILE C 206 -15.57 -33.53 -32.99
N PHE C 207 -16.42 -32.57 -32.68
CA PHE C 207 -16.89 -31.65 -33.70
C PHE C 207 -17.15 -30.29 -33.10
N LYS C 208 -16.42 -29.30 -33.61
CA LYS C 208 -16.52 -27.90 -33.22
C LYS C 208 -17.24 -27.21 -34.37
N LEU C 209 -18.56 -27.20 -34.32
CA LEU C 209 -19.35 -26.96 -35.52
C LEU C 209 -19.79 -25.52 -35.58
N PRO C 210 -19.24 -24.72 -36.45
CA PRO C 210 -19.67 -23.33 -36.50
C PRO C 210 -20.93 -23.24 -37.37
N LEU C 211 -22.08 -23.41 -36.74
CA LEU C 211 -23.30 -23.37 -37.51
C LEU C 211 -23.91 -21.97 -37.53
N GLY C 212 -23.93 -21.31 -36.39
CA GLY C 212 -24.47 -19.97 -36.34
C GLY C 212 -25.97 -19.94 -36.47
N ILE C 213 -26.68 -20.85 -35.80
CA ILE C 213 -28.10 -21.01 -36.00
C ILE C 213 -28.85 -20.88 -34.68
N ASN C 214 -30.17 -20.92 -34.79
CA ASN C 214 -31.09 -20.71 -33.68
C ASN C 214 -31.46 -22.08 -33.12
N ILE C 215 -30.87 -22.47 -31.99
CA ILE C 215 -31.20 -23.72 -31.35
C ILE C 215 -31.71 -23.42 -29.96
N THR C 216 -33.01 -23.56 -29.77
CA THR C 216 -33.60 -23.55 -28.45
C THR C 216 -34.36 -24.83 -28.14
N ASN C 217 -34.61 -25.67 -29.15
CA ASN C 217 -35.39 -26.89 -28.99
C ASN C 217 -34.77 -28.01 -29.81
N PHE C 218 -35.13 -29.25 -29.49
CA PHE C 218 -34.63 -30.35 -30.28
C PHE C 218 -35.54 -31.56 -30.16
N ARG C 219 -35.27 -32.54 -31.01
CA ARG C 219 -35.99 -33.80 -31.07
C ARG C 219 -35.00 -34.87 -31.51
N ALA C 220 -35.04 -36.01 -30.84
CA ALA C 220 -34.24 -37.15 -31.25
C ALA C 220 -34.86 -37.83 -32.47
N ILE C 221 -34.01 -38.40 -33.32
CA ILE C 221 -34.47 -39.24 -34.41
C ILE C 221 -34.18 -40.70 -34.06
N LEU C 222 -35.24 -41.47 -33.96
CA LEU C 222 -35.22 -42.83 -33.46
C LEU C 222 -35.01 -43.79 -34.61
N THR C 223 -35.28 -45.07 -34.36
CA THR C 223 -35.52 -46.04 -35.42
C THR C 223 -36.79 -46.80 -35.06
N ALA C 224 -37.73 -46.86 -36.00
CA ALA C 224 -38.90 -47.70 -35.85
C ALA C 224 -38.64 -49.04 -36.55
N PHE C 225 -38.87 -50.13 -35.83
CA PHE C 225 -38.65 -51.47 -36.36
C PHE C 225 -39.97 -52.04 -36.85
N SER C 226 -40.09 -52.18 -38.17
CA SER C 226 -41.33 -52.70 -38.74
C SER C 226 -41.18 -54.18 -39.09
N PRO C 227 -42.14 -55.02 -38.69
CA PRO C 227 -42.08 -56.43 -39.10
C PRO C 227 -42.87 -56.71 -40.37
N ILE C 231 -47.57 -49.52 -40.55
CA ILE C 231 -47.11 -50.65 -39.75
C ILE C 231 -45.78 -50.29 -39.10
N TRP C 232 -45.86 -49.87 -37.84
CA TRP C 232 -44.70 -49.42 -37.10
C TRP C 232 -44.53 -50.24 -35.82
N GLY C 233 -43.32 -50.19 -35.28
CA GLY C 233 -43.01 -50.90 -34.06
C GLY C 233 -41.62 -50.53 -33.61
N THR C 234 -41.29 -50.93 -32.39
CA THR C 234 -40.01 -50.60 -31.77
C THR C 234 -39.30 -51.87 -31.30
N SER C 235 -38.09 -51.65 -30.81
CA SER C 235 -37.45 -52.55 -29.85
C SER C 235 -36.91 -51.69 -28.71
N ALA C 236 -36.33 -52.35 -27.72
CA ALA C 236 -35.99 -51.67 -26.46
C ALA C 236 -34.75 -50.80 -26.62
N ALA C 237 -34.90 -49.53 -26.25
CA ALA C 237 -33.79 -48.59 -26.10
C ALA C 237 -34.26 -47.50 -25.16
N ALA C 238 -33.31 -46.66 -24.75
CA ALA C 238 -33.65 -45.52 -23.91
C ALA C 238 -32.61 -44.44 -24.12
N TYR C 239 -33.06 -43.20 -24.00
CA TYR C 239 -32.17 -42.05 -24.11
C TYR C 239 -32.51 -41.08 -22.99
N PHE C 240 -31.56 -40.17 -22.73
CA PHE C 240 -31.57 -39.43 -21.48
C PHE C 240 -31.26 -37.96 -21.76
N VAL C 241 -31.88 -37.08 -20.98
CA VAL C 241 -31.98 -35.67 -21.33
C VAL C 241 -30.75 -34.88 -20.87
N GLY C 242 -30.47 -34.88 -19.56
CA GLY C 242 -29.25 -34.34 -19.03
C GLY C 242 -29.01 -32.86 -19.27
N TYR C 243 -29.73 -31.99 -18.59
CA TYR C 243 -29.45 -30.56 -18.71
C TYR C 243 -28.13 -30.21 -18.05
N LEU C 244 -27.42 -29.26 -18.64
CA LEU C 244 -26.13 -28.79 -18.13
C LEU C 244 -26.34 -27.49 -17.38
N LYS C 245 -25.40 -27.19 -16.50
CA LYS C 245 -25.48 -26.01 -15.65
C LYS C 245 -24.12 -25.38 -15.52
N PRO C 246 -24.05 -24.05 -15.31
CA PRO C 246 -22.75 -23.38 -15.19
C PRO C 246 -22.11 -23.54 -13.81
N THR C 247 -21.58 -24.71 -13.53
CA THR C 247 -20.92 -25.00 -12.27
C THR C 247 -19.41 -25.04 -12.49
N THR C 248 -18.68 -25.15 -11.38
CA THR C 248 -17.22 -25.10 -11.37
C THR C 248 -16.66 -26.41 -10.85
N PHE C 249 -15.65 -26.93 -11.53
CA PHE C 249 -15.06 -28.21 -11.19
C PHE C 249 -13.58 -28.09 -10.89
N MET C 250 -13.09 -29.02 -10.08
CA MET C 250 -11.67 -29.33 -10.03
C MET C 250 -11.44 -30.53 -10.92
N LEU C 251 -10.35 -30.50 -11.69
CA LEU C 251 -10.13 -31.55 -12.68
C LEU C 251 -8.69 -32.02 -12.56
N LYS C 252 -8.47 -33.15 -11.93
CA LYS C 252 -7.12 -33.66 -11.78
C LYS C 252 -6.68 -34.34 -13.06
N TYR C 253 -5.50 -33.96 -13.55
CA TYR C 253 -4.96 -34.60 -14.74
C TYR C 253 -3.87 -35.57 -14.30
N ASP C 254 -3.68 -36.62 -15.09
CA ASP C 254 -2.59 -37.55 -14.81
C ASP C 254 -1.29 -37.04 -15.41
N GLU C 255 -0.30 -37.92 -15.56
CA GLU C 255 0.88 -37.56 -16.31
C GLU C 255 0.71 -37.71 -17.82
N ASN C 256 -0.46 -38.13 -18.28
CA ASN C 256 -0.76 -38.15 -19.69
C ASN C 256 -1.79 -37.11 -20.09
N GLY C 257 -2.18 -36.25 -19.17
CA GLY C 257 -3.21 -35.30 -19.51
C GLY C 257 -4.60 -35.88 -19.58
N THR C 258 -4.81 -37.06 -18.99
CA THR C 258 -6.13 -37.66 -18.94
C THR C 258 -6.76 -37.35 -17.60
N ILE C 259 -7.97 -36.79 -17.63
CA ILE C 259 -8.75 -36.61 -16.41
C ILE C 259 -9.05 -37.97 -15.82
N THR C 260 -8.65 -38.18 -14.57
CA THR C 260 -9.02 -39.38 -13.85
C THR C 260 -9.97 -39.11 -12.71
N ASP C 261 -10.09 -37.86 -12.27
CA ASP C 261 -10.94 -37.53 -11.14
C ASP C 261 -11.46 -36.11 -11.33
N ALA C 262 -12.65 -35.86 -10.79
CA ALA C 262 -13.25 -34.55 -10.84
C ALA C 262 -14.13 -34.38 -9.62
N VAL C 263 -14.16 -33.16 -9.09
CA VAL C 263 -14.91 -32.86 -7.89
C VAL C 263 -15.76 -31.62 -8.13
N ASP C 264 -17.06 -31.77 -7.97
CA ASP C 264 -17.97 -30.65 -8.11
C ASP C 264 -17.82 -29.72 -6.92
N CYS C 265 -18.07 -28.44 -7.14
CA CYS C 265 -17.86 -27.45 -6.08
C CYS C 265 -19.13 -26.98 -5.40
N SER C 266 -20.30 -27.48 -5.79
CA SER C 266 -21.50 -27.09 -5.08
C SER C 266 -22.37 -28.29 -4.73
N GLN C 267 -21.75 -29.43 -4.47
CA GLN C 267 -22.47 -30.54 -3.86
C GLN C 267 -22.86 -30.21 -2.43
N ASN C 268 -21.84 -30.00 -1.59
CA ASN C 268 -22.00 -29.85 -0.17
C ASN C 268 -20.77 -29.12 0.34
N PRO C 269 -20.82 -28.55 1.56
CA PRO C 269 -19.64 -27.83 2.07
C PRO C 269 -18.36 -28.65 2.21
N LEU C 270 -18.44 -29.98 2.24
CA LEU C 270 -17.22 -30.76 2.13
C LEU C 270 -16.58 -30.59 0.76
N ALA C 271 -17.39 -30.63 -0.29
CA ALA C 271 -16.81 -30.57 -1.62
C ALA C 271 -16.35 -29.17 -1.98
N GLU C 272 -16.90 -28.15 -1.33
CA GLU C 272 -16.34 -26.81 -1.49
C GLU C 272 -14.95 -26.75 -0.90
N LEU C 273 -14.75 -27.49 0.18
CA LEU C 273 -13.48 -27.47 0.87
C LEU C 273 -12.40 -28.14 0.05
N LYS C 274 -12.77 -29.15 -0.74
CA LYS C 274 -11.83 -29.69 -1.70
C LYS C 274 -11.53 -28.70 -2.80
N CYS C 275 -12.46 -27.79 -3.08
CA CYS C 275 -12.22 -26.83 -4.15
C CYS C 275 -11.33 -25.68 -3.67
N SER C 276 -11.53 -25.22 -2.44
CA SER C 276 -10.77 -24.06 -1.96
C SER C 276 -9.32 -24.43 -1.67
N VAL C 277 -9.09 -25.59 -1.08
CA VAL C 277 -7.74 -25.96 -0.65
C VAL C 277 -6.97 -26.63 -1.78
N LYS C 278 -7.63 -26.93 -2.89
CA LYS C 278 -7.05 -27.57 -4.07
C LYS C 278 -6.38 -28.90 -3.72
N SER C 279 -7.15 -29.78 -3.08
CA SER C 279 -6.61 -31.08 -2.73
C SER C 279 -7.74 -32.08 -2.61
N PHE C 280 -7.41 -33.34 -2.84
CA PHE C 280 -8.36 -34.42 -2.66
C PHE C 280 -8.30 -35.03 -1.28
N GLU C 281 -7.23 -34.82 -0.53
CA GLU C 281 -7.15 -35.21 0.86
C GLU C 281 -7.10 -33.94 1.71
N ILE C 282 -7.79 -33.98 2.85
CA ILE C 282 -7.97 -32.82 3.70
C ILE C 282 -7.75 -33.25 5.15
N ASP C 283 -6.94 -32.48 5.87
CA ASP C 283 -6.54 -32.80 7.24
C ASP C 283 -7.61 -32.34 8.23
N LYS C 284 -7.59 -32.96 9.40
CA LYS C 284 -8.49 -32.65 10.50
C LYS C 284 -8.28 -31.22 10.99
N GLY C 285 -9.38 -30.49 11.20
CA GLY C 285 -9.29 -29.15 11.76
C GLY C 285 -10.19 -28.13 11.09
N ILE C 286 -10.43 -26.98 11.72
CA ILE C 286 -11.26 -25.95 11.11
C ILE C 286 -10.55 -25.33 9.94
N TYR C 287 -11.24 -25.30 8.80
CA TYR C 287 -10.82 -24.51 7.67
C TYR C 287 -11.83 -23.41 7.47
N GLN C 288 -11.34 -22.18 7.38
CA GLN C 288 -12.17 -21.06 7.01
C GLN C 288 -12.43 -21.10 5.52
N THR C 289 -13.67 -20.85 5.13
CA THR C 289 -14.03 -20.95 3.73
C THR C 289 -14.90 -19.74 3.38
N SER C 290 -15.53 -19.81 2.21
CA SER C 290 -16.28 -18.69 1.65
C SER C 290 -17.43 -18.27 2.55
N ASN C 291 -17.80 -17.00 2.45
CA ASN C 291 -18.73 -16.41 3.39
C ASN C 291 -20.12 -16.25 2.77
N PHE C 292 -21.08 -15.96 3.62
CA PHE C 292 -22.48 -15.98 3.24
C PHE C 292 -23.09 -14.60 3.33
N ARG C 293 -24.10 -14.37 2.52
CA ARG C 293 -24.98 -13.23 2.66
C ARG C 293 -26.41 -13.72 2.50
N VAL C 294 -27.30 -13.08 3.21
CA VAL C 294 -28.71 -13.45 3.18
C VAL C 294 -29.41 -12.47 2.28
N VAL C 295 -30.01 -12.99 1.21
CA VAL C 295 -30.56 -12.16 0.14
C VAL C 295 -31.90 -11.60 0.59
N PRO C 296 -32.13 -10.28 0.48
CA PRO C 296 -33.35 -9.70 1.05
C PRO C 296 -34.57 -10.03 0.21
N SER C 297 -35.71 -10.07 0.88
CA SER C 297 -36.97 -10.40 0.22
C SER C 297 -38.06 -9.56 0.87
N GLY C 298 -38.50 -8.53 0.17
CA GLY C 298 -39.49 -7.61 0.68
C GLY C 298 -39.14 -6.18 0.28
N ASP C 299 -40.14 -5.31 0.33
CA ASP C 299 -39.99 -3.96 -0.18
C ASP C 299 -40.84 -3.04 0.67
N VAL C 300 -40.18 -2.15 1.41
CA VAL C 300 -40.83 -1.17 2.26
C VAL C 300 -40.57 0.18 1.62
N VAL C 301 -41.51 0.65 0.81
CA VAL C 301 -41.48 2.00 0.29
C VAL C 301 -42.53 2.79 1.03
N ARG C 302 -42.11 3.83 1.74
CA ARG C 302 -43.06 4.74 2.37
C ARG C 302 -42.68 6.16 2.08
N PHE C 303 -43.70 6.93 1.75
CA PHE C 303 -43.68 8.33 1.42
C PHE C 303 -44.54 9.06 2.45
N PRO C 304 -44.43 10.39 2.56
CA PRO C 304 -45.32 11.09 3.49
C PRO C 304 -46.76 11.11 3.04
N ASN C 305 -47.61 11.78 3.80
CA ASN C 305 -48.91 12.14 3.29
C ASN C 305 -48.73 13.03 2.08
N ILE C 306 -49.51 12.72 1.04
CA ILE C 306 -49.32 13.32 -0.27
C ILE C 306 -49.54 14.83 -0.17
N THR C 307 -48.66 15.59 -0.80
CA THR C 307 -48.82 17.02 -0.82
C THR C 307 -49.91 17.41 -1.82
N ASN C 308 -50.05 18.72 -2.06
CA ASN C 308 -51.28 19.38 -2.51
C ASN C 308 -51.87 18.77 -3.77
N LEU C 309 -53.06 18.20 -3.64
CA LEU C 309 -53.73 17.53 -4.74
C LEU C 309 -54.15 18.56 -5.76
N CYS C 310 -54.02 18.21 -7.03
CA CYS C 310 -54.43 19.13 -8.08
C CYS C 310 -55.95 19.21 -8.13
N PRO C 311 -56.52 20.41 -8.34
CA PRO C 311 -57.99 20.53 -8.33
C PRO C 311 -58.62 19.93 -9.56
N PHE C 312 -58.68 18.59 -9.62
CA PHE C 312 -59.29 17.91 -10.75
C PHE C 312 -60.79 18.15 -10.81
N GLY C 313 -61.44 18.36 -9.66
CA GLY C 313 -62.84 18.72 -9.67
C GLY C 313 -63.11 20.12 -10.16
N GLU C 314 -62.09 20.98 -10.21
CA GLU C 314 -62.23 22.35 -10.65
C GLU C 314 -61.37 22.68 -11.86
N VAL C 315 -60.63 21.72 -12.39
CA VAL C 315 -59.94 21.87 -13.67
C VAL C 315 -60.40 20.82 -14.67
N PHE C 316 -60.39 19.55 -14.26
CA PHE C 316 -60.87 18.50 -15.15
C PHE C 316 -62.34 18.16 -14.89
N ASN C 317 -63.05 19.02 -14.17
CA ASN C 317 -64.49 18.99 -14.06
C ASN C 317 -65.03 20.42 -14.00
N ALA C 318 -64.31 21.35 -14.62
CA ALA C 318 -64.66 22.76 -14.50
C ALA C 318 -65.86 23.09 -15.39
N THR C 319 -66.36 24.31 -15.22
CA THR C 319 -67.61 24.72 -15.83
C THR C 319 -67.43 25.49 -17.13
N LYS C 320 -66.20 25.83 -17.51
CA LYS C 320 -65.99 26.75 -18.63
C LYS C 320 -64.79 26.27 -19.44
N PHE C 321 -65.07 25.60 -20.57
CA PHE C 321 -64.04 25.09 -21.47
C PHE C 321 -64.23 25.67 -22.87
N PRO C 322 -63.13 25.90 -23.60
CA PRO C 322 -63.22 26.38 -24.99
C PRO C 322 -63.31 25.26 -26.02
N SER C 323 -63.22 25.63 -27.30
CA SER C 323 -63.12 24.66 -28.37
C SER C 323 -61.67 24.20 -28.54
N VAL C 324 -61.41 23.46 -29.61
CA VAL C 324 -60.16 22.73 -29.75
C VAL C 324 -59.08 23.51 -30.49
N TYR C 325 -59.45 24.53 -31.25
CA TYR C 325 -58.43 25.41 -31.81
C TYR C 325 -57.78 26.32 -30.77
N ALA C 326 -58.35 26.43 -29.57
CA ALA C 326 -58.00 27.46 -28.59
C ALA C 326 -57.94 26.90 -27.16
N TRP C 327 -57.15 25.84 -26.93
CA TRP C 327 -57.13 25.14 -25.63
C TRP C 327 -56.76 26.06 -24.47
N GLU C 328 -57.48 25.89 -23.36
CA GLU C 328 -57.35 26.73 -22.17
C GLU C 328 -56.12 26.29 -21.37
N ARG C 329 -55.09 27.13 -21.35
CA ARG C 329 -53.81 26.78 -20.73
C ARG C 329 -53.94 26.88 -19.21
N LYS C 330 -54.58 25.86 -18.63
CA LYS C 330 -54.80 25.85 -17.19
C LYS C 330 -53.51 25.53 -16.45
N LYS C 331 -52.77 26.57 -16.10
CA LYS C 331 -51.50 26.46 -15.40
C LYS C 331 -51.68 25.86 -14.02
N ILE C 332 -51.11 24.67 -13.82
CA ILE C 332 -51.01 24.06 -12.50
C ILE C 332 -49.55 23.71 -12.25
N SER C 333 -49.04 24.10 -11.09
CA SER C 333 -47.65 23.91 -10.75
C SER C 333 -47.54 23.71 -9.25
N ASN C 334 -46.48 22.98 -8.86
CA ASN C 334 -46.17 22.63 -7.46
C ASN C 334 -47.35 21.92 -6.81
N CYS C 335 -47.77 20.83 -7.45
CA CYS C 335 -49.02 20.15 -7.15
C CYS C 335 -48.83 18.66 -7.41
N VAL C 336 -49.87 17.89 -7.10
CA VAL C 336 -49.87 16.44 -7.32
C VAL C 336 -50.98 16.13 -8.30
N ALA C 337 -50.62 15.95 -9.57
CA ALA C 337 -51.60 15.66 -10.60
C ALA C 337 -51.78 14.15 -10.69
N ASP C 338 -52.65 13.64 -9.83
CA ASP C 338 -52.71 12.20 -9.58
C ASP C 338 -53.75 11.46 -10.42
N TYR C 339 -54.72 12.18 -11.02
CA TYR C 339 -55.90 11.65 -11.72
C TYR C 339 -56.83 10.84 -10.83
N SER C 340 -56.64 10.86 -9.51
CA SER C 340 -57.28 9.88 -8.64
C SER C 340 -58.76 10.15 -8.43
N VAL C 341 -59.20 11.40 -8.61
CA VAL C 341 -60.61 11.73 -8.52
C VAL C 341 -61.35 11.16 -9.71
N LEU C 342 -60.64 10.96 -10.83
CA LEU C 342 -61.26 10.75 -12.13
C LEU C 342 -61.00 9.38 -12.73
N TYR C 343 -59.88 8.73 -12.40
CA TYR C 343 -59.62 7.41 -12.98
C TYR C 343 -60.59 6.37 -12.45
N ASN C 344 -61.02 6.52 -11.21
CA ASN C 344 -62.09 5.69 -10.66
C ASN C 344 -63.40 6.48 -10.75
N SER C 345 -63.94 6.51 -11.96
CA SER C 345 -65.20 7.17 -12.26
C SER C 345 -65.76 6.54 -13.52
N THR C 346 -66.99 6.93 -13.88
CA THR C 346 -67.65 6.45 -15.10
C THR C 346 -68.05 7.59 -16.02
N PHE C 347 -67.36 8.73 -15.93
CA PHE C 347 -67.68 9.85 -16.79
C PHE C 347 -67.02 9.70 -18.16
N PHE C 348 -65.86 9.04 -18.19
CA PHE C 348 -64.80 9.27 -19.17
C PHE C 348 -64.77 8.14 -20.18
N SER C 349 -64.55 8.48 -21.44
CA SER C 349 -64.61 7.50 -22.51
C SER C 349 -63.26 6.96 -22.94
N THR C 350 -62.19 7.75 -22.81
CA THR C 350 -60.90 7.40 -23.41
C THR C 350 -59.94 6.76 -22.43
N PHE C 351 -59.62 7.43 -21.32
CA PHE C 351 -58.55 7.05 -20.38
C PHE C 351 -57.21 6.88 -21.10
N LYS C 352 -57.00 7.62 -22.18
CA LYS C 352 -55.89 7.37 -23.10
C LYS C 352 -54.72 8.27 -22.77
N CYS C 353 -53.58 7.65 -22.45
CA CYS C 353 -52.38 8.34 -22.00
C CYS C 353 -51.23 8.03 -22.95
N TYR C 354 -50.30 8.97 -23.09
CA TYR C 354 -49.21 8.80 -24.03
C TYR C 354 -47.90 9.31 -23.44
N ALA C 358 -56.57 6.66 -17.32
CA ALA C 358 -55.69 7.66 -16.72
C ALA C 358 -54.46 6.98 -16.13
N THR C 359 -53.68 6.32 -17.00
CA THR C 359 -52.57 5.50 -16.53
C THR C 359 -51.37 6.32 -16.08
N LYS C 360 -51.37 7.63 -16.31
CA LYS C 360 -50.38 8.50 -15.67
C LYS C 360 -50.74 8.83 -14.23
N LEU C 361 -51.77 8.18 -13.66
CA LEU C 361 -51.86 8.02 -12.21
C LEU C 361 -50.59 7.35 -11.67
N ASN C 362 -50.00 6.44 -12.46
CA ASN C 362 -48.67 5.94 -12.16
C ASN C 362 -47.60 7.00 -12.41
N ASP C 363 -47.46 7.44 -13.67
CA ASP C 363 -46.22 8.02 -14.18
C ASP C 363 -46.37 9.47 -14.59
N LEU C 364 -46.98 10.29 -13.74
CA LEU C 364 -46.96 11.74 -13.92
C LEU C 364 -45.88 12.29 -13.01
N CYS C 365 -44.77 12.78 -13.58
CA CYS C 365 -43.87 13.65 -12.82
C CYS C 365 -43.09 14.48 -13.85
N PHE C 366 -43.52 15.72 -14.09
CA PHE C 366 -43.05 16.49 -15.23
C PHE C 366 -42.85 17.94 -14.79
N SER C 367 -42.73 18.85 -15.76
CA SER C 367 -42.50 20.28 -15.54
C SER C 367 -43.78 21.04 -15.21
N ASN C 368 -43.76 22.37 -15.35
CA ASN C 368 -44.98 23.16 -15.19
C ASN C 368 -45.97 22.78 -16.27
N VAL C 369 -46.97 22.00 -15.91
CA VAL C 369 -47.93 21.44 -16.87
C VAL C 369 -49.17 22.31 -16.89
N TYR C 370 -49.53 22.80 -18.07
CA TYR C 370 -50.74 23.57 -18.23
C TYR C 370 -51.83 22.58 -18.60
N ALA C 371 -52.86 22.47 -17.76
CA ALA C 371 -53.87 21.44 -17.88
C ALA C 371 -54.84 21.83 -18.99
N ASP C 372 -54.41 21.61 -20.23
CA ASP C 372 -55.07 22.21 -21.38
C ASP C 372 -56.41 21.55 -21.65
N SER C 373 -57.45 22.37 -21.76
CA SER C 373 -58.81 21.87 -21.71
C SER C 373 -59.65 22.43 -22.83
N PHE C 374 -60.67 21.67 -23.24
CA PHE C 374 -61.28 21.81 -24.56
C PHE C 374 -62.53 20.93 -24.67
N VAL C 375 -63.32 21.19 -25.72
CA VAL C 375 -64.59 20.52 -25.98
C VAL C 375 -64.60 19.99 -27.42
N VAL C 376 -64.81 18.68 -27.58
CA VAL C 376 -64.69 18.02 -28.89
C VAL C 376 -66.04 17.51 -29.39
N LYS C 377 -66.04 17.22 -30.69
CA LYS C 377 -67.05 16.42 -31.37
C LYS C 377 -66.89 14.95 -30.99
N GLY C 378 -68.00 14.21 -31.06
CA GLY C 378 -67.95 12.77 -30.80
C GLY C 378 -67.05 12.01 -31.75
N ASP C 379 -67.03 12.41 -33.03
CA ASP C 379 -66.06 11.82 -33.94
C ASP C 379 -64.65 12.36 -33.72
N ASP C 380 -64.51 13.52 -33.06
CA ASP C 380 -63.19 14.06 -32.73
C ASP C 380 -62.64 13.56 -31.39
N VAL C 381 -63.36 12.64 -30.72
CA VAL C 381 -62.88 12.07 -29.48
C VAL C 381 -61.66 11.19 -29.72
N ARG C 382 -61.74 10.33 -30.75
CA ARG C 382 -60.67 9.40 -31.09
C ARG C 382 -59.39 10.10 -31.54
N GLN C 383 -59.50 11.32 -32.06
CA GLN C 383 -58.37 12.03 -32.63
C GLN C 383 -57.56 12.79 -31.58
N ILE C 384 -57.91 12.64 -30.31
CA ILE C 384 -57.16 13.30 -29.23
C ILE C 384 -56.04 12.32 -28.86
N ALA C 385 -54.96 12.39 -29.63
CA ALA C 385 -53.90 11.40 -29.60
C ALA C 385 -52.70 11.98 -30.36
N PRO C 386 -51.49 11.42 -30.23
CA PRO C 386 -50.40 11.88 -31.08
C PRO C 386 -50.64 11.51 -32.53
N GLY C 387 -50.21 12.40 -33.42
CA GLY C 387 -50.44 12.18 -34.84
C GLY C 387 -51.92 12.26 -35.13
N GLN C 388 -52.45 11.19 -35.76
CA GLN C 388 -53.88 10.98 -36.03
C GLN C 388 -54.47 12.14 -36.83
N THR C 389 -53.99 12.24 -38.08
CA THR C 389 -54.14 13.43 -38.90
C THR C 389 -55.58 13.66 -39.35
N GLY C 390 -56.45 14.04 -38.41
CA GLY C 390 -57.81 14.43 -38.71
C GLY C 390 -58.03 15.91 -38.47
N VAL C 391 -59.22 16.27 -37.99
CA VAL C 391 -59.61 17.67 -37.88
C VAL C 391 -58.85 18.37 -36.76
N ILE C 392 -58.63 17.67 -35.65
CA ILE C 392 -57.99 18.30 -34.49
C ILE C 392 -56.51 18.53 -34.74
N ALA C 393 -55.80 17.49 -35.21
CA ALA C 393 -54.35 17.59 -35.31
C ALA C 393 -53.90 18.44 -36.48
N ASP C 394 -54.69 18.49 -37.56
CA ASP C 394 -54.27 19.28 -38.71
C ASP C 394 -54.53 20.76 -38.51
N TYR C 395 -55.73 21.11 -38.04
CA TYR C 395 -56.17 22.50 -38.06
C TYR C 395 -56.48 23.08 -36.69
N ASN C 396 -56.90 22.25 -35.72
CA ASN C 396 -57.30 22.74 -34.41
C ASN C 396 -56.14 22.72 -33.40
N TYR C 397 -55.55 21.55 -33.16
CA TYR C 397 -54.45 21.45 -32.20
C TYR C 397 -53.68 20.18 -32.48
N LYS C 398 -52.41 20.29 -32.90
CA LYS C 398 -51.58 19.12 -33.15
C LYS C 398 -50.95 18.61 -31.86
N LEU C 399 -50.97 17.28 -31.69
CA LEU C 399 -50.45 16.62 -30.50
C LEU C 399 -49.21 15.80 -30.83
N PRO C 400 -48.14 15.97 -30.06
CA PRO C 400 -46.96 15.12 -30.25
C PRO C 400 -47.03 13.84 -29.42
N ASP C 401 -45.97 13.03 -29.52
CA ASP C 401 -45.92 11.71 -28.90
C ASP C 401 -44.89 11.63 -27.78
N ASP C 402 -44.47 12.76 -27.25
CA ASP C 402 -43.53 12.76 -26.13
C ASP C 402 -44.10 13.39 -24.87
N PHE C 403 -44.49 14.65 -24.91
CA PHE C 403 -44.89 15.40 -23.73
C PHE C 403 -46.41 15.51 -23.64
N MET C 404 -47.07 14.36 -23.48
CA MET C 404 -48.50 14.39 -23.22
C MET C 404 -48.87 13.41 -22.12
N GLY C 405 -49.92 13.77 -21.40
CA GLY C 405 -50.55 12.96 -20.38
C GLY C 405 -51.78 12.26 -20.91
N CYS C 406 -52.84 12.29 -20.12
CA CYS C 406 -54.00 11.45 -20.38
C CYS C 406 -55.16 12.25 -20.96
N VAL C 407 -55.88 11.58 -21.85
CA VAL C 407 -57.09 12.13 -22.46
C VAL C 407 -58.27 11.67 -21.61
N LEU C 408 -58.89 12.60 -20.90
CA LEU C 408 -60.10 12.30 -20.15
C LEU C 408 -61.24 13.03 -20.85
N ALA C 409 -62.02 12.27 -21.61
CA ALA C 409 -63.09 12.78 -22.44
C ALA C 409 -64.41 12.33 -21.83
N TRP C 410 -65.10 13.24 -21.14
CA TRP C 410 -66.30 12.85 -20.41
C TRP C 410 -67.54 13.50 -21.01
N ASN C 411 -68.68 12.86 -20.72
CA ASN C 411 -69.92 13.19 -21.42
C ASN C 411 -70.55 14.43 -20.81
N THR C 412 -70.77 15.43 -21.66
CA THR C 412 -71.45 16.66 -21.26
C THR C 412 -72.60 16.97 -22.20
N ARG C 413 -73.47 15.98 -22.44
CA ARG C 413 -74.63 16.17 -23.30
C ARG C 413 -75.61 17.17 -22.70
N ASN C 414 -75.91 17.04 -21.41
CA ASN C 414 -76.77 17.98 -20.71
C ASN C 414 -76.02 19.14 -20.07
N ILE C 415 -74.77 19.36 -20.46
CA ILE C 415 -73.98 20.50 -20.00
C ILE C 415 -73.59 21.40 -21.18
N ASP C 416 -73.19 20.81 -22.30
CA ASP C 416 -72.79 21.56 -23.48
C ASP C 416 -73.89 21.68 -24.52
N ALA C 417 -74.56 20.59 -24.85
CA ALA C 417 -75.44 20.56 -26.01
C ALA C 417 -76.86 20.96 -25.66
N THR C 418 -77.61 21.34 -26.70
CA THR C 418 -79.03 21.67 -26.62
C THR C 418 -79.83 20.74 -27.53
N SER C 419 -81.14 20.94 -27.57
CA SER C 419 -81.98 20.20 -28.49
C SER C 419 -81.88 20.73 -29.91
N THR C 420 -81.39 21.96 -30.09
CA THR C 420 -81.27 22.57 -31.39
C THR C 420 -79.83 22.78 -31.84
N GLY C 421 -78.86 22.67 -30.94
CA GLY C 421 -77.49 22.85 -31.32
C GLY C 421 -76.74 23.90 -30.52
N ASN C 422 -75.63 23.49 -29.91
CA ASN C 422 -74.71 24.45 -29.31
C ASN C 422 -73.80 24.95 -30.42
N TYR C 423 -74.05 26.18 -30.89
CA TYR C 423 -73.33 26.76 -32.00
C TYR C 423 -72.27 27.78 -31.56
N ASN C 424 -71.87 27.75 -30.30
CA ASN C 424 -70.73 28.53 -29.84
C ASN C 424 -69.42 27.76 -29.91
N TYR C 425 -69.46 26.48 -30.25
CA TYR C 425 -68.26 25.65 -30.30
C TYR C 425 -68.00 25.29 -31.77
N LYS C 426 -66.79 25.62 -32.24
CA LYS C 426 -66.46 25.56 -33.65
C LYS C 426 -65.17 24.77 -33.85
N TYR C 427 -65.04 24.13 -35.02
CA TYR C 427 -63.81 23.46 -35.40
C TYR C 427 -63.29 24.03 -36.70
N ARG C 428 -61.97 24.02 -36.84
CA ARG C 428 -61.32 24.43 -38.07
C ARG C 428 -61.11 23.23 -38.98
N TYR C 429 -61.49 23.38 -40.24
CA TYR C 429 -61.31 22.33 -41.22
C TYR C 429 -60.47 22.76 -42.42
N LEU C 430 -60.14 24.06 -42.54
CA LEU C 430 -59.25 24.55 -43.58
C LEU C 430 -58.37 25.65 -43.01
N ARG C 431 -57.08 25.60 -43.35
CA ARG C 431 -56.11 26.60 -42.94
C ARG C 431 -54.95 26.54 -43.92
N HIS C 432 -54.32 27.69 -44.17
CA HIS C 432 -53.16 27.78 -45.07
C HIS C 432 -51.96 27.13 -44.38
N GLY C 433 -51.92 25.81 -44.46
CA GLY C 433 -50.90 25.05 -43.77
C GLY C 433 -51.45 24.33 -42.56
N LYS C 434 -51.01 23.09 -42.37
CA LYS C 434 -51.42 22.33 -41.20
C LYS C 434 -50.64 22.81 -39.97
N LEU C 435 -51.08 22.37 -38.81
CA LEU C 435 -50.45 22.85 -37.59
C LEU C 435 -49.22 22.02 -37.24
N ARG C 436 -48.41 22.61 -36.40
CA ARG C 436 -47.26 22.09 -35.69
C ARG C 436 -47.71 21.73 -34.27
N PRO C 437 -46.97 20.89 -33.53
CA PRO C 437 -47.46 20.47 -32.21
C PRO C 437 -47.54 21.61 -31.21
N PHE C 438 -48.45 21.44 -30.24
CA PHE C 438 -48.83 22.41 -29.18
C PHE C 438 -49.08 23.84 -29.68
N GLU C 439 -49.52 24.00 -30.93
CA GLU C 439 -49.87 25.32 -31.44
C GLU C 439 -51.38 25.49 -31.51
N ARG C 440 -51.83 26.70 -31.16
CA ARG C 440 -53.23 27.08 -31.24
C ARG C 440 -53.43 28.09 -32.35
N ASP C 441 -54.69 28.27 -32.74
CA ASP C 441 -55.03 29.27 -33.74
C ASP C 441 -56.47 29.70 -33.45
N ILE C 442 -56.62 30.88 -32.84
CA ILE C 442 -57.94 31.39 -32.47
C ILE C 442 -58.56 32.23 -33.58
N SER C 443 -57.80 32.55 -34.61
CA SER C 443 -58.21 33.56 -35.57
C SER C 443 -59.18 32.97 -36.59
N ASN C 444 -60.33 33.61 -36.75
CA ASN C 444 -61.33 33.23 -37.76
C ASN C 444 -60.90 33.82 -39.11
N VAL C 445 -59.90 33.17 -39.70
CA VAL C 445 -59.13 33.75 -40.81
C VAL C 445 -59.98 33.73 -42.08
N PRO C 446 -60.05 34.83 -42.84
CA PRO C 446 -60.82 34.83 -44.10
C PRO C 446 -60.15 33.96 -45.16
N PHE C 447 -60.45 32.66 -45.10
CA PHE C 447 -59.70 31.64 -45.82
C PHE C 447 -59.87 31.75 -47.33
N SER C 448 -58.77 31.51 -48.05
CA SER C 448 -58.75 31.45 -49.51
C SER C 448 -57.75 30.38 -49.97
N PRO C 449 -58.19 29.37 -50.73
CA PRO C 449 -57.32 28.21 -51.00
C PRO C 449 -56.27 28.42 -52.09
N ASP C 450 -56.11 29.62 -52.65
CA ASP C 450 -55.09 29.86 -53.65
C ASP C 450 -54.28 31.11 -53.39
N GLY C 451 -54.47 31.76 -52.23
CA GLY C 451 -53.66 32.90 -51.83
C GLY C 451 -54.21 34.26 -52.18
N LYS C 452 -55.39 34.35 -52.81
CA LYS C 452 -55.97 35.64 -53.11
C LYS C 452 -56.47 36.34 -51.85
N PRO C 453 -56.41 37.68 -51.81
CA PRO C 453 -57.04 38.42 -50.71
C PRO C 453 -58.55 38.19 -50.68
N CYS C 454 -59.07 37.94 -49.48
CA CYS C 454 -60.37 37.32 -49.34
C CYS C 454 -61.26 38.09 -48.38
N THR C 455 -62.46 38.44 -48.87
CA THR C 455 -63.54 38.99 -48.04
C THR C 455 -64.79 38.15 -48.32
N PRO C 456 -65.10 37.18 -47.46
CA PRO C 456 -66.21 36.27 -47.77
C PRO C 456 -67.55 36.97 -47.65
N PRO C 457 -68.59 36.48 -48.37
CA PRO C 457 -68.69 35.30 -49.24
C PRO C 457 -68.40 35.56 -50.71
N ALA C 458 -67.29 36.22 -51.02
CA ALA C 458 -66.91 36.47 -52.41
C ALA C 458 -66.25 35.22 -53.01
N LEU C 459 -65.62 35.40 -54.16
CA LEU C 459 -65.08 34.29 -54.93
C LEU C 459 -63.91 33.61 -54.22
N ASN C 460 -63.99 32.27 -54.14
CA ASN C 460 -62.98 31.40 -53.51
C ASN C 460 -62.75 31.73 -52.05
N CYS C 461 -63.83 32.00 -51.31
CA CYS C 461 -63.74 32.41 -49.92
C CYS C 461 -64.62 31.53 -49.03
N TYR C 462 -63.99 30.88 -48.05
CA TYR C 462 -64.64 29.98 -47.12
C TYR C 462 -64.45 30.50 -45.71
N TRP C 463 -65.27 29.97 -44.79
CA TRP C 463 -65.06 30.22 -43.37
C TRP C 463 -64.37 29.02 -42.75
N PRO C 464 -63.29 29.22 -41.99
CA PRO C 464 -62.51 28.08 -41.50
C PRO C 464 -63.18 27.38 -40.33
N LEU C 465 -63.92 28.12 -39.52
CA LEU C 465 -64.54 27.58 -38.32
C LEU C 465 -65.90 27.00 -38.68
N ASN C 466 -66.01 25.69 -38.65
CA ASN C 466 -67.30 25.02 -38.80
C ASN C 466 -67.81 24.62 -37.42
N ASP C 467 -69.12 24.74 -37.26
CA ASP C 467 -69.75 24.38 -35.99
C ASP C 467 -69.72 22.87 -35.80
N TYR C 468 -69.45 22.45 -34.56
CA TYR C 468 -69.48 21.03 -34.24
C TYR C 468 -70.88 20.45 -34.36
N GLY C 469 -71.90 21.24 -34.03
CA GLY C 469 -73.27 20.78 -34.08
C GLY C 469 -73.62 19.86 -32.92
N PHE C 470 -73.61 20.41 -31.72
CA PHE C 470 -73.83 19.65 -30.49
C PHE C 470 -75.33 19.57 -30.21
N TYR C 471 -75.94 18.45 -30.56
CA TYR C 471 -77.34 18.22 -30.27
C TYR C 471 -77.48 17.36 -29.02
N THR C 472 -78.67 17.37 -28.44
CA THR C 472 -79.02 16.37 -27.43
C THR C 472 -79.91 15.27 -27.99
N THR C 473 -80.41 15.42 -29.21
CA THR C 473 -81.20 14.38 -29.84
C THR C 473 -80.54 13.89 -31.13
N THR C 474 -79.23 13.68 -31.09
CA THR C 474 -78.50 13.12 -32.21
C THR C 474 -77.84 11.81 -31.76
N GLY C 475 -77.11 11.17 -32.67
CA GLY C 475 -76.36 9.97 -32.35
C GLY C 475 -75.13 10.27 -31.51
N ILE C 476 -74.29 9.25 -31.39
CA ILE C 476 -73.11 9.34 -30.52
C ILE C 476 -72.03 10.22 -31.17
N GLY C 477 -71.97 10.26 -32.50
CA GLY C 477 -70.89 10.91 -33.20
C GLY C 477 -70.90 12.43 -33.14
N TYR C 478 -72.05 13.03 -32.80
CA TYR C 478 -72.15 14.48 -32.68
C TYR C 478 -72.56 14.90 -31.28
N GLN C 479 -72.08 14.15 -30.26
CA GLN C 479 -72.18 14.50 -28.85
C GLN C 479 -70.93 15.26 -28.41
N PRO C 480 -71.09 16.22 -27.51
CA PRO C 480 -69.92 16.93 -26.97
C PRO C 480 -69.27 16.22 -25.80
N TYR C 481 -67.94 16.12 -25.85
CA TYR C 481 -67.13 15.76 -24.69
C TYR C 481 -66.26 16.94 -24.29
N ARG C 482 -66.41 17.37 -23.04
CA ARG C 482 -65.39 18.19 -22.39
C ARG C 482 -64.18 17.33 -22.09
N VAL C 483 -63.01 17.76 -22.55
CA VAL C 483 -61.80 16.96 -22.45
C VAL C 483 -60.69 17.83 -21.91
N VAL C 484 -59.78 17.25 -21.12
CA VAL C 484 -58.56 17.92 -20.71
C VAL C 484 -57.38 17.03 -21.10
N VAL C 485 -56.37 17.64 -21.75
CA VAL C 485 -55.12 16.96 -22.09
C VAL C 485 -53.95 17.76 -21.53
N LEU C 486 -53.04 17.07 -20.83
CA LEU C 486 -51.90 17.74 -20.23
C LEU C 486 -50.84 18.04 -21.27
N SER C 487 -50.33 19.28 -21.24
CA SER C 487 -49.15 19.68 -22.00
C SER C 487 -47.98 19.81 -21.03
N PHE C 488 -46.97 18.98 -21.21
CA PHE C 488 -45.85 18.94 -20.27
C PHE C 488 -44.88 20.06 -20.61
N GLU C 489 -45.25 21.27 -20.22
CA GLU C 489 -44.43 22.44 -20.48
C GLU C 489 -43.43 22.68 -19.35
N THR C 496 -44.33 22.88 -11.06
CA THR C 496 -44.23 21.55 -11.66
C THR C 496 -45.10 20.56 -10.90
N VAL C 497 -45.89 19.77 -11.61
CA VAL C 497 -46.79 18.82 -10.98
C VAL C 497 -46.18 17.42 -11.09
N CYS C 498 -46.60 16.54 -10.19
CA CYS C 498 -46.09 15.18 -10.15
C CYS C 498 -47.24 14.25 -9.77
N GLY C 499 -46.94 12.96 -9.61
CA GLY C 499 -47.96 11.99 -9.31
C GLY C 499 -48.06 11.69 -7.83
N PRO C 500 -48.95 10.79 -7.47
CA PRO C 500 -49.16 10.46 -6.06
C PRO C 500 -48.03 9.58 -5.53
N LYS C 501 -48.22 9.13 -4.30
CA LYS C 501 -47.16 8.50 -3.53
C LYS C 501 -47.42 7.01 -3.43
N LEU C 502 -46.45 6.20 -3.86
CA LEU C 502 -46.56 4.75 -3.72
C LEU C 502 -46.01 4.34 -2.35
N SER C 503 -46.88 3.80 -1.51
CA SER C 503 -46.61 3.63 -0.09
C SER C 503 -47.11 2.26 0.35
N THR C 504 -46.34 1.57 1.17
CA THR C 504 -46.69 0.19 1.53
C THR C 504 -46.25 -0.11 2.96
N ASP C 505 -46.23 -1.40 3.29
CA ASP C 505 -46.17 -1.93 4.63
C ASP C 505 -44.77 -1.81 5.23
N LEU C 506 -44.73 -1.72 6.55
CA LEU C 506 -43.52 -1.81 7.37
C LEU C 506 -43.33 -3.26 7.76
N ILE C 507 -42.71 -4.06 6.89
CA ILE C 507 -42.55 -5.48 7.21
C ILE C 507 -41.41 -5.59 8.21
N LYS C 508 -41.76 -5.64 9.48
CA LYS C 508 -40.76 -5.56 10.54
C LYS C 508 -40.09 -6.91 10.75
N ASN C 509 -38.83 -6.84 11.21
CA ASN C 509 -38.00 -8.01 11.53
C ASN C 509 -37.79 -8.92 10.33
N GLN C 510 -37.50 -8.32 9.18
CA GLN C 510 -37.08 -9.08 8.03
C GLN C 510 -35.96 -8.38 7.28
N CYS C 511 -35.17 -9.18 6.58
CA CYS C 511 -34.17 -8.72 5.63
C CYS C 511 -34.90 -8.38 4.34
N VAL C 512 -35.13 -7.08 4.13
CA VAL C 512 -35.92 -6.59 3.01
C VAL C 512 -35.13 -5.50 2.29
N ASN C 513 -35.60 -5.14 1.10
CA ASN C 513 -35.17 -3.88 0.54
C ASN C 513 -36.02 -2.77 1.12
N PHE C 514 -35.59 -1.53 0.91
CA PHE C 514 -36.48 -0.44 1.25
C PHE C 514 -36.19 0.76 0.37
N ASN C 515 -37.11 1.72 0.43
CA ASN C 515 -36.90 3.05 -0.10
C ASN C 515 -37.83 3.99 0.67
N PHE C 516 -37.28 4.66 1.67
CA PHE C 516 -38.09 5.66 2.34
C PHE C 516 -38.01 6.97 1.58
N ASN C 517 -38.47 8.03 2.22
CA ASN C 517 -38.44 9.35 1.60
C ASN C 517 -37.00 9.85 1.57
N GLY C 518 -36.20 9.33 0.64
CA GLY C 518 -34.83 9.75 0.47
C GLY C 518 -33.77 8.79 1.00
N LEU C 519 -34.14 7.58 1.41
CA LEU C 519 -33.17 6.66 1.99
C LEU C 519 -33.41 5.27 1.43
N THR C 520 -32.37 4.66 0.89
CA THR C 520 -32.50 3.36 0.23
C THR C 520 -31.54 2.36 0.86
N GLY C 521 -31.61 1.13 0.39
CA GLY C 521 -30.71 0.09 0.80
C GLY C 521 -31.47 -1.13 1.27
N THR C 522 -30.74 -2.05 1.89
CA THR C 522 -31.32 -3.22 2.54
C THR C 522 -31.20 -3.06 4.04
N GLY C 523 -32.11 -3.67 4.78
CA GLY C 523 -32.08 -3.47 6.22
C GLY C 523 -33.00 -4.42 6.94
N VAL C 524 -33.02 -4.27 8.25
CA VAL C 524 -33.98 -4.90 9.12
C VAL C 524 -34.63 -3.81 9.95
N LEU C 525 -35.94 -3.80 9.96
CA LEU C 525 -36.71 -2.68 10.50
C LEU C 525 -37.38 -3.11 11.79
N THR C 526 -37.26 -2.28 12.81
CA THR C 526 -37.82 -2.54 14.13
C THR C 526 -37.94 -1.21 14.87
N PRO C 527 -38.94 -1.03 15.71
CA PRO C 527 -39.10 0.25 16.40
C PRO C 527 -38.04 0.48 17.46
N SER C 528 -37.93 1.73 17.89
CA SER C 528 -36.81 2.15 18.71
C SER C 528 -37.26 3.13 19.77
N SER C 529 -36.32 3.43 20.67
CA SER C 529 -36.54 4.39 21.74
C SER C 529 -35.71 5.65 21.56
N LYS C 530 -35.18 5.88 20.37
CA LYS C 530 -34.35 7.05 20.13
C LYS C 530 -35.22 8.30 20.04
N ARG C 531 -35.06 9.20 21.00
CA ARG C 531 -35.93 10.37 21.11
C ARG C 531 -35.52 11.37 20.03
N PHE C 532 -36.15 11.26 18.87
CA PHE C 532 -35.91 12.27 17.84
C PHE C 532 -36.48 13.61 18.25
N GLN C 533 -35.93 14.64 17.70
CA GLN C 533 -36.51 15.95 17.84
C GLN C 533 -37.47 16.19 16.68
N PRO C 534 -38.36 17.19 16.76
CA PRO C 534 -39.34 17.38 15.67
C PRO C 534 -38.76 17.73 14.32
N PHE C 535 -37.54 18.24 14.24
CA PHE C 535 -36.97 18.69 12.98
C PHE C 535 -36.13 17.62 12.31
N GLN C 536 -36.12 16.40 12.84
CA GLN C 536 -35.07 15.44 12.52
C GLN C 536 -35.60 14.40 11.54
N GLN C 537 -34.92 14.30 10.39
CA GLN C 537 -35.29 13.31 9.40
C GLN C 537 -34.96 11.90 9.86
N PHE C 538 -33.68 11.62 10.03
CA PHE C 538 -33.26 10.26 10.33
C PHE C 538 -32.02 10.31 11.20
N GLY C 539 -31.64 9.15 11.70
CA GLY C 539 -30.53 9.11 12.63
C GLY C 539 -29.30 8.41 12.10
N ARG C 540 -28.15 8.78 12.64
CA ARG C 540 -26.90 8.10 12.36
C ARG C 540 -26.30 7.60 13.66
N ASP C 541 -25.33 6.72 13.53
CA ASP C 541 -24.78 6.01 14.68
C ASP C 541 -23.64 6.85 15.26
N VAL C 542 -22.82 6.25 16.12
CA VAL C 542 -21.60 6.91 16.55
C VAL C 542 -20.64 7.11 15.37
N SER C 543 -20.63 6.17 14.44
CA SER C 543 -20.02 6.36 13.13
C SER C 543 -21.07 6.92 12.18
N ASP C 544 -20.75 7.03 10.90
CA ASP C 544 -21.50 7.89 10.01
C ASP C 544 -22.53 7.17 9.17
N PHE C 545 -22.81 5.90 9.45
CA PHE C 545 -23.84 5.21 8.72
C PHE C 545 -25.20 5.50 9.32
N THR C 546 -26.22 5.39 8.47
CA THR C 546 -27.59 5.58 8.90
C THR C 546 -28.07 4.33 9.64
N ASP C 547 -28.66 4.51 10.80
CA ASP C 547 -29.16 3.38 11.58
C ASP C 547 -30.59 3.54 12.04
N SER C 548 -31.20 4.70 11.86
CA SER C 548 -32.55 4.90 12.36
C SER C 548 -33.20 5.99 11.53
N VAL C 549 -34.51 5.88 11.35
CA VAL C 549 -35.24 6.84 10.53
C VAL C 549 -36.61 7.04 11.15
N ARG C 550 -37.05 8.30 11.15
CA ARG C 550 -38.44 8.61 11.42
C ARG C 550 -39.25 8.34 10.16
N ASP C 551 -40.32 7.56 10.31
CA ASP C 551 -41.19 7.17 9.19
C ASP C 551 -41.80 8.41 8.55
N PRO C 552 -41.67 8.61 7.24
CA PRO C 552 -42.18 9.84 6.63
C PRO C 552 -43.69 10.01 6.68
N LYS C 553 -44.45 8.93 6.85
CA LYS C 553 -45.89 9.08 6.94
C LYS C 553 -46.41 9.05 8.37
N THR C 554 -45.90 8.15 9.22
CA THR C 554 -46.45 7.97 10.55
C THR C 554 -45.48 8.23 11.69
N SER C 555 -44.29 8.75 11.41
CA SER C 555 -43.33 9.26 12.40
C SER C 555 -42.84 8.21 13.37
N GLU C 556 -42.93 6.93 13.01
CA GLU C 556 -42.34 5.88 13.83
C GLU C 556 -40.83 5.91 13.72
N ILE C 557 -40.14 5.75 14.84
CA ILE C 557 -38.69 5.83 14.85
C ILE C 557 -38.19 4.40 14.71
N LEU C 558 -37.98 3.97 13.47
CA LEU C 558 -37.48 2.64 13.21
C LEU C 558 -35.99 2.55 13.51
N ASP C 559 -35.52 1.35 13.81
CA ASP C 559 -34.11 1.04 13.75
C ASP C 559 -33.77 0.36 12.44
N ILE C 560 -32.58 0.64 11.94
CA ILE C 560 -32.10 0.07 10.70
C ILE C 560 -30.85 -0.74 11.04
N SER C 561 -30.96 -2.00 10.90
CA SER C 561 -29.85 -2.88 11.13
C SER C 561 -29.35 -3.43 9.79
N PRO C 562 -28.13 -3.97 9.72
CA PRO C 562 -27.68 -4.63 8.49
C PRO C 562 -28.48 -5.88 8.25
N CYS C 563 -28.40 -6.39 7.02
CA CYS C 563 -29.41 -7.35 6.60
C CYS C 563 -29.09 -8.72 7.21
N ALA C 564 -27.94 -9.30 6.86
CA ALA C 564 -27.04 -10.15 7.64
C ALA C 564 -25.95 -10.64 6.73
N PHE C 565 -24.86 -11.08 7.33
CA PHE C 565 -23.73 -11.67 6.64
C PHE C 565 -22.90 -12.41 7.67
N GLY C 566 -21.69 -12.76 7.31
CA GLY C 566 -20.76 -13.33 8.26
C GLY C 566 -19.90 -14.37 7.57
N GLY C 567 -18.95 -14.89 8.32
CA GLY C 567 -18.09 -15.92 7.78
C GLY C 567 -18.62 -17.31 8.02
N VAL C 568 -17.96 -18.28 7.40
CA VAL C 568 -18.32 -19.68 7.48
C VAL C 568 -17.06 -20.49 7.74
N SER C 569 -17.05 -21.28 8.79
CA SER C 569 -16.02 -22.30 8.92
C SER C 569 -16.62 -23.65 8.54
N VAL C 570 -15.75 -24.57 8.21
CA VAL C 570 -16.11 -25.97 8.04
C VAL C 570 -15.25 -26.76 9.01
N ILE C 571 -15.89 -27.57 9.84
CA ILE C 571 -15.19 -28.36 10.84
C ILE C 571 -15.11 -29.78 10.34
N THR C 572 -13.93 -30.34 10.31
CA THR C 572 -13.83 -31.66 9.76
C THR C 572 -12.81 -32.55 10.46
N PRO C 573 -13.11 -33.84 10.60
CA PRO C 573 -12.11 -34.78 11.10
C PRO C 573 -11.18 -35.32 10.03
N GLY C 574 -11.37 -34.94 8.78
CA GLY C 574 -10.48 -35.42 7.74
C GLY C 574 -11.19 -36.37 6.79
N THR C 575 -10.68 -36.45 5.56
CA THR C 575 -11.30 -37.32 4.57
C THR C 575 -11.05 -38.78 4.88
N ASN C 576 -10.00 -39.08 5.62
CA ASN C 576 -9.69 -40.46 5.92
C ASN C 576 -10.56 -41.01 7.05
N ALA C 577 -11.22 -40.15 7.80
CA ALA C 577 -12.12 -40.61 8.85
C ALA C 577 -13.59 -40.52 8.47
N SER C 578 -14.02 -39.39 7.91
CA SER C 578 -15.43 -39.20 7.60
C SER C 578 -15.57 -38.42 6.32
N SER C 579 -16.82 -38.19 5.94
CA SER C 579 -17.16 -37.26 4.89
C SER C 579 -18.38 -36.43 5.28
N GLU C 580 -18.79 -36.45 6.55
CA GLU C 580 -19.71 -35.44 7.04
C GLU C 580 -18.91 -34.36 7.75
N VAL C 581 -19.46 -33.15 7.74
CA VAL C 581 -18.86 -32.01 8.41
C VAL C 581 -19.97 -31.23 9.10
N ALA C 582 -19.59 -30.37 10.01
CA ALA C 582 -20.51 -29.42 10.60
C ALA C 582 -20.04 -28.03 10.28
N VAL C 583 -20.90 -27.24 9.67
CA VAL C 583 -20.52 -25.90 9.28
C VAL C 583 -20.86 -24.95 10.41
N LEU C 584 -20.23 -23.79 10.38
CA LEU C 584 -20.24 -22.89 11.50
C LEU C 584 -20.41 -21.48 10.99
N TYR C 585 -21.59 -20.91 11.19
CA TYR C 585 -21.89 -19.59 10.67
C TYR C 585 -21.52 -18.58 11.72
N GLN C 586 -20.46 -17.82 11.47
CA GLN C 586 -19.87 -17.01 12.52
C GLN C 586 -20.61 -15.70 12.73
N ASP C 587 -20.83 -15.38 14.01
CA ASP C 587 -21.30 -14.08 14.49
C ASP C 587 -22.63 -13.68 13.88
N VAL C 588 -23.66 -14.45 14.21
CA VAL C 588 -24.97 -14.28 13.61
C VAL C 588 -25.99 -14.96 14.52
N ASN C 589 -27.15 -14.33 14.67
CA ASN C 589 -28.24 -14.88 15.44
C ASN C 589 -28.77 -16.15 14.79
N CYS C 590 -28.92 -17.22 15.57
CA CYS C 590 -29.40 -18.49 15.04
C CYS C 590 -30.85 -18.45 14.62
N THR C 591 -31.61 -17.46 15.06
CA THR C 591 -32.97 -17.31 14.56
C THR C 591 -32.96 -16.99 13.07
N ASP C 592 -32.16 -16.00 12.67
CA ASP C 592 -32.09 -15.61 11.27
C ASP C 592 -31.24 -16.56 10.44
N VAL C 593 -30.47 -17.42 11.08
CA VAL C 593 -29.77 -18.46 10.35
C VAL C 593 -30.75 -19.51 9.86
N SER C 594 -31.50 -20.09 10.79
CA SER C 594 -32.26 -21.30 10.47
C SER C 594 -33.43 -20.99 9.58
N THR C 595 -33.97 -19.78 9.69
CA THR C 595 -35.09 -19.37 8.85
C THR C 595 -34.67 -19.27 7.39
N ALA C 596 -33.59 -18.55 7.12
CA ALA C 596 -33.21 -18.26 5.75
C ALA C 596 -32.64 -19.47 5.02
N ILE C 597 -32.33 -20.55 5.74
CA ILE C 597 -31.97 -21.79 5.07
C ILE C 597 -33.24 -22.53 4.65
N HIS C 598 -34.22 -22.61 5.54
CA HIS C 598 -35.53 -23.12 5.15
C HIS C 598 -36.17 -22.22 4.11
N ALA C 599 -36.11 -20.90 4.32
CA ALA C 599 -36.71 -19.96 3.38
C ALA C 599 -35.80 -19.66 2.20
N ASP C 600 -34.66 -20.35 2.10
CA ASP C 600 -33.88 -20.48 0.86
C ASP C 600 -33.30 -19.14 0.41
N GLN C 601 -32.52 -18.49 1.28
CA GLN C 601 -31.99 -17.17 0.96
C GLN C 601 -30.50 -17.02 1.20
N LEU C 602 -29.75 -18.11 1.38
CA LEU C 602 -28.30 -18.02 1.48
C LEU C 602 -27.65 -18.01 0.13
N THR C 603 -26.72 -17.09 -0.07
CA THR C 603 -25.67 -17.26 -1.05
C THR C 603 -24.38 -17.50 -0.28
N PRO C 604 -23.72 -18.66 -0.38
CA PRO C 604 -23.90 -19.79 -1.30
C PRO C 604 -25.13 -20.62 -1.03
N ALA C 605 -25.52 -21.43 -2.00
CA ALA C 605 -26.60 -22.38 -1.86
C ALA C 605 -26.07 -23.76 -2.16
N TRP C 606 -26.45 -24.73 -1.34
CA TRP C 606 -25.90 -26.06 -1.42
C TRP C 606 -26.90 -27.01 -2.08
N ARG C 607 -26.37 -27.97 -2.83
CA ARG C 607 -27.26 -28.91 -3.50
C ARG C 607 -27.77 -29.96 -2.53
N ILE C 608 -26.89 -30.54 -1.73
CA ILE C 608 -27.25 -31.62 -0.82
C ILE C 608 -26.93 -31.16 0.58
N TYR C 609 -27.94 -30.71 1.31
CA TYR C 609 -27.69 -30.12 2.62
C TYR C 609 -28.98 -30.08 3.43
N SER C 610 -28.86 -30.40 4.71
CA SER C 610 -29.99 -30.39 5.62
C SER C 610 -29.57 -29.78 6.94
N THR C 611 -30.54 -29.19 7.63
CA THR C 611 -30.31 -28.68 8.97
C THR C 611 -30.01 -29.83 9.94
N GLY C 612 -30.75 -30.92 9.83
CA GLY C 612 -30.54 -32.04 10.73
C GLY C 612 -31.06 -31.81 12.13
N ASN C 613 -31.75 -30.69 12.36
CA ASN C 613 -32.33 -30.30 13.65
C ASN C 613 -31.27 -30.18 14.75
N ASN C 614 -30.06 -29.78 14.37
CA ASN C 614 -28.95 -29.59 15.31
C ASN C 614 -28.33 -28.24 15.03
N VAL C 615 -28.91 -27.21 15.61
CA VAL C 615 -28.37 -25.87 15.56
C VAL C 615 -28.12 -25.44 16.99
N PHE C 616 -26.88 -25.13 17.31
CA PHE C 616 -26.50 -24.85 18.68
C PHE C 616 -26.01 -23.41 18.75
N GLN C 617 -26.76 -22.57 19.43
CA GLN C 617 -26.38 -21.19 19.65
C GLN C 617 -25.13 -21.12 20.52
N THR C 618 -24.05 -20.56 20.00
CA THR C 618 -22.85 -20.36 20.77
C THR C 618 -22.37 -18.92 20.61
N GLN C 619 -21.30 -18.59 21.32
CA GLN C 619 -20.79 -17.22 21.30
C GLN C 619 -20.19 -16.89 19.95
N ALA C 620 -19.52 -17.85 19.32
CA ALA C 620 -18.88 -17.59 18.05
C ALA C 620 -19.89 -17.52 16.93
N GLY C 621 -20.91 -18.37 16.97
CA GLY C 621 -21.91 -18.31 15.94
C GLY C 621 -23.01 -19.35 16.05
N CYS C 622 -23.41 -19.93 14.93
CA CYS C 622 -24.48 -20.91 14.91
C CYS C 622 -23.94 -22.21 14.35
N LEU C 623 -23.67 -23.16 15.21
CA LEU C 623 -23.07 -24.42 14.80
C LEU C 623 -24.16 -25.35 14.28
N ILE C 624 -24.01 -25.80 13.05
CA ILE C 624 -25.00 -26.65 12.40
C ILE C 624 -24.36 -27.97 12.06
N GLY C 625 -24.88 -29.04 12.65
CA GLY C 625 -24.49 -30.39 12.27
C GLY C 625 -23.85 -31.19 13.37
N ALA C 626 -23.46 -30.57 14.47
CA ALA C 626 -22.82 -31.29 15.56
C ALA C 626 -23.74 -31.35 16.76
N GLU C 627 -23.78 -32.50 17.41
CA GLU C 627 -24.65 -32.67 18.57
C GLU C 627 -23.98 -32.04 19.78
N HIS C 628 -24.67 -31.11 20.43
CA HIS C 628 -24.14 -30.61 21.69
C HIS C 628 -24.27 -31.63 22.78
N VAL C 629 -23.17 -32.21 23.15
CA VAL C 629 -23.13 -33.06 24.33
C VAL C 629 -22.89 -32.14 25.50
N ASP C 630 -23.43 -32.48 26.66
CA ASP C 630 -23.10 -31.74 27.87
C ASP C 630 -22.03 -32.51 28.67
N THR C 631 -20.91 -32.75 28.02
CA THR C 631 -19.77 -33.39 28.68
C THR C 631 -18.59 -32.45 28.65
N SER C 632 -17.40 -32.90 29.06
CA SER C 632 -16.24 -32.02 29.11
C SER C 632 -14.96 -32.82 28.93
N TYR C 633 -14.32 -32.65 27.78
CA TYR C 633 -13.10 -33.38 27.44
C TYR C 633 -12.02 -32.35 27.18
N GLU C 634 -10.84 -32.81 26.76
CA GLU C 634 -9.84 -31.86 26.30
C GLU C 634 -10.21 -31.36 24.92
N CYS C 635 -9.75 -30.16 24.59
CA CYS C 635 -10.16 -29.54 23.34
C CYS C 635 -9.44 -30.16 22.15
N ASP C 636 -10.22 -30.57 21.16
CA ASP C 636 -9.68 -31.15 19.94
C ASP C 636 -9.54 -30.08 18.86
N ILE C 637 -10.64 -29.50 18.45
CA ILE C 637 -10.65 -28.50 17.40
C ILE C 637 -11.32 -27.25 17.96
N PRO C 638 -10.64 -26.13 18.01
CA PRO C 638 -11.17 -24.96 18.69
C PRO C 638 -12.30 -24.32 17.93
N ILE C 639 -13.23 -23.71 18.66
CA ILE C 639 -14.33 -22.99 18.03
C ILE C 639 -14.44 -21.60 18.61
N GLY C 640 -14.57 -21.50 19.92
CA GLY C 640 -14.73 -20.20 20.52
C GLY C 640 -15.47 -20.23 21.84
N ALA C 641 -14.95 -19.49 22.80
CA ALA C 641 -15.51 -19.35 24.15
C ALA C 641 -15.71 -20.70 24.81
N GLY C 642 -14.66 -21.49 24.87
CA GLY C 642 -14.70 -22.76 25.55
C GLY C 642 -15.49 -23.83 24.86
N ILE C 643 -16.01 -23.58 23.69
CA ILE C 643 -16.73 -24.58 22.91
C ILE C 643 -15.72 -25.18 21.94
N CYS C 644 -15.78 -26.49 21.75
CA CYS C 644 -14.68 -27.15 21.09
C CYS C 644 -15.17 -28.47 20.50
N ALA C 645 -15.05 -28.61 19.20
CA ALA C 645 -15.59 -29.76 18.50
C ALA C 645 -14.64 -30.95 18.58
N SER C 646 -15.20 -32.13 18.40
CA SER C 646 -14.43 -33.36 18.39
C SER C 646 -15.25 -34.42 17.68
N TYR C 647 -14.68 -35.61 17.58
CA TYR C 647 -15.30 -36.68 16.83
C TYR C 647 -15.30 -37.94 17.68
N HIS C 648 -16.42 -38.19 18.36
CA HIS C 648 -16.55 -39.34 19.25
C HIS C 648 -17.56 -40.34 18.74
N THR C 649 -17.61 -41.48 19.41
CA THR C 649 -18.51 -42.56 19.05
C THR C 649 -19.94 -42.28 19.48
N LYS C 659 -19.89 -43.23 14.81
CA LYS C 659 -19.22 -42.02 15.29
C LYS C 659 -19.80 -40.77 14.65
N SER C 660 -19.79 -39.65 15.36
CA SER C 660 -20.32 -38.40 14.83
C SER C 660 -19.55 -37.23 15.43
N ILE C 661 -19.79 -36.06 14.86
CA ILE C 661 -19.09 -34.86 15.28
C ILE C 661 -19.83 -34.24 16.46
N VAL C 662 -19.13 -34.05 17.57
CA VAL C 662 -19.71 -33.60 18.82
C VAL C 662 -19.10 -32.29 19.25
N ALA C 663 -19.89 -31.46 19.91
CA ALA C 663 -19.41 -30.20 20.47
C ALA C 663 -19.70 -30.17 21.97
N TYR C 664 -18.83 -29.52 22.72
CA TYR C 664 -18.91 -29.57 24.17
C TYR C 664 -18.14 -28.41 24.77
N THR C 665 -18.00 -28.46 26.09
CA THR C 665 -17.34 -27.41 26.86
C THR C 665 -15.95 -27.90 27.27
N MET C 666 -14.95 -27.07 27.07
CA MET C 666 -13.57 -27.50 27.19
C MET C 666 -13.21 -27.76 28.65
N SER C 667 -12.48 -28.85 28.89
CA SER C 667 -11.87 -29.08 30.19
C SER C 667 -10.50 -28.43 30.24
N LEU C 668 -10.15 -27.92 31.41
CA LEU C 668 -8.87 -27.25 31.54
C LEU C 668 -7.76 -28.22 31.90
N GLY C 669 -8.05 -29.14 32.81
CA GLY C 669 -7.04 -30.07 33.26
C GLY C 669 -7.63 -30.95 34.35
N ALA C 670 -6.82 -31.91 34.78
CA ALA C 670 -7.25 -32.86 35.79
C ALA C 670 -7.35 -32.16 37.14
N ASP C 671 -8.45 -32.43 37.86
CA ASP C 671 -8.64 -31.84 39.17
C ASP C 671 -7.96 -32.73 40.18
N SER C 672 -6.70 -32.42 40.46
CA SER C 672 -5.96 -33.11 41.50
C SER C 672 -6.10 -32.35 42.82
N SER C 673 -5.60 -32.98 43.87
CA SER C 673 -5.58 -32.38 45.18
C SER C 673 -4.27 -32.73 45.84
N ILE C 674 -3.74 -31.78 46.61
CA ILE C 674 -2.54 -32.00 47.40
C ILE C 674 -2.93 -31.79 48.85
N ALA C 675 -2.86 -32.86 49.63
CA ALA C 675 -3.14 -32.71 51.05
C ALA C 675 -2.03 -31.93 51.71
N TYR C 676 -2.40 -31.18 52.74
CA TYR C 676 -1.49 -30.19 53.29
C TYR C 676 -1.42 -30.34 54.80
N SER C 677 -0.19 -30.42 55.32
CA SER C 677 0.02 -30.36 56.75
C SER C 677 1.37 -29.72 56.99
N ASN C 678 1.63 -29.43 58.24
CA ASN C 678 2.79 -28.66 58.62
C ASN C 678 3.98 -29.52 58.98
N ASN C 679 3.89 -30.83 58.79
CA ASN C 679 4.94 -31.70 59.27
C ASN C 679 5.26 -32.84 58.33
N THR C 680 4.78 -32.80 57.09
CA THR C 680 4.86 -33.94 56.21
C THR C 680 5.44 -33.50 54.87
N ILE C 681 6.41 -34.26 54.36
CA ILE C 681 7.04 -33.98 53.08
C ILE C 681 6.89 -35.20 52.19
N ALA C 682 6.85 -34.97 50.89
CA ALA C 682 6.92 -36.03 49.90
C ALA C 682 8.30 -35.98 49.28
N ILE C 683 9.06 -37.05 49.45
CA ILE C 683 10.42 -37.12 48.94
C ILE C 683 10.52 -38.27 47.94
N PRO C 684 10.95 -38.02 46.72
CA PRO C 684 11.09 -39.11 45.77
C PRO C 684 12.27 -39.99 46.12
N THR C 685 12.18 -41.24 45.70
CA THR C 685 13.21 -42.22 46.01
C THR C 685 13.81 -42.88 44.79
N ASN C 686 13.09 -43.00 43.70
CA ASN C 686 13.61 -43.61 42.50
C ASN C 686 13.66 -42.55 41.41
N PHE C 687 14.18 -42.90 40.24
CA PHE C 687 14.30 -41.94 39.16
C PHE C 687 14.16 -42.64 37.84
N SER C 688 14.13 -41.84 36.79
CA SER C 688 14.14 -42.30 35.41
C SER C 688 14.67 -41.16 34.58
N ILE C 689 15.03 -41.46 33.33
CA ILE C 689 15.70 -40.47 32.49
C ILE C 689 14.91 -40.27 31.21
N SER C 690 14.51 -39.03 30.96
CA SER C 690 13.68 -38.67 29.84
C SER C 690 14.47 -37.92 28.78
N ILE C 691 14.23 -38.29 27.53
CA ILE C 691 14.79 -37.57 26.40
C ILE C 691 13.62 -36.90 25.68
N THR C 692 13.74 -35.62 25.38
CA THR C 692 12.63 -34.82 24.90
C THR C 692 13.08 -33.90 23.79
N THR C 693 12.42 -33.99 22.64
CA THR C 693 12.83 -33.21 21.48
C THR C 693 12.27 -31.80 21.52
N GLU C 694 12.80 -30.96 20.65
CA GLU C 694 12.45 -29.55 20.57
C GLU C 694 12.97 -29.06 19.23
N VAL C 695 12.11 -28.40 18.46
CA VAL C 695 12.43 -28.11 17.07
C VAL C 695 12.32 -26.62 16.84
N MET C 696 13.40 -26.01 16.35
CA MET C 696 13.34 -24.61 15.99
C MET C 696 13.61 -24.42 14.50
N PRO C 697 12.88 -23.53 13.83
CA PRO C 697 13.27 -23.13 12.48
C PRO C 697 14.25 -21.98 12.53
N VAL C 698 15.20 -21.97 11.59
CA VAL C 698 16.30 -21.02 11.64
C VAL C 698 16.57 -20.34 10.32
N SER C 699 15.95 -20.77 9.23
CA SER C 699 16.21 -20.14 7.95
C SER C 699 15.07 -20.46 7.01
N MET C 700 14.89 -19.60 6.03
CA MET C 700 13.92 -19.89 4.99
C MET C 700 14.62 -19.88 3.64
N ALA C 701 13.88 -20.33 2.64
CA ALA C 701 14.38 -20.29 1.28
C ALA C 701 14.53 -18.85 0.82
N LYS C 702 15.72 -18.50 0.35
CA LYS C 702 15.98 -17.14 -0.07
C LYS C 702 15.73 -16.99 -1.55
N THR C 703 15.00 -15.96 -1.92
CA THR C 703 14.44 -15.84 -3.26
C THR C 703 15.09 -14.69 -4.00
N SER C 704 14.62 -14.49 -5.22
CA SER C 704 15.09 -13.43 -6.10
C SER C 704 14.06 -13.22 -7.18
N VAL C 705 13.93 -11.98 -7.65
CA VAL C 705 12.98 -11.63 -8.69
C VAL C 705 13.67 -10.75 -9.72
N ASP C 706 13.71 -11.19 -10.96
CA ASP C 706 14.09 -10.29 -12.05
C ASP C 706 12.87 -9.43 -12.35
N CYS C 707 12.99 -8.15 -12.02
CA CYS C 707 11.86 -7.22 -12.06
C CYS C 707 11.27 -7.09 -13.46
N ASN C 708 12.11 -7.12 -14.48
CA ASN C 708 11.61 -6.96 -15.83
C ASN C 708 10.95 -8.20 -16.36
N MET C 709 11.37 -9.37 -15.91
CA MET C 709 10.71 -10.56 -16.43
C MET C 709 9.45 -10.89 -15.68
N TYR C 710 9.04 -10.03 -14.77
CA TYR C 710 7.73 -10.17 -14.17
C TYR C 710 6.73 -9.18 -14.72
N ILE C 711 7.04 -7.88 -14.75
CA ILE C 711 6.05 -6.91 -15.15
C ILE C 711 6.11 -6.57 -16.62
N CYS C 712 7.01 -7.16 -17.38
CA CYS C 712 7.02 -6.95 -18.82
C CYS C 712 6.77 -8.22 -19.60
N GLY C 713 7.52 -9.27 -19.32
CA GLY C 713 7.40 -10.48 -20.11
C GLY C 713 7.90 -10.30 -21.52
N ASP C 714 9.07 -9.68 -21.68
CA ASP C 714 9.81 -9.51 -22.93
C ASP C 714 9.08 -8.66 -23.98
N SER C 715 8.26 -7.69 -23.58
CA SER C 715 7.97 -6.64 -24.55
C SER C 715 9.05 -5.57 -24.42
N THR C 716 8.93 -4.52 -25.21
CA THR C 716 9.86 -3.42 -25.11
C THR C 716 9.22 -2.15 -24.60
N GLU C 717 7.94 -1.98 -24.91
CA GLU C 717 7.23 -0.75 -24.57
C GLU C 717 7.01 -0.66 -23.08
N CYS C 718 6.93 -1.82 -22.43
CA CYS C 718 7.00 -1.89 -20.98
C CYS C 718 8.27 -1.23 -20.46
N ALA C 719 9.41 -1.65 -20.98
CA ALA C 719 10.69 -1.16 -20.48
C ALA C 719 10.89 0.32 -20.78
N ASN C 720 10.20 0.83 -21.80
CA ASN C 720 10.24 2.25 -22.05
C ASN C 720 9.51 3.03 -20.96
N LEU C 721 8.40 2.49 -20.48
CA LEU C 721 7.63 3.17 -19.45
C LEU C 721 8.24 3.05 -18.06
N LEU C 722 9.04 2.02 -17.81
CA LEU C 722 9.56 1.79 -16.47
C LEU C 722 10.60 2.82 -16.06
N LEU C 723 11.17 3.52 -17.03
CA LEU C 723 12.08 4.60 -16.71
C LEU C 723 11.35 5.78 -16.09
N GLN C 724 10.04 5.91 -16.35
CA GLN C 724 9.24 6.93 -15.70
C GLN C 724 8.74 6.48 -14.34
N TYR C 725 9.28 5.39 -13.80
CA TYR C 725 9.07 4.99 -12.43
C TYR C 725 10.35 4.99 -11.62
N GLY C 726 11.50 5.06 -12.26
CA GLY C 726 12.75 5.17 -11.53
C GLY C 726 13.44 3.83 -11.33
N SER C 727 14.20 3.75 -10.24
CA SER C 727 15.04 2.61 -9.94
C SER C 727 14.34 1.63 -9.02
N PHE C 728 13.03 1.52 -9.14
CA PHE C 728 12.24 0.68 -8.26
C PHE C 728 12.62 -0.79 -8.39
N CYS C 729 13.03 -1.24 -9.59
CA CYS C 729 13.47 -2.61 -9.74
C CYS C 729 14.75 -2.88 -8.98
N THR C 730 15.60 -1.88 -8.86
CA THR C 730 16.82 -2.09 -8.10
C THR C 730 16.55 -2.04 -6.61
N GLN C 731 15.56 -1.24 -6.21
CA GLN C 731 15.15 -1.25 -4.81
C GLN C 731 14.57 -2.58 -4.42
N LEU C 732 13.91 -3.27 -5.33
CA LEU C 732 13.42 -4.59 -5.01
C LEU C 732 14.55 -5.60 -4.97
N ASN C 733 15.65 -5.33 -5.67
CA ASN C 733 16.76 -6.27 -5.62
C ASN C 733 17.51 -6.20 -4.30
N ARG C 734 17.69 -5.00 -3.74
CA ARG C 734 18.35 -4.89 -2.45
C ARG C 734 17.52 -5.54 -1.36
N ALA C 735 16.20 -5.36 -1.41
CA ALA C 735 15.33 -5.82 -0.35
C ALA C 735 15.31 -7.33 -0.27
N LEU C 736 15.45 -8.01 -1.40
CA LEU C 736 15.62 -9.45 -1.34
C LEU C 736 17.04 -9.82 -0.99
N SER C 737 18.01 -9.08 -1.51
CA SER C 737 19.39 -9.44 -1.21
C SER C 737 19.75 -9.05 0.21
N GLY C 738 19.03 -8.09 0.79
CA GLY C 738 19.19 -7.84 2.22
C GLY C 738 18.67 -9.00 3.04
N ILE C 739 17.60 -9.64 2.58
CA ILE C 739 17.08 -10.80 3.27
C ILE C 739 17.98 -12.01 3.06
N ALA C 740 18.37 -12.26 1.81
CA ALA C 740 19.07 -13.48 1.45
C ALA C 740 20.44 -13.59 2.09
N ALA C 741 21.09 -12.47 2.35
CA ALA C 741 22.34 -12.53 3.09
C ALA C 741 22.08 -12.73 4.58
N GLU C 742 21.11 -12.00 5.12
CA GLU C 742 20.80 -12.11 6.53
C GLU C 742 20.17 -13.45 6.87
N GLN C 743 19.50 -14.07 5.90
CA GLN C 743 19.09 -15.47 6.09
C GLN C 743 20.28 -16.40 6.06
N ASP C 744 21.33 -16.03 5.36
CA ASP C 744 22.52 -16.89 5.36
C ASP C 744 23.32 -16.68 6.62
N ARG C 745 23.17 -15.52 7.25
CA ARG C 745 23.89 -15.22 8.48
C ARG C 745 23.36 -16.03 9.64
N ASN C 746 22.06 -16.34 9.63
CA ASN C 746 21.45 -17.06 10.73
C ASN C 746 22.01 -18.46 10.84
N THR C 747 22.38 -19.06 9.72
CA THR C 747 22.82 -20.45 9.75
C THR C 747 24.23 -20.56 10.33
N ARG C 748 25.07 -19.56 10.09
CA ARG C 748 26.40 -19.62 10.67
C ARG C 748 26.38 -19.46 12.19
N GLU C 749 25.48 -18.64 12.72
CA GLU C 749 25.54 -18.33 14.13
C GLU C 749 25.09 -19.50 14.97
N VAL C 750 24.12 -20.26 14.46
CA VAL C 750 23.63 -21.40 15.21
C VAL C 750 24.67 -22.50 15.21
N PHE C 751 25.05 -22.98 14.03
CA PHE C 751 25.85 -24.20 13.97
C PHE C 751 27.31 -23.95 14.30
N ALA C 752 27.99 -23.13 13.51
CA ALA C 752 29.44 -23.00 13.64
C ALA C 752 29.80 -22.16 14.87
N GLN C 753 29.54 -22.76 16.04
CA GLN C 753 30.09 -22.28 17.30
C GLN C 753 31.29 -23.09 17.73
N VAL C 754 31.91 -23.82 16.81
CA VAL C 754 33.11 -24.55 17.11
C VAL C 754 34.24 -23.98 16.26
N LYS C 755 35.41 -23.91 16.86
CA LYS C 755 36.60 -23.56 16.10
C LYS C 755 37.20 -24.75 15.39
N GLN C 756 36.97 -25.96 15.91
CA GLN C 756 37.79 -27.10 15.59
C GLN C 756 36.90 -28.25 15.18
N MET C 757 37.21 -28.89 14.07
CA MET C 757 36.52 -30.11 13.67
C MET C 757 37.12 -31.29 14.40
N TYR C 758 36.27 -32.14 14.95
CA TYR C 758 36.70 -33.29 15.72
C TYR C 758 36.28 -34.55 15.01
N LYS C 759 37.21 -35.49 14.89
CA LYS C 759 36.90 -36.73 14.22
C LYS C 759 35.98 -37.56 15.09
N THR C 760 35.11 -38.31 14.44
CA THR C 760 34.23 -39.21 15.16
C THR C 760 35.07 -40.32 15.76
N PRO C 761 34.93 -40.62 17.05
CA PRO C 761 35.70 -41.71 17.64
C PRO C 761 35.23 -43.05 17.12
N THR C 762 36.17 -44.00 17.08
CA THR C 762 35.85 -45.34 16.62
C THR C 762 35.03 -46.13 17.64
N LEU C 763 34.93 -45.65 18.87
CA LEU C 763 34.15 -46.30 19.90
C LEU C 763 32.80 -45.60 19.97
N LYS C 764 31.77 -46.25 19.45
CA LYS C 764 30.43 -45.71 19.55
C LYS C 764 29.69 -46.23 20.76
N TYR C 765 30.43 -46.60 21.81
CA TYR C 765 29.84 -47.25 22.97
C TYR C 765 30.68 -46.84 24.16
N PHE C 766 30.14 -45.98 25.01
CA PHE C 766 30.90 -45.38 26.10
C PHE C 766 30.30 -45.80 27.44
N GLY C 767 30.99 -46.70 28.13
CA GLY C 767 30.62 -47.06 29.48
C GLY C 767 29.29 -47.77 29.62
N GLY C 768 28.77 -48.31 28.53
CA GLY C 768 27.45 -48.86 28.52
C GLY C 768 26.43 -48.02 27.78
N PHE C 769 26.81 -46.82 27.35
CA PHE C 769 25.87 -45.95 26.65
C PHE C 769 26.13 -46.13 25.17
N ASN C 770 25.07 -46.16 24.38
CA ASN C 770 25.17 -46.55 22.98
C ASN C 770 24.74 -45.35 22.13
N PHE C 771 25.70 -44.78 21.39
CA PHE C 771 25.51 -43.57 20.60
C PHE C 771 25.34 -43.82 19.12
N SER C 772 24.90 -45.01 18.73
CA SER C 772 24.95 -45.37 17.32
C SER C 772 23.97 -44.58 16.48
N GLN C 773 22.82 -44.21 17.03
CA GLN C 773 21.82 -43.53 16.22
C GLN C 773 21.97 -42.02 16.25
N ILE C 774 23.03 -41.52 16.83
CA ILE C 774 23.25 -40.09 16.97
C ILE C 774 24.46 -39.64 16.17
N LEU C 775 25.57 -40.35 16.31
CA LEU C 775 26.71 -40.13 15.45
C LEU C 775 26.42 -40.69 14.06
N PRO C 776 27.03 -40.13 13.02
CA PRO C 776 26.91 -40.74 11.70
C PRO C 776 27.72 -42.01 11.64
N ASP C 777 27.30 -42.90 10.80
CA ASP C 777 28.07 -44.10 10.54
C ASP C 777 29.00 -43.89 9.38
N PRO C 778 30.30 -44.20 9.52
CA PRO C 778 31.23 -43.98 8.42
C PRO C 778 31.01 -44.93 7.26
N LEU C 779 30.44 -46.10 7.51
CA LEU C 779 30.21 -47.08 6.47
C LEU C 779 28.86 -46.89 5.80
N LYS C 780 28.00 -46.05 6.37
CA LYS C 780 26.75 -45.67 5.72
C LYS C 780 26.98 -44.42 4.90
N PRO C 781 26.84 -44.47 3.58
CA PRO C 781 27.21 -43.35 2.72
C PRO C 781 26.12 -42.29 2.52
N THR C 782 25.51 -41.85 3.61
CA THR C 782 24.87 -40.55 3.67
C THR C 782 25.58 -39.64 4.64
N LYS C 783 26.50 -40.20 5.43
CA LYS C 783 27.30 -39.51 6.42
C LYS C 783 26.42 -38.88 7.49
N ARG C 784 25.31 -39.53 7.81
CA ARG C 784 24.33 -39.01 8.75
C ARG C 784 23.93 -40.09 9.74
N SER C 785 23.25 -39.68 10.80
CA SER C 785 22.76 -40.66 11.76
C SER C 785 21.55 -41.36 11.21
N PHE C 786 21.01 -42.27 12.00
CA PHE C 786 19.69 -42.77 11.66
C PHE C 786 18.64 -41.73 11.98
N ILE C 787 18.85 -40.98 13.06
CA ILE C 787 17.87 -39.97 13.44
C ILE C 787 17.85 -38.83 12.44
N GLU C 788 19.02 -38.46 11.92
CA GLU C 788 19.08 -37.42 10.89
C GLU C 788 18.41 -37.87 9.61
N ASP C 789 18.54 -39.15 9.25
CA ASP C 789 17.89 -39.66 8.06
C ASP C 789 16.39 -39.76 8.20
N LEU C 790 15.89 -39.88 9.41
CA LEU C 790 14.44 -39.89 9.58
C LEU C 790 13.87 -38.50 9.46
N LEU C 791 14.67 -37.47 9.73
CA LEU C 791 14.17 -36.12 9.65
C LEU C 791 14.05 -35.67 8.21
N PHE C 792 14.89 -36.18 7.33
CA PHE C 792 14.73 -35.87 5.92
C PHE C 792 13.56 -36.60 5.27
N ASN C 793 13.00 -37.62 5.92
CA ASN C 793 11.88 -38.32 5.33
C ASN C 793 10.54 -37.82 5.82
N LYS C 794 10.50 -37.06 6.91
CA LYS C 794 9.24 -36.50 7.38
C LYS C 794 9.03 -35.09 6.88
N VAL C 795 9.69 -34.70 5.80
CA VAL C 795 9.45 -33.40 5.17
C VAL C 795 9.13 -33.58 3.69
N THR C 796 8.57 -34.73 3.35
CA THR C 796 8.17 -35.00 1.99
C THR C 796 6.72 -34.59 1.77
N GLN C 805 5.43 -22.54 -10.63
CA GLN C 805 6.12 -22.46 -9.36
C GLN C 805 7.26 -21.45 -9.35
N TYR C 806 8.48 -21.95 -9.53
CA TYR C 806 9.68 -21.12 -9.49
C TYR C 806 10.82 -21.87 -10.14
N GLY C 807 11.72 -21.14 -10.79
CA GLY C 807 12.89 -21.74 -11.38
C GLY C 807 14.02 -21.81 -10.35
N GLU C 808 14.68 -22.95 -10.31
CA GLU C 808 15.82 -23.10 -9.43
C GLU C 808 16.81 -24.07 -10.06
N CYS C 809 18.08 -23.93 -9.69
CA CYS C 809 19.17 -24.54 -10.43
C CYS C 809 19.77 -25.67 -9.62
N LEU C 810 19.69 -26.88 -10.15
CA LEU C 810 20.39 -28.02 -9.54
C LEU C 810 21.65 -28.37 -10.31
N ILE C 819 21.56 -30.24 -13.34
CA ILE C 819 20.34 -29.98 -14.08
C ILE C 819 19.77 -28.61 -13.71
N CYS C 820 19.86 -27.66 -14.62
CA CYS C 820 19.54 -26.28 -14.32
C CYS C 820 18.49 -25.79 -15.30
N ALA C 821 17.36 -25.30 -14.79
CA ALA C 821 16.27 -24.82 -15.61
C ALA C 821 15.96 -23.37 -15.28
N GLN C 822 14.93 -22.85 -15.93
CA GLN C 822 14.53 -21.46 -15.77
C GLN C 822 13.07 -21.34 -16.18
N LYS C 823 12.33 -20.49 -15.50
CA LYS C 823 10.92 -20.32 -15.77
C LYS C 823 10.68 -18.97 -16.41
N PHE C 824 9.53 -18.89 -17.10
CA PHE C 824 9.18 -17.65 -17.78
C PHE C 824 8.85 -16.55 -16.79
N ASN C 825 8.31 -16.92 -15.65
CA ASN C 825 8.24 -15.96 -14.57
C ASN C 825 9.66 -15.67 -14.11
N GLY C 826 9.92 -14.41 -13.76
CA GLY C 826 11.24 -14.09 -13.26
C GLY C 826 11.52 -14.59 -11.87
N LEU C 827 10.55 -15.19 -11.22
CA LEU C 827 10.68 -15.63 -9.84
C LEU C 827 11.62 -16.82 -9.74
N THR C 828 12.65 -16.71 -8.91
CA THR C 828 13.67 -17.73 -8.79
C THR C 828 14.17 -17.83 -7.36
N VAL C 829 14.76 -18.97 -7.03
CA VAL C 829 15.17 -19.27 -5.67
C VAL C 829 16.64 -19.70 -5.66
N LEU C 830 17.44 -18.99 -4.93
CA LEU C 830 18.87 -19.20 -4.83
C LEU C 830 19.20 -20.30 -3.84
N PRO C 831 20.39 -20.88 -3.90
CA PRO C 831 20.78 -21.93 -2.97
C PRO C 831 21.54 -21.38 -1.78
N PRO C 832 21.57 -22.10 -0.65
CA PRO C 832 22.28 -21.60 0.52
C PRO C 832 23.78 -21.75 0.38
N LEU C 833 24.51 -20.96 1.15
CA LEU C 833 25.96 -21.13 1.20
C LEU C 833 26.31 -22.41 1.94
N LEU C 834 25.92 -22.50 3.20
CA LEU C 834 26.36 -23.57 4.07
C LEU C 834 25.52 -24.78 3.69
N THR C 835 26.09 -25.66 2.88
CA THR C 835 25.33 -26.76 2.29
C THR C 835 24.99 -27.81 3.33
N ASP C 836 24.20 -28.81 2.90
CA ASP C 836 23.68 -29.84 3.79
C ASP C 836 24.78 -30.64 4.45
N ASP C 837 25.80 -31.03 3.68
CA ASP C 837 26.85 -31.85 4.26
C ASP C 837 27.76 -31.04 5.15
N MET C 838 27.81 -29.73 4.95
CA MET C 838 28.52 -28.89 5.90
C MET C 838 27.75 -28.76 7.21
N ILE C 839 26.43 -28.80 7.16
CA ILE C 839 25.64 -28.65 8.37
C ILE C 839 25.80 -29.86 9.27
N ALA C 840 25.75 -31.05 8.67
CA ALA C 840 25.88 -32.27 9.45
C ALA C 840 27.28 -32.41 10.03
N ALA C 841 28.28 -31.82 9.38
CA ALA C 841 29.63 -31.91 9.93
C ALA C 841 29.80 -31.03 11.16
N TYR C 842 29.18 -29.85 11.18
CA TYR C 842 29.21 -29.03 12.39
C TYR C 842 28.42 -29.68 13.51
N THR C 843 27.36 -30.39 13.17
CA THR C 843 26.59 -31.07 14.20
C THR C 843 27.31 -32.29 14.74
N ALA C 844 27.93 -33.07 13.86
CA ALA C 844 28.68 -34.24 14.31
C ALA C 844 29.93 -33.83 15.08
N ALA C 845 30.43 -32.63 14.86
CA ALA C 845 31.51 -32.14 15.72
C ALA C 845 30.98 -31.71 17.08
N LEU C 846 29.70 -31.40 17.16
CA LEU C 846 29.15 -31.06 18.47
C LEU C 846 28.84 -32.31 19.26
N VAL C 847 28.39 -33.36 18.61
CA VAL C 847 28.06 -34.58 19.33
C VAL C 847 29.33 -35.30 19.76
N SER C 848 30.17 -35.68 18.80
CA SER C 848 31.41 -36.38 19.10
C SER C 848 32.41 -35.51 19.83
N GLY C 849 32.25 -34.20 19.78
CA GLY C 849 33.02 -33.35 20.68
C GLY C 849 32.57 -33.51 22.11
N THR C 850 31.25 -33.48 22.34
CA THR C 850 30.71 -33.50 23.69
C THR C 850 31.00 -34.81 24.41
N ALA C 851 30.98 -35.91 23.67
CA ALA C 851 31.17 -37.22 24.28
C ALA C 851 32.59 -37.44 24.76
N THR C 852 33.58 -36.72 24.23
CA THR C 852 34.94 -36.89 24.69
C THR C 852 35.56 -35.63 25.30
N ALA C 853 35.04 -34.43 24.99
CA ALA C 853 35.59 -33.22 25.59
C ALA C 853 34.85 -32.76 26.83
N GLY C 854 33.70 -33.35 27.12
CA GLY C 854 33.06 -33.07 28.36
C GLY C 854 32.44 -31.69 28.42
N TRP C 855 32.15 -31.27 29.66
CA TRP C 855 31.49 -29.99 29.89
C TRP C 855 32.38 -28.79 29.59
N THR C 856 33.68 -29.01 29.50
CA THR C 856 34.63 -27.93 29.19
C THR C 856 34.53 -27.46 27.76
N PHE C 857 33.77 -28.15 26.93
CA PHE C 857 33.90 -28.06 25.48
C PHE C 857 33.43 -26.72 24.94
N GLY C 858 32.37 -26.17 25.51
CA GLY C 858 31.87 -24.92 24.99
C GLY C 858 32.41 -23.69 25.65
N ALA C 859 32.89 -23.82 26.87
CA ALA C 859 33.38 -22.64 27.57
C ALA C 859 34.77 -22.26 27.09
N GLY C 860 35.61 -23.24 26.79
CA GLY C 860 36.96 -22.99 26.34
C GLY C 860 37.47 -24.10 25.45
N ALA C 861 38.71 -24.52 25.69
CA ALA C 861 39.30 -25.56 24.87
C ALA C 861 38.74 -26.92 25.24
N ALA C 862 38.99 -27.90 24.38
CA ALA C 862 38.49 -29.24 24.57
C ALA C 862 39.48 -30.06 25.38
N LEU C 863 39.00 -30.65 26.47
CA LEU C 863 39.84 -31.37 27.41
C LEU C 863 39.39 -32.82 27.43
N GLN C 864 40.33 -33.74 27.34
CA GLN C 864 39.98 -35.15 27.36
C GLN C 864 39.51 -35.52 28.75
N ILE C 865 38.41 -36.25 28.82
CA ILE C 865 37.80 -36.59 30.12
C ILE C 865 37.07 -37.91 29.97
N PRO C 866 37.18 -38.82 30.94
CA PRO C 866 36.44 -40.07 30.86
C PRO C 866 34.96 -39.81 30.95
N PHE C 867 34.19 -40.72 30.37
CA PHE C 867 32.82 -40.39 30.05
C PHE C 867 31.93 -40.43 31.27
N ALA C 868 32.12 -41.42 32.14
CA ALA C 868 31.35 -41.46 33.36
C ALA C 868 31.80 -40.38 34.35
N MET C 869 33.01 -39.85 34.20
CA MET C 869 33.40 -38.70 35.01
C MET C 869 32.52 -37.50 34.73
N GLN C 870 32.44 -37.10 33.47
CA GLN C 870 31.73 -35.87 33.13
C GLN C 870 30.23 -36.01 33.27
N MET C 871 29.72 -37.25 33.20
CA MET C 871 28.36 -37.50 33.65
C MET C 871 28.19 -37.13 35.09
N ALA C 872 29.14 -37.52 35.93
CA ALA C 872 28.97 -37.40 37.36
C ALA C 872 29.10 -35.97 37.82
N TYR C 873 29.79 -35.13 37.05
CA TYR C 873 29.79 -33.71 37.33
C TYR C 873 28.42 -33.12 37.15
N ARG C 874 27.70 -33.58 36.12
CA ARG C 874 26.41 -33.00 35.81
C ARG C 874 25.35 -33.45 36.78
N PHE C 875 25.44 -34.68 37.28
CA PHE C 875 24.56 -35.10 38.36
C PHE C 875 24.77 -34.26 39.60
N ASN C 876 26.01 -33.89 39.89
CA ASN C 876 26.22 -33.02 41.02
C ASN C 876 25.72 -31.61 40.74
N GLY C 877 25.57 -31.24 39.47
CA GLY C 877 25.01 -29.95 39.14
C GLY C 877 23.56 -29.80 39.53
N ILE C 878 22.83 -30.89 39.67
CA ILE C 878 21.43 -30.82 40.03
C ILE C 878 21.20 -31.30 41.46
N GLY C 879 22.26 -31.34 42.27
CA GLY C 879 22.10 -31.59 43.68
C GLY C 879 21.98 -33.04 44.08
N VAL C 880 22.39 -33.96 43.23
CA VAL C 880 22.35 -35.38 43.52
C VAL C 880 23.77 -35.90 43.45
N THR C 881 24.22 -36.54 44.53
CA THR C 881 25.62 -36.89 44.68
C THR C 881 26.08 -37.92 43.65
N GLN C 882 27.37 -37.89 43.35
CA GLN C 882 27.87 -38.64 42.21
C GLN C 882 28.04 -40.11 42.48
N ASN C 883 27.80 -40.56 43.73
CA ASN C 883 27.64 -41.98 43.96
C ASN C 883 26.51 -42.56 43.12
N VAL C 884 25.39 -41.83 43.06
CA VAL C 884 24.15 -42.28 42.45
C VAL C 884 24.35 -42.58 40.99
N LEU C 885 25.25 -41.86 40.35
CA LEU C 885 25.70 -42.27 39.03
C LEU C 885 26.38 -43.62 39.08
N TYR C 886 27.49 -43.74 39.82
CA TYR C 886 28.28 -44.96 39.74
C TYR C 886 27.58 -46.14 40.37
N GLU C 887 26.74 -45.89 41.36
CA GLU C 887 26.11 -46.98 42.07
C GLU C 887 24.97 -47.59 41.26
N ASN C 888 24.23 -46.79 40.52
CA ASN C 888 23.11 -47.28 39.74
C ASN C 888 23.40 -47.23 38.25
N GLN C 889 24.64 -47.57 37.89
CA GLN C 889 25.21 -47.11 36.65
C GLN C 889 24.65 -47.86 35.44
N LYS C 890 24.37 -49.15 35.59
CA LYS C 890 23.82 -49.86 34.46
C LYS C 890 22.34 -49.62 34.30
N GLN C 891 21.67 -49.15 35.34
CA GLN C 891 20.27 -48.77 35.18
C GLN C 891 20.14 -47.50 34.36
N ILE C 892 21.06 -46.55 34.55
CA ILE C 892 21.02 -45.30 33.81
C ILE C 892 21.33 -45.54 32.34
N ALA C 893 22.17 -46.53 32.06
CA ALA C 893 22.42 -46.94 30.69
C ALA C 893 21.19 -47.55 30.05
N ASN C 894 20.37 -48.21 30.84
CA ASN C 894 19.16 -48.82 30.29
C ASN C 894 18.08 -47.77 30.08
N GLN C 895 18.01 -46.78 30.97
CA GLN C 895 17.14 -45.63 30.76
C GLN C 895 17.52 -44.89 29.49
N PHE C 896 18.82 -44.76 29.25
CA PHE C 896 19.32 -43.97 28.14
C PHE C 896 19.07 -44.66 26.80
N ASN C 897 19.31 -45.97 26.75
CA ASN C 897 19.19 -46.71 25.50
C ASN C 897 17.73 -46.84 25.06
N LYS C 898 16.81 -46.95 26.02
CA LYS C 898 15.41 -47.12 25.67
C LYS C 898 14.84 -45.88 25.02
N ALA C 899 15.06 -44.72 25.64
CA ALA C 899 14.40 -43.51 25.18
C ALA C 899 14.96 -43.02 23.85
N ILE C 900 16.17 -43.43 23.48
CA ILE C 900 16.65 -43.18 22.12
C ILE C 900 15.81 -43.96 21.12
N SER C 901 15.71 -45.28 21.32
CA SER C 901 15.03 -46.12 20.33
C SER C 901 13.53 -45.85 20.30
N GLN C 902 12.97 -45.33 21.39
CA GLN C 902 11.59 -44.84 21.32
C GLN C 902 11.49 -43.62 20.41
N ILE C 903 12.39 -42.66 20.60
CA ILE C 903 12.36 -41.43 19.81
C ILE C 903 12.72 -41.70 18.37
N GLN C 904 13.58 -42.69 18.14
CA GLN C 904 13.76 -43.24 16.80
C GLN C 904 12.43 -43.69 16.22
N GLU C 905 11.68 -44.50 16.97
CA GLU C 905 10.43 -45.01 16.44
C GLU C 905 9.34 -43.95 16.47
N SER C 906 9.47 -42.95 17.34
CA SER C 906 8.49 -41.88 17.36
C SER C 906 8.58 -41.03 16.10
N LEU C 907 9.78 -40.85 15.57
CA LEU C 907 9.93 -40.05 14.36
C LEU C 907 9.55 -40.84 13.11
N THR C 908 9.86 -42.15 13.09
CA THR C 908 9.49 -43.00 11.96
C THR C 908 8.00 -43.01 11.74
N THR C 909 7.24 -43.03 12.82
CA THR C 909 5.80 -43.13 12.76
C THR C 909 5.24 -41.86 13.38
N THR C 910 5.09 -40.82 12.56
CA THR C 910 4.40 -39.62 13.03
C THR C 910 3.70 -38.97 11.86
N SER C 911 2.85 -38.02 12.20
CA SER C 911 2.27 -37.10 11.23
C SER C 911 2.46 -35.68 11.71
N THR C 912 3.23 -35.48 12.77
CA THR C 912 3.28 -34.22 13.48
C THR C 912 4.67 -34.07 14.07
N ALA C 913 4.79 -33.12 15.02
CA ALA C 913 5.98 -32.65 15.71
C ALA C 913 6.99 -31.99 14.80
N LEU C 914 6.68 -31.78 13.53
CA LEU C 914 7.46 -30.95 12.64
C LEU C 914 6.59 -29.87 12.05
N GLY C 915 5.62 -29.42 12.83
CA GLY C 915 4.72 -28.39 12.38
C GLY C 915 5.35 -27.04 12.25
N LYS C 916 6.43 -26.78 12.97
CA LYS C 916 7.14 -25.53 12.76
C LYS C 916 7.96 -25.51 11.49
N LEU C 917 8.60 -26.63 11.15
CA LEU C 917 9.43 -26.64 9.95
C LEU C 917 8.60 -26.56 8.70
N GLN C 918 7.55 -27.36 8.63
CA GLN C 918 6.73 -27.35 7.44
C GLN C 918 5.90 -26.11 7.31
N ASP C 919 5.69 -25.37 8.40
CA ASP C 919 5.04 -24.07 8.25
C ASP C 919 5.92 -23.09 7.50
N VAL C 920 7.23 -23.14 7.74
CA VAL C 920 8.13 -22.24 7.07
C VAL C 920 8.26 -22.62 5.61
N VAL C 921 8.13 -23.91 5.30
CA VAL C 921 8.04 -24.34 3.92
C VAL C 921 6.74 -23.83 3.30
N ASN C 922 5.64 -23.97 4.02
CA ASN C 922 4.36 -23.74 3.39
C ASN C 922 3.98 -22.28 3.31
N GLN C 923 4.41 -21.46 4.26
CA GLN C 923 4.05 -20.04 4.19
C GLN C 923 4.77 -19.35 3.05
N ASN C 924 6.07 -19.56 2.90
CA ASN C 924 6.74 -18.92 1.79
C ASN C 924 6.42 -19.58 0.47
N ALA C 925 5.87 -20.78 0.48
CA ALA C 925 5.33 -21.34 -0.74
C ALA C 925 4.08 -20.60 -1.17
N GLN C 926 3.19 -20.33 -0.24
CA GLN C 926 1.93 -19.72 -0.61
C GLN C 926 2.03 -18.22 -0.72
N ALA C 927 3.18 -17.63 -0.43
CA ALA C 927 3.36 -16.24 -0.81
C ALA C 927 3.79 -16.11 -2.26
N LEU C 928 4.57 -17.07 -2.76
CA LEU C 928 4.86 -17.07 -4.19
C LEU C 928 3.62 -17.36 -4.99
N ASN C 929 2.78 -18.28 -4.50
CA ASN C 929 1.65 -18.74 -5.28
C ASN C 929 0.58 -17.70 -5.37
N THR C 930 0.53 -16.77 -4.42
CA THR C 930 -0.23 -15.57 -4.64
C THR C 930 0.39 -14.74 -5.75
N LEU C 931 1.72 -14.68 -5.78
CA LEU C 931 2.38 -13.72 -6.65
C LEU C 931 2.34 -14.15 -8.09
N VAL C 932 2.33 -15.45 -8.35
CA VAL C 932 2.26 -15.91 -9.73
C VAL C 932 0.87 -15.75 -10.28
N LYS C 933 -0.15 -16.04 -9.48
CA LYS C 933 -1.53 -15.92 -9.91
C LYS C 933 -1.97 -14.51 -10.21
N GLN C 934 -1.29 -13.51 -9.66
CA GLN C 934 -1.70 -12.16 -9.98
C GLN C 934 -1.10 -11.66 -11.27
N LEU C 935 -0.41 -12.50 -12.02
CA LEU C 935 -0.14 -12.16 -13.40
C LEU C 935 -1.43 -12.06 -14.20
N SER C 936 -2.34 -13.01 -13.98
CA SER C 936 -3.52 -13.10 -14.82
C SER C 936 -4.65 -12.20 -14.38
N SER C 937 -4.46 -11.37 -13.36
CA SER C 937 -5.49 -10.44 -12.97
C SER C 937 -5.47 -9.22 -13.88
N ASN C 938 -6.65 -8.76 -14.27
CA ASN C 938 -6.77 -7.66 -15.24
C ASN C 938 -6.43 -6.32 -14.63
N PHE C 939 -6.59 -6.19 -13.31
CA PHE C 939 -6.44 -4.93 -12.59
C PHE C 939 -7.32 -3.84 -13.17
N GLY C 940 -8.51 -4.22 -13.61
CA GLY C 940 -9.46 -3.29 -14.19
C GLY C 940 -9.22 -2.93 -15.63
N ALA C 941 -8.11 -3.37 -16.23
CA ALA C 941 -7.79 -3.05 -17.61
C ALA C 941 -8.41 -4.08 -18.55
N ILE C 942 -8.06 -4.00 -19.84
CA ILE C 942 -8.77 -4.77 -20.85
C ILE C 942 -8.39 -6.24 -20.78
N SER C 943 -7.11 -6.54 -20.85
CA SER C 943 -6.64 -7.90 -20.71
C SER C 943 -5.57 -7.92 -19.65
N SER C 944 -5.28 -9.12 -19.15
CA SER C 944 -4.05 -9.33 -18.41
C SER C 944 -2.97 -9.91 -19.29
N VAL C 945 -3.17 -9.92 -20.60
CA VAL C 945 -2.14 -10.29 -21.55
C VAL C 945 -1.76 -9.04 -22.32
N LEU C 946 -0.45 -8.72 -22.32
CA LEU C 946 0.01 -7.56 -23.07
C LEU C 946 0.17 -7.86 -24.55
N ASN C 947 0.11 -9.13 -24.95
CA ASN C 947 0.02 -9.42 -26.36
C ASN C 947 -1.33 -9.03 -26.91
N ASP C 948 -2.35 -8.99 -26.06
CA ASP C 948 -3.69 -8.65 -26.52
C ASP C 948 -3.85 -7.15 -26.78
N ILE C 949 -3.49 -6.31 -25.82
CA ILE C 949 -3.77 -4.89 -26.03
C ILE C 949 -2.76 -4.24 -26.94
N LEU C 950 -1.54 -4.77 -27.03
CA LEU C 950 -0.56 -4.17 -27.94
C LEU C 950 -0.88 -4.50 -29.38
N SER C 951 -1.25 -5.75 -29.65
CA SER C 951 -1.57 -6.18 -31.00
C SER C 951 -3.03 -5.99 -31.37
N ARG C 952 -3.79 -5.24 -30.58
CA ARG C 952 -5.14 -4.90 -31.03
C ARG C 952 -5.46 -3.42 -30.91
N LEU C 953 -5.04 -2.77 -29.84
CA LEU C 953 -5.43 -1.37 -29.66
C LEU C 953 -4.54 -0.44 -30.45
N ASP C 954 -5.04 0.78 -30.61
CA ASP C 954 -4.26 1.86 -31.18
C ASP C 954 -3.10 2.20 -30.25
N PRO C 955 -1.97 2.64 -30.79
CA PRO C 955 -0.77 2.86 -29.95
C PRO C 955 -0.94 3.91 -28.88
N PRO C 956 -1.75 4.98 -29.04
CA PRO C 956 -2.07 5.76 -27.84
C PRO C 956 -3.01 5.05 -26.89
N GLU C 957 -3.83 4.11 -27.36
CA GLU C 957 -4.69 3.37 -26.46
C GLU C 957 -3.98 2.18 -25.86
N ALA C 958 -2.99 1.62 -26.55
CA ALA C 958 -2.18 0.57 -25.97
C ALA C 958 -1.36 1.11 -24.82
N GLU C 959 -0.78 2.30 -25.00
CA GLU C 959 0.16 2.82 -24.03
C GLU C 959 -0.53 3.37 -22.79
N VAL C 960 -1.84 3.56 -22.83
CA VAL C 960 -2.55 3.91 -21.62
C VAL C 960 -2.95 2.65 -20.86
N GLN C 961 -3.35 1.61 -21.58
CA GLN C 961 -3.75 0.38 -20.91
C GLN C 961 -2.53 -0.40 -20.42
N ILE C 962 -1.43 -0.39 -21.19
CA ILE C 962 -0.22 -1.04 -20.71
C ILE C 962 0.37 -0.26 -19.55
N ASP C 963 0.05 1.03 -19.43
CA ASP C 963 0.42 1.79 -18.26
C ASP C 963 -0.37 1.33 -17.05
N ARG C 964 -1.56 0.79 -17.28
CA ARG C 964 -2.40 0.40 -16.17
C ARG C 964 -1.98 -0.95 -15.60
N LEU C 965 -1.57 -1.88 -16.46
CA LEU C 965 -1.11 -3.15 -15.93
C LEU C 965 0.25 -3.06 -15.26
N ILE C 966 1.04 -2.05 -15.57
CA ILE C 966 2.33 -1.94 -14.92
C ILE C 966 2.17 -1.64 -13.44
N THR C 967 1.35 -0.65 -13.12
CA THR C 967 1.17 -0.26 -11.72
C THR C 967 0.44 -1.35 -10.97
N GLY C 968 -0.50 -2.02 -11.62
CA GLY C 968 -1.21 -3.11 -10.97
C GLY C 968 -0.32 -4.27 -10.63
N ARG C 969 0.56 -4.66 -11.55
CA ARG C 969 1.49 -5.73 -11.26
C ARG C 969 2.55 -5.30 -10.28
N LEU C 970 2.79 -4.01 -10.14
CA LEU C 970 3.81 -3.57 -9.22
C LEU C 970 3.31 -3.65 -7.79
N GLN C 971 2.01 -3.38 -7.58
CA GLN C 971 1.44 -3.48 -6.25
C GLN C 971 1.35 -4.91 -5.78
N SER C 972 1.30 -5.86 -6.70
CA SER C 972 1.55 -7.23 -6.28
C SER C 972 2.97 -7.38 -5.81
N LEU C 973 3.90 -6.67 -6.41
CA LEU C 973 5.29 -7.00 -6.17
C LEU C 973 5.81 -6.31 -4.94
N GLN C 974 5.39 -5.08 -4.67
CA GLN C 974 5.78 -4.49 -3.40
C GLN C 974 4.99 -5.04 -2.23
N THR C 975 3.87 -5.69 -2.47
CA THR C 975 3.24 -6.41 -1.38
C THR C 975 4.02 -7.66 -1.04
N TYR C 976 4.55 -8.34 -2.05
CA TYR C 976 5.34 -9.53 -1.82
C TYR C 976 6.57 -9.23 -1.00
N VAL C 977 7.19 -8.07 -1.24
CA VAL C 977 8.46 -7.79 -0.59
C VAL C 977 8.26 -7.50 0.88
N THR C 978 7.25 -6.69 1.20
CA THR C 978 7.03 -6.29 2.58
C THR C 978 6.59 -7.45 3.45
N GLN C 979 5.68 -8.29 2.97
CA GLN C 979 5.31 -9.46 3.75
C GLN C 979 6.44 -10.46 3.84
N GLN C 980 7.33 -10.49 2.85
CA GLN C 980 8.53 -11.32 2.97
C GLN C 980 9.44 -10.77 4.03
N LEU C 981 9.42 -9.45 4.20
CA LEU C 981 10.34 -8.81 5.10
C LEU C 981 9.96 -9.04 6.55
N ILE C 982 8.66 -9.23 6.82
CA ILE C 982 8.24 -9.57 8.17
C ILE C 982 8.55 -11.01 8.48
N ARG C 983 8.20 -11.94 7.58
CA ARG C 983 8.44 -13.36 7.83
C ARG C 983 9.91 -13.67 7.97
N ALA C 984 10.78 -12.87 7.35
CA ALA C 984 12.19 -13.00 7.66
C ALA C 984 12.48 -12.60 9.09
N ALA C 985 11.79 -11.59 9.61
CA ALA C 985 12.09 -11.15 10.96
C ALA C 985 11.46 -12.03 12.01
N GLU C 986 10.50 -12.88 11.66
CA GLU C 986 10.10 -13.90 12.62
C GLU C 986 11.14 -14.98 12.71
N ILE C 987 11.76 -15.33 11.58
CA ILE C 987 12.75 -16.39 11.55
C ILE C 987 13.98 -15.99 12.33
N ARG C 988 14.38 -14.72 12.24
CA ARG C 988 15.51 -14.23 13.01
C ARG C 988 15.23 -14.25 14.50
N ALA C 989 13.99 -14.07 14.90
CA ALA C 989 13.64 -14.22 16.31
C ALA C 989 13.83 -15.65 16.76
N SER C 990 13.52 -16.60 15.90
CA SER C 990 13.70 -17.99 16.28
C SER C 990 15.16 -18.42 16.18
N ALA C 991 15.91 -17.90 15.20
CA ALA C 991 17.29 -18.31 15.06
C ALA C 991 18.18 -17.71 16.12
N ASN C 992 17.73 -16.65 16.79
CA ASN C 992 18.47 -16.21 17.96
C ASN C 992 18.07 -17.00 19.19
N LEU C 993 16.85 -17.52 19.21
CA LEU C 993 16.49 -18.43 20.28
C LEU C 993 17.26 -19.72 20.16
N ALA C 994 17.38 -20.23 18.94
CA ALA C 994 18.21 -21.40 18.76
C ALA C 994 19.70 -21.10 18.84
N ALA C 995 20.10 -19.85 18.93
CA ALA C 995 21.51 -19.55 19.12
C ALA C 995 21.92 -19.74 20.57
N THR C 996 21.12 -19.24 21.49
CA THR C 996 21.42 -19.45 22.90
C THR C 996 21.20 -20.89 23.27
N LYS C 997 20.15 -21.49 22.71
CA LYS C 997 19.74 -22.83 23.08
C LYS C 997 20.74 -23.89 22.60
N MET C 998 21.74 -23.50 21.83
CA MET C 998 22.85 -24.42 21.60
C MET C 998 23.99 -24.11 22.56
N SER C 999 24.36 -22.85 22.66
CA SER C 999 25.59 -22.49 23.32
C SER C 999 25.53 -22.60 24.84
N GLU C 1000 24.34 -22.70 25.43
CA GLU C 1000 24.25 -22.98 26.85
C GLU C 1000 23.34 -24.15 27.14
N CYS C 1001 23.19 -25.04 26.19
CA CYS C 1001 22.44 -26.25 26.45
C CYS C 1001 23.11 -27.52 25.94
N VAL C 1002 23.90 -27.46 24.88
CA VAL C 1002 24.79 -28.56 24.55
C VAL C 1002 26.22 -28.21 24.87
N LEU C 1003 26.52 -26.95 25.13
CA LEU C 1003 27.86 -26.53 25.48
C LEU C 1003 27.95 -26.21 26.96
N GLY C 1004 27.09 -26.83 27.75
CA GLY C 1004 27.11 -26.59 29.18
C GLY C 1004 25.93 -27.29 29.81
N GLN C 1005 25.59 -26.84 31.01
CA GLN C 1005 24.44 -27.38 31.72
C GLN C 1005 23.61 -26.20 32.21
N SER C 1006 22.47 -26.01 31.60
CA SER C 1006 21.61 -24.92 32.01
C SER C 1006 20.74 -25.35 33.16
N LYS C 1007 20.49 -24.41 34.06
CA LYS C 1007 19.77 -24.66 35.29
C LYS C 1007 18.49 -23.83 35.34
N ARG C 1008 17.93 -23.54 34.19
CA ARG C 1008 16.77 -22.67 34.06
C ARG C 1008 15.55 -23.53 33.86
N VAL C 1009 14.46 -23.16 34.50
CA VAL C 1009 13.33 -24.06 34.58
C VAL C 1009 12.57 -24.01 33.26
N ASP C 1010 12.28 -25.21 32.72
CA ASP C 1010 11.67 -25.53 31.43
C ASP C 1010 12.59 -25.29 30.24
N PHE C 1011 13.72 -24.65 30.46
CA PHE C 1011 14.65 -24.38 29.38
C PHE C 1011 15.32 -25.70 29.06
N CYS C 1012 15.29 -26.08 27.78
CA CYS C 1012 15.73 -27.39 27.30
C CYS C 1012 14.95 -28.52 27.98
N GLY C 1013 13.63 -28.42 27.94
CA GLY C 1013 12.77 -29.49 28.43
C GLY C 1013 12.45 -29.36 29.90
N LYS C 1014 11.52 -30.21 30.33
CA LYS C 1014 11.08 -30.22 31.71
C LYS C 1014 11.86 -31.24 32.52
N GLY C 1015 11.79 -31.09 33.84
CA GLY C 1015 12.64 -31.82 34.73
C GLY C 1015 13.96 -31.09 34.93
N TYR C 1016 15.01 -31.87 35.13
CA TYR C 1016 16.32 -31.34 35.43
C TYR C 1016 17.25 -31.69 34.29
N HIS C 1017 17.74 -30.68 33.61
CA HIS C 1017 18.56 -30.85 32.42
C HIS C 1017 19.88 -31.51 32.75
N LEU C 1018 20.31 -32.44 31.90
CA LEU C 1018 21.62 -33.02 32.04
C LEU C 1018 22.52 -32.66 30.88
N MET C 1019 22.11 -32.97 29.67
CA MET C 1019 22.89 -32.67 28.49
C MET C 1019 21.93 -32.55 27.33
N SER C 1020 22.46 -32.19 26.17
CA SER C 1020 21.60 -32.12 25.01
C SER C 1020 22.40 -32.42 23.76
N PHE C 1021 21.73 -33.00 22.77
CA PHE C 1021 22.34 -33.46 21.54
C PHE C 1021 21.69 -32.78 20.37
N PRO C 1022 22.37 -31.90 19.65
CA PRO C 1022 21.75 -31.27 18.50
C PRO C 1022 21.76 -32.20 17.31
N GLN C 1023 20.77 -32.01 16.43
CA GLN C 1023 20.69 -32.71 15.16
C GLN C 1023 20.28 -31.73 14.07
N ALA C 1024 20.78 -31.96 12.85
CA ALA C 1024 20.45 -31.13 11.72
C ALA C 1024 19.05 -31.46 11.19
N ALA C 1025 18.50 -30.51 10.46
CA ALA C 1025 17.12 -30.62 9.99
C ALA C 1025 17.00 -29.77 8.73
N PRO C 1026 16.05 -30.06 7.86
CA PRO C 1026 15.84 -29.15 6.72
C PRO C 1026 15.28 -27.81 7.17
N HIS C 1027 16.12 -26.79 7.06
CA HIS C 1027 15.85 -25.41 7.48
C HIS C 1027 15.58 -25.31 8.98
N GLY C 1028 16.10 -26.24 9.76
CA GLY C 1028 15.76 -26.27 11.16
C GLY C 1028 16.89 -26.83 11.97
N VAL C 1029 16.71 -26.81 13.28
CA VAL C 1029 17.64 -27.39 14.23
C VAL C 1029 16.84 -28.31 15.15
N VAL C 1030 17.33 -29.53 15.34
CA VAL C 1030 16.68 -30.50 16.20
C VAL C 1030 17.53 -30.73 17.42
N PHE C 1031 16.93 -30.57 18.59
CA PHE C 1031 17.60 -30.79 19.85
C PHE C 1031 17.04 -32.03 20.53
N LEU C 1032 17.80 -32.56 21.47
CA LEU C 1032 17.45 -33.79 22.17
C LEU C 1032 17.87 -33.62 23.63
N HIS C 1033 16.93 -33.23 24.49
CA HIS C 1033 17.29 -32.87 25.86
C HIS C 1033 17.19 -34.08 26.76
N VAL C 1034 18.31 -34.48 27.34
CA VAL C 1034 18.31 -35.55 28.32
C VAL C 1034 18.04 -34.93 29.68
N THR C 1035 16.95 -35.32 30.32
CA THR C 1035 16.54 -34.74 31.58
C THR C 1035 16.50 -35.79 32.68
N TYR C 1036 16.56 -35.31 33.92
CA TYR C 1036 16.46 -36.17 35.09
C TYR C 1036 15.06 -36.06 35.66
N VAL C 1037 14.40 -37.20 35.84
CA VAL C 1037 13.03 -37.23 36.31
C VAL C 1037 12.96 -38.03 37.60
N PRO C 1038 12.60 -37.42 38.73
CA PRO C 1038 12.44 -38.17 39.97
C PRO C 1038 11.10 -38.87 40.03
N SER C 1039 11.02 -39.86 40.91
CA SER C 1039 9.81 -40.65 41.06
C SER C 1039 9.80 -41.35 42.41
N GLN C 1040 8.68 -42.03 42.68
CA GLN C 1040 8.48 -42.92 43.84
C GLN C 1040 8.63 -42.17 45.17
N GLU C 1041 7.63 -41.33 45.42
CA GLU C 1041 7.60 -40.57 46.66
C GLU C 1041 7.21 -41.45 47.84
N ARG C 1042 7.46 -40.93 49.04
CA ARG C 1042 6.90 -41.43 50.29
C ARG C 1042 6.58 -40.23 51.17
N ASN C 1043 5.71 -40.44 52.15
CA ASN C 1043 5.38 -39.41 53.13
C ASN C 1043 6.26 -39.60 54.35
N PHE C 1044 7.11 -38.63 54.62
CA PHE C 1044 7.97 -38.68 55.79
C PHE C 1044 7.63 -37.52 56.70
N THR C 1045 7.84 -37.69 57.99
CA THR C 1045 7.50 -36.66 58.96
C THR C 1045 8.71 -35.80 59.25
N THR C 1046 8.50 -34.49 59.27
CA THR C 1046 9.56 -33.51 59.11
C THR C 1046 9.86 -32.79 60.42
N ALA C 1047 10.91 -31.96 60.38
CA ALA C 1047 11.33 -31.16 61.51
C ALA C 1047 12.22 -30.03 61.06
N PRO C 1048 12.04 -28.83 61.56
CA PRO C 1048 13.00 -27.77 61.29
C PRO C 1048 14.30 -27.89 62.07
N ALA C 1049 14.22 -28.23 63.36
CA ALA C 1049 15.38 -28.18 64.23
C ALA C 1049 15.30 -29.28 65.25
N ILE C 1050 16.45 -29.63 65.83
CA ILE C 1050 16.52 -30.68 66.82
C ILE C 1050 17.15 -30.13 68.08
N CYS C 1051 16.46 -30.30 69.21
CA CYS C 1051 16.92 -29.76 70.48
C CYS C 1051 17.75 -30.83 71.17
N HIS C 1052 19.06 -30.71 71.09
CA HIS C 1052 19.96 -31.58 71.83
C HIS C 1052 20.85 -30.73 72.69
N GLU C 1053 20.80 -30.98 74.00
CA GLU C 1053 21.64 -30.31 75.01
C GLU C 1053 21.42 -28.80 75.02
N GLY C 1054 20.16 -28.40 74.87
CA GLY C 1054 19.80 -27.00 74.90
C GLY C 1054 20.26 -26.20 73.71
N LYS C 1055 20.40 -26.83 72.55
CA LYS C 1055 20.97 -26.17 71.38
C LYS C 1055 20.05 -26.33 70.20
N ALA C 1056 19.93 -25.28 69.39
CA ALA C 1056 19.16 -25.36 68.16
C ALA C 1056 20.05 -25.96 67.08
N TYR C 1057 19.78 -27.20 66.73
CA TYR C 1057 20.52 -27.86 65.66
C TYR C 1057 19.76 -27.72 64.35
N PHE C 1058 20.11 -26.70 63.60
CA PHE C 1058 19.63 -26.55 62.23
C PHE C 1058 20.45 -27.41 61.29
N PRO C 1059 19.87 -27.95 60.23
CA PRO C 1059 20.66 -28.70 59.27
C PRO C 1059 21.38 -27.74 58.34
N ARG C 1060 22.55 -28.16 57.88
CA ARG C 1060 23.27 -27.34 56.92
C ARG C 1060 22.59 -27.36 55.57
N GLU C 1061 21.96 -28.49 55.23
CA GLU C 1061 21.58 -28.83 53.87
C GLU C 1061 20.59 -29.99 53.91
N GLY C 1062 19.56 -29.92 53.10
CA GLY C 1062 18.56 -30.98 53.21
C GLY C 1062 17.69 -30.79 54.44
N VAL C 1063 16.99 -31.86 54.80
CA VAL C 1063 15.94 -31.81 55.81
C VAL C 1063 16.05 -32.98 56.77
N PHE C 1064 15.43 -32.83 57.95
CA PHE C 1064 15.32 -33.91 58.91
C PHE C 1064 14.09 -34.74 58.57
N VAL C 1065 14.27 -36.03 58.38
CA VAL C 1065 13.14 -36.91 58.15
C VAL C 1065 13.11 -37.99 59.22
N PHE C 1066 11.90 -38.37 59.60
CA PHE C 1066 11.66 -39.45 60.57
C PHE C 1066 10.80 -40.47 59.86
N ASN C 1067 11.42 -41.53 59.36
CA ASN C 1067 10.64 -42.51 58.61
C ASN C 1067 9.70 -43.31 59.50
N GLY C 1068 9.98 -43.35 60.79
CA GLY C 1068 9.23 -44.17 61.73
C GLY C 1068 10.17 -44.75 62.76
N THR C 1069 11.46 -44.59 62.52
CA THR C 1069 12.48 -45.19 63.36
C THR C 1069 13.41 -44.17 64.00
N SER C 1070 14.00 -43.28 63.21
CA SER C 1070 14.92 -42.28 63.77
C SER C 1070 15.01 -41.10 62.81
N TRP C 1071 15.43 -39.97 63.38
CA TRP C 1071 15.58 -38.75 62.59
C TRP C 1071 16.84 -38.82 61.75
N PHE C 1072 16.71 -38.54 60.46
CA PHE C 1072 17.78 -38.68 59.48
C PHE C 1072 17.85 -37.40 58.67
N ILE C 1073 19.04 -37.05 58.18
CA ILE C 1073 19.15 -35.98 57.19
C ILE C 1073 19.26 -36.61 55.81
N THR C 1074 18.40 -36.18 54.89
CA THR C 1074 18.52 -36.51 53.49
C THR C 1074 18.39 -35.24 52.66
N GLN C 1075 18.72 -35.38 51.38
CA GLN C 1075 18.47 -34.32 50.40
C GLN C 1075 16.99 -34.08 50.25
N ARG C 1076 16.59 -32.83 50.04
CA ARG C 1076 15.17 -32.64 49.80
C ARG C 1076 14.79 -32.91 48.36
N ASN C 1077 15.72 -33.42 47.57
CA ASN C 1077 15.54 -33.75 46.18
C ASN C 1077 15.67 -35.23 45.92
N PHE C 1078 16.21 -35.97 46.87
CA PHE C 1078 16.41 -37.40 46.71
C PHE C 1078 16.52 -38.02 48.09
N PHE C 1079 16.00 -39.24 48.24
CA PHE C 1079 16.05 -39.89 49.53
C PHE C 1079 17.32 -40.70 49.68
N SER C 1080 18.17 -40.31 50.63
CA SER C 1080 19.20 -41.18 51.17
C SER C 1080 19.54 -40.69 52.57
N PRO C 1081 19.25 -41.48 53.60
CA PRO C 1081 19.34 -40.97 54.97
C PRO C 1081 20.77 -40.94 55.47
N GLN C 1082 21.08 -39.93 56.27
CA GLN C 1082 22.37 -39.86 56.93
C GLN C 1082 22.16 -39.66 58.41
N ILE C 1083 23.02 -40.27 59.21
CA ILE C 1083 22.91 -40.14 60.65
C ILE C 1083 23.38 -38.75 61.04
N ILE C 1084 22.64 -38.10 61.93
CA ILE C 1084 22.82 -36.70 62.26
C ILE C 1084 24.09 -36.53 63.08
N THR C 1085 25.14 -36.03 62.44
CA THR C 1085 26.39 -35.72 63.11
C THR C 1085 26.40 -34.23 63.42
N THR C 1086 27.45 -33.78 64.11
CA THR C 1086 27.70 -32.35 64.19
C THR C 1086 28.49 -31.84 63.00
N ASP C 1087 28.77 -32.69 62.03
CA ASP C 1087 29.51 -32.27 60.85
C ASP C 1087 28.61 -31.69 59.79
N ASN C 1088 27.41 -32.23 59.65
CA ASN C 1088 26.44 -31.74 58.69
C ASN C 1088 25.22 -31.15 59.38
N THR C 1089 25.45 -30.48 60.50
CA THR C 1089 24.39 -29.86 61.29
C THR C 1089 24.93 -28.56 61.86
N PHE C 1090 24.09 -27.55 61.88
CA PHE C 1090 24.50 -26.18 62.15
C PHE C 1090 23.85 -25.72 63.44
N VAL C 1091 24.65 -25.13 64.33
CA VAL C 1091 24.20 -24.80 65.68
C VAL C 1091 23.86 -23.32 65.70
N SER C 1092 22.59 -22.99 65.62
CA SER C 1092 22.18 -21.60 65.74
C SER C 1092 21.57 -21.34 67.11
N GLY C 1093 22.42 -21.42 68.13
CA GLY C 1093 22.01 -20.97 69.44
C GLY C 1093 21.17 -21.99 70.19
N ASN C 1094 20.46 -21.48 71.19
CA ASN C 1094 19.73 -22.30 72.13
C ASN C 1094 18.41 -22.78 71.56
N CYS C 1095 17.76 -23.67 72.30
CA CYS C 1095 16.41 -24.09 72.00
C CYS C 1095 15.43 -23.01 72.46
N ASP C 1096 14.14 -23.36 72.45
CA ASP C 1096 13.02 -22.48 72.85
C ASP C 1096 12.95 -21.22 72.00
N VAL C 1097 13.32 -21.34 70.74
CA VAL C 1097 13.34 -20.20 69.82
C VAL C 1097 12.30 -20.35 68.72
N VAL C 1098 12.42 -21.41 67.91
CA VAL C 1098 11.61 -21.56 66.72
C VAL C 1098 10.54 -22.61 66.99
N ILE C 1099 9.60 -22.71 66.07
CA ILE C 1099 8.50 -23.64 66.21
C ILE C 1099 8.90 -24.96 65.58
N GLY C 1100 8.78 -26.05 66.33
CA GLY C 1100 8.99 -27.37 65.80
C GLY C 1100 10.29 -28.03 66.17
N ILE C 1101 10.94 -27.60 67.26
CA ILE C 1101 12.24 -28.15 67.62
C ILE C 1101 12.01 -29.52 68.22
N ILE C 1102 12.25 -30.57 67.44
CA ILE C 1102 11.98 -31.93 67.89
C ILE C 1102 13.07 -32.37 68.86
N ASN C 1103 12.65 -32.96 69.97
CA ASN C 1103 13.52 -33.18 71.10
C ASN C 1103 14.25 -34.50 70.92
N ASN C 1104 15.53 -34.44 70.57
CA ASN C 1104 16.28 -35.67 70.25
C ASN C 1104 17.76 -35.41 70.55
N THR C 1105 18.61 -36.38 70.21
CA THR C 1105 20.04 -36.33 70.47
C THR C 1105 20.81 -36.15 69.19
N VAL C 1106 21.95 -35.48 69.29
CA VAL C 1106 22.83 -35.23 68.17
C VAL C 1106 24.18 -35.87 68.48
N TYR C 1107 24.68 -36.67 67.54
CA TYR C 1107 25.99 -37.28 67.62
C TYR C 1107 27.09 -36.22 67.74
#